data_8GHD
#
_entry.id   8GHD
#
_cell.length_a   1.00
_cell.length_b   1.00
_cell.length_c   1.00
_cell.angle_alpha   90.00
_cell.angle_beta   90.00
_cell.angle_gamma   90.00
#
_symmetry.space_group_name_H-M   'P 1'
#
loop_
_entity.id
_entity.type
_entity.pdbx_description
1 polymer 'Polyunsaturated fatty acid lipoxygenase ALOX12'
2 non-polymer 'FE (II) ION'
3 non-polymer N-(1,3-benzothiazol-2-yl)-4-{[(2-hydroxy-3-methoxyphenyl)methyl]amino}benzene-1-sulfonamide
4 non-polymer 'ARACHIDONIC ACID'
#
_entity_poly.entity_id   1
_entity_poly.type   'polypeptide(L)'
_entity_poly.pdbx_seq_one_letter_code
;MHHHHHHGRYRIRVATGAWLFSGSYNRVQLWLVGTRGEAELELQLRPARGEEEEFDHDVAEDLGLLQFVRLRKHHWLVDD
AWFCDRITVQGPGACAEVAFPCYRWVQGEDILSLPEGTARLPGDNALDMFQKHREKELKDRQQIYCWATWKEGLPLTIAA
DRKDDLPPNMRFHEEKRLDFEWTLKAGALEMALKRVYTLLSSWNCLEDFDQIFWGQKSALAEKVRQCWQDDELFSYQFLN
GANPMLLRRSTSLPSRLVLPSGMEELQAQLEKELQNGSLFEADFILLDGIPANVIRGEKQYLAAPLVMLKMEPNGKLQPM
VIQIQPPSPSSPTPTLFLPSDPPLAWLLAKSWVRNSDFQLHEIQYHLLNTHLVAEVIAVATMRCLPGLHPIFKFLIPHIR
YTMEINTRARTQLISDGGIFDKAVSTGGGGHVQLLRRAAAQLTYCSLCPPDDLADRGLLGLPGALYAHDALRLWEIIARY
VEGIVHLFYQRDDIVKGDPELQAWCREITEVGLCQAQDRGFPVSFQSQSQLCHFLTMCVFTCTAQHAAINQGQLDWYAWV
PNAPCTMRMPPPTTKEDVTMATVMGSLPDVRQACLQMAISWHLSRRQPDMVPLGHHKEKYFSGPKPKAVLNQFRTDLEKL
EKEITARNEQLDWPYEYLKPSCIENSVTI
;
_entity_poly.pdbx_strand_id   A,B,C,D,E,F
#
loop_
_chem_comp.id
_chem_comp.type
_chem_comp.name
_chem_comp.formula
ACD non-polymer 'ARACHIDONIC ACID' 'C20 H32 O2'
FE2 non-polymer 'FE (II) ION' 'Fe 2'
ZR5 non-polymer N-(1,3-benzothiazol-2-yl)-4-{[(2-hydroxy-3-methoxyphenyl)methyl]amino}benzene-1-sulfonamide 'C21 H19 N3 O4 S2'
#
# COMPACT_ATOMS: atom_id res chain seq x y z
N GLY A 8 -51.97 38.81 -31.32
CA GLY A 8 -52.16 37.96 -30.17
C GLY A 8 -51.06 36.93 -30.00
N ARG A 9 -49.91 37.18 -30.63
CA ARG A 9 -48.76 36.27 -30.56
C ARG A 9 -47.82 36.76 -29.47
N TYR A 10 -47.88 36.10 -28.31
CA TYR A 10 -46.95 36.36 -27.21
C TYR A 10 -45.73 35.47 -27.38
N ARG A 11 -44.55 36.08 -27.49
CA ARG A 11 -43.31 35.33 -27.55
C ARG A 11 -42.73 35.25 -26.14
N ILE A 12 -42.55 34.03 -25.64
CA ILE A 12 -42.05 33.83 -24.29
C ILE A 12 -40.67 33.21 -24.37
N ARG A 13 -39.67 33.91 -23.84
CA ARG A 13 -38.29 33.47 -23.86
C ARG A 13 -37.87 33.11 -22.45
N VAL A 14 -37.47 31.86 -22.25
CA VAL A 14 -37.11 31.36 -20.94
C VAL A 14 -35.59 31.24 -20.87
N ALA A 15 -34.95 32.14 -20.12
CA ALA A 15 -33.52 32.07 -19.87
C ALA A 15 -33.36 31.12 -18.69
N THR A 16 -32.52 30.09 -18.86
CA THR A 16 -32.27 29.07 -17.84
C THR A 16 -30.84 29.16 -17.35
N GLY A 17 -30.68 29.49 -16.07
CA GLY A 17 -29.34 29.51 -15.48
C GLY A 17 -28.68 28.15 -15.40
N ALA A 18 -29.44 27.14 -14.95
CA ALA A 18 -28.86 25.79 -14.84
C ALA A 18 -29.98 24.76 -14.89
N TRP A 19 -29.60 23.53 -15.21
CA TRP A 19 -30.57 22.44 -15.22
C TRP A 19 -29.83 21.11 -15.06
N LEU A 20 -30.56 20.13 -14.53
CA LEU A 20 -30.12 18.75 -14.40
C LEU A 20 -31.33 17.90 -14.78
N PHE A 21 -31.39 17.52 -16.06
CA PHE A 21 -32.52 16.79 -16.62
C PHE A 21 -32.09 15.36 -16.90
N SER A 22 -32.51 14.44 -16.03
CA SER A 22 -32.23 13.02 -16.25
C SER A 22 -32.94 12.49 -17.48
N GLY A 23 -34.19 12.88 -17.68
CA GLY A 23 -34.99 12.41 -18.81
C GLY A 23 -34.95 13.37 -19.97
N SER A 24 -36.00 13.32 -20.78
CA SER A 24 -36.11 14.16 -21.97
C SER A 24 -37.41 14.96 -22.06
N TYR A 25 -38.44 14.61 -21.31
CA TYR A 25 -39.71 15.33 -21.33
C TYR A 25 -39.88 16.04 -19.98
N ASN A 26 -39.43 17.29 -19.93
CA ASN A 26 -39.55 18.14 -18.76
C ASN A 26 -40.47 19.30 -19.12
N ARG A 27 -41.77 19.11 -18.87
CA ARG A 27 -42.79 20.06 -19.25
C ARG A 27 -43.05 21.07 -18.13
N VAL A 28 -43.50 22.26 -18.53
CA VAL A 28 -43.79 23.35 -17.61
C VAL A 28 -45.13 23.96 -17.99
N GLN A 29 -46.05 24.07 -17.03
CA GLN A 29 -47.26 24.84 -17.21
C GLN A 29 -46.94 26.28 -16.84
N LEU A 30 -47.16 27.19 -17.79
CA LEU A 30 -46.85 28.61 -17.59
C LEU A 30 -48.13 29.43 -17.72
N TRP A 31 -48.37 30.31 -16.76
CA TRP A 31 -49.51 31.21 -16.80
C TRP A 31 -49.02 32.64 -17.02
N LEU A 32 -49.59 33.29 -18.02
CA LEU A 32 -49.39 34.72 -18.27
C LEU A 32 -50.55 35.44 -17.59
N VAL A 33 -50.32 36.00 -16.42
CA VAL A 33 -51.35 36.67 -15.64
C VAL A 33 -51.25 38.16 -15.91
N GLY A 34 -52.33 38.74 -16.43
CA GLY A 34 -52.41 40.14 -16.73
C GLY A 34 -53.51 40.83 -15.94
N THR A 35 -53.64 42.13 -16.17
CA THR A 35 -54.66 42.93 -15.49
C THR A 35 -56.07 42.53 -15.89
N ARG A 36 -56.25 41.99 -17.10
CA ARG A 36 -57.57 41.65 -17.60
C ARG A 36 -57.81 40.14 -17.72
N GLY A 37 -56.79 39.32 -17.46
CA GLY A 37 -56.98 37.89 -17.53
C GLY A 37 -55.66 37.17 -17.54
N GLU A 38 -55.75 35.83 -17.55
CA GLU A 38 -54.57 34.97 -17.56
C GLU A 38 -54.72 33.91 -18.64
N ALA A 39 -53.57 33.45 -19.13
CA ALA A 39 -53.51 32.43 -20.17
C ALA A 39 -52.61 31.29 -19.73
N GLU A 40 -53.04 30.06 -19.97
CA GLU A 40 -52.29 28.87 -19.60
C GLU A 40 -51.60 28.27 -20.82
N LEU A 41 -50.35 27.86 -20.63
CA LEU A 41 -49.52 27.27 -21.68
C LEU A 41 -48.84 26.02 -21.16
N GLU A 42 -48.46 25.15 -22.09
CA GLU A 42 -47.63 23.99 -21.81
C GLU A 42 -46.37 24.13 -22.65
N LEU A 43 -45.22 24.18 -22.00
CA LEU A 43 -43.94 24.39 -22.66
C LEU A 43 -43.05 23.18 -22.46
N GLN A 44 -42.33 22.80 -23.51
CA GLN A 44 -41.38 21.70 -23.47
C GLN A 44 -39.98 22.28 -23.31
N LEU A 45 -39.44 22.19 -22.09
CA LEU A 45 -38.13 22.75 -21.79
C LEU A 45 -37.02 21.91 -22.40
N ARG A 46 -36.23 22.51 -23.29
CA ARG A 46 -35.00 21.92 -23.81
C ARG A 46 -33.90 22.96 -23.71
N PRO A 47 -33.36 23.19 -22.50
CA PRO A 47 -32.39 24.29 -22.31
C PRO A 47 -31.08 24.07 -23.05
N ALA A 48 -30.47 25.18 -23.43
CA ALA A 48 -29.15 25.20 -24.05
C ALA A 48 -28.26 26.16 -23.28
N ARG A 49 -26.96 25.91 -23.34
CA ARG A 49 -26.00 26.79 -22.67
C ARG A 49 -25.78 28.03 -23.53
N GLY A 50 -25.94 29.20 -22.92
CA GLY A 50 -25.71 30.45 -23.61
C GLY A 50 -26.87 30.93 -24.46
N GLU A 51 -27.95 30.16 -24.57
CA GLU A 51 -29.10 30.52 -25.39
C GLU A 51 -30.39 30.27 -24.61
N GLU A 52 -31.33 31.20 -24.75
CA GLU A 52 -32.63 31.09 -24.11
C GLU A 52 -33.58 30.33 -25.02
N GLU A 53 -34.72 29.90 -24.47
CA GLU A 53 -35.68 29.12 -25.25
C GLU A 53 -36.87 29.99 -25.63
N GLU A 54 -37.13 30.10 -26.94
CA GLU A 54 -38.28 30.85 -27.41
C GLU A 54 -39.52 29.96 -27.50
N PHE A 55 -40.68 30.58 -27.29
CA PHE A 55 -41.95 29.88 -27.29
C PHE A 55 -43.02 30.84 -27.83
N ASP A 56 -43.33 30.72 -29.12
CA ASP A 56 -44.35 31.54 -29.75
C ASP A 56 -45.73 30.95 -29.45
N HIS A 57 -46.60 31.72 -28.81
CA HIS A 57 -47.92 31.19 -28.48
C HIS A 57 -49.00 32.22 -28.74
N ASP A 58 -50.10 31.76 -29.33
CA ASP A 58 -51.24 32.63 -29.65
C ASP A 58 -52.25 32.61 -28.52
N VAL A 59 -52.51 33.78 -27.95
CA VAL A 59 -53.47 33.96 -26.86
C VAL A 59 -54.71 34.64 -27.43
N ALA A 60 -55.86 33.96 -27.33
CA ALA A 60 -57.10 34.53 -27.84
C ALA A 60 -57.62 35.66 -26.96
N GLU A 61 -57.57 35.48 -25.64
CA GLU A 61 -58.09 36.46 -24.71
C GLU A 61 -57.15 37.67 -24.60
N ASP A 62 -57.74 38.82 -24.28
CA ASP A 62 -56.97 40.05 -24.08
C ASP A 62 -56.46 40.05 -22.65
N LEU A 63 -55.15 39.83 -22.48
CA LEU A 63 -54.55 39.78 -21.15
C LEU A 63 -54.26 41.17 -20.58
N GLY A 64 -54.26 42.21 -21.41
CA GLY A 64 -53.88 43.52 -20.95
C GLY A 64 -52.40 43.59 -20.62
N LEU A 65 -52.07 44.42 -19.62
CA LEU A 65 -50.70 44.55 -19.17
C LEU A 65 -50.35 43.35 -18.29
N LEU A 66 -49.26 42.66 -18.65
CA LEU A 66 -48.87 41.45 -17.93
C LEU A 66 -48.23 41.80 -16.60
N GLN A 67 -48.67 41.13 -15.55
CA GLN A 67 -48.16 41.36 -14.21
C GLN A 67 -47.45 40.16 -13.60
N PHE A 68 -47.87 38.94 -13.89
CA PHE A 68 -47.24 37.76 -13.29
C PHE A 68 -47.00 36.69 -14.34
N VAL A 69 -46.02 35.84 -14.06
CA VAL A 69 -45.82 34.59 -14.77
C VAL A 69 -45.80 33.48 -13.73
N ARG A 70 -46.68 32.51 -13.86
CA ARG A 70 -46.78 31.41 -12.91
C ARG A 70 -46.19 30.15 -13.54
N LEU A 71 -45.43 29.39 -12.74
CA LEU A 71 -44.72 28.21 -13.23
C LEU A 71 -45.11 27.00 -12.40
N ARG A 72 -45.46 25.90 -13.07
CA ARG A 72 -45.59 24.60 -12.42
C ARG A 72 -44.82 23.57 -13.23
N LYS A 73 -43.95 22.81 -12.56
CA LYS A 73 -43.29 21.69 -13.21
C LYS A 73 -44.31 20.57 -13.40
N HIS A 74 -44.49 20.12 -14.64
CA HIS A 74 -45.56 19.19 -14.99
C HIS A 74 -44.95 17.80 -15.15
N HIS A 75 -45.14 16.96 -14.12
CA HIS A 75 -44.72 15.55 -14.09
C HIS A 75 -43.23 15.39 -14.33
N TRP A 76 -42.45 15.94 -13.40
CA TRP A 76 -40.99 15.90 -13.48
C TRP A 76 -40.42 14.77 -12.63
N LEU A 77 -39.25 14.29 -13.05
CA LEU A 77 -38.49 13.34 -12.26
C LEU A 77 -38.00 14.00 -10.97
N VAL A 78 -37.80 13.17 -9.94
CA VAL A 78 -37.38 13.66 -8.63
C VAL A 78 -35.97 14.25 -8.67
N ASP A 79 -35.08 13.68 -9.50
CA ASP A 79 -33.71 14.16 -9.60
C ASP A 79 -33.55 15.30 -10.58
N ASP A 80 -34.62 15.73 -11.24
CA ASP A 80 -34.54 16.81 -12.22
C ASP A 80 -34.62 18.15 -11.51
N ALA A 81 -33.66 19.03 -11.81
CA ALA A 81 -33.59 20.34 -11.18
C ALA A 81 -33.52 21.42 -12.25
N TRP A 82 -34.10 22.58 -11.96
CA TRP A 82 -34.16 23.68 -12.92
C TRP A 82 -33.96 25.00 -12.18
N PHE A 83 -32.84 25.67 -12.45
CA PHE A 83 -32.58 27.03 -12.01
C PHE A 83 -32.92 27.93 -13.19
N CYS A 84 -34.08 28.56 -13.13
CA CYS A 84 -34.55 29.47 -14.16
C CYS A 84 -33.95 30.85 -13.92
N ASP A 85 -33.25 31.39 -14.92
CA ASP A 85 -32.75 32.75 -14.79
C ASP A 85 -33.88 33.76 -14.84
N ARG A 86 -34.59 33.84 -15.96
CA ARG A 86 -35.67 34.81 -16.09
C ARG A 86 -36.58 34.43 -17.25
N ILE A 87 -37.77 35.01 -17.26
CA ILE A 87 -38.71 34.82 -18.35
C ILE A 87 -39.06 36.20 -18.92
N THR A 88 -38.89 36.36 -20.23
CA THR A 88 -39.24 37.61 -20.90
C THR A 88 -40.37 37.36 -21.87
N VAL A 89 -41.39 38.21 -21.83
CA VAL A 89 -42.55 38.06 -22.70
C VAL A 89 -42.63 39.29 -23.60
N GLN A 90 -42.67 39.04 -24.91
CA GLN A 90 -42.95 40.06 -25.91
C GLN A 90 -44.43 39.97 -26.26
N GLY A 91 -45.13 41.10 -26.12
CA GLY A 91 -46.51 41.24 -26.51
C GLY A 91 -46.78 41.11 -28.00
N PRO A 92 -48.08 41.10 -28.36
CA PRO A 92 -48.47 40.99 -29.78
C PRO A 92 -47.85 42.05 -30.70
N GLY A 93 -47.86 43.31 -30.28
CA GLY A 93 -47.20 44.36 -31.05
C GLY A 93 -46.53 45.37 -30.14
N ALA A 94 -46.44 45.04 -28.85
CA ALA A 94 -45.82 45.93 -27.87
C ALA A 94 -44.33 46.10 -28.14
N CYS A 95 -43.64 45.01 -28.47
CA CYS A 95 -42.21 44.91 -28.78
C CYS A 95 -41.31 45.21 -27.59
N ALA A 96 -41.87 45.33 -26.39
CA ALA A 96 -41.11 45.56 -25.17
C ALA A 96 -41.06 44.26 -24.36
N GLU A 97 -39.86 43.74 -24.14
CA GLU A 97 -39.67 42.47 -23.46
C GLU A 97 -39.95 42.66 -21.97
N VAL A 98 -41.20 42.42 -21.58
CA VAL A 98 -41.58 42.45 -20.17
C VAL A 98 -40.83 41.34 -19.43
N ALA A 99 -39.98 41.74 -18.49
CA ALA A 99 -39.12 40.81 -17.79
C ALA A 99 -39.75 40.31 -16.49
N PHE A 100 -39.52 39.03 -16.19
CA PHE A 100 -39.97 38.37 -14.97
C PHE A 100 -38.75 37.64 -14.45
N PRO A 101 -37.94 38.29 -13.61
CA PRO A 101 -36.75 37.63 -13.09
C PRO A 101 -37.12 36.56 -12.08
N CYS A 102 -36.48 35.39 -12.20
CA CYS A 102 -36.69 34.33 -11.23
C CYS A 102 -35.44 34.08 -10.40
N TYR A 103 -34.34 33.71 -11.07
CA TYR A 103 -33.02 33.42 -10.48
C TYR A 103 -33.16 32.53 -9.24
N ARG A 104 -33.86 31.42 -9.43
CA ARG A 104 -34.18 30.54 -8.33
C ARG A 104 -34.35 29.13 -8.85
N TRP A 105 -34.20 28.16 -7.95
CA TRP A 105 -34.48 26.77 -8.28
C TRP A 105 -35.98 26.56 -8.16
N VAL A 106 -36.60 26.12 -9.25
CA VAL A 106 -38.02 25.77 -9.26
C VAL A 106 -38.15 24.37 -8.67
N GLN A 107 -38.53 24.29 -7.39
CA GLN A 107 -38.72 23.02 -6.71
C GLN A 107 -40.18 22.74 -6.45
N GLY A 108 -40.49 21.46 -6.29
CA GLY A 108 -41.82 20.99 -5.96
C GLY A 108 -42.84 21.16 -7.07
N GLU A 109 -44.06 20.75 -6.75
CA GLU A 109 -45.20 20.86 -7.66
C GLU A 109 -46.03 22.12 -7.44
N ASP A 110 -45.64 22.97 -6.50
CA ASP A 110 -46.38 24.20 -6.24
C ASP A 110 -46.15 25.24 -7.33
N ILE A 111 -47.10 26.16 -7.45
CA ILE A 111 -47.02 27.24 -8.42
C ILE A 111 -46.04 28.29 -7.91
N LEU A 112 -45.05 28.61 -8.75
CA LEU A 112 -44.10 29.67 -8.45
C LEU A 112 -44.52 30.92 -9.21
N SER A 113 -44.82 31.99 -8.47
CA SER A 113 -45.29 33.24 -9.05
C SER A 113 -44.11 34.19 -9.21
N LEU A 114 -43.86 34.60 -10.45
CA LEU A 114 -42.82 35.55 -10.77
C LEU A 114 -43.48 36.89 -11.07
N PRO A 115 -43.31 37.91 -10.23
CA PRO A 115 -43.89 39.21 -10.52
C PRO A 115 -43.19 39.90 -11.68
N GLU A 116 -43.87 40.91 -12.21
CA GLU A 116 -43.30 41.76 -13.25
C GLU A 116 -42.05 42.46 -12.72
N GLY A 117 -41.06 42.63 -13.59
CA GLY A 117 -39.71 42.96 -13.18
C GLY A 117 -39.50 44.38 -12.70
N THR A 118 -40.49 45.26 -12.82
CA THR A 118 -40.33 46.60 -12.28
C THR A 118 -40.34 46.53 -10.77
N ALA A 119 -39.30 47.10 -10.16
CA ALA A 119 -39.19 47.12 -8.71
C ALA A 119 -40.27 48.01 -8.11
N ARG A 120 -40.87 47.53 -7.02
CA ARG A 120 -42.04 48.18 -6.44
C ARG A 120 -41.91 48.25 -4.93
N LEU A 121 -42.23 49.40 -4.38
CA LEU A 121 -42.35 49.60 -2.96
C LEU A 121 -43.68 49.03 -2.47
N PRO A 122 -43.74 48.57 -1.21
CA PRO A 122 -45.03 48.16 -0.66
C PRO A 122 -46.00 49.32 -0.53
N GLY A 123 -47.28 49.03 -0.74
CA GLY A 123 -48.33 50.02 -0.66
C GLY A 123 -49.31 49.72 0.46
N ASP A 124 -50.30 50.60 0.57
CA ASP A 124 -51.37 50.44 1.55
C ASP A 124 -52.61 49.79 0.96
N ASN A 125 -52.57 49.42 -0.32
CA ASN A 125 -53.69 48.75 -0.97
C ASN A 125 -53.49 47.24 -0.78
N ALA A 126 -54.28 46.66 0.12
CA ALA A 126 -54.19 45.23 0.40
C ALA A 126 -54.68 44.39 -0.78
N LEU A 127 -55.66 44.90 -1.53
CA LEU A 127 -56.22 44.17 -2.66
C LEU A 127 -55.29 44.11 -3.86
N ASP A 128 -54.22 44.91 -3.89
CA ASP A 128 -53.25 44.88 -4.97
C ASP A 128 -52.56 43.53 -5.04
N MET A 129 -52.42 43.00 -6.27
CA MET A 129 -51.85 41.68 -6.48
C MET A 129 -50.39 41.61 -6.08
N PHE A 130 -49.63 42.68 -6.36
CA PHE A 130 -48.22 42.71 -5.98
C PHE A 130 -48.05 42.78 -4.46
N GLN A 131 -48.95 43.49 -3.77
CA GLN A 131 -48.91 43.55 -2.31
C GLN A 131 -49.19 42.16 -1.70
N LYS A 132 -50.18 41.45 -2.25
CA LYS A 132 -50.49 40.10 -1.78
C LYS A 132 -49.34 39.15 -2.05
N HIS A 133 -48.77 39.23 -3.25
CA HIS A 133 -47.63 38.39 -3.62
C HIS A 133 -46.43 38.66 -2.73
N ARG A 134 -46.13 39.93 -2.45
CA ARG A 134 -44.97 40.24 -1.61
C ARG A 134 -45.20 39.84 -0.16
N GLU A 135 -46.44 39.93 0.35
CA GLU A 135 -46.71 39.43 1.70
C GLU A 135 -46.57 37.91 1.78
N LYS A 136 -47.10 37.20 0.78
CA LYS A 136 -46.98 35.74 0.73
C LYS A 136 -45.53 35.31 0.60
N GLU A 137 -44.78 35.99 -0.29
CA GLU A 137 -43.36 35.75 -0.46
C GLU A 137 -42.59 35.98 0.82
N LEU A 138 -42.87 37.08 1.52
CA LEU A 138 -42.21 37.35 2.80
C LEU A 138 -42.49 36.27 3.84
N LYS A 139 -43.72 35.74 3.88
CA LYS A 139 -44.02 34.63 4.78
C LYS A 139 -43.22 33.38 4.41
N ASP A 140 -43.20 33.03 3.12
CA ASP A 140 -42.40 31.90 2.64
C ASP A 140 -40.92 32.05 2.97
N ARG A 141 -40.37 33.25 2.76
CA ARG A 141 -38.95 33.50 3.03
C ARG A 141 -38.66 33.46 4.52
N GLN A 142 -39.56 34.00 5.35
CA GLN A 142 -39.36 33.96 6.79
C GLN A 142 -39.55 32.55 7.35
N GLN A 143 -40.14 31.65 6.59
CA GLN A 143 -40.14 30.25 7.00
C GLN A 143 -38.93 29.47 6.49
N ILE A 144 -38.38 29.81 5.33
CA ILE A 144 -37.18 29.08 4.90
C ILE A 144 -35.88 29.74 5.40
N TYR A 145 -35.86 31.06 5.58
CA TYR A 145 -34.67 31.78 6.03
C TYR A 145 -34.86 32.13 7.50
N CYS A 146 -34.24 31.37 8.39
CA CYS A 146 -34.36 31.61 9.82
C CYS A 146 -33.00 31.97 10.41
N TRP A 147 -33.02 32.76 11.47
CA TRP A 147 -31.80 33.10 12.20
C TRP A 147 -31.40 31.96 13.13
N ALA A 148 -30.09 31.80 13.30
CA ALA A 148 -29.54 30.88 14.29
C ALA A 148 -28.46 31.56 15.10
N THR A 149 -28.40 31.22 16.38
CA THR A 149 -27.32 31.66 17.27
C THR A 149 -26.22 30.60 17.24
N TRP A 150 -25.19 30.85 16.43
CA TRP A 150 -24.05 29.94 16.41
C TRP A 150 -23.28 29.98 17.72
N LYS A 151 -22.93 31.18 18.18
CA LYS A 151 -22.33 31.40 19.49
C LYS A 151 -22.99 32.62 20.11
N GLU A 152 -23.21 32.58 21.42
CA GLU A 152 -23.77 33.73 22.13
C GLU A 152 -22.85 34.93 22.02
N GLY A 153 -23.45 36.12 21.95
CA GLY A 153 -22.68 37.34 21.85
C GLY A 153 -22.20 37.68 20.46
N LEU A 154 -22.34 36.77 19.51
CA LEU A 154 -21.95 36.90 18.11
C LEU A 154 -23.15 37.29 17.26
N PRO A 155 -22.92 37.91 16.10
CA PRO A 155 -24.03 38.13 15.16
C PRO A 155 -24.62 36.81 14.69
N LEU A 156 -25.94 36.81 14.52
CA LEU A 156 -26.68 35.60 14.21
C LEU A 156 -26.40 35.12 12.79
N THR A 157 -26.55 33.83 12.58
CA THR A 157 -26.28 33.17 11.30
C THR A 157 -27.57 32.62 10.71
N ILE A 158 -27.47 32.14 9.48
CA ILE A 158 -28.56 31.39 8.85
C ILE A 158 -28.77 30.08 9.60
N ALA A 159 -30.04 29.69 9.76
CA ALA A 159 -30.35 28.44 10.43
C ALA A 159 -30.03 27.25 9.53
N ALA A 160 -28.79 26.77 9.61
CA ALA A 160 -28.34 25.63 8.83
C ALA A 160 -27.21 24.98 9.59
N ASP A 161 -27.45 23.77 10.10
CA ASP A 161 -26.41 23.02 10.80
C ASP A 161 -25.32 22.60 9.84
N ARG A 162 -25.68 22.20 8.62
CA ARG A 162 -24.75 21.83 7.56
C ARG A 162 -25.12 22.59 6.30
N LYS A 163 -24.25 22.51 5.28
CA LYS A 163 -24.53 23.14 4.00
C LYS A 163 -25.77 22.56 3.32
N ASP A 164 -26.07 21.29 3.58
CA ASP A 164 -27.27 20.67 3.02
C ASP A 164 -28.55 21.19 3.68
N ASP A 165 -28.44 21.82 4.86
CA ASP A 165 -29.60 22.38 5.54
C ASP A 165 -29.93 23.78 5.05
N LEU A 166 -29.10 24.36 4.19
CA LEU A 166 -29.32 25.68 3.65
C LEU A 166 -30.51 25.69 2.69
N PRO A 167 -31.14 26.86 2.51
CA PRO A 167 -32.10 27.01 1.41
C PRO A 167 -31.43 26.80 0.07
N PRO A 168 -32.11 26.12 -0.87
CA PRO A 168 -31.48 25.77 -2.16
C PRO A 168 -31.03 26.95 -3.00
N ASN A 169 -31.70 28.09 -2.88
CA ASN A 169 -31.32 29.26 -3.68
C ASN A 169 -30.03 29.91 -3.19
N MET A 170 -29.60 29.59 -1.97
CA MET A 170 -28.35 30.09 -1.42
C MET A 170 -27.19 29.12 -1.64
N ARG A 171 -27.44 28.00 -2.30
CA ARG A 171 -26.40 27.00 -2.47
C ARG A 171 -25.41 27.41 -3.56
N PHE A 172 -24.20 26.87 -3.46
CA PHE A 172 -23.22 26.97 -4.54
C PHE A 172 -23.78 26.37 -5.82
N HIS A 173 -23.56 27.05 -6.93
CA HIS A 173 -23.82 26.43 -8.21
C HIS A 173 -22.69 25.46 -8.54
N GLU A 174 -22.95 24.59 -9.53
CA GLU A 174 -22.11 23.45 -9.91
C GLU A 174 -20.63 23.81 -10.05
N GLU A 175 -20.33 24.81 -10.89
CA GLU A 175 -18.94 25.22 -11.14
C GLU A 175 -18.24 25.68 -9.86
N LYS A 176 -18.92 26.49 -9.02
CA LYS A 176 -18.33 26.99 -7.78
C LYS A 176 -18.06 25.84 -6.80
N ARG A 177 -19.05 24.96 -6.62
CA ARG A 177 -18.90 23.83 -5.71
C ARG A 177 -17.79 22.88 -6.14
N LEU A 178 -17.74 22.55 -7.44
CA LEU A 178 -16.69 21.69 -7.97
C LEU A 178 -15.31 22.33 -7.82
N ASP A 179 -15.19 23.63 -8.14
CA ASP A 179 -13.92 24.32 -7.97
C ASP A 179 -13.48 24.36 -6.52
N PHE A 180 -14.41 24.65 -5.60
CA PHE A 180 -14.10 24.75 -4.18
C PHE A 180 -13.63 23.42 -3.62
N GLU A 181 -14.37 22.33 -3.91
CA GLU A 181 -13.99 21.01 -3.41
C GLU A 181 -12.71 20.51 -4.07
N TRP A 182 -12.53 20.75 -5.37
CA TRP A 182 -11.32 20.32 -6.05
C TRP A 182 -10.09 21.07 -5.54
N THR A 183 -10.23 22.37 -5.29
CA THR A 183 -9.11 23.12 -4.73
C THR A 183 -8.84 22.74 -3.27
N LEU A 184 -9.86 22.26 -2.54
CA LEU A 184 -9.58 21.72 -1.22
C LEU A 184 -8.77 20.43 -1.30
N LYS A 185 -9.11 19.57 -2.28
CA LYS A 185 -8.34 18.34 -2.47
C LYS A 185 -6.94 18.64 -2.99
N ALA A 186 -6.80 19.65 -3.84
CA ALA A 186 -5.49 20.05 -4.36
C ALA A 186 -4.61 20.62 -3.26
N GLY A 187 -5.18 21.46 -2.39
CA GLY A 187 -4.42 21.97 -1.26
C GLY A 187 -4.03 20.89 -0.27
N ALA A 188 -4.91 19.90 -0.08
CA ALA A 188 -4.59 18.76 0.79
C ALA A 188 -3.46 17.92 0.20
N LEU A 189 -3.50 17.70 -1.12
CA LEU A 189 -2.44 16.99 -1.82
C LEU A 189 -1.10 17.71 -1.69
N GLU A 190 -1.10 19.01 -2.01
CA GLU A 190 0.14 19.79 -1.93
C GLU A 190 0.69 19.84 -0.52
N MET A 191 -0.18 19.91 0.49
CA MET A 191 0.30 19.92 1.87
C MET A 191 0.88 18.58 2.27
N ALA A 192 0.25 17.47 1.84
CA ALA A 192 0.80 16.15 2.09
C ALA A 192 2.17 15.99 1.45
N LEU A 193 2.33 16.49 0.22
CA LEU A 193 3.62 16.44 -0.46
C LEU A 193 4.68 17.29 0.27
N LYS A 194 4.29 18.48 0.75
CA LYS A 194 5.21 19.33 1.50
C LYS A 194 5.63 18.68 2.82
N ARG A 195 4.69 18.05 3.52
CA ARG A 195 5.01 17.42 4.79
C ARG A 195 5.87 16.17 4.59
N VAL A 196 5.65 15.42 3.51
CA VAL A 196 6.53 14.32 3.15
C VAL A 196 7.93 14.83 2.82
N TYR A 197 8.01 15.97 2.12
CA TYR A 197 9.28 16.56 1.73
C TYR A 197 10.13 16.98 2.93
N THR A 198 9.50 17.53 3.95
CA THR A 198 10.23 18.01 5.13
C THR A 198 10.53 16.92 6.16
N LEU A 199 10.15 15.67 5.90
CA LEU A 199 10.46 14.60 6.86
C LEU A 199 11.96 14.35 6.94
N LEU A 200 12.64 14.39 5.80
CA LEU A 200 14.08 14.14 5.71
C LEU A 200 14.86 15.43 5.52
N SER A 201 14.40 16.52 6.14
CA SER A 201 15.11 17.79 6.11
C SER A 201 15.07 18.42 7.49
N SER A 202 16.13 19.15 7.83
CA SER A 202 16.21 19.85 9.10
C SER A 202 15.30 21.07 9.10
N TRP A 203 14.82 21.44 10.30
CA TRP A 203 14.00 22.64 10.50
C TRP A 203 14.67 23.46 11.62
N ASN A 204 15.71 24.21 11.26
CA ASN A 204 16.46 24.97 12.25
C ASN A 204 16.83 26.38 11.83
N CYS A 205 16.52 26.80 10.61
CA CYS A 205 16.85 28.15 10.14
C CYS A 205 15.67 28.69 9.35
N LEU A 206 15.68 30.01 9.13
CA LEU A 206 14.62 30.66 8.38
C LEU A 206 14.57 30.20 6.92
N GLU A 207 15.74 29.84 6.36
CA GLU A 207 15.82 29.36 4.99
C GLU A 207 15.14 28.00 4.80
N ASP A 208 14.91 27.28 5.89
CA ASP A 208 14.18 26.02 5.80
C ASP A 208 12.71 26.24 5.47
N PHE A 209 12.19 27.46 5.67
CA PHE A 209 10.86 27.77 5.17
C PHE A 209 10.82 27.86 3.65
N ASP A 210 11.99 27.93 2.99
CA ASP A 210 12.05 27.78 1.54
C ASP A 210 11.67 26.37 1.10
N GLN A 211 11.81 25.36 1.98
CA GLN A 211 11.45 23.99 1.63
C GLN A 211 9.96 23.83 1.35
N ILE A 212 9.12 24.66 1.98
CA ILE A 212 7.68 24.63 1.75
C ILE A 212 7.17 25.82 0.96
N PHE A 213 8.01 26.80 0.64
CA PHE A 213 7.54 27.99 -0.05
C PHE A 213 7.49 27.75 -1.55
N TRP A 214 6.46 27.01 -1.98
CA TRP A 214 6.25 26.74 -3.40
C TRP A 214 4.81 26.34 -3.64
N GLY A 215 4.41 26.37 -4.92
CA GLY A 215 3.09 26.01 -5.38
C GLY A 215 1.97 26.94 -5.01
N GLN A 216 1.82 27.22 -3.72
CA GLN A 216 0.82 28.14 -3.19
C GLN A 216 1.51 29.44 -2.79
N LYS A 217 1.87 30.23 -3.80
CA LYS A 217 2.56 31.49 -3.60
C LYS A 217 2.29 32.39 -4.80
N SER A 218 2.79 33.61 -4.72
CA SER A 218 2.66 34.59 -5.79
C SER A 218 4.00 35.31 -5.95
N ALA A 219 4.07 36.16 -6.98
CA ALA A 219 5.26 36.99 -7.18
C ALA A 219 5.44 37.97 -6.04
N LEU A 220 4.32 38.54 -5.56
CA LEU A 220 4.37 39.41 -4.38
C LEU A 220 4.82 38.62 -3.15
N ALA A 221 4.39 37.37 -3.04
CA ALA A 221 4.82 36.52 -1.94
C ALA A 221 6.31 36.21 -2.01
N GLU A 222 6.84 36.05 -3.22
CA GLU A 222 8.30 35.90 -3.38
C GLU A 222 9.04 37.16 -2.96
N LYS A 223 8.51 38.33 -3.34
CA LYS A 223 9.09 39.60 -2.88
C LYS A 223 9.02 39.73 -1.37
N VAL A 224 7.97 39.19 -0.76
CA VAL A 224 7.83 39.16 0.70
C VAL A 224 8.89 38.26 1.32
N ARG A 225 9.13 37.08 0.73
CA ARG A 225 10.20 36.20 1.18
C ARG A 225 11.57 36.87 1.07
N GLN A 226 11.75 37.69 0.03
CA GLN A 226 13.01 38.41 -0.11
C GLN A 226 13.14 39.56 0.89
N CYS A 227 12.02 40.19 1.31
CA CYS A 227 12.12 41.45 2.03
C CYS A 227 11.36 41.47 3.37
N TRP A 228 10.98 40.31 3.92
CA TRP A 228 10.20 40.32 5.16
C TRP A 228 10.99 40.83 6.36
N GLN A 229 12.30 40.57 6.40
CA GLN A 229 13.11 41.05 7.51
C GLN A 229 13.33 42.56 7.49
N ASP A 230 13.06 43.20 6.35
CA ASP A 230 13.15 44.65 6.27
C ASP A 230 12.05 45.28 7.11
N ASP A 231 12.44 46.25 7.95
CA ASP A 231 11.47 47.02 8.73
C ASP A 231 10.51 47.80 7.85
N GLU A 232 10.94 48.18 6.65
CA GLU A 232 10.09 48.92 5.72
C GLU A 232 8.88 48.10 5.29
N LEU A 233 9.10 46.83 4.92
CA LEU A 233 7.99 45.98 4.51
C LEU A 233 7.05 45.65 5.68
N PHE A 234 7.64 45.42 6.85
CA PHE A 234 6.87 45.19 8.08
C PHE A 234 5.96 46.37 8.38
N SER A 235 6.48 47.59 8.24
CA SER A 235 5.67 48.77 8.45
C SER A 235 4.65 48.98 7.33
N TYR A 236 5.04 48.62 6.10
CA TYR A 236 4.19 48.76 4.92
C TYR A 236 2.94 47.87 5.02
N GLN A 237 3.08 46.71 5.66
CA GLN A 237 1.96 45.78 5.80
C GLN A 237 0.81 46.37 6.61
N PHE A 238 1.09 47.32 7.50
CA PHE A 238 0.01 47.97 8.25
C PHE A 238 -0.83 48.88 7.37
N LEU A 239 -0.24 49.48 6.35
CA LEU A 239 -0.98 50.37 5.45
C LEU A 239 -1.59 49.63 4.27
N ASN A 240 -0.80 48.78 3.60
CA ASN A 240 -1.21 48.20 2.32
C ASN A 240 -0.95 46.70 2.28
N GLY A 241 -0.90 46.04 3.42
CA GLY A 241 -0.74 44.61 3.49
C GLY A 241 -2.05 43.86 3.46
N ALA A 242 -2.05 42.66 4.05
CA ALA A 242 -3.26 41.87 4.15
C ALA A 242 -4.26 42.49 5.11
N ASN A 243 -3.79 43.20 6.15
CA ASN A 243 -4.65 43.76 7.19
C ASN A 243 -4.38 45.25 7.29
N PRO A 244 -5.05 46.07 6.47
CA PRO A 244 -4.92 47.52 6.59
C PRO A 244 -5.92 48.18 7.54
N MET A 245 -6.62 47.38 8.35
CA MET A 245 -7.77 47.84 9.11
C MET A 245 -7.45 48.24 10.55
N LEU A 246 -6.24 48.02 11.01
CA LEU A 246 -5.91 48.17 12.42
C LEU A 246 -5.09 49.41 12.74
N LEU A 247 -4.13 49.76 11.89
CA LEU A 247 -3.24 50.89 12.14
C LEU A 247 -4.02 52.21 12.22
N ARG A 248 -3.72 53.00 13.24
CA ARG A 248 -4.38 54.27 13.45
C ARG A 248 -3.36 55.31 13.89
N ARG A 249 -3.63 56.56 13.52
CA ARG A 249 -2.77 57.65 13.94
C ARG A 249 -2.92 57.89 15.44
N SER A 250 -1.79 58.12 16.11
CA SER A 250 -1.79 58.32 17.55
C SER A 250 -2.08 59.78 17.85
N THR A 251 -3.22 60.05 18.48
CA THR A 251 -3.50 61.37 19.02
C THR A 251 -2.81 61.60 20.36
N SER A 252 -2.38 60.53 21.02
CA SER A 252 -1.64 60.59 22.27
C SER A 252 -0.86 59.31 22.42
N LEU A 253 0.14 59.34 23.30
CA LEU A 253 0.87 58.13 23.64
C LEU A 253 -0.06 57.15 24.34
N PRO A 254 -0.08 55.88 23.96
CA PRO A 254 -0.94 54.89 24.62
C PRO A 254 -0.56 54.68 26.07
N SER A 255 -1.58 54.42 26.89
CA SER A 255 -1.38 54.18 28.32
C SER A 255 -0.57 52.91 28.55
N ARG A 256 -0.81 51.86 27.75
CA ARG A 256 -0.07 50.61 27.88
C ARG A 256 1.40 50.77 27.51
N LEU A 257 1.77 51.79 26.74
CA LEU A 257 3.16 52.02 26.37
C LEU A 257 3.89 52.58 27.58
N VAL A 258 4.33 51.67 28.45
CA VAL A 258 5.09 52.03 29.65
C VAL A 258 6.57 51.93 29.33
N LEU A 259 7.26 53.06 29.41
CA LEU A 259 8.69 53.06 29.12
C LEU A 259 9.49 52.90 30.40
N PRO A 260 10.42 51.94 30.46
CA PRO A 260 11.33 51.86 31.61
C PRO A 260 12.37 52.98 31.63
N SER A 261 13.18 53.02 32.68
CA SER A 261 14.28 53.97 32.75
C SER A 261 15.32 53.67 31.68
N GLY A 262 15.98 54.73 31.22
CA GLY A 262 16.94 54.63 30.14
C GLY A 262 16.35 54.73 28.75
N MET A 263 15.02 54.82 28.64
CA MET A 263 14.34 54.99 27.36
C MET A 263 13.97 56.45 27.10
N GLU A 264 14.78 57.39 27.62
CA GLU A 264 14.49 58.81 27.43
C GLU A 264 14.63 59.24 25.98
N GLU A 265 15.57 58.63 25.24
CA GLU A 265 15.69 58.92 23.81
C GLU A 265 14.47 58.45 23.03
N LEU A 266 13.98 57.25 23.35
CA LEU A 266 12.77 56.74 22.72
C LEU A 266 11.54 57.58 23.11
N GLN A 267 11.49 58.04 24.36
CA GLN A 267 10.41 58.93 24.78
C GLN A 267 10.45 60.25 24.03
N ALA A 268 11.64 60.82 23.84
CA ALA A 268 11.78 62.06 23.06
C ALA A 268 11.37 61.86 21.61
N GLN A 269 11.77 60.73 21.00
CA GLN A 269 11.38 60.44 19.62
C GLN A 269 9.86 60.24 19.50
N LEU A 270 9.25 59.53 20.44
CA LEU A 270 7.81 59.33 20.44
C LEU A 270 7.06 60.65 20.60
N GLU A 271 7.53 61.52 21.50
CA GLU A 271 6.92 62.82 21.67
C GLU A 271 7.07 63.70 20.43
N LYS A 272 8.24 63.63 19.78
CA LYS A 272 8.47 64.40 18.55
C LYS A 272 7.57 63.92 17.42
N GLU A 273 7.42 62.59 17.26
CA GLU A 273 6.49 62.07 16.26
C GLU A 273 5.04 62.40 16.60
N LEU A 274 4.71 62.42 17.89
CA LEU A 274 3.35 62.76 18.33
C LEU A 274 3.01 64.21 18.01
N GLN A 275 3.90 65.14 18.35
CA GLN A 275 3.64 66.55 18.05
C GLN A 275 3.73 66.82 16.55
N ASN A 276 4.54 66.04 15.81
CA ASN A 276 4.63 66.20 14.37
C ASN A 276 3.41 65.63 13.66
N GLY A 277 2.58 64.83 14.35
CA GLY A 277 1.45 64.20 13.72
C GLY A 277 1.79 63.00 12.85
N SER A 278 3.03 62.52 12.91
CA SER A 278 3.46 61.39 12.12
C SER A 278 3.59 60.12 12.95
N LEU A 279 3.01 60.11 14.15
CA LEU A 279 3.06 58.95 15.02
C LEU A 279 1.81 58.10 14.78
N PHE A 280 2.02 56.81 14.54
CA PHE A 280 0.94 55.87 14.26
C PHE A 280 1.09 54.70 15.21
N GLU A 281 -0.01 53.99 15.43
CA GLU A 281 0.04 52.84 16.31
C GLU A 281 -0.80 51.71 15.75
N ALA A 282 -0.38 50.49 16.03
CA ALA A 282 -1.20 49.30 15.82
C ALA A 282 -1.24 48.60 17.17
N ASP A 283 -2.38 48.72 17.84
CA ASP A 283 -2.61 48.14 19.16
C ASP A 283 -3.40 46.86 19.00
N PHE A 284 -2.81 45.74 19.39
CA PHE A 284 -3.44 44.44 19.31
C PHE A 284 -4.02 44.04 20.67
N ILE A 285 -4.50 45.02 21.44
CA ILE A 285 -4.96 44.84 22.81
C ILE A 285 -6.21 43.97 22.89
N LEU A 286 -6.92 43.78 21.77
CA LEU A 286 -8.09 42.90 21.74
C LEU A 286 -7.73 41.45 22.02
N LEU A 287 -6.47 41.06 21.80
CA LEU A 287 -5.97 39.72 22.05
C LEU A 287 -5.55 39.48 23.50
N ASP A 288 -5.59 40.50 24.35
CA ASP A 288 -5.16 40.36 25.73
C ASP A 288 -6.13 39.48 26.51
N GLY A 289 -5.59 38.47 27.19
CA GLY A 289 -6.43 37.56 27.94
C GLY A 289 -7.15 36.51 27.11
N ILE A 290 -6.81 36.39 25.84
CA ILE A 290 -7.41 35.37 24.97
C ILE A 290 -6.64 34.07 25.17
N PRO A 291 -7.30 32.99 25.58
CA PRO A 291 -6.60 31.70 25.73
C PRO A 291 -6.10 31.18 24.39
N ALA A 292 -4.87 30.68 24.41
CA ALA A 292 -4.24 30.20 23.19
C ALA A 292 -4.55 28.73 22.98
N ASN A 293 -4.39 28.30 21.72
CA ASN A 293 -4.69 26.94 21.32
C ASN A 293 -3.69 25.95 21.91
N VAL A 294 -4.11 24.70 21.99
CA VAL A 294 -3.22 23.57 22.26
C VAL A 294 -3.35 22.65 21.06
N ILE A 295 -2.32 22.58 20.23
CA ILE A 295 -2.35 21.83 18.99
C ILE A 295 -1.46 20.60 19.15
N ARG A 296 -2.10 19.43 19.12
CA ARG A 296 -1.45 18.11 19.21
C ARG A 296 -0.60 17.98 20.47
N GLY A 297 -1.15 18.46 21.59
CA GLY A 297 -0.46 18.46 22.86
C GLY A 297 0.56 19.57 23.04
N GLU A 298 0.86 20.35 22.00
CA GLU A 298 1.79 21.46 22.08
C GLU A 298 1.02 22.74 22.33
N LYS A 299 1.40 23.48 23.38
CA LYS A 299 0.75 24.73 23.71
C LYS A 299 1.17 25.83 22.76
N GLN A 300 0.19 26.47 22.14
CA GLN A 300 0.46 27.70 21.41
C GLN A 300 0.45 28.87 22.38
N TYR A 301 0.94 30.02 21.91
CA TYR A 301 1.03 31.21 22.74
C TYR A 301 0.53 32.42 21.98
N LEU A 302 -0.06 33.36 22.72
CA LEU A 302 -0.63 34.57 22.16
C LEU A 302 -0.10 35.77 22.91
N ALA A 303 -0.07 36.91 22.22
CA ALA A 303 0.32 38.18 22.83
C ALA A 303 -0.63 39.26 22.34
N ALA A 304 -0.67 40.37 23.08
CA ALA A 304 -1.37 41.60 22.68
C ALA A 304 -0.39 42.75 22.50
N PRO A 305 0.37 42.78 21.39
CA PRO A 305 1.40 43.82 21.24
C PRO A 305 0.83 45.19 20.93
N LEU A 306 1.70 46.18 21.10
CA LEU A 306 1.52 47.52 20.57
C LEU A 306 2.78 47.85 19.77
N VAL A 307 2.61 48.23 18.52
CA VAL A 307 3.74 48.69 17.71
C VAL A 307 3.51 50.14 17.33
N MET A 308 4.53 50.96 17.58
CA MET A 308 4.48 52.38 17.25
C MET A 308 5.30 52.65 16.00
N LEU A 309 4.66 53.29 15.03
CA LEU A 309 5.25 53.58 13.73
C LEU A 309 5.48 55.07 13.61
N LYS A 310 6.46 55.46 12.80
CA LYS A 310 6.66 56.85 12.45
C LYS A 310 6.59 57.01 10.94
N MET A 311 5.91 58.06 10.49
CA MET A 311 5.82 58.38 9.07
C MET A 311 6.92 59.36 8.72
N GLU A 312 7.93 58.89 7.99
CA GLU A 312 8.98 59.75 7.49
C GLU A 312 8.43 60.62 6.35
N PRO A 313 9.11 61.75 6.05
CA PRO A 313 8.71 62.59 4.91
C PRO A 313 8.59 61.89 3.56
N ASN A 314 9.37 60.83 3.30
CA ASN A 314 9.23 60.11 2.04
C ASN A 314 7.93 59.24 1.93
N GLY A 315 7.01 59.28 2.90
CA GLY A 315 5.77 58.52 2.82
C GLY A 315 5.88 57.08 3.25
N LYS A 316 7.01 56.68 3.84
CA LYS A 316 7.22 55.31 4.30
C LYS A 316 7.14 55.26 5.82
N LEU A 317 6.36 54.33 6.34
CA LEU A 317 6.32 54.10 7.78
C LEU A 317 7.59 53.40 8.25
N GLN A 318 8.02 53.73 9.46
CA GLN A 318 9.17 53.09 10.09
C GLN A 318 8.84 52.72 11.53
N PRO A 319 9.21 51.52 11.98
CA PRO A 319 8.85 51.09 13.34
C PRO A 319 9.73 51.74 14.39
N MET A 320 9.11 52.23 15.45
CA MET A 320 9.83 52.85 16.55
C MET A 320 10.04 51.87 17.71
N VAL A 321 8.97 51.22 18.17
CA VAL A 321 9.06 50.34 19.33
C VAL A 321 7.95 49.29 19.22
N ILE A 322 8.27 48.09 19.70
CA ILE A 322 7.31 46.98 19.82
C ILE A 322 7.26 46.58 21.28
N GLN A 323 6.05 46.60 21.86
CA GLN A 323 5.77 46.03 23.17
C GLN A 323 4.93 44.78 22.94
N ILE A 324 5.54 43.60 23.10
CA ILE A 324 4.86 42.36 22.74
C ILE A 324 3.71 42.06 23.70
N GLN A 325 3.90 42.31 24.99
CA GLN A 325 2.85 42.03 25.94
C GLN A 325 2.37 43.29 26.62
N PRO A 326 1.07 43.43 26.86
CA PRO A 326 0.58 44.58 27.64
C PRO A 326 1.03 44.49 29.08
N PRO A 327 1.11 45.63 29.78
CA PRO A 327 1.47 45.59 31.20
C PRO A 327 0.45 44.83 32.04
N SER A 328 0.96 44.15 33.05
CA SER A 328 0.18 43.33 33.96
C SER A 328 0.69 43.62 35.37
N PRO A 329 -0.10 43.26 36.41
CA PRO A 329 0.47 43.31 37.78
C PRO A 329 1.73 42.48 37.95
N SER A 330 1.81 41.31 37.30
CA SER A 330 3.02 40.50 37.37
C SER A 330 4.19 41.16 36.65
N SER A 331 3.94 41.80 35.51
CA SER A 331 4.99 42.44 34.71
C SER A 331 4.59 43.87 34.43
N PRO A 332 4.85 44.79 35.38
CA PRO A 332 4.46 46.20 35.18
C PRO A 332 5.12 46.90 34.01
N THR A 333 6.37 46.54 33.70
CA THR A 333 7.13 47.17 32.62
C THR A 333 7.60 46.11 31.62
N PRO A 334 6.81 45.88 30.57
CA PRO A 334 7.20 44.91 29.53
C PRO A 334 8.41 45.41 28.74
N THR A 335 9.16 44.45 28.22
CA THR A 335 10.34 44.74 27.41
C THR A 335 9.93 45.47 26.13
N LEU A 336 10.63 46.56 25.83
CA LEU A 336 10.35 47.41 24.68
C LEU A 336 11.38 47.09 23.59
N PHE A 337 10.94 46.37 22.56
CA PHE A 337 11.83 46.00 21.47
C PHE A 337 11.95 47.12 20.45
N LEU A 338 13.17 47.42 20.05
CA LEU A 338 13.52 48.52 19.17
C LEU A 338 14.27 47.99 17.95
N PRO A 339 14.25 48.71 16.82
CA PRO A 339 15.03 48.28 15.65
C PRO A 339 16.54 48.29 15.87
N SER A 340 17.03 48.99 16.89
CA SER A 340 18.45 49.03 17.22
C SER A 340 18.88 47.89 18.14
N ASP A 341 17.98 46.98 18.47
CA ASP A 341 18.25 45.84 19.33
C ASP A 341 19.12 44.81 18.61
N PRO A 342 19.55 43.75 19.32
CA PRO A 342 20.02 42.54 18.62
C PRO A 342 19.01 42.04 17.62
N PRO A 343 19.46 41.76 16.38
CA PRO A 343 18.52 41.54 15.25
C PRO A 343 17.55 40.39 15.43
N LEU A 344 17.95 39.30 16.10
CA LEU A 344 17.06 38.17 16.28
C LEU A 344 15.89 38.50 17.21
N ALA A 345 16.16 39.27 18.28
CA ALA A 345 15.09 39.70 19.19
C ALA A 345 14.11 40.63 18.49
N TRP A 346 14.62 41.59 17.72
CA TRP A 346 13.75 42.50 16.96
C TRP A 346 12.95 41.76 15.90
N LEU A 347 13.58 40.78 15.24
CA LEU A 347 12.90 39.97 14.24
C LEU A 347 11.79 39.14 14.88
N LEU A 348 12.05 38.58 16.06
CA LEU A 348 11.04 37.83 16.79
C LEU A 348 9.89 38.73 17.25
N ALA A 349 10.22 39.95 17.67
CA ALA A 349 9.17 40.91 18.05
C ALA A 349 8.31 41.29 16.86
N LYS A 350 8.92 41.49 15.69
CA LYS A 350 8.16 41.77 14.48
C LYS A 350 7.32 40.58 14.07
N SER A 351 7.84 39.36 14.25
CA SER A 351 7.08 38.15 13.94
C SER A 351 5.90 37.99 14.89
N TRP A 352 6.07 38.35 16.16
CA TRP A 352 4.96 38.35 17.11
C TRP A 352 3.89 39.37 16.75
N VAL A 353 4.31 40.57 16.34
CA VAL A 353 3.37 41.60 15.91
C VAL A 353 2.60 41.17 14.67
N ARG A 354 3.29 40.56 13.71
CA ARG A 354 2.63 40.08 12.50
C ARG A 354 1.74 38.87 12.76
N ASN A 355 2.12 38.00 13.70
CA ASN A 355 1.25 36.90 14.12
C ASN A 355 -0.02 37.45 14.76
N SER A 356 0.10 38.48 15.60
CA SER A 356 -1.06 39.12 16.19
C SER A 356 -1.92 39.80 15.13
N ASP A 357 -1.27 40.38 14.11
CA ASP A 357 -1.99 40.94 12.97
C ASP A 357 -2.73 39.85 12.21
N PHE A 358 -2.13 38.66 12.10
CA PHE A 358 -2.81 37.52 11.50
C PHE A 358 -4.06 37.16 12.29
N GLN A 359 -3.96 37.10 13.62
CA GLN A 359 -5.11 36.77 14.47
C GLN A 359 -6.24 37.79 14.30
N LEU A 360 -5.91 39.08 14.47
CA LEU A 360 -6.92 40.12 14.38
C LEU A 360 -7.44 40.30 12.96
N HIS A 361 -6.59 40.06 11.96
CA HIS A 361 -7.01 40.12 10.57
C HIS A 361 -8.04 39.06 10.25
N GLU A 362 -7.72 37.80 10.56
CA GLU A 362 -8.60 36.71 10.17
C GLU A 362 -9.87 36.66 11.02
N ILE A 363 -9.77 36.92 12.32
CA ILE A 363 -10.96 36.77 13.15
C ILE A 363 -11.82 38.03 13.12
N GLN A 364 -11.23 39.19 13.41
CA GLN A 364 -12.03 40.41 13.51
C GLN A 364 -12.35 40.98 12.14
N TYR A 365 -11.34 41.19 11.31
CA TYR A 365 -11.53 41.98 10.09
C TYR A 365 -11.92 41.14 8.88
N HIS A 366 -11.65 39.84 8.90
CA HIS A 366 -12.08 38.96 7.81
C HIS A 366 -13.35 38.20 8.17
N LEU A 367 -13.30 37.37 9.20
CA LEU A 367 -14.45 36.55 9.59
C LEU A 367 -15.61 37.40 10.08
N LEU A 368 -15.34 38.34 10.99
CA LEU A 368 -16.45 39.07 11.61
C LEU A 368 -16.90 40.26 10.78
N ASN A 369 -15.97 41.19 10.50
CA ASN A 369 -16.34 42.46 9.87
C ASN A 369 -16.84 42.28 8.45
N THR A 370 -16.34 41.29 7.72
CA THR A 370 -16.78 41.08 6.35
C THR A 370 -17.70 39.88 6.21
N HIS A 371 -17.29 38.68 6.63
CA HIS A 371 -18.08 37.48 6.36
C HIS A 371 -19.37 37.44 7.18
N LEU A 372 -19.28 37.61 8.50
CA LEU A 372 -20.46 37.52 9.35
C LEU A 372 -21.41 38.70 9.15
N VAL A 373 -20.87 39.90 8.90
CA VAL A 373 -21.72 41.05 8.63
C VAL A 373 -22.46 40.88 7.31
N ALA A 374 -21.78 40.38 6.27
CA ALA A 374 -22.45 40.09 5.01
C ALA A 374 -23.45 38.96 5.14
N GLU A 375 -23.23 38.03 6.07
CA GLU A 375 -24.20 36.96 6.26
C GLU A 375 -25.44 37.47 6.99
N VAL A 376 -25.25 38.40 7.93
CA VAL A 376 -26.38 39.06 8.58
C VAL A 376 -27.18 39.86 7.57
N ILE A 377 -26.49 40.60 6.70
CA ILE A 377 -27.13 41.35 5.62
C ILE A 377 -27.89 40.42 4.68
N ALA A 378 -27.28 39.27 4.35
CA ALA A 378 -27.88 38.30 3.45
C ALA A 378 -29.16 37.71 4.03
N VAL A 379 -29.11 37.27 5.28
CA VAL A 379 -30.28 36.65 5.91
C VAL A 379 -31.39 37.66 6.10
N ALA A 380 -31.06 38.87 6.57
CA ALA A 380 -32.08 39.91 6.73
C ALA A 380 -32.70 40.34 5.41
N THR A 381 -31.86 40.44 4.35
CA THR A 381 -32.35 40.77 3.02
C THR A 381 -33.30 39.70 2.51
N MET A 382 -32.99 38.42 2.74
CA MET A 382 -33.91 37.39 2.30
C MET A 382 -35.18 37.35 3.16
N ARG A 383 -35.08 37.66 4.46
CA ARG A 383 -36.24 37.54 5.33
C ARG A 383 -37.23 38.70 5.15
N CYS A 384 -36.74 39.92 5.00
CA CYS A 384 -37.63 41.08 5.08
C CYS A 384 -37.85 41.80 3.76
N LEU A 385 -36.99 41.58 2.78
CA LEU A 385 -37.11 42.28 1.51
C LEU A 385 -37.64 41.33 0.44
N PRO A 386 -38.87 41.52 -0.04
CA PRO A 386 -39.41 40.63 -1.08
C PRO A 386 -38.75 40.85 -2.42
N GLY A 387 -38.97 39.88 -3.32
CA GLY A 387 -38.44 39.96 -4.68
C GLY A 387 -38.84 41.20 -5.45
N LEU A 388 -40.03 41.74 -5.17
CA LEU A 388 -40.46 42.98 -5.79
C LEU A 388 -39.69 44.20 -5.30
N HIS A 389 -39.11 44.14 -4.11
CA HIS A 389 -38.52 45.31 -3.48
C HIS A 389 -37.26 45.76 -4.22
N PRO A 390 -37.10 47.06 -4.49
CA PRO A 390 -35.87 47.54 -5.15
C PRO A 390 -34.60 47.32 -4.35
N ILE A 391 -34.67 47.40 -3.02
CA ILE A 391 -33.47 47.23 -2.22
C ILE A 391 -33.03 45.76 -2.24
N PHE A 392 -33.99 44.83 -2.33
CA PHE A 392 -33.65 43.43 -2.49
C PHE A 392 -32.97 43.17 -3.82
N LYS A 393 -33.52 43.73 -4.90
CA LYS A 393 -32.93 43.54 -6.22
C LYS A 393 -31.56 44.19 -6.30
N PHE A 394 -31.37 45.27 -5.56
CA PHE A 394 -30.07 45.91 -5.46
C PHE A 394 -29.07 45.04 -4.71
N LEU A 395 -29.50 44.39 -3.62
CA LEU A 395 -28.59 43.68 -2.73
C LEU A 395 -28.33 42.23 -3.09
N ILE A 396 -29.30 41.57 -3.78
CA ILE A 396 -29.16 40.14 -4.08
C ILE A 396 -27.90 39.73 -4.84
N PRO A 397 -27.33 40.50 -5.80
CA PRO A 397 -26.04 40.06 -6.35
C PRO A 397 -24.89 40.15 -5.35
N HIS A 398 -25.02 40.99 -4.33
CA HIS A 398 -23.95 41.21 -3.37
C HIS A 398 -24.06 40.31 -2.16
N ILE A 399 -25.05 39.43 -2.11
CA ILE A 399 -25.16 38.43 -1.05
C ILE A 399 -25.06 37.02 -1.59
N ARG A 400 -24.62 36.88 -2.83
CA ARG A 400 -24.46 35.57 -3.48
C ARG A 400 -23.35 34.77 -2.80
N TYR A 401 -23.69 33.53 -2.43
CA TYR A 401 -22.81 32.49 -1.87
C TYR A 401 -22.36 32.78 -0.45
N THR A 402 -22.82 33.88 0.16
CA THR A 402 -22.36 34.28 1.49
C THR A 402 -22.79 33.29 2.57
N MET A 403 -24.04 32.84 2.50
CA MET A 403 -24.56 31.90 3.49
C MET A 403 -23.82 30.57 3.44
N GLU A 404 -23.54 30.06 2.24
CA GLU A 404 -22.87 28.77 2.16
C GLU A 404 -21.40 28.88 2.56
N ILE A 405 -20.71 29.97 2.18
CA ILE A 405 -19.31 30.10 2.56
C ILE A 405 -19.18 30.26 4.08
N ASN A 406 -20.13 30.97 4.72
CA ASN A 406 -20.12 31.04 6.17
C ASN A 406 -20.52 29.72 6.82
N THR A 407 -21.43 28.96 6.20
CA THR A 407 -21.81 27.66 6.74
C THR A 407 -20.66 26.65 6.63
N ARG A 408 -19.95 26.66 5.50
CA ARG A 408 -18.78 25.80 5.33
C ARG A 408 -17.66 26.19 6.27
N ALA A 409 -17.50 27.50 6.54
CA ALA A 409 -16.55 27.95 7.54
C ALA A 409 -16.93 27.43 8.93
N ARG A 410 -18.20 27.55 9.28
CA ARG A 410 -18.67 27.13 10.60
C ARG A 410 -18.62 25.62 10.79
N THR A 411 -18.84 24.85 9.73
CA THR A 411 -18.81 23.39 9.86
C THR A 411 -17.40 22.82 9.75
N GLN A 412 -16.53 23.42 8.94
CA GLN A 412 -15.26 22.82 8.61
C GLN A 412 -14.08 23.59 9.18
N LEU A 413 -14.06 24.90 9.03
CA LEU A 413 -12.89 25.69 9.40
C LEU A 413 -12.88 26.07 10.88
N ILE A 414 -13.92 26.75 11.36
CA ILE A 414 -13.89 27.38 12.67
C ILE A 414 -14.76 26.61 13.67
N SER A 415 -15.12 25.37 13.35
CA SER A 415 -15.83 24.51 14.29
C SER A 415 -14.91 24.06 15.41
N ASP A 416 -15.49 23.41 16.41
CA ASP A 416 -14.73 22.80 17.49
C ASP A 416 -14.01 21.58 16.94
N GLY A 417 -12.68 21.67 16.83
CA GLY A 417 -11.91 20.65 16.16
C GLY A 417 -11.68 20.92 14.69
N GLY A 418 -12.13 22.06 14.19
CA GLY A 418 -11.96 22.43 12.80
C GLY A 418 -10.53 22.76 12.44
N ILE A 419 -10.36 23.22 11.20
CA ILE A 419 -9.03 23.52 10.67
C ILE A 419 -8.39 24.71 11.38
N PHE A 420 -9.21 25.59 11.95
CA PHE A 420 -8.69 26.75 12.69
C PHE A 420 -8.10 26.30 14.02
N ASP A 421 -8.56 25.17 14.54
CA ASP A 421 -7.97 24.60 15.74
C ASP A 421 -6.76 23.75 15.43
N LYS A 422 -6.39 23.60 14.16
CA LYS A 422 -5.26 22.76 13.80
C LYS A 422 -4.00 23.56 13.50
N ALA A 423 -4.11 24.86 13.19
CA ALA A 423 -2.93 25.64 12.84
C ALA A 423 -2.82 26.95 13.59
N VAL A 424 -3.94 27.53 13.98
CA VAL A 424 -3.99 28.92 14.43
C VAL A 424 -3.96 28.97 15.94
N SER A 425 -3.21 29.94 16.49
CA SER A 425 -3.06 30.07 17.94
C SER A 425 -4.34 30.50 18.65
N THR A 426 -5.20 31.29 18.00
CA THR A 426 -6.45 31.69 18.63
C THR A 426 -7.50 30.59 18.67
N GLY A 427 -7.32 29.51 17.89
CA GLY A 427 -8.25 28.40 17.88
C GLY A 427 -8.44 27.64 19.18
N GLY A 428 -9.37 26.69 19.17
CA GLY A 428 -9.66 25.92 20.35
C GLY A 428 -10.61 26.56 21.33
N GLY A 429 -11.29 27.65 20.93
CA GLY A 429 -12.25 28.34 21.78
C GLY A 429 -11.91 29.79 22.01
N GLY A 430 -10.62 30.13 22.05
CA GLY A 430 -10.21 31.52 22.22
C GLY A 430 -10.63 32.42 21.07
N HIS A 431 -10.74 31.87 19.86
CA HIS A 431 -11.17 32.66 18.72
C HIS A 431 -12.64 33.06 18.84
N VAL A 432 -13.46 32.25 19.51
CA VAL A 432 -14.86 32.61 19.72
C VAL A 432 -14.96 33.78 20.70
N GLN A 433 -14.15 33.76 21.75
CA GLN A 433 -14.08 34.89 22.69
C GLN A 433 -13.54 36.14 22.00
N LEU A 434 -12.55 35.98 21.13
CA LEU A 434 -12.01 37.10 20.36
C LEU A 434 -13.06 37.65 19.38
N LEU A 435 -13.87 36.75 18.81
CA LEU A 435 -14.99 37.17 17.97
C LEU A 435 -16.02 37.97 18.77
N ARG A 436 -16.30 37.54 20.00
CA ARG A 436 -17.23 38.28 20.86
C ARG A 436 -16.68 39.67 21.21
N ARG A 437 -15.39 39.74 21.53
CA ARG A 437 -14.76 41.03 21.84
C ARG A 437 -14.75 41.95 20.64
N ALA A 438 -14.46 41.41 19.45
CA ALA A 438 -14.49 42.22 18.25
C ALA A 438 -15.91 42.60 17.85
N ALA A 439 -16.89 41.76 18.18
CA ALA A 439 -18.30 42.09 17.96
C ALA A 439 -18.72 43.26 18.82
N ALA A 440 -18.20 43.33 20.05
CA ALA A 440 -18.43 44.52 20.87
C ALA A 440 -17.75 45.75 20.28
N GLN A 441 -16.63 45.57 19.59
CA GLN A 441 -15.95 46.63 18.87
C GLN A 441 -16.45 46.81 17.44
N LEU A 442 -17.37 45.96 16.97
CA LEU A 442 -17.88 46.06 15.60
C LEU A 442 -18.90 47.18 15.56
N THR A 443 -18.44 48.38 15.22
CA THR A 443 -19.30 49.53 15.11
C THR A 443 -19.66 49.81 13.67
N TYR A 444 -20.74 50.59 13.49
CA TYR A 444 -21.13 51.05 12.16
C TYR A 444 -20.05 51.97 11.57
N CYS A 445 -19.42 52.77 12.44
CA CYS A 445 -18.33 53.65 12.02
C CYS A 445 -17.14 52.87 11.48
N SER A 446 -16.88 51.68 12.01
CA SER A 446 -15.72 50.91 11.60
C SER A 446 -15.89 50.28 10.23
N LEU A 447 -17.12 50.11 9.77
CA LEU A 447 -17.40 49.43 8.51
C LEU A 447 -17.53 50.39 7.34
N CYS A 448 -17.44 51.69 7.60
CA CYS A 448 -17.59 52.73 6.60
C CYS A 448 -16.26 53.44 6.43
N PRO A 449 -15.55 53.21 5.33
CA PRO A 449 -14.19 53.77 5.10
C PRO A 449 -14.04 55.26 5.41
N PRO A 450 -14.93 56.19 4.97
CA PRO A 450 -14.69 57.61 5.33
C PRO A 450 -14.62 57.84 6.84
N ASP A 451 -15.53 57.20 7.57
CA ASP A 451 -15.58 57.36 9.01
C ASP A 451 -14.48 56.56 9.70
N ASP A 452 -14.22 55.34 9.21
CA ASP A 452 -13.18 54.51 9.82
C ASP A 452 -11.80 55.12 9.62
N LEU A 453 -11.54 55.72 8.46
CA LEU A 453 -10.24 56.29 8.17
C LEU A 453 -10.09 57.67 8.80
N ALA A 454 -11.20 58.40 8.96
CA ALA A 454 -11.14 59.65 9.70
C ALA A 454 -10.89 59.40 11.17
N ASP A 455 -11.54 58.37 11.73
CA ASP A 455 -11.34 57.98 13.11
C ASP A 455 -9.91 57.48 13.34
N ARG A 456 -9.38 56.71 12.40
CA ARG A 456 -8.01 56.21 12.49
C ARG A 456 -6.97 57.21 11.98
N GLY A 457 -7.39 58.36 11.47
CA GLY A 457 -6.45 59.37 11.03
C GLY A 457 -5.64 59.04 9.80
N LEU A 458 -6.13 58.12 8.97
CA LEU A 458 -5.40 57.69 7.78
C LEU A 458 -5.79 58.46 6.54
N LEU A 459 -6.65 59.48 6.69
CA LEU A 459 -7.05 60.31 5.55
C LEU A 459 -5.87 61.15 5.06
N GLY A 460 -5.74 61.22 3.74
CA GLY A 460 -4.72 62.06 3.13
C GLY A 460 -3.31 61.51 3.16
N LEU A 461 -3.12 60.27 3.58
CA LEU A 461 -1.79 59.67 3.60
C LEU A 461 -1.40 59.25 2.18
N PRO A 462 -0.30 59.76 1.62
CA PRO A 462 0.11 59.37 0.27
C PRO A 462 0.43 57.89 0.11
N GLY A 463 1.01 57.26 1.12
CA GLY A 463 1.37 55.86 1.02
C GLY A 463 0.30 54.88 1.42
N ALA A 464 -0.85 55.36 1.91
CA ALA A 464 -1.96 54.51 2.28
C ALA A 464 -2.79 54.23 1.03
N LEU A 465 -2.30 53.26 0.24
CA LEU A 465 -2.94 52.92 -1.04
C LEU A 465 -4.31 52.30 -0.81
N TYR A 466 -4.45 51.49 0.25
CA TYR A 466 -5.76 50.95 0.61
C TYR A 466 -6.74 52.07 0.94
N ALA A 467 -6.29 53.08 1.68
CA ALA A 467 -7.18 54.18 2.08
C ALA A 467 -7.67 54.96 0.88
N HIS A 468 -6.77 55.28 -0.06
CA HIS A 468 -7.16 55.99 -1.28
C HIS A 468 -8.12 55.16 -2.12
N ASP A 469 -7.78 53.88 -2.35
CA ASP A 469 -8.64 53.00 -3.14
C ASP A 469 -9.99 52.77 -2.46
N ALA A 470 -10.01 52.70 -1.13
CA ALA A 470 -11.25 52.47 -0.40
C ALA A 470 -12.16 53.70 -0.43
N LEU A 471 -11.58 54.90 -0.33
CA LEU A 471 -12.41 56.11 -0.46
C LEU A 471 -12.96 56.27 -1.87
N ARG A 472 -12.14 55.97 -2.89
CA ARG A 472 -12.62 55.99 -4.27
C ARG A 472 -13.73 54.97 -4.50
N LEU A 473 -13.55 53.76 -3.99
CA LEU A 473 -14.58 52.72 -4.09
C LEU A 473 -15.84 53.11 -3.33
N TRP A 474 -15.68 53.76 -2.17
CA TRP A 474 -16.83 54.19 -1.40
C TRP A 474 -17.62 55.26 -2.13
N GLU A 475 -16.96 56.24 -2.74
CA GLU A 475 -17.71 57.28 -3.44
C GLU A 475 -18.36 56.73 -4.71
N ILE A 476 -17.69 55.79 -5.41
CA ILE A 476 -18.28 55.17 -6.60
C ILE A 476 -19.49 54.31 -6.24
N ILE A 477 -19.33 53.47 -5.20
CA ILE A 477 -20.42 52.62 -4.72
C ILE A 477 -21.56 53.47 -4.16
N ALA A 478 -21.23 54.58 -3.50
CA ALA A 478 -22.22 55.50 -2.98
C ALA A 478 -22.99 56.18 -4.09
N ARG A 479 -22.32 56.51 -5.21
CA ARG A 479 -23.00 57.02 -6.38
C ARG A 479 -23.99 56.01 -6.94
N TYR A 480 -23.58 54.73 -7.00
CA TYR A 480 -24.47 53.65 -7.43
C TYR A 480 -25.68 53.52 -6.50
N VAL A 481 -25.42 53.54 -5.18
CA VAL A 481 -26.47 53.42 -4.18
C VAL A 481 -27.46 54.58 -4.27
N GLU A 482 -26.94 55.82 -4.33
CA GLU A 482 -27.81 56.98 -4.39
C GLU A 482 -28.59 57.03 -5.70
N GLY A 483 -28.00 56.56 -6.80
CA GLY A 483 -28.75 56.44 -8.04
C GLY A 483 -29.95 55.52 -7.92
N ILE A 484 -29.75 54.32 -7.35
CA ILE A 484 -30.84 53.37 -7.17
C ILE A 484 -31.88 53.90 -6.18
N VAL A 485 -31.43 54.41 -5.04
CA VAL A 485 -32.34 54.88 -3.99
C VAL A 485 -33.15 56.09 -4.46
N HIS A 486 -32.48 57.09 -5.05
CA HIS A 486 -33.19 58.25 -5.59
C HIS A 486 -34.10 57.89 -6.76
N LEU A 487 -33.78 56.81 -7.48
CA LEU A 487 -34.73 56.27 -8.45
C LEU A 487 -35.99 55.75 -7.79
N PHE A 488 -35.86 55.10 -6.62
CA PHE A 488 -37.04 54.49 -6.01
C PHE A 488 -37.54 55.16 -4.73
N TYR A 489 -36.75 56.01 -4.08
CA TYR A 489 -37.17 56.73 -2.87
C TYR A 489 -37.01 58.22 -3.14
N GLN A 490 -38.08 58.87 -3.61
CA GLN A 490 -37.99 60.27 -3.99
C GLN A 490 -37.91 61.19 -2.78
N ARG A 491 -38.50 60.81 -1.65
CA ARG A 491 -38.59 61.67 -0.48
C ARG A 491 -38.19 60.90 0.77
N ASP A 492 -37.95 61.64 1.85
CA ASP A 492 -37.62 61.05 3.14
C ASP A 492 -38.78 60.26 3.72
N ASP A 493 -40.00 60.80 3.61
CA ASP A 493 -41.18 60.10 4.12
C ASP A 493 -41.49 58.83 3.35
N ILE A 494 -41.04 58.73 2.10
CA ILE A 494 -41.15 57.49 1.36
C ILE A 494 -40.22 56.43 1.96
N VAL A 495 -39.03 56.85 2.39
CA VAL A 495 -38.11 55.95 3.08
C VAL A 495 -38.70 55.52 4.43
N LYS A 496 -39.25 56.49 5.18
CA LYS A 496 -39.87 56.18 6.47
C LYS A 496 -41.11 55.31 6.29
N GLY A 497 -41.90 55.57 5.26
CA GLY A 497 -43.16 54.89 5.04
C GLY A 497 -43.09 53.50 4.46
N ASP A 498 -41.89 52.98 4.19
CA ASP A 498 -41.64 51.64 3.68
C ASP A 498 -41.53 50.66 4.85
N PRO A 499 -42.57 49.87 5.14
CA PRO A 499 -42.48 48.96 6.30
C PRO A 499 -41.48 47.82 6.12
N GLU A 500 -41.32 47.33 4.89
CA GLU A 500 -40.38 46.23 4.63
C GLU A 500 -38.94 46.69 4.81
N LEU A 501 -38.62 47.91 4.38
CA LEU A 501 -37.29 48.46 4.56
C LEU A 501 -36.96 48.67 6.05
N GLN A 502 -37.92 49.19 6.82
CA GLN A 502 -37.72 49.35 8.25
C GLN A 502 -37.57 48.00 8.96
N ALA A 503 -38.35 47.00 8.52
CA ALA A 503 -38.21 45.65 9.05
C ALA A 503 -36.84 45.05 8.74
N TRP A 504 -36.33 45.32 7.53
CA TRP A 504 -34.98 44.89 7.15
C TRP A 504 -33.90 45.58 7.99
N CYS A 505 -34.08 46.88 8.24
CA CYS A 505 -33.16 47.63 9.09
C CYS A 505 -33.14 47.08 10.52
N ARG A 506 -34.33 46.81 11.07
CA ARG A 506 -34.42 46.18 12.39
C ARG A 506 -33.83 44.79 12.40
N GLU A 507 -34.04 44.03 11.31
CA GLU A 507 -33.52 42.67 11.21
C GLU A 507 -32.00 42.65 11.21
N ILE A 508 -31.36 43.62 10.55
CA ILE A 508 -29.91 43.72 10.66
C ILE A 508 -29.50 44.18 12.05
N THR A 509 -30.12 45.26 12.55
CA THR A 509 -29.59 45.89 13.75
C THR A 509 -30.06 45.20 15.03
N GLU A 510 -31.37 45.12 15.24
CA GLU A 510 -31.91 44.52 16.46
C GLU A 510 -31.68 43.02 16.49
N VAL A 511 -31.83 42.34 15.34
CA VAL A 511 -31.87 40.89 15.33
C VAL A 511 -30.55 40.29 14.91
N GLY A 512 -30.13 40.59 13.67
CA GLY A 512 -28.96 39.94 13.10
C GLY A 512 -27.66 40.30 13.79
N LEU A 513 -27.45 41.58 14.08
CA LEU A 513 -26.22 42.02 14.74
C LEU A 513 -26.36 42.07 16.25
N CYS A 514 -27.49 41.61 16.81
CA CYS A 514 -27.70 41.39 18.24
C CYS A 514 -27.60 42.69 19.05
N GLN A 515 -28.57 43.56 18.79
CA GLN A 515 -28.78 44.84 19.48
C GLN A 515 -27.60 45.80 19.22
N ALA A 516 -27.37 46.08 17.95
CA ALA A 516 -26.28 46.95 17.51
C ALA A 516 -26.61 48.44 17.60
N GLN A 517 -27.61 48.83 18.40
CA GLN A 517 -27.97 50.25 18.54
C GLN A 517 -26.83 51.04 19.16
N ASP A 518 -26.29 50.55 20.28
CA ASP A 518 -25.12 51.14 20.95
C ASP A 518 -23.89 51.25 20.06
N ARG A 519 -23.78 50.42 19.03
CA ARG A 519 -22.62 50.42 18.15
C ARG A 519 -22.87 51.22 16.87
N GLY A 520 -23.80 52.16 16.91
CA GLY A 520 -24.01 53.10 15.83
C GLY A 520 -24.84 52.60 14.67
N PHE A 521 -25.28 51.35 14.69
CA PHE A 521 -26.12 50.89 13.61
C PHE A 521 -27.54 51.42 13.78
N PRO A 522 -28.22 51.81 12.70
CA PRO A 522 -29.53 52.44 12.83
C PRO A 522 -30.64 51.42 13.07
N VAL A 523 -31.61 51.80 13.89
CA VAL A 523 -32.81 50.97 14.04
C VAL A 523 -33.83 51.27 12.95
N SER A 524 -33.67 52.40 12.26
CA SER A 524 -34.65 52.83 11.26
C SER A 524 -33.95 53.77 10.30
N PHE A 525 -34.59 54.01 9.16
CA PHE A 525 -34.12 54.99 8.20
C PHE A 525 -35.10 56.17 8.20
N GLN A 526 -34.58 57.35 8.50
CA GLN A 526 -35.40 58.55 8.59
C GLN A 526 -35.24 59.45 7.37
N SER A 527 -34.33 59.11 6.46
CA SER A 527 -34.04 59.94 5.29
C SER A 527 -33.43 59.06 4.21
N GLN A 528 -33.40 59.62 3.00
CA GLN A 528 -32.75 58.93 1.88
C GLN A 528 -31.25 58.78 2.10
N SER A 529 -30.61 59.82 2.68
CA SER A 529 -29.16 59.80 2.86
C SER A 529 -28.71 58.74 3.85
N GLN A 530 -29.47 58.54 4.92
CA GLN A 530 -29.15 57.50 5.90
C GLN A 530 -29.23 56.11 5.30
N LEU A 531 -30.29 55.85 4.51
CA LEU A 531 -30.42 54.60 3.79
C LEU A 531 -29.31 54.42 2.77
N CYS A 532 -28.93 55.51 2.10
CA CYS A 532 -27.85 55.47 1.11
C CYS A 532 -26.52 55.12 1.76
N HIS A 533 -26.23 55.71 2.92
CA HIS A 533 -24.99 55.42 3.64
C HIS A 533 -24.97 53.99 4.14
N PHE A 534 -26.10 53.50 4.65
CA PHE A 534 -26.18 52.12 5.14
C PHE A 534 -26.03 51.10 4.01
N LEU A 535 -26.67 51.36 2.87
CA LEU A 535 -26.52 50.45 1.74
C LEU A 535 -25.13 50.50 1.13
N THR A 536 -24.50 51.69 1.12
CA THR A 536 -23.11 51.79 0.70
C THR A 536 -22.20 50.98 1.62
N MET A 537 -22.46 51.03 2.93
CA MET A 537 -21.75 50.18 3.88
C MET A 537 -21.95 48.70 3.58
N CYS A 538 -23.19 48.31 3.28
CA CYS A 538 -23.50 46.91 2.96
C CYS A 538 -22.75 46.43 1.73
N VAL A 539 -22.80 47.22 0.64
CA VAL A 539 -22.13 46.84 -0.60
C VAL A 539 -20.61 46.82 -0.43
N PHE A 540 -20.05 47.82 0.28
CA PHE A 540 -18.60 47.84 0.49
C PHE A 540 -18.14 46.66 1.33
N THR A 541 -18.87 46.33 2.40
CA THR A 541 -18.57 45.17 3.22
C THR A 541 -18.65 43.88 2.41
N CYS A 542 -19.69 43.76 1.58
CA CYS A 542 -19.87 42.54 0.81
C CYS A 542 -18.89 42.41 -0.34
N THR A 543 -18.41 43.53 -0.89
CA THR A 543 -17.54 43.47 -2.06
C THR A 543 -16.14 43.97 -1.77
N ALA A 544 -15.97 45.24 -1.40
CA ALA A 544 -14.66 45.87 -1.41
C ALA A 544 -13.86 45.62 -0.14
N GLN A 545 -14.51 45.69 1.03
CA GLN A 545 -13.83 45.41 2.28
C GLN A 545 -13.34 43.95 2.33
N HIS A 546 -14.18 43.02 1.87
CA HIS A 546 -13.79 41.62 1.80
C HIS A 546 -12.64 41.39 0.81
N ALA A 547 -12.68 42.07 -0.34
CA ALA A 547 -11.59 41.98 -1.30
C ALA A 547 -10.29 42.51 -0.73
N ALA A 548 -10.36 43.63 0.01
CA ALA A 548 -9.16 44.19 0.64
C ALA A 548 -8.62 43.26 1.72
N ILE A 549 -9.51 42.65 2.50
CA ILE A 549 -9.10 41.88 3.66
C ILE A 549 -8.87 40.41 3.31
N ASN A 550 -9.11 40.02 2.06
CA ASN A 550 -9.11 38.63 1.66
C ASN A 550 -8.13 38.30 0.55
N GLN A 551 -7.95 39.20 -0.44
CA GLN A 551 -7.08 38.89 -1.58
C GLN A 551 -5.60 38.88 -1.21
N GLY A 552 -5.22 39.55 -0.12
CA GLY A 552 -3.84 39.63 0.29
C GLY A 552 -3.33 38.48 1.13
N GLN A 553 -4.16 37.46 1.33
CA GLN A 553 -3.78 36.34 2.19
C GLN A 553 -2.60 35.55 1.60
N LEU A 554 -2.64 35.23 0.30
CA LEU A 554 -1.53 34.52 -0.30
C LEU A 554 -0.31 35.41 -0.49
N ASP A 555 -0.53 36.67 -0.83
CA ASP A 555 0.58 37.60 -1.07
C ASP A 555 1.41 37.83 0.19
N TRP A 556 0.75 37.92 1.35
CA TRP A 556 1.44 38.29 2.57
C TRP A 556 1.60 37.12 3.54
N TYR A 557 0.88 36.01 3.32
CA TYR A 557 0.84 34.90 4.26
C TYR A 557 1.44 33.61 3.75
N ALA A 558 1.78 33.51 2.46
CA ALA A 558 2.46 32.32 1.94
C ALA A 558 3.84 32.18 2.57
N TRP A 559 4.55 33.30 2.70
CA TRP A 559 5.77 33.30 3.49
C TRP A 559 5.33 33.32 4.96
N VAL A 560 5.36 32.13 5.57
CA VAL A 560 4.87 31.99 6.96
C VAL A 560 5.65 32.81 7.98
N PRO A 561 7.00 32.94 7.93
CA PRO A 561 7.66 33.87 8.88
C PRO A 561 7.23 35.32 8.77
N ASN A 562 6.74 35.76 7.61
CA ASN A 562 6.22 37.11 7.48
C ASN A 562 4.96 37.32 8.32
N ALA A 563 4.17 36.26 8.53
CA ALA A 563 2.96 36.37 9.34
C ALA A 563 2.57 35.01 9.92
N PRO A 564 3.15 34.62 11.05
CA PRO A 564 2.87 33.30 11.65
C PRO A 564 1.41 33.12 12.04
N CYS A 565 0.85 31.96 11.67
CA CYS A 565 -0.49 31.61 12.11
C CYS A 565 -0.55 31.28 13.58
N THR A 566 0.58 30.86 14.17
CA THR A 566 0.64 30.53 15.58
C THR A 566 2.05 30.79 16.07
N MET A 567 2.20 30.81 17.39
CA MET A 567 3.50 30.87 18.02
C MET A 567 3.61 29.74 19.02
N ARG A 568 4.70 28.97 18.93
CA ARG A 568 4.85 27.77 19.74
C ARG A 568 5.77 27.99 20.95
N MET A 569 6.21 29.21 21.17
CA MET A 569 7.03 29.57 22.33
C MET A 569 6.43 30.81 23.00
N PRO A 570 6.68 31.00 24.29
CA PRO A 570 6.25 32.23 24.95
C PRO A 570 6.98 33.43 24.36
N PRO A 571 6.35 34.60 24.38
CA PRO A 571 7.00 35.83 23.86
C PRO A 571 8.25 36.18 24.64
N PRO A 572 9.29 36.66 23.96
CA PRO A 572 10.54 37.01 24.65
C PRO A 572 10.35 38.16 25.62
N THR A 573 11.04 38.06 26.75
CA THR A 573 11.08 39.12 27.76
C THR A 573 12.45 39.78 27.85
N THR A 574 13.47 39.20 27.24
CA THR A 574 14.81 39.77 27.18
C THR A 574 15.28 39.72 25.74
N LYS A 575 16.17 40.64 25.38
CA LYS A 575 16.65 40.73 24.01
C LYS A 575 17.89 39.88 23.76
N GLU A 576 18.76 39.72 24.75
CA GLU A 576 20.00 38.99 24.56
C GLU A 576 19.79 37.48 24.51
N ASP A 577 18.69 36.97 25.03
CA ASP A 577 18.44 35.54 25.10
C ASP A 577 17.77 34.98 23.85
N VAL A 578 17.52 35.80 22.84
CA VAL A 578 16.84 35.36 21.63
C VAL A 578 17.89 34.89 20.63
N THR A 579 17.80 33.63 20.24
CA THR A 579 18.68 33.04 19.24
C THR A 579 17.87 32.60 18.04
N MET A 580 18.56 32.02 17.05
CA MET A 580 17.87 31.45 15.89
C MET A 580 17.00 30.25 16.31
N ALA A 581 17.43 29.51 17.33
CA ALA A 581 16.63 28.42 17.86
C ALA A 581 15.35 28.93 18.50
N THR A 582 15.44 30.05 19.23
CA THR A 582 14.26 30.66 19.84
C THR A 582 13.26 31.13 18.79
N VAL A 583 13.77 31.79 17.73
CA VAL A 583 12.93 32.23 16.62
C VAL A 583 12.27 31.05 15.93
N MET A 584 13.05 30.01 15.62
CA MET A 584 12.53 28.85 14.89
C MET A 584 11.53 28.05 15.73
N GLY A 585 11.78 27.91 17.03
CA GLY A 585 10.80 27.26 17.87
C GLY A 585 9.60 28.12 18.14
N SER A 586 9.74 29.44 18.04
CA SER A 586 8.60 30.33 18.16
C SER A 586 7.76 30.32 16.90
N LEU A 587 8.40 30.19 15.74
CA LEU A 587 7.68 30.12 14.47
C LEU A 587 6.91 28.80 14.39
N PRO A 588 5.84 28.75 13.58
CA PRO A 588 5.09 27.50 13.44
C PRO A 588 5.92 26.38 12.84
N ASP A 589 5.57 25.15 13.23
CA ASP A 589 6.15 23.99 12.59
C ASP A 589 5.59 23.83 11.18
N VAL A 590 6.18 22.90 10.44
CA VAL A 590 5.90 22.72 9.01
C VAL A 590 4.43 22.37 8.76
N ARG A 591 3.79 21.64 9.69
CA ARG A 591 2.40 21.26 9.51
C ARG A 591 1.47 22.48 9.61
N GLN A 592 1.65 23.30 10.66
CA GLN A 592 0.85 24.51 10.81
C GLN A 592 1.15 25.54 9.73
N ALA A 593 2.43 25.65 9.33
CA ALA A 593 2.82 26.57 8.27
C ALA A 593 2.23 26.18 6.93
N CYS A 594 2.24 24.88 6.62
CA CYS A 594 1.63 24.39 5.39
C CYS A 594 0.12 24.58 5.40
N LEU A 595 -0.51 24.39 6.56
CA LEU A 595 -1.94 24.65 6.68
C LEU A 595 -2.26 26.13 6.48
N GLN A 596 -1.42 27.02 7.04
CA GLN A 596 -1.55 28.46 6.81
C GLN A 596 -1.45 28.80 5.33
N MET A 597 -0.45 28.22 4.64
CA MET A 597 -0.27 28.44 3.21
C MET A 597 -1.45 27.95 2.40
N ALA A 598 -1.96 26.76 2.72
CA ALA A 598 -3.08 26.18 1.99
C ALA A 598 -4.36 26.99 2.14
N ILE A 599 -4.70 27.37 3.38
CA ILE A 599 -5.89 28.21 3.60
C ILE A 599 -5.73 29.57 2.92
N SER A 600 -4.54 30.18 3.03
CA SER A 600 -4.25 31.46 2.37
C SER A 600 -4.49 31.37 0.86
N TRP A 601 -3.97 30.30 0.24
CA TRP A 601 -4.17 30.09 -1.19
C TRP A 601 -5.64 29.89 -1.52
N HIS A 602 -6.31 29.01 -0.76
CA HIS A 602 -7.71 28.66 -1.02
C HIS A 602 -8.64 29.87 -0.87
N LEU A 603 -8.38 30.73 0.11
CA LEU A 603 -9.26 31.86 0.34
C LEU A 603 -8.95 33.03 -0.57
N SER A 604 -7.69 33.26 -0.93
CA SER A 604 -7.33 34.45 -1.69
C SER A 604 -7.25 34.23 -3.19
N ARG A 605 -7.35 33.00 -3.69
CA ARG A 605 -7.26 32.76 -5.12
C ARG A 605 -8.48 33.33 -5.85
N ARG A 606 -8.27 33.73 -7.09
CA ARG A 606 -9.37 34.16 -7.93
C ARG A 606 -10.25 32.96 -8.25
N GLN A 607 -11.52 33.06 -7.90
CA GLN A 607 -12.49 32.04 -8.27
C GLN A 607 -12.67 32.06 -9.79
N PRO A 608 -12.63 30.91 -10.47
CA PRO A 608 -12.87 30.91 -11.92
C PRO A 608 -14.25 31.42 -12.32
N ASP A 609 -15.27 31.22 -11.48
CA ASP A 609 -16.61 31.68 -11.74
C ASP A 609 -16.93 33.00 -11.04
N MET A 610 -15.91 33.75 -10.59
CA MET A 610 -16.14 34.96 -9.80
C MET A 610 -16.81 36.03 -10.65
N VAL A 611 -17.69 36.80 -10.00
CA VAL A 611 -18.35 37.94 -10.62
C VAL A 611 -17.63 39.20 -10.16
N PRO A 612 -17.05 39.97 -11.06
CA PRO A 612 -16.47 41.27 -10.66
C PRO A 612 -17.56 42.21 -10.15
N LEU A 613 -17.14 43.12 -9.25
CA LEU A 613 -18.01 44.11 -8.62
C LEU A 613 -18.80 44.90 -9.65
N GLY A 614 -20.12 44.88 -9.50
CA GLY A 614 -21.02 45.59 -10.39
C GLY A 614 -21.27 44.93 -11.72
N HIS A 615 -20.71 43.75 -11.96
CA HIS A 615 -20.83 43.09 -13.25
C HIS A 615 -21.64 41.81 -13.15
N HIS A 616 -22.65 41.80 -12.27
CA HIS A 616 -23.58 40.68 -12.20
C HIS A 616 -24.42 40.62 -13.46
N LYS A 617 -24.57 39.41 -14.01
CA LYS A 617 -25.33 39.21 -15.23
C LYS A 617 -26.81 39.05 -14.97
N GLU A 618 -27.19 38.76 -13.71
CA GLU A 618 -28.59 38.59 -13.37
C GLU A 618 -29.32 39.94 -13.45
N LYS A 619 -30.42 39.96 -14.19
CA LYS A 619 -31.19 41.18 -14.42
C LYS A 619 -32.46 41.13 -13.57
N TYR A 620 -32.33 41.52 -12.31
CA TYR A 620 -33.50 41.64 -11.45
C TYR A 620 -34.29 42.90 -11.80
N PHE A 621 -33.60 44.02 -11.98
CA PHE A 621 -34.25 45.25 -12.40
C PHE A 621 -34.62 45.17 -13.88
N SER A 622 -35.84 45.61 -14.20
CA SER A 622 -36.31 45.59 -15.58
C SER A 622 -36.18 46.93 -16.28
N GLY A 623 -36.35 48.03 -15.55
CA GLY A 623 -36.36 49.36 -16.13
C GLY A 623 -35.02 49.77 -16.72
N PRO A 624 -35.05 50.77 -17.62
CA PRO A 624 -33.79 51.27 -18.18
C PRO A 624 -33.00 52.16 -17.25
N LYS A 625 -33.66 52.80 -16.28
CA LYS A 625 -32.95 53.71 -15.38
C LYS A 625 -32.06 53.01 -14.36
N PRO A 626 -32.50 51.93 -13.65
CA PRO A 626 -31.51 51.18 -12.84
C PRO A 626 -30.40 50.54 -13.66
N LYS A 627 -30.69 50.14 -14.90
CA LYS A 627 -29.66 49.64 -15.80
C LYS A 627 -28.64 50.73 -16.13
N ALA A 628 -29.13 51.97 -16.33
CA ALA A 628 -28.23 53.10 -16.57
C ALA A 628 -27.38 53.41 -15.35
N VAL A 629 -27.98 53.32 -14.15
CA VAL A 629 -27.23 53.53 -12.91
C VAL A 629 -26.15 52.47 -12.73
N LEU A 630 -26.47 51.21 -13.05
CA LEU A 630 -25.50 50.13 -13.01
C LEU A 630 -24.39 50.33 -14.04
N ASN A 631 -24.75 50.83 -15.23
CA ASN A 631 -23.75 51.09 -16.27
C ASN A 631 -22.81 52.21 -15.85
N GLN A 632 -23.35 53.26 -15.21
CA GLN A 632 -22.51 54.34 -14.70
C GLN A 632 -21.59 53.84 -13.59
N PHE A 633 -22.10 52.95 -12.75
CA PHE A 633 -21.29 52.29 -11.72
C PHE A 633 -20.13 51.52 -12.35
N ARG A 634 -20.42 50.74 -13.39
CA ARG A 634 -19.38 49.98 -14.08
C ARG A 634 -18.36 50.89 -14.77
N THR A 635 -18.82 51.99 -15.36
CA THR A 635 -17.92 52.95 -16.01
C THR A 635 -16.97 53.59 -15.00
N ASP A 636 -17.50 54.01 -13.84
CA ASP A 636 -16.67 54.55 -12.78
C ASP A 636 -15.67 53.51 -12.24
N LEU A 637 -16.11 52.25 -12.15
CA LEU A 637 -15.20 51.18 -11.72
C LEU A 637 -14.06 50.96 -12.71
N GLU A 638 -14.36 50.99 -14.02
CA GLU A 638 -13.29 50.85 -15.01
C GLU A 638 -12.33 52.04 -14.99
N LYS A 639 -12.87 53.25 -14.78
CA LYS A 639 -12.00 54.43 -14.65
C LYS A 639 -11.10 54.33 -13.42
N LEU A 640 -11.65 53.85 -12.30
CA LEU A 640 -10.86 53.63 -11.10
C LEU A 640 -9.82 52.54 -11.30
N GLU A 641 -10.18 51.48 -12.04
CA GLU A 641 -9.21 50.42 -12.33
C GLU A 641 -8.06 50.93 -13.19
N LYS A 642 -8.36 51.79 -14.17
CA LYS A 642 -7.32 52.44 -14.96
C LYS A 642 -6.42 53.30 -14.09
N GLU A 643 -7.00 54.06 -13.16
CA GLU A 643 -6.21 54.89 -12.24
C GLU A 643 -5.32 54.05 -11.33
N ILE A 644 -5.86 52.94 -10.79
CA ILE A 644 -5.11 52.07 -9.90
C ILE A 644 -3.98 51.38 -10.66
N THR A 645 -4.24 50.93 -11.89
CA THR A 645 -3.20 50.31 -12.71
C THR A 645 -2.09 51.31 -13.05
N ALA A 646 -2.47 52.55 -13.38
CA ALA A 646 -1.49 53.60 -13.66
C ALA A 646 -0.65 53.92 -12.44
N ARG A 647 -1.26 53.93 -11.25
CA ARG A 647 -0.49 54.12 -10.02
C ARG A 647 0.43 52.93 -9.74
N ASN A 648 -0.09 51.71 -9.92
CA ASN A 648 0.62 50.50 -9.52
C ASN A 648 1.81 50.19 -10.42
N GLU A 649 1.73 50.51 -11.72
CA GLU A 649 2.84 50.24 -12.63
C GLU A 649 4.10 51.04 -12.28
N GLN A 650 3.98 52.14 -11.55
CA GLN A 650 5.12 52.94 -11.11
C GLN A 650 5.54 52.63 -9.68
N LEU A 651 5.03 51.56 -9.08
CA LEU A 651 5.32 51.22 -7.70
C LEU A 651 6.02 49.86 -7.61
N ASP A 652 7.06 49.81 -6.77
CA ASP A 652 7.72 48.54 -6.48
C ASP A 652 6.82 47.59 -5.69
N TRP A 653 5.93 48.13 -4.86
CA TRP A 653 4.98 47.33 -4.07
C TRP A 653 3.57 47.77 -4.43
N PRO A 654 3.00 47.23 -5.52
CA PRO A 654 1.65 47.63 -5.93
C PRO A 654 0.58 47.10 -5.00
N TYR A 655 -0.48 47.90 -4.84
CA TYR A 655 -1.69 47.49 -4.14
C TYR A 655 -2.72 47.14 -5.19
N GLU A 656 -3.03 45.85 -5.31
CA GLU A 656 -3.88 45.36 -6.39
C GLU A 656 -5.21 44.79 -5.90
N TYR A 657 -5.44 44.74 -4.59
CA TYR A 657 -6.57 44.01 -4.04
C TYR A 657 -7.88 44.74 -4.27
N LEU A 658 -7.83 46.05 -4.49
CA LEU A 658 -9.03 46.86 -4.69
C LEU A 658 -9.22 47.27 -6.14
N LYS A 659 -8.58 46.56 -7.07
CA LYS A 659 -8.94 46.69 -8.48
C LYS A 659 -10.33 46.10 -8.67
N PRO A 660 -11.27 46.83 -9.28
CA PRO A 660 -12.66 46.34 -9.40
C PRO A 660 -12.82 45.04 -10.17
N SER A 661 -11.96 44.75 -11.15
CA SER A 661 -11.98 43.44 -11.79
C SER A 661 -11.56 42.34 -10.83
N CYS A 662 -10.73 42.65 -9.84
CA CYS A 662 -10.30 41.69 -8.85
C CYS A 662 -11.15 41.73 -7.58
N ILE A 663 -12.13 42.63 -7.51
CA ILE A 663 -13.07 42.66 -6.40
C ILE A 663 -14.26 41.79 -6.78
N GLU A 664 -14.50 40.74 -5.99
CA GLU A 664 -15.64 39.89 -6.24
C GLU A 664 -16.92 40.60 -5.82
N ASN A 665 -18.01 40.33 -6.56
CA ASN A 665 -19.29 40.99 -6.35
C ASN A 665 -19.98 40.60 -5.04
N SER A 666 -19.48 39.57 -4.34
CA SER A 666 -20.04 39.20 -3.05
C SER A 666 -18.97 38.45 -2.27
N VAL A 667 -19.29 38.18 -1.01
CA VAL A 667 -18.42 37.39 -0.13
C VAL A 667 -18.69 35.93 -0.47
N THR A 668 -17.85 35.33 -1.30
CA THR A 668 -18.01 33.94 -1.68
C THR A 668 -16.88 33.03 -1.22
N ILE A 669 -15.78 33.57 -0.72
CA ILE A 669 -14.64 32.74 -0.38
C ILE A 669 -13.85 33.32 0.81
N GLY B 8 -30.47 54.41 -36.10
CA GLY B 8 -29.11 53.95 -36.31
C GLY B 8 -28.58 53.13 -35.15
N ARG B 9 -29.48 52.61 -34.32
CA ARG B 9 -29.11 51.81 -33.15
C ARG B 9 -29.19 50.33 -33.54
N TYR B 10 -28.02 49.74 -33.78
CA TYR B 10 -27.91 48.30 -34.04
C TYR B 10 -27.72 47.58 -32.70
N ARG B 11 -28.62 46.67 -32.38
CA ARG B 11 -28.47 45.85 -31.19
C ARG B 11 -27.82 44.53 -31.58
N ILE B 12 -26.66 44.24 -31.00
CA ILE B 12 -25.90 43.04 -31.34
C ILE B 12 -25.92 42.10 -30.14
N ARG B 13 -26.49 40.91 -30.32
CA ARG B 13 -26.60 39.93 -29.27
C ARG B 13 -25.68 38.76 -29.58
N VAL B 14 -24.74 38.51 -28.69
CA VAL B 14 -23.74 37.46 -28.89
C VAL B 14 -24.09 36.27 -28.01
N ALA B 15 -24.58 35.20 -28.63
CA ALA B 15 -24.84 33.95 -27.93
C ALA B 15 -23.51 33.20 -27.89
N THR B 16 -23.09 32.81 -26.69
CA THR B 16 -21.82 32.11 -26.48
C THR B 16 -22.08 30.69 -26.01
N GLY B 17 -21.66 29.71 -26.83
CA GLY B 17 -21.79 28.32 -26.42
C GLY B 17 -20.90 27.95 -25.25
N ALA B 18 -19.64 28.38 -25.26
CA ALA B 18 -18.72 28.04 -24.18
C ALA B 18 -17.61 29.07 -24.13
N TRP B 19 -16.95 29.14 -22.98
CA TRP B 19 -15.81 30.02 -22.82
C TRP B 19 -14.93 29.53 -21.67
N LEU B 20 -13.65 29.90 -21.76
CA LEU B 20 -12.66 29.66 -20.71
C LEU B 20 -11.83 30.94 -20.65
N PHE B 21 -12.22 31.83 -19.75
CA PHE B 21 -11.61 33.15 -19.61
C PHE B 21 -10.80 33.17 -18.32
N SER B 22 -9.47 33.08 -18.46
CA SER B 22 -8.59 33.18 -17.30
C SER B 22 -8.64 34.57 -16.68
N GLY B 23 -8.64 35.61 -17.51
CA GLY B 23 -8.65 36.99 -17.04
C GLY B 23 -10.05 37.56 -16.98
N SER B 24 -10.12 38.89 -17.09
CA SER B 24 -11.39 39.60 -17.01
C SER B 24 -11.64 40.54 -18.18
N TYR B 25 -10.64 40.91 -18.96
CA TYR B 25 -10.80 41.81 -20.10
C TYR B 25 -10.55 41.01 -21.37
N ASN B 26 -11.63 40.46 -21.93
CA ASN B 26 -11.60 39.70 -23.18
C ASN B 26 -12.38 40.48 -24.22
N ARG B 27 -11.68 41.35 -24.95
CA ARG B 27 -12.31 42.25 -25.91
C ARG B 27 -12.39 41.61 -27.30
N VAL B 28 -13.38 42.05 -28.07
CA VAL B 28 -13.61 41.55 -29.42
C VAL B 28 -13.87 42.74 -30.34
N GLN B 29 -13.12 42.82 -31.44
CA GLN B 29 -13.43 43.76 -32.50
C GLN B 29 -14.44 43.10 -33.42
N LEU B 30 -15.60 43.74 -33.60
CA LEU B 30 -16.67 43.20 -34.42
C LEU B 30 -16.96 44.15 -35.57
N TRP B 31 -17.04 43.62 -36.78
CA TRP B 31 -17.39 44.40 -37.96
C TRP B 31 -18.76 43.99 -38.46
N LEU B 32 -19.64 44.96 -38.63
CA LEU B 32 -20.94 44.78 -39.28
C LEU B 32 -20.74 45.16 -40.73
N VAL B 33 -20.61 44.16 -41.60
CA VAL B 33 -20.37 44.38 -43.02
C VAL B 33 -21.70 44.27 -43.75
N GLY B 34 -22.09 45.36 -44.42
CA GLY B 34 -23.32 45.41 -45.17
C GLY B 34 -23.05 45.68 -46.65
N THR B 35 -24.15 45.75 -47.40
CA THR B 35 -24.07 45.99 -48.84
C THR B 35 -23.54 47.39 -49.16
N ARG B 36 -23.73 48.35 -48.26
CA ARG B 36 -23.31 49.73 -48.51
C ARG B 36 -22.15 50.18 -47.64
N GLY B 37 -21.69 49.35 -46.70
CA GLY B 37 -20.56 49.73 -45.88
C GLY B 37 -20.43 48.81 -44.69
N GLU B 38 -19.38 49.06 -43.90
CA GLU B 38 -19.09 48.28 -42.71
C GLU B 38 -18.82 49.21 -41.53
N ALA B 39 -19.10 48.70 -40.34
CA ALA B 39 -18.91 49.44 -39.09
C ALA B 39 -18.07 48.62 -38.13
N GLU B 40 -17.12 49.27 -37.47
CA GLU B 40 -16.23 48.61 -36.51
C GLU B 40 -16.67 48.92 -35.08
N LEU B 41 -16.65 47.90 -34.24
CA LEU B 41 -17.05 47.99 -32.84
C LEU B 41 -16.00 47.31 -31.95
N GLU B 42 -15.98 47.72 -30.70
CA GLU B 42 -15.20 47.06 -29.66
C GLU B 42 -16.17 46.60 -28.58
N LEU B 43 -16.23 45.30 -28.33
CA LEU B 43 -17.16 44.71 -27.40
C LEU B 43 -16.40 44.06 -26.25
N GLN B 44 -16.92 44.21 -25.04
CA GLN B 44 -16.35 43.60 -23.84
C GLN B 44 -17.16 42.35 -23.51
N LEU B 45 -16.59 41.18 -23.82
CA LEU B 45 -17.28 39.92 -23.60
C LEU B 45 -17.32 39.57 -22.13
N ARG B 46 -18.53 39.43 -21.58
CA ARG B 46 -18.75 38.89 -20.23
C ARG B 46 -19.85 37.85 -20.33
N PRO B 47 -19.54 36.65 -20.83
CA PRO B 47 -20.58 35.64 -21.09
C PRO B 47 -21.23 35.13 -19.83
N ALA B 48 -22.50 34.74 -19.96
CA ALA B 48 -23.27 34.11 -18.91
C ALA B 48 -23.87 32.83 -19.43
N ARG B 49 -24.12 31.89 -18.52
CA ARG B 49 -24.73 30.62 -18.91
C ARG B 49 -26.23 30.83 -19.09
N GLY B 50 -26.75 30.43 -20.25
CA GLY B 50 -28.16 30.52 -20.52
C GLY B 50 -28.64 31.87 -21.00
N GLU B 51 -27.76 32.87 -21.05
CA GLU B 51 -28.11 34.22 -21.47
C GLU B 51 -27.09 34.76 -22.45
N GLU B 52 -27.58 35.44 -23.49
CA GLU B 52 -26.72 36.05 -24.49
C GLU B 52 -26.34 37.45 -24.04
N GLU B 53 -25.35 38.04 -24.71
CA GLU B 53 -24.85 39.36 -24.33
C GLU B 53 -25.37 40.40 -25.33
N GLU B 54 -26.09 41.41 -24.83
CA GLU B 54 -26.56 42.50 -25.66
C GLU B 54 -25.53 43.62 -25.76
N PHE B 55 -25.52 44.29 -26.90
CA PHE B 55 -24.56 45.37 -27.17
C PHE B 55 -25.26 46.39 -28.06
N ASP B 56 -25.78 47.46 -27.45
CA ASP B 56 -26.44 48.53 -28.19
C ASP B 56 -25.39 49.48 -28.75
N HIS B 57 -25.34 49.65 -30.06
CA HIS B 57 -24.32 50.52 -30.66
C HIS B 57 -24.92 51.39 -31.76
N ASP B 58 -24.53 52.66 -31.75
CA ASP B 58 -25.02 53.63 -32.74
C ASP B 58 -24.05 53.69 -33.92
N VAL B 59 -24.56 53.38 -35.11
CA VAL B 59 -23.79 53.40 -36.35
C VAL B 59 -24.23 54.63 -37.14
N ALA B 60 -23.29 55.54 -37.42
CA ALA B 60 -23.61 56.74 -38.18
C ALA B 60 -23.82 56.43 -39.65
N GLU B 61 -22.97 55.58 -40.24
CA GLU B 61 -23.06 55.27 -41.65
C GLU B 61 -24.23 54.34 -41.94
N ASP B 62 -24.74 54.43 -43.17
CA ASP B 62 -25.83 53.55 -43.61
C ASP B 62 -25.21 52.25 -44.12
N LEU B 63 -25.37 51.17 -43.34
CA LEU B 63 -24.79 49.89 -43.71
C LEU B 63 -25.63 49.13 -44.72
N GLY B 64 -26.89 49.51 -44.91
CA GLY B 64 -27.79 48.75 -45.76
C GLY B 64 -28.13 47.39 -45.17
N LEU B 65 -28.32 46.42 -46.04
CA LEU B 65 -28.60 45.06 -45.61
C LEU B 65 -27.32 44.40 -45.15
N LEU B 66 -27.32 43.87 -43.94
CA LEU B 66 -26.12 43.29 -43.36
C LEU B 66 -25.86 41.90 -43.95
N GLN B 67 -24.62 41.68 -44.35
CA GLN B 67 -24.22 40.42 -44.96
C GLN B 67 -23.19 39.64 -44.15
N PHE B 68 -22.26 40.31 -43.45
CA PHE B 68 -21.23 39.62 -42.72
C PHE B 68 -21.06 40.22 -41.33
N VAL B 69 -20.57 39.40 -40.42
CA VAL B 69 -20.05 39.87 -39.13
C VAL B 69 -18.63 39.33 -39.00
N ARG B 70 -17.66 40.23 -38.81
CA ARG B 70 -16.27 39.84 -38.69
C ARG B 70 -15.83 39.95 -37.24
N LEU B 71 -15.05 38.96 -36.78
CA LEU B 71 -14.63 38.88 -35.39
C LEU B 71 -13.11 38.82 -35.30
N ARG B 72 -12.54 39.65 -34.44
CA ARG B 72 -11.13 39.52 -34.07
C ARG B 72 -11.04 39.56 -32.55
N LYS B 73 -10.35 38.58 -31.97
CA LYS B 73 -10.06 38.63 -30.53
C LYS B 73 -8.98 39.68 -30.29
N HIS B 74 -9.26 40.65 -29.43
CA HIS B 74 -8.40 41.81 -29.25
C HIS B 74 -7.61 41.63 -27.95
N HIS B 75 -6.33 41.25 -28.10
CA HIS B 75 -5.36 41.09 -27.01
C HIS B 75 -5.84 40.11 -25.94
N TRP B 76 -6.00 38.85 -26.36
CA TRP B 76 -6.48 37.79 -25.49
C TRP B 76 -5.32 36.98 -24.93
N LEU B 77 -5.56 36.40 -23.76
CA LEU B 77 -4.63 35.44 -23.18
C LEU B 77 -4.58 34.17 -24.01
N VAL B 78 -3.43 33.49 -23.97
CA VAL B 78 -3.23 32.27 -24.75
C VAL B 78 -4.16 31.14 -24.30
N ASP B 79 -4.46 31.05 -23.01
CA ASP B 79 -5.32 30.00 -22.48
C ASP B 79 -6.80 30.34 -22.57
N ASP B 80 -7.15 31.52 -23.07
CA ASP B 80 -8.54 31.94 -23.16
C ASP B 80 -9.17 31.37 -24.44
N ALA B 81 -10.31 30.71 -24.28
CA ALA B 81 -11.00 30.09 -25.41
C ALA B 81 -12.45 30.56 -25.45
N TRP B 82 -12.99 30.67 -26.66
CA TRP B 82 -14.35 31.18 -26.85
C TRP B 82 -15.02 30.39 -27.97
N PHE B 83 -16.05 29.62 -27.62
CA PHE B 83 -16.93 28.95 -28.57
C PHE B 83 -18.17 29.83 -28.67
N CYS B 84 -18.24 30.61 -29.75
CA CYS B 84 -19.37 31.49 -30.01
C CYS B 84 -20.49 30.72 -30.67
N ASP B 85 -21.68 30.73 -30.08
CA ASP B 85 -22.81 30.09 -30.71
C ASP B 85 -23.25 30.85 -31.95
N ARG B 86 -23.71 32.09 -31.77
CA ARG B 86 -24.19 32.87 -32.91
C ARG B 86 -24.24 34.34 -32.54
N ILE B 87 -24.31 35.18 -33.56
CA ILE B 87 -24.48 36.63 -33.37
C ILE B 87 -25.73 37.07 -34.10
N THR B 88 -26.64 37.73 -33.40
CA THR B 88 -27.86 38.25 -34.00
C THR B 88 -27.84 39.77 -33.93
N VAL B 89 -28.15 40.41 -35.05
CA VAL B 89 -28.15 41.87 -35.13
C VAL B 89 -29.56 42.34 -35.44
N GLN B 90 -30.08 43.22 -34.60
CA GLN B 90 -31.33 43.92 -34.84
C GLN B 90 -30.99 45.30 -35.41
N GLY B 91 -31.56 45.60 -36.57
CA GLY B 91 -31.43 46.88 -37.22
C GLY B 91 -32.07 48.04 -36.47
N PRO B 92 -31.86 49.27 -36.97
CA PRO B 92 -32.43 50.47 -36.35
C PRO B 92 -33.95 50.44 -36.17
N GLY B 93 -34.69 50.01 -37.18
CA GLY B 93 -36.13 49.85 -37.06
C GLY B 93 -36.63 48.63 -37.80
N ALA B 94 -35.68 47.80 -38.26
CA ALA B 94 -36.03 46.59 -39.01
C ALA B 94 -36.78 45.59 -38.14
N CYS B 95 -36.34 45.41 -36.89
CA CYS B 95 -36.89 44.52 -35.86
C CYS B 95 -36.75 43.04 -36.20
N ALA B 96 -36.00 42.71 -37.25
CA ALA B 96 -35.74 41.33 -37.65
C ALA B 96 -34.32 40.96 -37.26
N GLU B 97 -34.17 39.96 -36.40
CA GLU B 97 -32.87 39.57 -35.87
C GLU B 97 -32.12 38.82 -36.96
N VAL B 98 -31.32 39.57 -37.72
CA VAL B 98 -30.44 38.98 -38.73
C VAL B 98 -29.42 38.09 -38.04
N ALA B 99 -29.46 36.79 -38.33
CA ALA B 99 -28.64 35.81 -37.64
C ALA B 99 -27.34 35.55 -38.41
N PHE B 100 -26.26 35.35 -37.64
CA PHE B 100 -24.94 35.02 -38.16
C PHE B 100 -24.48 33.86 -37.30
N PRO B 101 -24.78 32.63 -37.72
CA PRO B 101 -24.36 31.47 -36.92
C PRO B 101 -22.85 31.26 -37.01
N CYS B 102 -22.23 31.00 -35.87
CA CYS B 102 -20.81 30.68 -35.85
C CYS B 102 -20.57 29.24 -35.45
N TYR B 103 -21.01 28.86 -34.24
CA TYR B 103 -20.88 27.51 -33.66
C TYR B 103 -19.47 26.96 -33.86
N ARG B 104 -18.48 27.75 -33.44
CA ARG B 104 -17.09 27.42 -33.68
C ARG B 104 -16.24 28.06 -32.60
N TRP B 105 -15.04 27.49 -32.42
CA TRP B 105 -14.07 28.10 -31.52
C TRP B 105 -13.36 29.21 -32.28
N VAL B 106 -13.42 30.43 -31.75
CA VAL B 106 -12.70 31.56 -32.32
C VAL B 106 -11.26 31.47 -31.84
N GLN B 107 -10.37 30.98 -32.70
CA GLN B 107 -8.96 30.86 -32.39
C GLN B 107 -8.12 31.86 -33.18
N GLY B 108 -6.94 32.16 -32.63
CA GLY B 108 -5.99 33.04 -33.26
C GLY B 108 -6.41 34.50 -33.31
N GLU B 109 -5.53 35.29 -33.93
CA GLU B 109 -5.75 36.72 -34.12
C GLU B 109 -6.34 37.05 -35.49
N ASP B 110 -6.60 36.05 -36.33
CA ASP B 110 -7.16 36.30 -37.64
C ASP B 110 -8.64 36.66 -37.56
N ILE B 111 -9.10 37.35 -38.60
CA ILE B 111 -10.50 37.76 -38.69
C ILE B 111 -11.34 36.54 -39.08
N LEU B 112 -12.37 36.26 -38.28
CA LEU B 112 -13.33 35.21 -38.57
C LEU B 112 -14.58 35.84 -39.18
N SER B 113 -14.88 35.47 -40.41
CA SER B 113 -16.02 36.03 -41.14
C SER B 113 -17.22 35.11 -40.99
N LEU B 114 -18.31 35.65 -40.43
CA LEU B 114 -19.55 34.92 -40.27
C LEU B 114 -20.52 35.45 -41.32
N PRO B 115 -20.90 34.65 -42.31
CA PRO B 115 -21.88 35.11 -43.30
C PRO B 115 -23.27 35.22 -42.68
N GLU B 116 -24.13 35.94 -43.41
CA GLU B 116 -25.53 36.04 -43.05
C GLU B 116 -26.20 34.66 -43.09
N GLY B 117 -27.11 34.43 -42.16
CA GLY B 117 -27.58 33.09 -41.84
C GLY B 117 -28.46 32.44 -42.88
N THR B 118 -28.89 33.15 -43.91
CA THR B 118 -29.68 32.52 -44.96
C THR B 118 -28.80 31.58 -45.75
N ALA B 119 -29.22 30.33 -45.86
CA ALA B 119 -28.47 29.33 -46.61
C ALA B 119 -28.47 29.67 -48.09
N ARG B 120 -27.31 29.51 -48.73
CA ARG B 120 -27.11 29.96 -50.09
C ARG B 120 -26.37 28.90 -50.88
N LEU B 121 -26.86 28.66 -52.08
CA LEU B 121 -26.18 27.82 -53.06
C LEU B 121 -25.05 28.61 -53.71
N PRO B 122 -23.98 27.93 -54.16
CA PRO B 122 -22.95 28.63 -54.93
C PRO B 122 -23.47 29.13 -56.26
N GLY B 123 -22.96 30.29 -56.68
CA GLY B 123 -23.35 30.91 -57.91
C GLY B 123 -22.18 31.00 -58.89
N ASP B 124 -22.48 31.59 -60.05
CA ASP B 124 -21.48 31.81 -61.08
C ASP B 124 -20.92 33.21 -61.05
N ASN B 125 -21.34 34.03 -60.09
CA ASN B 125 -20.82 35.39 -59.93
C ASN B 125 -19.62 35.32 -58.99
N ALA B 126 -18.42 35.42 -59.56
CA ALA B 126 -17.19 35.37 -58.76
C ALA B 126 -17.04 36.59 -57.88
N LEU B 127 -17.53 37.75 -58.32
CA LEU B 127 -17.42 38.98 -57.56
C LEU B 127 -18.33 39.03 -56.34
N ASP B 128 -19.30 38.13 -56.24
CA ASP B 128 -20.19 38.06 -55.09
C ASP B 128 -19.40 37.75 -53.81
N MET B 129 -19.73 38.49 -52.75
CA MET B 129 -19.00 38.36 -51.48
C MET B 129 -19.20 36.99 -50.84
N PHE B 130 -20.43 36.45 -50.94
CA PHE B 130 -20.69 35.13 -50.38
C PHE B 130 -19.97 34.02 -51.16
N GLN B 131 -19.84 34.19 -52.48
CA GLN B 131 -19.08 33.24 -53.29
C GLN B 131 -17.60 33.26 -52.92
N LYS B 132 -17.03 34.45 -52.72
CA LYS B 132 -15.63 34.57 -52.32
C LYS B 132 -15.41 33.99 -50.93
N HIS B 133 -16.32 34.30 -50.00
CA HIS B 133 -16.24 33.76 -48.66
C HIS B 133 -16.34 32.24 -48.64
N ARG B 134 -17.26 31.67 -49.42
CA ARG B 134 -17.41 30.22 -49.42
C ARG B 134 -16.22 29.53 -50.09
N GLU B 135 -15.62 30.15 -51.12
CA GLU B 135 -14.39 29.57 -51.70
C GLU B 135 -13.23 29.62 -50.72
N LYS B 136 -13.06 30.75 -50.02
CA LYS B 136 -12.00 30.88 -49.02
C LYS B 136 -12.21 29.90 -47.88
N GLU B 137 -13.46 29.81 -47.40
CA GLU B 137 -13.83 28.86 -46.35
C GLU B 137 -13.54 27.43 -46.77
N LEU B 138 -13.91 27.04 -48.00
CA LEU B 138 -13.63 25.71 -48.50
C LEU B 138 -12.13 25.41 -48.56
N LYS B 139 -11.31 26.41 -48.94
CA LYS B 139 -9.86 26.21 -48.90
C LYS B 139 -9.35 25.99 -47.48
N ASP B 140 -9.80 26.84 -46.53
CA ASP B 140 -9.45 26.67 -45.12
C ASP B 140 -9.86 25.31 -44.57
N ARG B 141 -11.08 24.86 -44.91
CA ARG B 141 -11.58 23.58 -44.42
C ARG B 141 -10.82 22.42 -45.04
N GLN B 142 -10.50 22.52 -46.34
CA GLN B 142 -9.74 21.47 -47.00
C GLN B 142 -8.29 21.43 -46.55
N GLN B 143 -7.80 22.50 -45.88
CA GLN B 143 -6.50 22.41 -45.25
C GLN B 143 -6.56 21.90 -43.82
N ILE B 144 -7.64 22.17 -43.07
CA ILE B 144 -7.69 21.62 -41.71
C ILE B 144 -8.33 20.22 -41.67
N TYR B 145 -9.27 19.91 -42.57
CA TYR B 145 -9.95 18.63 -42.60
C TYR B 145 -9.35 17.81 -43.74
N CYS B 146 -8.48 16.87 -43.41
CA CYS B 146 -7.84 16.02 -44.40
C CYS B 146 -8.23 14.56 -44.20
N TRP B 147 -8.25 13.81 -45.28
CA TRP B 147 -8.50 12.38 -45.22
C TRP B 147 -7.25 11.63 -44.79
N ALA B 148 -7.44 10.54 -44.06
CA ALA B 148 -6.36 9.61 -43.73
C ALA B 148 -6.79 8.18 -44.00
N THR B 149 -5.84 7.38 -44.45
CA THR B 149 -6.03 5.94 -44.62
C THR B 149 -5.59 5.25 -43.34
N TRP B 150 -6.55 4.93 -42.47
CA TRP B 150 -6.23 4.19 -41.25
C TRP B 150 -5.79 2.77 -41.58
N LYS B 151 -6.58 2.05 -42.38
CA LYS B 151 -6.22 0.74 -42.90
C LYS B 151 -6.60 0.70 -44.38
N GLU B 152 -5.78 0.05 -45.19
CA GLU B 152 -6.09 -0.11 -46.60
C GLU B 152 -7.38 -0.92 -46.79
N GLY B 153 -8.14 -0.57 -47.81
CA GLY B 153 -9.39 -1.24 -48.10
C GLY B 153 -10.57 -0.79 -47.28
N LEU B 154 -10.35 0.04 -46.26
CA LEU B 154 -11.34 0.60 -45.37
C LEU B 154 -11.72 2.01 -45.81
N PRO B 155 -12.91 2.49 -45.43
CA PRO B 155 -13.24 3.90 -45.66
C PRO B 155 -12.29 4.82 -44.91
N LEU B 156 -11.95 5.93 -45.56
CA LEU B 156 -10.96 6.85 -45.03
C LEU B 156 -11.47 7.60 -43.80
N THR B 157 -10.53 8.01 -42.96
CA THR B 157 -10.82 8.69 -41.71
C THR B 157 -10.30 10.12 -41.75
N ILE B 158 -10.65 10.88 -40.71
CA ILE B 158 -10.07 12.20 -40.51
C ILE B 158 -8.58 12.08 -40.22
N ALA B 159 -7.78 13.00 -40.77
CA ALA B 159 -6.34 12.97 -40.53
C ALA B 159 -6.03 13.44 -39.11
N ALA B 160 -6.02 12.50 -38.18
CA ALA B 160 -5.71 12.80 -36.78
C ALA B 160 -5.15 11.54 -36.16
N ASP B 161 -3.86 11.56 -35.82
CA ASP B 161 -3.23 10.43 -35.16
C ASP B 161 -3.79 10.23 -33.76
N ARG B 162 -4.04 11.34 -33.04
CA ARG B 162 -4.64 11.33 -31.72
C ARG B 162 -5.80 12.31 -31.72
N LYS B 163 -6.57 12.28 -30.62
CA LYS B 163 -7.69 13.22 -30.46
C LYS B 163 -7.21 14.67 -30.41
N ASP B 164 -6.00 14.91 -29.91
CA ASP B 164 -5.45 16.26 -29.89
C ASP B 164 -5.07 16.76 -31.29
N ASP B 165 -4.93 15.87 -32.27
CA ASP B 165 -4.62 16.26 -33.63
C ASP B 165 -5.86 16.64 -34.43
N LEU B 166 -7.05 16.47 -33.85
CA LEU B 166 -8.29 16.80 -34.50
C LEU B 166 -8.45 18.32 -34.63
N PRO B 167 -9.24 18.77 -35.61
CA PRO B 167 -9.66 20.17 -35.63
C PRO B 167 -10.46 20.52 -34.39
N PRO B 168 -10.25 21.72 -33.83
CA PRO B 168 -10.89 22.09 -32.55
C PRO B 168 -12.40 22.10 -32.59
N ASN B 169 -13.02 22.40 -33.74
CA ASN B 169 -14.47 22.46 -33.83
C ASN B 169 -15.11 21.08 -33.80
N MET B 170 -14.33 20.03 -34.03
CA MET B 170 -14.82 18.66 -33.94
C MET B 170 -14.56 18.03 -32.59
N ARG B 171 -13.99 18.78 -31.64
CA ARG B 171 -13.64 18.22 -30.34
C ARG B 171 -14.88 18.09 -29.47
N PHE B 172 -14.79 17.17 -28.50
CA PHE B 172 -15.78 17.08 -27.44
C PHE B 172 -15.84 18.39 -26.67
N HIS B 173 -17.05 18.84 -26.36
CA HIS B 173 -17.19 19.91 -25.41
C HIS B 173 -16.99 19.38 -23.99
N GLU B 174 -16.77 20.31 -23.06
CA GLU B 174 -16.37 20.05 -21.68
C GLU B 174 -17.20 18.97 -21.00
N GLU B 175 -18.53 19.13 -20.98
CA GLU B 175 -19.42 18.17 -20.33
C GLU B 175 -19.30 16.76 -20.93
N LYS B 176 -19.24 16.66 -22.27
CA LYS B 176 -19.13 15.37 -22.93
C LYS B 176 -17.79 14.69 -22.63
N ARG B 177 -16.70 15.44 -22.72
CA ARG B 177 -15.36 14.91 -22.43
C ARG B 177 -15.23 14.46 -20.98
N LEU B 178 -15.71 15.27 -20.04
CA LEU B 178 -15.67 14.91 -18.63
C LEU B 178 -16.52 13.67 -18.34
N ASP B 179 -17.73 13.61 -18.91
CA ASP B 179 -18.59 12.43 -18.73
C ASP B 179 -17.94 11.18 -19.31
N PHE B 180 -17.36 11.29 -20.51
CA PHE B 180 -16.75 10.14 -21.18
C PHE B 180 -15.57 9.61 -20.39
N GLU B 181 -14.66 10.50 -19.98
CA GLU B 181 -13.49 10.08 -19.21
C GLU B 181 -13.87 9.56 -17.83
N TRP B 182 -14.83 10.21 -17.17
CA TRP B 182 -15.27 9.76 -15.85
C TRP B 182 -15.97 8.40 -15.92
N THR B 183 -16.78 8.16 -16.95
CA THR B 183 -17.39 6.85 -17.09
C THR B 183 -16.38 5.78 -17.50
N LEU B 184 -15.28 6.17 -18.16
CA LEU B 184 -14.20 5.20 -18.40
C LEU B 184 -13.52 4.82 -17.09
N LYS B 185 -13.29 5.80 -16.21
CA LYS B 185 -12.70 5.51 -14.91
C LYS B 185 -13.66 4.72 -14.02
N ALA B 186 -14.96 5.02 -14.11
CA ALA B 186 -15.97 4.28 -13.34
C ALA B 186 -16.09 2.84 -13.81
N GLY B 187 -16.08 2.61 -15.12
CA GLY B 187 -16.08 1.25 -15.63
C GLY B 187 -14.83 0.48 -15.27
N ALA B 188 -13.68 1.17 -15.26
CA ALA B 188 -12.43 0.52 -14.84
C ALA B 188 -12.47 0.14 -13.36
N LEU B 189 -13.01 1.03 -12.52
CA LEU B 189 -13.18 0.76 -11.10
C LEU B 189 -14.10 -0.43 -10.88
N GLU B 190 -15.28 -0.42 -11.51
CA GLU B 190 -16.24 -1.51 -11.35
C GLU B 190 -15.67 -2.83 -11.85
N MET B 191 -14.89 -2.81 -12.93
CA MET B 191 -14.30 -4.05 -13.43
C MET B 191 -13.23 -4.56 -12.47
N ALA B 192 -12.42 -3.66 -11.91
CA ALA B 192 -11.44 -4.07 -10.91
C ALA B 192 -12.11 -4.70 -9.69
N LEU B 193 -13.22 -4.11 -9.24
CA LEU B 193 -13.98 -4.68 -8.13
C LEU B 193 -14.57 -6.04 -8.47
N LYS B 194 -15.09 -6.20 -9.69
CA LYS B 194 -15.64 -7.49 -10.11
C LYS B 194 -14.55 -8.57 -10.20
N ARG B 195 -13.38 -8.21 -10.72
CA ARG B 195 -12.29 -9.17 -10.84
C ARG B 195 -11.71 -9.53 -9.48
N VAL B 196 -11.66 -8.58 -8.54
CA VAL B 196 -11.27 -8.89 -7.16
C VAL B 196 -12.30 -9.82 -6.52
N TYR B 197 -13.59 -9.58 -6.79
CA TYR B 197 -14.67 -10.38 -6.22
C TYR B 197 -14.60 -11.84 -6.66
N THR B 198 -14.26 -12.08 -7.93
CA THR B 198 -14.22 -13.42 -8.49
C THR B 198 -12.91 -14.16 -8.21
N LEU B 199 -11.95 -13.56 -7.50
CA LEU B 199 -10.70 -14.25 -7.20
C LEU B 199 -10.94 -15.43 -6.27
N LEU B 200 -11.82 -15.26 -5.28
CA LEU B 200 -12.12 -16.29 -4.29
C LEU B 200 -13.47 -16.94 -4.56
N SER B 201 -13.82 -17.11 -5.83
CA SER B 201 -15.03 -17.81 -6.22
C SER B 201 -14.74 -18.72 -7.40
N SER B 202 -15.46 -19.84 -7.45
CA SER B 202 -15.31 -20.79 -8.56
C SER B 202 -15.97 -20.25 -9.82
N TRP B 203 -15.44 -20.67 -10.97
CA TRP B 203 -16.00 -20.33 -12.28
C TRP B 203 -16.22 -21.65 -13.02
N ASN B 204 -17.32 -22.33 -12.72
CA ASN B 204 -17.60 -23.63 -13.32
C ASN B 204 -19.04 -23.84 -13.76
N CYS B 205 -19.94 -22.89 -13.53
CA CYS B 205 -21.33 -23.03 -13.92
C CYS B 205 -21.82 -21.70 -14.47
N LEU B 206 -22.96 -21.74 -15.17
CA LEU B 206 -23.54 -20.54 -15.76
C LEU B 206 -23.97 -19.54 -14.70
N GLU B 207 -24.36 -20.03 -13.52
CA GLU B 207 -24.79 -19.16 -12.42
C GLU B 207 -23.64 -18.36 -11.85
N ASP B 208 -22.39 -18.76 -12.12
CA ASP B 208 -21.24 -17.98 -11.70
C ASP B 208 -21.12 -16.68 -12.47
N PHE B 209 -21.79 -16.56 -13.62
CA PHE B 209 -21.88 -15.26 -14.28
C PHE B 209 -22.77 -14.29 -13.52
N ASP B 210 -23.56 -14.78 -12.56
CA ASP B 210 -24.26 -13.91 -11.62
C ASP B 210 -23.30 -13.15 -10.73
N GLN B 211 -22.09 -13.68 -10.50
CA GLN B 211 -21.11 -13.00 -9.65
C GLN B 211 -20.66 -11.66 -10.23
N ILE B 212 -20.69 -11.52 -11.55
CA ILE B 212 -20.33 -10.26 -12.20
C ILE B 212 -21.53 -9.53 -12.79
N PHE B 213 -22.72 -10.09 -12.75
CA PHE B 213 -23.88 -9.46 -13.39
C PHE B 213 -24.50 -8.45 -12.42
N TRP B 214 -23.84 -7.30 -12.29
CA TRP B 214 -24.35 -6.21 -11.47
C TRP B 214 -23.70 -4.89 -11.89
N GLY B 215 -24.31 -3.80 -11.43
CA GLY B 215 -23.85 -2.45 -11.69
C GLY B 215 -24.02 -1.93 -13.11
N GLN B 216 -23.48 -2.68 -14.06
CA GLN B 216 -23.57 -2.36 -15.49
C GLN B 216 -24.57 -3.30 -16.13
N LYS B 217 -25.85 -3.05 -15.86
CA LYS B 217 -26.93 -3.88 -16.39
C LYS B 217 -28.20 -3.03 -16.45
N SER B 218 -29.26 -3.63 -16.98
CA SER B 218 -30.56 -3.00 -17.09
C SER B 218 -31.63 -4.01 -16.70
N ALA B 219 -32.88 -3.54 -16.63
CA ALA B 219 -34.01 -4.43 -16.38
C ALA B 219 -34.19 -5.42 -17.53
N LEU B 220 -34.01 -4.95 -18.76
CA LEU B 220 -34.03 -5.83 -19.92
C LEU B 220 -32.89 -6.84 -19.85
N ALA B 221 -31.72 -6.42 -19.37
CA ALA B 221 -30.59 -7.34 -19.20
C ALA B 221 -30.89 -8.39 -18.14
N GLU B 222 -31.61 -8.02 -17.07
CA GLU B 222 -32.04 -9.01 -16.09
C GLU B 222 -33.03 -10.01 -16.70
N LYS B 223 -33.96 -9.52 -17.52
CA LYS B 223 -34.87 -10.41 -18.24
C LYS B 223 -34.10 -11.34 -19.19
N VAL B 224 -33.01 -10.83 -19.77
CA VAL B 224 -32.15 -11.63 -20.62
C VAL B 224 -31.45 -12.72 -19.81
N ARG B 225 -30.95 -12.38 -18.61
CA ARG B 225 -30.36 -13.37 -17.71
C ARG B 225 -31.37 -14.43 -17.32
N GLN B 226 -32.64 -14.04 -17.16
CA GLN B 226 -33.67 -15.01 -16.84
C GLN B 226 -34.04 -15.88 -18.03
N CYS B 227 -33.94 -15.37 -19.26
CA CYS B 227 -34.53 -16.07 -20.41
C CYS B 227 -33.58 -16.33 -21.57
N TRP B 228 -32.26 -16.23 -21.36
CA TRP B 228 -31.32 -16.40 -22.48
C TRP B 228 -31.32 -17.83 -23.02
N GLN B 229 -31.51 -18.83 -22.16
CA GLN B 229 -31.53 -20.22 -22.62
C GLN B 229 -32.78 -20.56 -23.42
N ASP B 230 -33.81 -19.73 -23.36
CA ASP B 230 -35.00 -19.93 -24.17
C ASP B 230 -34.66 -19.69 -25.64
N ASP B 231 -35.09 -20.63 -26.49
CA ASP B 231 -34.94 -20.49 -27.93
C ASP B 231 -35.72 -19.30 -28.48
N GLU B 232 -36.81 -18.94 -27.81
CA GLU B 232 -37.63 -17.78 -28.22
C GLU B 232 -36.84 -16.48 -28.14
N LEU B 233 -36.14 -16.25 -27.04
CA LEU B 233 -35.35 -15.03 -26.89
C LEU B 233 -34.17 -15.01 -27.85
N PHE B 234 -33.51 -16.17 -28.03
CA PHE B 234 -32.42 -16.31 -28.99
C PHE B 234 -32.88 -15.95 -30.40
N SER B 235 -34.05 -16.43 -30.79
CA SER B 235 -34.60 -16.09 -32.10
C SER B 235 -35.05 -14.63 -32.16
N TYR B 236 -35.58 -14.11 -31.05
CA TYR B 236 -36.05 -12.73 -30.97
C TYR B 236 -34.92 -11.73 -31.16
N GLN B 237 -33.72 -12.08 -30.71
CA GLN B 237 -32.57 -11.20 -30.84
C GLN B 237 -32.21 -10.88 -32.29
N PHE B 238 -32.55 -11.79 -33.22
CA PHE B 238 -32.30 -11.53 -34.63
C PHE B 238 -33.22 -10.46 -35.19
N LEU B 239 -34.43 -10.35 -34.67
CA LEU B 239 -35.37 -9.33 -35.14
C LEU B 239 -35.27 -8.03 -34.38
N ASN B 240 -35.24 -8.10 -33.04
CA ASN B 240 -35.36 -6.90 -32.21
C ASN B 240 -34.31 -6.86 -31.11
N GLY B 241 -33.19 -7.54 -31.28
CA GLY B 241 -32.10 -7.51 -30.34
C GLY B 241 -31.12 -6.39 -30.60
N ALA B 242 -29.87 -6.61 -30.17
CA ALA B 242 -28.81 -5.64 -30.41
C ALA B 242 -28.45 -5.55 -31.89
N ASN B 243 -28.57 -6.66 -32.63
CA ASN B 243 -28.16 -6.72 -34.03
C ASN B 243 -29.35 -7.18 -34.87
N PRO B 244 -30.21 -6.27 -35.30
CA PRO B 244 -31.30 -6.64 -36.20
C PRO B 244 -30.97 -6.55 -37.68
N MET B 245 -29.69 -6.43 -38.02
CA MET B 245 -29.24 -6.07 -39.37
C MET B 245 -28.86 -7.27 -40.22
N LEU B 246 -28.83 -8.47 -39.67
CA LEU B 246 -28.27 -9.62 -40.35
C LEU B 246 -29.30 -10.61 -40.85
N LEU B 247 -30.36 -10.87 -40.07
CA LEU B 247 -31.37 -11.84 -40.42
C LEU B 247 -32.09 -11.48 -41.71
N ARG B 248 -32.23 -12.45 -42.60
CA ARG B 248 -32.88 -12.24 -43.88
C ARG B 248 -33.77 -13.43 -44.19
N ARG B 249 -34.85 -13.17 -44.92
CA ARG B 249 -35.74 -14.23 -45.36
C ARG B 249 -35.06 -15.09 -46.41
N SER B 250 -35.22 -16.40 -46.30
CA SER B 250 -34.58 -17.34 -47.21
C SER B 250 -35.45 -17.49 -48.45
N THR B 251 -34.94 -17.04 -49.60
CA THR B 251 -35.58 -17.34 -50.87
C THR B 251 -35.23 -18.73 -51.36
N SER B 252 -34.18 -19.34 -50.82
CA SER B 252 -33.78 -20.70 -51.14
C SER B 252 -32.94 -21.24 -49.98
N LEU B 253 -32.81 -22.56 -49.94
CA LEU B 253 -31.92 -23.17 -48.97
C LEU B 253 -30.48 -22.76 -49.26
N PRO B 254 -29.70 -22.34 -48.25
CA PRO B 254 -28.31 -21.98 -48.50
C PRO B 254 -27.46 -23.15 -48.94
N SER B 255 -26.48 -22.84 -49.81
CA SER B 255 -25.58 -23.87 -50.32
C SER B 255 -24.73 -24.47 -49.22
N ARG B 256 -24.28 -23.64 -48.27
CA ARG B 256 -23.49 -24.11 -47.14
C ARG B 256 -24.27 -25.04 -46.21
N LEU B 257 -25.61 -24.97 -46.22
CA LEU B 257 -26.42 -25.84 -45.37
C LEU B 257 -26.42 -27.24 -45.98
N VAL B 258 -25.37 -28.01 -45.64
CA VAL B 258 -25.24 -29.38 -46.10
C VAL B 258 -25.80 -30.31 -45.04
N LEU B 259 -26.85 -31.03 -45.39
CA LEU B 259 -27.47 -31.94 -44.44
C LEU B 259 -26.90 -33.35 -44.61
N PRO B 260 -26.42 -33.98 -43.52
CA PRO B 260 -26.01 -35.38 -43.60
C PRO B 260 -27.20 -36.34 -43.73
N SER B 261 -26.91 -37.62 -43.89
CA SER B 261 -27.96 -38.63 -43.91
C SER B 261 -28.66 -38.73 -42.56
N GLY B 262 -29.94 -39.07 -42.59
CA GLY B 262 -30.76 -39.12 -41.41
C GLY B 262 -31.41 -37.81 -41.04
N MET B 263 -31.12 -36.73 -41.76
CA MET B 263 -31.74 -35.43 -41.55
C MET B 263 -32.88 -35.18 -42.52
N GLU B 264 -33.58 -36.24 -42.95
CA GLU B 264 -34.69 -36.09 -43.88
C GLU B 264 -35.86 -35.33 -43.28
N GLU B 265 -36.11 -35.51 -41.97
CA GLU B 265 -37.16 -34.75 -41.30
C GLU B 265 -36.83 -33.26 -41.26
N LEU B 266 -35.58 -32.92 -40.96
CA LEU B 266 -35.14 -31.54 -40.97
C LEU B 266 -35.18 -30.94 -42.38
N GLN B 267 -34.83 -31.75 -43.38
CA GLN B 267 -34.94 -31.31 -44.78
C GLN B 267 -36.39 -31.03 -45.17
N ALA B 268 -37.32 -31.90 -44.75
CA ALA B 268 -38.73 -31.68 -45.03
C ALA B 268 -39.25 -30.44 -44.32
N GLN B 269 -38.84 -30.22 -43.07
CA GLN B 269 -39.26 -29.01 -42.35
C GLN B 269 -38.70 -27.74 -42.99
N LEU B 270 -37.43 -27.78 -43.42
CA LEU B 270 -36.81 -26.63 -44.09
C LEU B 270 -37.50 -26.34 -45.42
N GLU B 271 -37.83 -27.38 -46.19
CA GLU B 271 -38.54 -27.19 -47.44
C GLU B 271 -39.95 -26.65 -47.22
N LYS B 272 -40.63 -27.13 -46.16
CA LYS B 272 -41.97 -26.63 -45.84
C LYS B 272 -41.94 -25.16 -45.42
N GLU B 273 -40.97 -24.77 -44.60
CA GLU B 273 -40.81 -23.37 -44.23
C GLU B 273 -40.42 -22.51 -45.44
N LEU B 274 -39.61 -23.07 -46.34
CA LEU B 274 -39.21 -22.35 -47.55
C LEU B 274 -40.39 -22.07 -48.47
N GLN B 275 -41.21 -23.10 -48.75
CA GLN B 275 -42.37 -22.89 -49.59
C GLN B 275 -43.45 -22.06 -48.88
N ASN B 276 -43.50 -22.12 -47.55
CA ASN B 276 -44.45 -21.30 -46.80
C ASN B 276 -44.02 -19.83 -46.74
N GLY B 277 -42.77 -19.53 -47.08
CA GLY B 277 -42.25 -18.19 -46.97
C GLY B 277 -41.92 -17.74 -45.57
N SER B 278 -41.90 -18.66 -44.61
CA SER B 278 -41.61 -18.36 -43.21
C SER B 278 -40.21 -18.80 -42.82
N LEU B 279 -39.37 -19.11 -43.79
CA LEU B 279 -38.00 -19.54 -43.52
C LEU B 279 -37.07 -18.34 -43.55
N PHE B 280 -36.29 -18.17 -42.50
CA PHE B 280 -35.38 -17.05 -42.36
C PHE B 280 -33.99 -17.60 -42.07
N GLU B 281 -32.97 -16.81 -42.34
CA GLU B 281 -31.61 -17.26 -42.10
C GLU B 281 -30.78 -16.10 -41.55
N ALA B 282 -29.82 -16.45 -40.70
CA ALA B 282 -28.76 -15.53 -40.31
C ALA B 282 -27.46 -16.26 -40.62
N ASP B 283 -26.82 -15.82 -41.70
CA ASP B 283 -25.59 -16.39 -42.20
C ASP B 283 -24.43 -15.51 -41.75
N PHE B 284 -23.54 -16.07 -40.95
CA PHE B 284 -22.37 -15.36 -40.44
C PHE B 284 -21.13 -15.71 -41.26
N ILE B 285 -21.32 -15.96 -42.57
CA ILE B 285 -20.27 -16.44 -43.46
C ILE B 285 -19.16 -15.42 -43.66
N LEU B 286 -19.40 -14.15 -43.32
CA LEU B 286 -18.38 -13.11 -43.42
C LEU B 286 -17.22 -13.36 -42.45
N LEU B 287 -17.45 -14.14 -41.39
CA LEU B 287 -16.44 -14.51 -40.40
C LEU B 287 -15.58 -15.70 -40.82
N ASP B 288 -15.89 -16.34 -41.95
CA ASP B 288 -15.15 -17.53 -42.36
C ASP B 288 -13.74 -17.16 -42.78
N GLY B 289 -12.74 -17.85 -42.22
CA GLY B 289 -11.36 -17.56 -42.53
C GLY B 289 -10.79 -16.35 -41.83
N ILE B 290 -11.51 -15.79 -40.86
CA ILE B 290 -11.03 -14.66 -40.08
C ILE B 290 -10.15 -15.20 -38.96
N PRO B 291 -8.88 -14.80 -38.88
CA PRO B 291 -8.03 -15.25 -37.78
C PRO B 291 -8.52 -14.74 -36.43
N ALA B 292 -8.52 -15.63 -35.45
CA ALA B 292 -9.02 -15.30 -34.14
C ALA B 292 -7.91 -14.71 -33.26
N ASN B 293 -8.32 -14.00 -32.23
CA ASN B 293 -7.40 -13.35 -31.32
C ASN B 293 -6.63 -14.36 -30.48
N VAL B 294 -5.49 -13.91 -29.97
CA VAL B 294 -4.76 -14.61 -28.92
C VAL B 294 -4.66 -13.64 -27.75
N ILE B 295 -5.40 -13.92 -26.69
CA ILE B 295 -5.50 -13.02 -25.54
C ILE B 295 -4.73 -13.64 -24.39
N ARG B 296 -3.65 -12.97 -23.98
CA ARG B 296 -2.79 -13.35 -22.85
C ARG B 296 -2.26 -14.78 -23.00
N GLY B 297 -1.84 -15.12 -24.22
CA GLY B 297 -1.36 -16.45 -24.54
C GLY B 297 -2.44 -17.49 -24.77
N GLU B 298 -3.70 -17.17 -24.51
CA GLU B 298 -4.81 -18.09 -24.73
C GLU B 298 -5.43 -17.83 -26.10
N LYS B 299 -5.53 -18.88 -26.91
CA LYS B 299 -6.09 -18.75 -28.24
C LYS B 299 -7.61 -18.63 -28.16
N GLN B 300 -8.14 -17.56 -28.77
CA GLN B 300 -9.57 -17.47 -28.98
C GLN B 300 -9.94 -18.24 -30.25
N TYR B 301 -11.24 -18.47 -30.44
CA TYR B 301 -11.72 -19.21 -31.58
C TYR B 301 -12.92 -18.51 -32.20
N LEU B 302 -13.04 -18.63 -33.52
CA LEU B 302 -14.10 -18.01 -34.28
C LEU B 302 -14.78 -19.05 -35.15
N ALA B 303 -16.05 -18.79 -35.46
CA ALA B 303 -16.82 -19.62 -36.37
C ALA B 303 -17.62 -18.73 -37.31
N ALA B 304 -18.05 -19.32 -38.43
CA ALA B 304 -19.00 -18.70 -39.35
C ALA B 304 -20.31 -19.49 -39.44
N PRO B 305 -21.17 -19.38 -38.43
CA PRO B 305 -22.38 -20.21 -38.42
C PRO B 305 -23.43 -19.76 -39.41
N LEU B 306 -24.38 -20.66 -39.65
CA LEU B 306 -25.65 -20.37 -40.28
C LEU B 306 -26.74 -20.87 -39.35
N VAL B 307 -27.67 -20.01 -38.99
CA VAL B 307 -28.82 -20.43 -38.20
C VAL B 307 -30.09 -20.20 -39.03
N MET B 308 -30.91 -21.24 -39.12
CA MET B 308 -32.16 -21.18 -39.85
C MET B 308 -33.33 -21.06 -38.88
N LEU B 309 -34.15 -20.05 -39.10
CA LEU B 309 -35.27 -19.71 -38.24
C LEU B 309 -36.56 -20.01 -38.98
N LYS B 310 -37.62 -20.30 -38.24
CA LYS B 310 -38.95 -20.42 -38.81
C LYS B 310 -39.89 -19.44 -38.11
N MET B 311 -40.73 -18.78 -38.89
CA MET B 311 -41.72 -17.86 -38.36
C MET B 311 -43.03 -18.61 -38.17
N GLU B 312 -43.38 -18.87 -36.91
CA GLU B 312 -44.66 -19.47 -36.59
C GLU B 312 -45.78 -18.45 -36.81
N PRO B 313 -47.03 -18.93 -36.95
CA PRO B 313 -48.19 -18.01 -37.08
C PRO B 313 -48.34 -16.98 -35.96
N ASN B 314 -47.91 -17.29 -34.73
CA ASN B 314 -48.00 -16.29 -33.66
C ASN B 314 -46.98 -15.11 -33.79
N GLY B 315 -46.18 -15.01 -34.85
CA GLY B 315 -45.25 -13.92 -35.03
C GLY B 315 -43.93 -14.08 -34.30
N LYS B 316 -43.66 -15.27 -33.76
CA LYS B 316 -42.41 -15.53 -33.04
C LYS B 316 -41.52 -16.43 -33.89
N LEU B 317 -40.26 -16.04 -34.03
CA LEU B 317 -39.28 -16.87 -34.69
C LEU B 317 -38.89 -18.05 -33.81
N GLN B 318 -38.61 -19.19 -34.45
CA GLN B 318 -38.14 -20.38 -33.76
C GLN B 318 -36.96 -20.98 -34.50
N PRO B 319 -35.90 -21.39 -33.78
CA PRO B 319 -34.71 -21.91 -34.46
C PRO B 319 -34.92 -23.34 -34.95
N MET B 320 -34.51 -23.58 -36.20
CA MET B 320 -34.61 -24.91 -36.77
C MET B 320 -33.29 -25.68 -36.70
N VAL B 321 -32.20 -25.06 -37.13
CA VAL B 321 -30.90 -25.74 -37.17
C VAL B 321 -29.80 -24.69 -37.07
N ILE B 322 -28.71 -25.06 -36.40
CA ILE B 322 -27.49 -24.26 -36.32
C ILE B 322 -26.35 -25.09 -36.90
N GLN B 323 -25.67 -24.53 -37.90
CA GLN B 323 -24.42 -25.06 -38.42
C GLN B 323 -23.32 -24.11 -37.98
N ILE B 324 -22.50 -24.52 -37.00
CA ILE B 324 -21.53 -23.61 -36.41
C ILE B 324 -20.40 -23.30 -37.38
N GLN B 325 -19.95 -24.29 -38.14
CA GLN B 325 -18.87 -24.02 -39.06
C GLN B 325 -19.32 -24.26 -40.49
N PRO B 326 -18.88 -23.43 -41.44
CA PRO B 326 -19.18 -23.68 -42.85
C PRO B 326 -18.46 -24.92 -43.36
N PRO B 327 -18.97 -25.57 -44.40
CA PRO B 327 -18.28 -26.73 -44.96
C PRO B 327 -16.90 -26.37 -45.51
N SER B 328 -15.98 -27.31 -45.36
CA SER B 328 -14.59 -27.18 -45.78
C SER B 328 -14.20 -28.49 -46.45
N PRO B 329 -13.10 -28.49 -47.23
CA PRO B 329 -12.57 -29.79 -47.70
C PRO B 329 -12.24 -30.75 -46.58
N SER B 330 -11.73 -30.25 -45.44
CA SER B 330 -11.45 -31.11 -44.30
C SER B 330 -12.73 -31.65 -43.67
N SER B 331 -13.77 -30.82 -43.58
CA SER B 331 -15.04 -31.20 -42.95
C SER B 331 -16.17 -30.91 -43.93
N PRO B 332 -16.44 -31.84 -44.87
CA PRO B 332 -17.51 -31.60 -45.86
C PRO B 332 -18.90 -31.48 -45.28
N THR B 333 -19.20 -32.19 -44.19
CA THR B 333 -20.51 -32.18 -43.57
C THR B 333 -20.41 -31.76 -42.11
N PRO B 334 -20.56 -30.47 -41.82
CA PRO B 334 -20.50 -30.01 -40.43
C PRO B 334 -21.71 -30.49 -39.63
N THR B 335 -21.50 -30.63 -38.32
CA THR B 335 -22.55 -31.05 -37.41
C THR B 335 -23.68 -30.04 -37.39
N LEU B 336 -24.91 -30.54 -37.52
CA LEU B 336 -26.10 -29.70 -37.55
C LEU B 336 -26.79 -29.78 -36.19
N PHE B 337 -26.68 -28.70 -35.43
CA PHE B 337 -27.26 -28.64 -34.09
C PHE B 337 -28.73 -28.24 -34.17
N LEU B 338 -29.57 -28.97 -33.45
CA LEU B 338 -31.01 -28.83 -33.45
C LEU B 338 -31.52 -28.56 -32.04
N PRO B 339 -32.68 -27.93 -31.88
CA PRO B 339 -33.25 -27.75 -30.54
C PRO B 339 -33.61 -29.05 -29.82
N SER B 340 -33.74 -30.15 -30.54
CA SER B 340 -34.05 -31.46 -29.96
C SER B 340 -32.80 -32.21 -29.51
N ASP B 341 -31.62 -31.60 -29.63
CA ASP B 341 -30.36 -32.21 -29.25
C ASP B 341 -30.23 -32.29 -27.72
N PRO B 342 -29.16 -32.93 -27.21
CA PRO B 342 -28.77 -32.69 -25.81
C PRO B 342 -28.63 -31.21 -25.51
N PRO B 343 -29.22 -30.74 -24.41
CA PRO B 343 -29.38 -29.30 -24.17
C PRO B 343 -28.08 -28.50 -24.09
N LEU B 344 -27.01 -29.10 -23.56
CA LEU B 344 -25.75 -28.37 -23.45
C LEU B 344 -25.12 -28.10 -24.82
N ALA B 345 -25.22 -29.08 -25.74
CA ALA B 345 -24.71 -28.88 -27.10
C ALA B 345 -25.49 -27.81 -27.85
N TRP B 346 -26.82 -27.83 -27.72
CA TRP B 346 -27.66 -26.83 -28.36
C TRP B 346 -27.42 -25.45 -27.76
N LEU B 347 -27.24 -25.39 -26.44
CA LEU B 347 -26.94 -24.13 -25.77
C LEU B 347 -25.60 -23.57 -26.21
N LEU B 348 -24.60 -24.44 -26.37
CA LEU B 348 -23.29 -24.01 -26.87
C LEU B 348 -23.37 -23.55 -28.31
N ALA B 349 -24.18 -24.22 -29.14
CA ALA B 349 -24.38 -23.79 -30.52
C ALA B 349 -25.05 -22.42 -30.58
N LYS B 350 -26.05 -22.20 -29.73
CA LYS B 350 -26.69 -20.88 -29.65
C LYS B 350 -25.72 -19.82 -29.16
N SER B 351 -24.85 -20.17 -28.20
CA SER B 351 -23.85 -19.23 -27.71
C SER B 351 -22.83 -18.89 -28.78
N TRP B 352 -22.46 -19.88 -29.62
CA TRP B 352 -21.58 -19.63 -30.75
C TRP B 352 -22.23 -18.70 -31.78
N VAL B 353 -23.51 -18.93 -32.08
CA VAL B 353 -24.24 -18.07 -33.01
C VAL B 353 -24.34 -16.65 -32.47
N ARG B 354 -24.63 -16.51 -31.19
CA ARG B 354 -24.72 -15.17 -30.59
C ARG B 354 -23.35 -14.49 -30.48
N ASN B 355 -22.28 -15.26 -30.24
CA ASN B 355 -20.94 -14.71 -30.28
C ASN B 355 -20.60 -14.21 -31.67
N SER B 356 -20.97 -14.95 -32.70
CA SER B 356 -20.77 -14.52 -34.08
C SER B 356 -21.61 -13.29 -34.40
N ASP B 357 -22.82 -13.22 -33.85
CA ASP B 357 -23.65 -12.03 -33.96
C ASP B 357 -23.01 -10.84 -33.28
N PHE B 358 -22.33 -11.07 -32.16
CA PHE B 358 -21.57 -10.03 -31.48
C PHE B 358 -20.45 -9.51 -32.38
N GLN B 359 -19.70 -10.42 -33.02
CA GLN B 359 -18.62 -10.03 -33.93
C GLN B 359 -19.14 -9.19 -35.10
N LEU B 360 -20.14 -9.71 -35.81
CA LEU B 360 -20.68 -9.02 -36.98
C LEU B 360 -21.43 -7.75 -36.59
N HIS B 361 -22.07 -7.74 -35.41
CA HIS B 361 -22.75 -6.55 -34.92
C HIS B 361 -21.77 -5.43 -34.66
N GLU B 362 -20.73 -5.71 -33.87
CA GLU B 362 -19.82 -4.65 -33.47
C GLU B 362 -18.93 -4.19 -34.61
N ILE B 363 -18.43 -5.12 -35.43
CA ILE B 363 -17.48 -4.71 -36.45
C ILE B 363 -18.20 -4.19 -37.70
N GLN B 364 -19.11 -4.98 -38.25
CA GLN B 364 -19.74 -4.59 -39.51
C GLN B 364 -20.83 -3.56 -39.30
N TYR B 365 -21.78 -3.85 -38.42
CA TYR B 365 -22.99 -3.03 -38.35
C TYR B 365 -22.90 -1.86 -37.38
N HIS B 366 -21.97 -1.90 -36.42
CA HIS B 366 -21.76 -0.78 -35.52
C HIS B 366 -20.57 0.08 -35.95
N LEU B 367 -19.36 -0.51 -35.96
CA LEU B 367 -18.16 0.24 -36.30
C LEU B 367 -18.17 0.71 -37.75
N LEU B 368 -18.47 -0.19 -38.68
CA LEU B 368 -18.34 0.17 -40.09
C LEU B 368 -19.57 0.88 -40.63
N ASN B 369 -20.73 0.23 -40.55
CA ASN B 369 -21.95 0.74 -41.20
C ASN B 369 -22.44 2.04 -40.59
N THR B 370 -22.24 2.25 -39.29
CA THR B 370 -22.69 3.47 -38.65
C THR B 370 -21.55 4.43 -38.34
N HIS B 371 -20.52 4.00 -37.60
CA HIS B 371 -19.49 4.94 -37.13
C HIS B 371 -18.60 5.43 -38.28
N LEU B 372 -18.03 4.50 -39.05
CA LEU B 372 -17.12 4.88 -40.12
C LEU B 372 -17.83 5.59 -41.27
N VAL B 373 -19.06 5.16 -41.59
CA VAL B 373 -19.82 5.84 -42.63
C VAL B 373 -20.18 7.26 -42.21
N ALA B 374 -20.59 7.44 -40.95
CA ALA B 374 -20.85 8.79 -40.44
C ALA B 374 -19.58 9.63 -40.37
N GLU B 375 -18.42 9.00 -40.17
CA GLU B 375 -17.18 9.76 -40.15
C GLU B 375 -16.77 10.19 -41.55
N VAL B 376 -17.03 9.34 -42.55
CA VAL B 376 -16.82 9.71 -43.95
C VAL B 376 -17.74 10.86 -44.34
N ILE B 377 -19.01 10.77 -43.94
CA ILE B 377 -19.98 11.85 -44.17
C ILE B 377 -19.54 13.13 -43.48
N ALA B 378 -19.03 13.02 -42.24
CA ALA B 378 -18.59 14.19 -41.48
C ALA B 378 -17.41 14.88 -42.15
N VAL B 379 -16.38 14.10 -42.53
CA VAL B 379 -15.19 14.68 -43.13
C VAL B 379 -15.51 15.30 -44.49
N ALA B 380 -16.30 14.60 -45.32
CA ALA B 380 -16.68 15.13 -46.62
C ALA B 380 -17.55 16.38 -46.51
N THR B 381 -18.47 16.39 -45.53
CA THR B 381 -19.30 17.56 -45.26
C THR B 381 -18.46 18.76 -44.85
N MET B 382 -17.44 18.54 -44.01
CA MET B 382 -16.58 19.65 -43.64
C MET B 382 -15.68 20.09 -44.79
N ARG B 383 -15.23 19.16 -45.63
CA ARG B 383 -14.29 19.52 -46.69
C ARG B 383 -14.96 20.23 -47.85
N CYS B 384 -16.15 19.80 -48.26
CA CYS B 384 -16.70 20.27 -49.52
C CYS B 384 -17.91 21.18 -49.37
N LEU B 385 -18.57 21.16 -48.23
CA LEU B 385 -19.77 21.96 -48.03
C LEU B 385 -19.46 23.17 -47.15
N PRO B 386 -19.48 24.38 -47.69
CA PRO B 386 -19.19 25.57 -46.88
C PRO B 386 -20.32 25.88 -45.90
N GLY B 387 -20.00 26.74 -44.92
CA GLY B 387 -20.98 27.17 -43.93
C GLY B 387 -22.23 27.80 -44.50
N LEU B 388 -22.12 28.46 -45.65
CA LEU B 388 -23.28 29.02 -46.33
C LEU B 388 -24.19 27.96 -46.92
N HIS B 389 -23.67 26.78 -47.22
CA HIS B 389 -24.43 25.77 -47.97
C HIS B 389 -25.57 25.20 -47.14
N PRO B 390 -26.78 25.08 -47.71
CA PRO B 390 -27.90 24.48 -46.96
C PRO B 390 -27.69 23.05 -46.55
N ILE B 391 -27.00 22.25 -47.37
CA ILE B 391 -26.80 20.84 -47.04
C ILE B 391 -25.83 20.72 -45.88
N PHE B 392 -24.85 21.63 -45.78
CA PHE B 392 -23.95 21.66 -44.64
C PHE B 392 -24.71 22.00 -43.36
N LYS B 393 -25.56 23.03 -43.41
CA LYS B 393 -26.33 23.43 -42.24
C LYS B 393 -27.31 22.34 -41.84
N PHE B 394 -27.80 21.59 -42.82
CA PHE B 394 -28.65 20.45 -42.55
C PHE B 394 -27.89 19.32 -41.86
N LEU B 395 -26.65 19.06 -42.30
CA LEU B 395 -25.90 17.90 -41.84
C LEU B 395 -25.06 18.12 -40.59
N ILE B 396 -24.62 19.37 -40.34
CA ILE B 396 -23.73 19.64 -39.20
C ILE B 396 -24.25 19.21 -37.83
N PRO B 397 -25.56 19.27 -37.47
CA PRO B 397 -25.94 18.68 -36.17
C PRO B 397 -25.82 17.17 -36.16
N HIS B 398 -25.87 16.51 -37.31
CA HIS B 398 -25.86 15.07 -37.39
C HIS B 398 -24.46 14.51 -37.55
N ILE B 399 -23.43 15.34 -37.57
CA ILE B 399 -22.05 14.88 -37.60
C ILE B 399 -21.29 15.34 -36.36
N ARG B 400 -22.00 15.80 -35.34
CA ARG B 400 -21.40 16.25 -34.09
C ARG B 400 -20.76 15.09 -33.35
N TYR B 401 -19.50 15.27 -32.95
CA TYR B 401 -18.67 14.39 -32.12
C TYR B 401 -18.27 13.10 -32.83
N THR B 402 -18.61 12.93 -34.11
CA THR B 402 -18.35 11.69 -34.84
C THR B 402 -16.85 11.48 -35.05
N MET B 403 -16.13 12.54 -35.43
CA MET B 403 -14.70 12.44 -35.67
C MET B 403 -13.94 12.07 -34.40
N GLU B 404 -14.30 12.68 -33.26
CA GLU B 404 -13.57 12.39 -32.04
C GLU B 404 -13.90 10.98 -31.51
N ILE B 405 -15.17 10.57 -31.61
CA ILE B 405 -15.51 9.23 -31.12
C ILE B 405 -14.84 8.15 -31.99
N ASN B 406 -14.72 8.39 -33.30
CA ASN B 406 -13.98 7.46 -34.14
C ASN B 406 -12.48 7.53 -33.90
N THR B 407 -11.95 8.71 -33.58
CA THR B 407 -10.52 8.83 -33.27
C THR B 407 -10.18 8.15 -31.96
N ARG B 408 -11.03 8.31 -30.94
CA ARG B 408 -10.84 7.64 -29.66
C ARG B 408 -10.98 6.14 -29.80
N ALA B 409 -11.90 5.68 -30.67
CA ALA B 409 -11.99 4.26 -30.97
C ALA B 409 -10.72 3.74 -31.62
N ARG B 410 -10.20 4.48 -32.60
CA ARG B 410 -9.00 4.05 -33.32
C ARG B 410 -7.74 4.11 -32.46
N THR B 411 -7.66 5.04 -31.51
CA THR B 411 -6.48 5.13 -30.65
C THR B 411 -6.55 4.19 -29.45
N GLN B 412 -7.75 3.96 -28.90
CA GLN B 412 -7.87 3.26 -27.63
C GLN B 412 -8.52 1.90 -27.77
N LEU B 413 -9.62 1.81 -28.51
CA LEU B 413 -10.39 0.57 -28.54
C LEU B 413 -9.88 -0.42 -29.58
N ILE B 414 -9.80 -0.01 -30.85
CA ILE B 414 -9.57 -0.93 -31.95
C ILE B 414 -8.16 -0.80 -32.50
N SER B 415 -7.25 -0.16 -31.75
CA SER B 415 -5.86 -0.10 -32.13
C SER B 415 -5.18 -1.45 -31.95
N ASP B 416 -3.95 -1.54 -32.42
CA ASP B 416 -3.13 -2.73 -32.21
C ASP B 416 -2.72 -2.77 -30.74
N GLY B 417 -3.28 -3.73 -30.00
CA GLY B 417 -3.11 -3.77 -28.57
C GLY B 417 -4.19 -3.06 -27.80
N GLY B 418 -5.21 -2.54 -28.49
CA GLY B 418 -6.31 -1.84 -27.87
C GLY B 418 -7.22 -2.77 -27.08
N ILE B 419 -8.32 -2.18 -26.58
CA ILE B 419 -9.26 -2.90 -25.75
C ILE B 419 -10.00 -3.99 -26.52
N PHE B 420 -10.10 -3.85 -27.84
CA PHE B 420 -10.74 -4.85 -28.68
C PHE B 420 -9.86 -6.08 -28.80
N ASP B 421 -8.55 -5.91 -28.64
CA ASP B 421 -7.64 -7.04 -28.62
C ASP B 421 -7.54 -7.67 -27.23
N LYS B 422 -8.24 -7.12 -26.24
CA LYS B 422 -8.17 -7.66 -24.89
C LYS B 422 -9.35 -8.54 -24.52
N ALA B 423 -10.47 -8.43 -25.22
CA ALA B 423 -11.65 -9.21 -24.87
C ALA B 423 -12.28 -9.94 -26.04
N VAL B 424 -12.15 -9.39 -27.24
CA VAL B 424 -12.96 -9.83 -28.37
C VAL B 424 -12.17 -10.81 -29.22
N SER B 425 -12.85 -11.85 -29.72
CA SER B 425 -12.20 -12.90 -30.52
C SER B 425 -11.73 -12.41 -31.88
N THR B 426 -12.43 -11.45 -32.49
CA THR B 426 -11.99 -10.94 -33.79
C THR B 426 -10.79 -10.02 -33.70
N GLY B 427 -10.43 -9.53 -32.51
CA GLY B 427 -9.30 -8.66 -32.32
C GLY B 427 -7.93 -9.23 -32.68
N GLY B 428 -6.91 -8.39 -32.59
CA GLY B 428 -5.56 -8.81 -32.92
C GLY B 428 -5.22 -8.78 -34.40
N GLY B 429 -6.05 -8.15 -35.23
CA GLY B 429 -5.81 -8.04 -36.66
C GLY B 429 -6.92 -8.63 -37.50
N GLY B 430 -7.57 -9.70 -37.02
CA GLY B 430 -8.68 -10.29 -37.74
C GLY B 430 -9.88 -9.37 -37.90
N HIS B 431 -10.09 -8.46 -36.95
CA HIS B 431 -11.18 -7.50 -37.06
C HIS B 431 -10.96 -6.50 -38.19
N VAL B 432 -9.70 -6.19 -38.51
CA VAL B 432 -9.41 -5.30 -39.63
C VAL B 432 -9.74 -5.99 -40.95
N GLN B 433 -9.41 -7.28 -41.07
CA GLN B 433 -9.79 -8.05 -42.26
C GLN B 433 -11.30 -8.21 -42.36
N LEU B 434 -11.98 -8.40 -41.22
CA LEU B 434 -13.43 -8.46 -41.20
C LEU B 434 -14.05 -7.13 -41.59
N LEU B 435 -13.42 -6.02 -41.18
CA LEU B 435 -13.85 -4.69 -41.59
C LEU B 435 -13.69 -4.50 -43.09
N ARG B 436 -12.59 -5.02 -43.67
CA ARG B 436 -12.39 -4.94 -45.11
C ARG B 436 -13.44 -5.75 -45.86
N ARG B 437 -13.74 -6.96 -45.38
CA ARG B 437 -14.75 -7.80 -45.99
C ARG B 437 -16.13 -7.18 -45.91
N ALA B 438 -16.46 -6.57 -44.76
CA ALA B 438 -17.74 -5.91 -44.61
C ALA B 438 -17.80 -4.63 -45.43
N ALA B 439 -16.65 -3.97 -45.62
CA ALA B 439 -16.59 -2.79 -46.48
C ALA B 439 -16.87 -3.17 -47.93
N ALA B 440 -16.40 -4.34 -48.36
CA ALA B 440 -16.79 -4.84 -49.67
C ALA B 440 -18.29 -5.14 -49.75
N GLN B 441 -18.88 -5.56 -48.63
CA GLN B 441 -20.32 -5.76 -48.51
C GLN B 441 -21.08 -4.49 -48.12
N LEU B 442 -20.40 -3.39 -47.85
CA LEU B 442 -21.05 -2.16 -47.44
C LEU B 442 -21.61 -1.48 -48.69
N THR B 443 -22.87 -1.78 -48.99
CA THR B 443 -23.55 -1.21 -50.13
C THR B 443 -24.45 -0.06 -49.70
N TYR B 444 -24.79 0.77 -50.69
CA TYR B 444 -25.76 1.85 -50.46
C TYR B 444 -27.13 1.27 -50.13
N CYS B 445 -27.47 0.14 -50.74
CA CYS B 445 -28.72 -0.56 -50.46
C CYS B 445 -28.81 -1.02 -49.02
N SER B 446 -27.67 -1.40 -48.42
CA SER B 446 -27.67 -1.93 -47.07
C SER B 446 -27.90 -0.86 -46.01
N LEU B 447 -27.63 0.40 -46.35
CA LEU B 447 -27.71 1.49 -45.38
C LEU B 447 -29.06 2.20 -45.42
N CYS B 448 -29.95 1.80 -46.32
CA CYS B 448 -31.26 2.41 -46.50
C CYS B 448 -32.32 1.39 -46.12
N PRO B 449 -32.98 1.57 -44.96
CA PRO B 449 -33.97 0.59 -44.44
C PRO B 449 -35.00 0.10 -45.46
N PRO B 450 -35.67 0.94 -46.30
CA PRO B 450 -36.64 0.34 -47.24
C PRO B 450 -36.01 -0.70 -48.16
N ASP B 451 -34.83 -0.38 -48.68
CA ASP B 451 -34.14 -1.27 -49.61
C ASP B 451 -33.50 -2.43 -48.87
N ASP B 452 -32.92 -2.18 -47.69
CA ASP B 452 -32.28 -3.24 -46.92
C ASP B 452 -33.30 -4.26 -46.42
N LEU B 453 -34.49 -3.79 -46.03
CA LEU B 453 -35.51 -4.69 -45.50
C LEU B 453 -36.27 -5.37 -46.63
N ALA B 454 -36.38 -4.73 -47.79
CA ALA B 454 -36.96 -5.40 -48.94
C ALA B 454 -36.03 -6.49 -49.44
N ASP B 455 -34.72 -6.20 -49.47
CA ASP B 455 -33.73 -7.18 -49.88
C ASP B 455 -33.66 -8.34 -48.89
N ARG B 456 -33.77 -8.07 -47.59
CA ARG B 456 -33.77 -9.11 -46.58
C ARG B 456 -35.15 -9.71 -46.34
N GLY B 457 -36.19 -9.22 -47.01
CA GLY B 457 -37.51 -9.81 -46.88
C GLY B 457 -38.19 -9.61 -45.55
N LEU B 458 -37.77 -8.60 -44.78
CA LEU B 458 -38.33 -8.35 -43.46
C LEU B 458 -39.50 -7.38 -43.47
N LEU B 459 -39.91 -6.93 -44.65
CA LEU B 459 -41.05 -6.03 -44.78
C LEU B 459 -42.35 -6.72 -44.37
N GLY B 460 -43.19 -6.01 -43.62
CA GLY B 460 -44.49 -6.52 -43.24
C GLY B 460 -44.48 -7.56 -42.13
N LEU B 461 -43.36 -7.79 -41.48
CA LEU B 461 -43.32 -8.75 -40.38
C LEU B 461 -43.88 -8.10 -39.11
N PRO B 462 -44.94 -8.68 -38.51
CA PRO B 462 -45.51 -8.08 -37.28
C PRO B 462 -44.56 -8.03 -36.10
N GLY B 463 -43.70 -9.03 -35.95
CA GLY B 463 -42.78 -9.05 -34.82
C GLY B 463 -41.47 -8.36 -35.03
N ALA B 464 -41.21 -7.85 -36.25
CA ALA B 464 -39.98 -7.11 -36.53
C ALA B 464 -40.20 -5.66 -36.13
N LEU B 465 -40.05 -5.40 -34.83
CA LEU B 465 -40.29 -4.08 -34.27
C LEU B 465 -39.26 -3.07 -34.76
N TYR B 466 -38.00 -3.52 -34.92
CA TYR B 466 -36.97 -2.68 -35.52
C TYR B 466 -37.34 -2.27 -36.94
N ALA B 467 -37.85 -3.22 -37.73
CA ALA B 467 -38.19 -2.94 -39.12
C ALA B 467 -39.30 -1.90 -39.23
N HIS B 468 -40.35 -2.04 -38.41
CA HIS B 468 -41.45 -1.08 -38.40
C HIS B 468 -40.97 0.30 -37.96
N ASP B 469 -40.22 0.36 -36.84
CA ASP B 469 -39.70 1.61 -36.34
C ASP B 469 -38.72 2.27 -37.32
N ALA B 470 -37.91 1.45 -38.01
CA ALA B 470 -36.94 1.97 -38.96
C ALA B 470 -37.61 2.52 -40.21
N LEU B 471 -38.67 1.86 -40.71
CA LEU B 471 -39.41 2.42 -41.84
C LEU B 471 -40.13 3.70 -41.48
N ARG B 472 -40.73 3.75 -40.28
CA ARG B 472 -41.35 4.99 -39.81
C ARG B 472 -40.34 6.12 -39.66
N LEU B 473 -39.17 5.81 -39.09
CA LEU B 473 -38.11 6.81 -38.95
C LEU B 473 -37.58 7.24 -40.30
N TRP B 474 -37.49 6.31 -41.26
CA TRP B 474 -37.03 6.66 -42.60
C TRP B 474 -38.00 7.58 -43.30
N GLU B 475 -39.31 7.32 -43.22
CA GLU B 475 -40.26 8.20 -43.89
C GLU B 475 -40.33 9.57 -43.20
N ILE B 476 -40.20 9.62 -41.87
CA ILE B 476 -40.21 10.90 -41.16
C ILE B 476 -38.95 11.71 -41.49
N ILE B 477 -37.78 11.05 -41.45
CA ILE B 477 -36.51 11.71 -41.79
C ILE B 477 -36.50 12.11 -43.26
N ALA B 478 -37.08 11.29 -44.12
CA ALA B 478 -37.19 11.61 -45.55
C ALA B 478 -38.09 12.81 -45.78
N ARG B 479 -39.17 12.94 -45.00
CA ARG B 479 -40.00 14.14 -45.05
C ARG B 479 -39.21 15.38 -44.66
N TYR B 480 -38.39 15.27 -43.61
CA TYR B 480 -37.51 16.37 -43.19
C TYR B 480 -36.50 16.73 -44.29
N VAL B 481 -35.89 15.70 -44.88
CA VAL B 481 -34.90 15.89 -45.95
C VAL B 481 -35.52 16.56 -47.16
N GLU B 482 -36.67 16.04 -47.61
CA GLU B 482 -37.33 16.59 -48.79
C GLU B 482 -37.84 18.00 -48.53
N GLY B 483 -38.27 18.31 -47.30
CA GLY B 483 -38.62 19.67 -46.96
C GLY B 483 -37.47 20.64 -47.12
N ILE B 484 -36.30 20.28 -46.57
CA ILE B 484 -35.11 21.13 -46.68
C ILE B 484 -34.64 21.25 -48.14
N VAL B 485 -34.55 20.11 -48.84
CA VAL B 485 -34.04 20.09 -50.20
C VAL B 485 -34.97 20.85 -51.15
N HIS B 486 -36.29 20.59 -51.07
CA HIS B 486 -37.25 21.31 -51.90
C HIS B 486 -37.32 22.79 -51.53
N LEU B 487 -36.99 23.14 -50.29
CA LEU B 487 -36.82 24.55 -49.95
C LEU B 487 -35.63 25.17 -50.69
N PHE B 488 -34.54 24.43 -50.85
CA PHE B 488 -33.36 25.02 -51.47
C PHE B 488 -33.01 24.52 -52.86
N TYR B 489 -33.56 23.39 -53.30
CA TYR B 489 -33.31 22.86 -54.65
C TYR B 489 -34.66 22.71 -55.34
N GLN B 490 -35.07 23.74 -56.08
CA GLN B 490 -36.40 23.73 -56.69
C GLN B 490 -36.47 22.78 -57.89
N ARG B 491 -35.36 22.59 -58.60
CA ARG B 491 -35.35 21.80 -59.83
C ARG B 491 -34.19 20.82 -59.81
N ASP B 492 -34.25 19.85 -60.75
CA ASP B 492 -33.19 18.86 -60.89
C ASP B 492 -31.89 19.49 -61.39
N ASP B 493 -31.97 20.44 -62.34
CA ASP B 493 -30.79 21.11 -62.84
C ASP B 493 -30.12 22.00 -61.80
N ILE B 494 -30.88 22.45 -60.80
CA ILE B 494 -30.28 23.17 -59.67
C ILE B 494 -29.43 22.22 -58.84
N VAL B 495 -29.90 20.98 -58.67
CA VAL B 495 -29.11 19.96 -57.98
C VAL B 495 -27.86 19.61 -58.79
N LYS B 496 -28.02 19.43 -60.10
CA LYS B 496 -26.88 19.14 -60.97
C LYS B 496 -25.91 20.31 -61.04
N GLY B 497 -26.42 21.53 -61.07
CA GLY B 497 -25.62 22.73 -61.23
C GLY B 497 -24.88 23.22 -60.01
N ASP B 498 -25.00 22.54 -58.87
CA ASP B 498 -24.33 22.84 -57.61
C ASP B 498 -22.97 22.15 -57.58
N PRO B 499 -21.87 22.86 -57.82
CA PRO B 499 -20.55 22.19 -57.84
C PRO B 499 -20.10 21.69 -56.48
N GLU B 500 -20.45 22.41 -55.40
CA GLU B 500 -20.05 21.99 -54.06
C GLU B 500 -20.76 20.71 -53.63
N LEU B 501 -22.05 20.59 -53.98
CA LEU B 501 -22.80 19.37 -53.68
C LEU B 501 -22.24 18.16 -54.44
N GLN B 502 -21.89 18.35 -55.72
CA GLN B 502 -21.29 17.26 -56.50
C GLN B 502 -19.91 16.89 -55.96
N ALA B 503 -19.14 17.90 -55.51
CA ALA B 503 -17.84 17.62 -54.89
C ALA B 503 -18.01 16.86 -53.58
N TRP B 504 -19.05 17.18 -52.80
CA TRP B 504 -19.35 16.44 -51.57
C TRP B 504 -19.76 15.00 -51.86
N CYS B 505 -20.56 14.81 -52.91
CA CYS B 505 -20.97 13.47 -53.33
C CYS B 505 -19.76 12.64 -53.77
N ARG B 506 -18.87 13.23 -54.56
CA ARG B 506 -17.63 12.56 -54.94
C ARG B 506 -16.74 12.28 -53.74
N GLU B 507 -16.69 13.22 -52.80
CA GLU B 507 -15.86 13.06 -51.60
C GLU B 507 -16.33 11.91 -50.74
N ILE B 508 -17.66 11.71 -50.62
CA ILE B 508 -18.14 10.51 -49.94
C ILE B 508 -17.85 9.27 -50.77
N THR B 509 -18.21 9.28 -52.06
CA THR B 509 -18.21 8.04 -52.83
C THR B 509 -16.82 7.68 -53.35
N GLU B 510 -16.23 8.57 -54.16
CA GLU B 510 -14.92 8.30 -54.75
C GLU B 510 -13.82 8.30 -53.70
N VAL B 511 -13.88 9.22 -52.73
CA VAL B 511 -12.75 9.45 -51.85
C VAL B 511 -12.95 8.77 -50.50
N GLY B 512 -13.99 9.19 -49.78
CA GLY B 512 -14.18 8.73 -48.41
C GLY B 512 -14.48 7.25 -48.29
N LEU B 513 -15.38 6.74 -49.13
CA LEU B 513 -15.74 5.33 -49.08
C LEU B 513 -14.90 4.47 -50.03
N CYS B 514 -13.89 5.06 -50.67
CA CYS B 514 -12.85 4.36 -51.44
C CYS B 514 -13.44 3.59 -52.64
N GLN B 515 -13.95 4.40 -53.58
CA GLN B 515 -14.50 3.94 -54.87
C GLN B 515 -15.73 3.07 -54.67
N ALA B 516 -16.74 3.66 -54.02
CA ALA B 516 -18.00 2.99 -53.71
C ALA B 516 -19.00 2.98 -54.87
N GLN B 517 -18.54 3.20 -56.11
CA GLN B 517 -19.43 3.19 -57.27
C GLN B 517 -20.07 1.82 -57.47
N ASP B 518 -19.24 0.77 -57.48
CA ASP B 518 -19.70 -0.61 -57.57
C ASP B 518 -20.66 -1.02 -56.46
N ARG B 519 -20.63 -0.36 -55.32
CA ARG B 519 -21.48 -0.69 -54.19
C ARG B 519 -22.73 0.19 -54.12
N GLY B 520 -23.13 0.76 -55.26
CA GLY B 520 -24.39 1.47 -55.37
C GLY B 520 -24.38 2.90 -54.88
N PHE B 521 -23.27 3.40 -54.36
CA PHE B 521 -23.23 4.79 -53.94
C PHE B 521 -23.10 5.70 -55.16
N PRO B 522 -23.79 6.84 -55.19
CA PRO B 522 -23.78 7.68 -56.38
C PRO B 522 -22.52 8.53 -56.49
N VAL B 523 -22.04 8.71 -57.71
CA VAL B 523 -20.95 9.64 -57.95
C VAL B 523 -21.45 11.06 -58.12
N SER B 524 -22.75 11.24 -58.34
CA SER B 524 -23.32 12.56 -58.61
C SER B 524 -24.80 12.50 -58.27
N PHE B 525 -25.40 13.67 -58.16
CA PHE B 525 -26.84 13.80 -57.97
C PHE B 525 -27.44 14.39 -59.25
N GLN B 526 -28.35 13.64 -59.87
CA GLN B 526 -28.97 14.07 -61.12
C GLN B 526 -30.38 14.59 -60.91
N SER B 527 -30.91 14.51 -59.69
CA SER B 527 -32.29 14.91 -59.42
C SER B 527 -32.40 15.25 -57.93
N GLN B 528 -33.50 15.91 -57.60
CA GLN B 528 -33.79 16.21 -56.19
C GLN B 528 -34.03 14.94 -55.39
N SER B 529 -34.72 13.95 -55.99
CA SER B 529 -35.08 12.72 -55.28
C SER B 529 -33.85 11.90 -54.91
N GLN B 530 -32.86 11.83 -55.79
CA GLN B 530 -31.63 11.10 -55.52
C GLN B 530 -30.86 11.72 -54.35
N LEU B 531 -30.76 13.06 -54.35
CA LEU B 531 -30.14 13.78 -53.25
C LEU B 531 -30.92 13.58 -51.95
N CYS B 532 -32.25 13.58 -52.05
CA CYS B 532 -33.11 13.37 -50.89
C CYS B 532 -32.91 11.99 -50.28
N HIS B 533 -32.82 10.96 -51.14
CA HIS B 533 -32.60 9.61 -50.67
C HIS B 533 -31.22 9.45 -50.04
N PHE B 534 -30.20 10.06 -50.65
CA PHE B 534 -28.84 9.99 -50.10
C PHE B 534 -28.73 10.72 -48.76
N LEU B 535 -29.36 11.89 -48.64
CA LEU B 535 -29.32 12.62 -47.36
C LEU B 535 -30.14 11.92 -46.30
N THR B 536 -31.26 11.28 -46.68
CA THR B 536 -32.02 10.46 -45.74
C THR B 536 -31.18 9.30 -45.24
N MET B 537 -30.40 8.67 -46.13
CA MET B 537 -29.45 7.64 -45.73
C MET B 537 -28.42 8.18 -44.75
N CYS B 538 -27.89 9.37 -45.04
CA CYS B 538 -26.89 9.99 -44.16
C CYS B 538 -27.44 10.25 -42.76
N VAL B 539 -28.63 10.86 -42.69
CA VAL B 539 -29.23 11.18 -41.39
C VAL B 539 -29.62 9.91 -40.64
N PHE B 540 -30.17 8.91 -41.33
CA PHE B 540 -30.54 7.66 -40.66
C PHE B 540 -29.31 6.92 -40.13
N THR B 541 -28.23 6.86 -40.92
CA THR B 541 -26.98 6.26 -40.47
C THR B 541 -26.41 7.02 -39.27
N CYS B 542 -26.44 8.34 -39.32
CA CYS B 542 -25.87 9.13 -38.23
C CYS B 542 -26.74 9.12 -36.97
N THR B 543 -28.05 8.95 -37.11
CA THR B 543 -28.92 9.02 -35.95
C THR B 543 -29.60 7.70 -35.63
N ALA B 544 -30.41 7.17 -36.55
CA ALA B 544 -31.33 6.09 -36.20
C ALA B 544 -30.70 4.71 -36.30
N GLN B 545 -29.91 4.46 -37.35
CA GLN B 545 -29.21 3.18 -37.47
C GLN B 545 -28.22 2.97 -36.32
N HIS B 546 -27.49 4.03 -35.96
CA HIS B 546 -26.57 3.95 -34.82
C HIS B 546 -27.30 3.73 -33.51
N ALA B 547 -28.45 4.40 -33.32
CA ALA B 547 -29.25 4.19 -32.11
C ALA B 547 -29.77 2.75 -32.04
N ALA B 548 -30.20 2.19 -33.18
CA ALA B 548 -30.67 0.81 -33.20
C ALA B 548 -29.53 -0.16 -32.93
N ILE B 549 -28.34 0.11 -33.47
CA ILE B 549 -27.24 -0.84 -33.39
C ILE B 549 -26.36 -0.60 -32.16
N ASN B 550 -26.68 0.42 -31.36
CA ASN B 550 -25.83 0.86 -30.27
C ASN B 550 -26.51 0.84 -28.91
N GLN B 551 -27.79 1.20 -28.83
CA GLN B 551 -28.46 1.28 -27.52
C GLN B 551 -28.70 -0.08 -26.89
N GLY B 552 -28.74 -1.14 -27.69
CA GLY B 552 -29.01 -2.48 -27.20
C GLY B 552 -27.83 -3.23 -26.66
N GLN B 553 -26.66 -2.60 -26.60
CA GLN B 553 -25.45 -3.27 -26.15
C GLN B 553 -25.54 -3.72 -24.69
N LEU B 554 -26.01 -2.83 -23.80
CA LEU B 554 -26.14 -3.22 -22.39
C LEU B 554 -27.32 -4.16 -22.17
N ASP B 555 -28.42 -3.94 -22.89
CA ASP B 555 -29.61 -4.76 -22.73
C ASP B 555 -29.36 -6.22 -23.11
N TRP B 556 -28.58 -6.46 -24.15
CA TRP B 556 -28.40 -7.80 -24.67
C TRP B 556 -27.02 -8.37 -24.38
N TYR B 557 -26.06 -7.54 -23.96
CA TYR B 557 -24.67 -7.96 -23.81
C TYR B 557 -24.16 -7.93 -22.38
N ALA B 558 -24.90 -7.36 -21.43
CA ALA B 558 -24.49 -7.41 -20.02
C ALA B 558 -24.49 -8.84 -19.52
N TRP B 559 -25.49 -9.62 -19.89
CA TRP B 559 -25.44 -11.05 -19.65
C TRP B 559 -24.52 -11.64 -20.71
N VAL B 560 -23.27 -11.87 -20.30
CA VAL B 560 -22.25 -12.35 -21.24
C VAL B 560 -22.56 -13.70 -21.90
N PRO B 561 -23.10 -14.73 -21.20
CA PRO B 561 -23.51 -15.94 -21.93
C PRO B 561 -24.55 -15.75 -23.02
N ASN B 562 -25.39 -14.70 -22.91
CA ASN B 562 -26.33 -14.40 -23.98
C ASN B 562 -25.63 -13.99 -25.27
N ALA B 563 -24.45 -13.36 -25.18
CA ALA B 563 -23.70 -12.96 -26.37
C ALA B 563 -22.22 -12.84 -26.04
N PRO B 564 -21.48 -13.95 -26.10
CA PRO B 564 -20.04 -13.93 -25.77
C PRO B 564 -19.22 -13.03 -26.68
N CYS B 565 -18.35 -12.22 -26.06
CA CYS B 565 -17.41 -11.41 -26.83
C CYS B 565 -16.33 -12.25 -27.47
N THR B 566 -16.05 -13.42 -26.91
CA THR B 566 -15.03 -14.31 -27.44
C THR B 566 -15.40 -15.74 -27.08
N MET B 567 -14.74 -16.68 -27.74
CA MET B 567 -14.86 -18.09 -27.41
C MET B 567 -13.47 -18.66 -27.18
N ARG B 568 -13.27 -19.32 -26.05
CA ARG B 568 -11.95 -19.80 -25.67
C ARG B 568 -11.74 -21.27 -25.95
N MET B 569 -12.70 -21.93 -26.59
CA MET B 569 -12.60 -23.33 -27.00
C MET B 569 -13.00 -23.46 -28.46
N PRO B 570 -12.51 -24.48 -29.15
CA PRO B 570 -12.96 -24.73 -30.52
C PRO B 570 -14.43 -25.08 -30.55
N PRO B 571 -15.14 -24.76 -31.63
CA PRO B 571 -16.57 -25.10 -31.75
C PRO B 571 -16.80 -26.59 -31.70
N PRO B 572 -17.88 -27.03 -31.05
CA PRO B 572 -18.17 -28.47 -30.95
C PRO B 572 -18.47 -29.09 -32.31
N THR B 573 -17.98 -30.31 -32.49
CA THR B 573 -18.26 -31.11 -33.68
C THR B 573 -19.15 -32.31 -33.38
N THR B 574 -19.36 -32.62 -32.11
CA THR B 574 -20.26 -33.69 -31.69
C THR B 574 -21.17 -33.14 -30.59
N LYS B 575 -22.36 -33.73 -30.49
CA LYS B 575 -23.35 -33.25 -29.53
C LYS B 575 -23.22 -33.92 -28.16
N GLU B 576 -22.83 -35.19 -28.13
CA GLU B 576 -22.76 -35.93 -26.88
C GLU B 576 -21.56 -35.55 -26.02
N ASP B 577 -20.53 -34.95 -26.61
CA ASP B 577 -19.31 -34.62 -25.89
C ASP B 577 -19.35 -33.25 -25.23
N VAL B 578 -20.46 -32.53 -25.32
CA VAL B 578 -20.57 -31.20 -24.76
C VAL B 578 -21.09 -31.31 -23.33
N THR B 579 -20.31 -30.82 -22.38
CA THR B 579 -20.66 -30.81 -20.97
C THR B 579 -20.73 -29.36 -20.49
N MET B 580 -21.05 -29.20 -19.19
CA MET B 580 -21.01 -27.87 -18.59
C MET B 580 -19.60 -27.31 -18.55
N ALA B 581 -18.60 -28.17 -18.42
CA ALA B 581 -17.21 -27.75 -18.48
C ALA B 581 -16.85 -27.23 -19.87
N THR B 582 -17.33 -27.90 -20.91
CA THR B 582 -17.10 -27.45 -22.28
C THR B 582 -17.73 -26.09 -22.55
N VAL B 583 -18.98 -25.90 -22.10
CA VAL B 583 -19.67 -24.62 -22.23
C VAL B 583 -18.93 -23.53 -21.47
N MET B 584 -18.55 -23.80 -20.21
CA MET B 584 -17.88 -22.80 -19.39
C MET B 584 -16.50 -22.44 -19.91
N GLY B 585 -15.74 -23.43 -20.40
CA GLY B 585 -14.46 -23.12 -21.01
C GLY B 585 -14.60 -22.46 -22.36
N SER B 586 -15.72 -22.69 -23.04
CA SER B 586 -15.99 -22.02 -24.31
C SER B 586 -16.41 -20.58 -24.07
N LEU B 587 -17.15 -20.31 -22.99
CA LEU B 587 -17.57 -18.97 -22.65
C LEU B 587 -16.35 -18.14 -22.22
N PRO B 588 -16.42 -16.80 -22.33
CA PRO B 588 -15.29 -15.97 -21.90
C PRO B 588 -15.02 -16.10 -20.40
N ASP B 589 -13.76 -15.91 -20.04
CA ASP B 589 -13.39 -15.81 -18.64
C ASP B 589 -13.88 -14.48 -18.08
N VAL B 590 -13.75 -14.34 -16.75
CA VAL B 590 -14.30 -13.21 -16.01
C VAL B 590 -13.70 -11.88 -16.47
N ARG B 591 -12.43 -11.88 -16.87
CA ARG B 591 -11.79 -10.65 -17.33
C ARG B 591 -12.38 -10.15 -18.65
N GLN B 592 -12.50 -11.06 -19.63
CA GLN B 592 -13.09 -10.70 -20.92
C GLN B 592 -14.58 -10.38 -20.79
N ALA B 593 -15.28 -11.13 -19.93
CA ALA B 593 -16.71 -10.89 -19.70
C ALA B 593 -16.96 -9.53 -19.05
N CYS B 594 -16.11 -9.18 -18.07
CA CYS B 594 -16.23 -7.86 -17.42
C CYS B 594 -15.88 -6.74 -18.40
N LEU B 595 -14.90 -6.97 -19.27
CA LEU B 595 -14.57 -5.98 -20.30
C LEU B 595 -15.74 -5.81 -21.28
N GLN B 596 -16.38 -6.91 -21.68
CA GLN B 596 -17.58 -6.86 -22.51
C GLN B 596 -18.69 -6.05 -21.86
N MET B 597 -18.93 -6.31 -20.56
CA MET B 597 -19.95 -5.59 -19.80
C MET B 597 -19.65 -4.10 -19.73
N ALA B 598 -18.39 -3.76 -19.44
CA ALA B 598 -17.99 -2.36 -19.30
C ALA B 598 -18.13 -1.58 -20.61
N ILE B 599 -17.63 -2.15 -21.72
CA ILE B 599 -17.77 -1.48 -23.01
C ILE B 599 -19.24 -1.36 -23.40
N SER B 600 -20.03 -2.42 -23.18
CA SER B 600 -21.47 -2.39 -23.47
C SER B 600 -22.17 -1.26 -22.70
N TRP B 601 -21.85 -1.13 -21.41
CA TRP B 601 -22.43 -0.07 -20.60
C TRP B 601 -21.99 1.30 -21.09
N HIS B 602 -20.68 1.47 -21.32
CA HIS B 602 -20.12 2.76 -21.72
C HIS B 602 -20.65 3.22 -23.07
N LEU B 603 -20.84 2.30 -24.02
CA LEU B 603 -21.28 2.69 -25.34
C LEU B 603 -22.80 2.87 -25.42
N SER B 604 -23.57 2.08 -24.67
CA SER B 604 -25.01 2.12 -24.81
C SER B 604 -25.72 3.03 -23.82
N ARG B 605 -25.02 3.58 -22.83
CA ARG B 605 -25.65 4.44 -21.84
C ARG B 605 -26.09 5.76 -22.47
N ARG B 606 -27.17 6.33 -21.93
CA ARG B 606 -27.60 7.64 -22.35
C ARG B 606 -26.58 8.69 -21.92
N GLN B 607 -26.05 9.42 -22.88
CA GLN B 607 -25.16 10.54 -22.58
C GLN B 607 -25.95 11.62 -21.87
N PRO B 608 -25.44 12.18 -20.75
CA PRO B 608 -26.17 13.27 -20.09
C PRO B 608 -26.35 14.51 -20.96
N ASP B 609 -25.40 14.78 -21.85
CA ASP B 609 -25.48 15.93 -22.76
C ASP B 609 -26.01 15.55 -24.14
N MET B 610 -26.66 14.40 -24.27
CA MET B 610 -27.08 13.92 -25.59
C MET B 610 -28.16 14.82 -26.17
N VAL B 611 -28.12 14.98 -27.49
CA VAL B 611 -29.12 15.74 -28.23
C VAL B 611 -30.07 14.73 -28.87
N PRO B 612 -31.36 14.74 -28.54
CA PRO B 612 -32.32 13.89 -29.25
C PRO B 612 -32.40 14.26 -30.72
N LEU B 613 -32.76 13.27 -31.54
CA LEU B 613 -32.89 13.41 -32.99
C LEU B 613 -33.82 14.56 -33.37
N GLY B 614 -33.29 15.48 -34.17
CA GLY B 614 -34.03 16.62 -34.63
C GLY B 614 -34.17 17.75 -33.63
N HIS B 615 -33.58 17.62 -32.44
CA HIS B 615 -33.75 18.61 -31.39
C HIS B 615 -32.44 19.34 -31.10
N HIS B 616 -31.63 19.56 -32.13
CA HIS B 616 -30.43 20.38 -31.99
C HIS B 616 -30.81 21.83 -31.72
N LYS B 617 -30.13 22.44 -30.75
CA LYS B 617 -30.42 23.80 -30.38
C LYS B 617 -29.66 24.81 -31.25
N GLU B 618 -28.64 24.35 -31.96
CA GLU B 618 -27.87 25.24 -32.82
C GLU B 618 -28.71 25.67 -34.01
N LYS B 619 -28.79 26.97 -34.23
CA LYS B 619 -29.61 27.54 -35.30
C LYS B 619 -28.70 28.00 -36.43
N TYR B 620 -28.34 27.05 -37.29
CA TYR B 620 -27.58 27.40 -38.49
C TYR B 620 -28.48 28.06 -39.53
N PHE B 621 -29.66 27.50 -39.75
CA PHE B 621 -30.64 28.10 -40.65
C PHE B 621 -31.27 29.33 -39.99
N SER B 622 -31.40 30.41 -40.77
CA SER B 622 -32.00 31.63 -40.25
C SER B 622 -33.46 31.81 -40.64
N GLY B 623 -33.85 31.33 -41.82
CA GLY B 623 -35.19 31.52 -42.33
C GLY B 623 -36.26 30.83 -41.53
N PRO B 624 -37.51 31.28 -41.67
CA PRO B 624 -38.61 30.60 -40.97
C PRO B 624 -39.04 29.29 -41.61
N LYS B 625 -38.78 29.10 -42.91
CA LYS B 625 -39.24 27.88 -43.56
C LYS B 625 -38.40 26.65 -43.18
N PRO B 626 -37.05 26.67 -43.15
CA PRO B 626 -36.35 25.50 -42.57
C PRO B 626 -36.66 25.25 -41.10
N LYS B 627 -36.92 26.31 -40.34
CA LYS B 627 -37.37 26.14 -38.96
C LYS B 627 -38.72 25.42 -38.89
N ALA B 628 -39.64 25.77 -39.81
CA ALA B 628 -40.92 25.08 -39.90
C ALA B 628 -40.76 23.62 -40.30
N VAL B 629 -39.85 23.33 -41.23
CA VAL B 629 -39.57 21.95 -41.63
C VAL B 629 -39.00 21.15 -40.46
N LEU B 630 -38.09 21.77 -39.69
CA LEU B 630 -37.54 21.13 -38.49
C LEU B 630 -38.63 20.89 -37.44
N ASN B 631 -39.55 21.85 -37.29
CA ASN B 631 -40.64 21.70 -36.33
C ASN B 631 -41.58 20.58 -36.73
N GLN B 632 -41.87 20.45 -38.03
CA GLN B 632 -42.69 19.35 -38.52
C GLN B 632 -41.98 18.01 -38.31
N PHE B 633 -40.66 17.99 -38.50
CA PHE B 633 -39.84 16.81 -38.21
C PHE B 633 -39.97 16.41 -36.74
N ARG B 634 -39.86 17.38 -35.84
CA ARG B 634 -39.98 17.12 -34.41
C ARG B 634 -41.37 16.65 -34.03
N THR B 635 -42.41 17.23 -34.65
CA THR B 635 -43.79 16.83 -34.39
C THR B 635 -44.03 15.37 -34.81
N ASP B 636 -43.54 15.00 -36.01
CA ASP B 636 -43.65 13.62 -36.48
C ASP B 636 -42.87 12.66 -35.57
N LEU B 637 -41.70 13.09 -35.08
CA LEU B 637 -40.94 12.27 -34.14
C LEU B 637 -41.67 12.05 -32.82
N GLU B 638 -42.32 13.09 -32.29
CA GLU B 638 -43.10 12.90 -31.06
C GLU B 638 -44.30 12.01 -31.28
N LYS B 639 -44.96 12.13 -32.45
CA LYS B 639 -46.06 11.23 -32.77
C LYS B 639 -45.60 9.78 -32.88
N LEU B 640 -44.44 9.57 -33.52
CA LEU B 640 -43.86 8.23 -33.60
C LEU B 640 -43.47 7.70 -32.22
N GLU B 641 -42.94 8.57 -31.36
CA GLU B 641 -42.58 8.16 -30.00
C GLU B 641 -43.82 7.74 -29.20
N LYS B 642 -44.93 8.47 -29.38
CA LYS B 642 -46.19 8.08 -28.76
C LYS B 642 -46.67 6.72 -29.27
N GLU B 643 -46.56 6.49 -30.58
CA GLU B 643 -46.94 5.20 -31.16
C GLU B 643 -46.06 4.06 -30.64
N ILE B 644 -44.75 4.29 -30.56
CA ILE B 644 -43.83 3.26 -30.08
C ILE B 644 -44.06 2.96 -28.61
N THR B 645 -44.31 4.00 -27.79
CA THR B 645 -44.63 3.79 -26.38
C THR B 645 -45.94 3.02 -26.19
N ALA B 646 -46.96 3.36 -27.00
CA ALA B 646 -48.22 2.65 -26.95
C ALA B 646 -48.07 1.19 -27.36
N ARG B 647 -47.23 0.91 -28.36
CA ARG B 647 -46.94 -0.48 -28.73
C ARG B 647 -46.17 -1.20 -27.63
N ASN B 648 -45.16 -0.54 -27.06
CA ASN B 648 -44.23 -1.17 -26.13
C ASN B 648 -44.86 -1.48 -24.78
N GLU B 649 -45.80 -0.65 -24.32
CA GLU B 649 -46.43 -0.89 -23.02
C GLU B 649 -47.27 -2.17 -23.00
N GLN B 650 -47.67 -2.69 -24.16
CA GLN B 650 -48.41 -3.94 -24.27
C GLN B 650 -47.53 -5.12 -24.62
N LEU B 651 -46.20 -4.97 -24.56
CA LEU B 651 -45.27 -6.01 -24.95
C LEU B 651 -44.40 -6.43 -23.77
N ASP B 652 -44.22 -7.75 -23.61
CA ASP B 652 -43.29 -8.27 -22.61
C ASP B 652 -41.84 -7.96 -22.96
N TRP B 653 -41.51 -7.86 -24.25
CA TRP B 653 -40.17 -7.52 -24.70
C TRP B 653 -40.25 -6.27 -25.56
N PRO B 654 -40.26 -5.08 -24.94
CA PRO B 654 -40.37 -3.84 -25.72
C PRO B 654 -39.10 -3.53 -26.50
N TYR B 655 -39.29 -2.93 -27.68
CA TYR B 655 -38.21 -2.38 -28.47
C TYR B 655 -38.19 -0.88 -28.25
N GLU B 656 -37.16 -0.39 -27.57
CA GLU B 656 -37.11 1.00 -27.14
C GLU B 656 -35.97 1.78 -27.78
N TYR B 657 -35.15 1.14 -28.61
CA TYR B 657 -33.92 1.76 -29.09
C TYR B 657 -34.20 2.82 -30.15
N LEU B 658 -35.34 2.75 -30.82
CA LEU B 658 -35.70 3.68 -31.87
C LEU B 658 -36.75 4.69 -31.44
N LYS B 659 -36.92 4.87 -30.13
CA LYS B 659 -37.68 6.02 -29.64
C LYS B 659 -36.89 7.29 -29.93
N PRO B 660 -37.50 8.29 -30.59
CA PRO B 660 -36.74 9.50 -30.99
C PRO B 660 -36.11 10.28 -29.86
N SER B 661 -36.71 10.27 -28.66
CA SER B 661 -36.04 10.88 -27.51
C SER B 661 -34.78 10.10 -27.11
N CYS B 662 -34.75 8.80 -27.38
CA CYS B 662 -33.60 7.97 -27.08
C CYS B 662 -32.66 7.82 -28.27
N ILE B 663 -33.00 8.40 -29.42
CA ILE B 663 -32.12 8.42 -30.58
C ILE B 663 -31.28 9.68 -30.49
N GLU B 664 -29.97 9.52 -30.39
CA GLU B 664 -29.08 10.67 -30.37
C GLU B 664 -28.99 11.30 -31.75
N ASN B 665 -28.85 12.62 -31.78
CA ASN B 665 -28.83 13.39 -33.02
C ASN B 665 -27.59 13.14 -33.87
N SER B 666 -26.56 12.47 -33.35
CA SER B 666 -25.39 12.13 -34.13
C SER B 666 -24.72 10.92 -33.50
N VAL B 667 -23.72 10.40 -34.20
CA VAL B 667 -22.90 9.30 -33.70
C VAL B 667 -21.87 9.91 -32.74
N THR B 668 -22.14 9.86 -31.44
CA THR B 668 -21.23 10.40 -30.45
C THR B 668 -20.63 9.37 -29.52
N ILE B 669 -21.12 8.14 -29.51
CA ILE B 669 -20.66 7.16 -28.55
C ILE B 669 -20.70 5.74 -29.12
N GLY C 8 -13.68 -67.66 20.72
CA GLY C 8 -13.13 -66.63 21.59
C GLY C 8 -12.52 -65.46 20.82
N ARG C 9 -12.90 -65.32 19.56
CA ARG C 9 -12.38 -64.25 18.71
C ARG C 9 -13.38 -63.09 18.72
N TYR C 10 -13.06 -62.06 19.49
CA TYR C 10 -13.84 -60.82 19.51
C TYR C 10 -13.30 -59.89 18.44
N ARG C 11 -14.15 -59.49 17.51
CA ARG C 11 -13.78 -58.52 16.50
C ARG C 11 -14.23 -57.13 16.97
N ILE C 12 -13.29 -56.21 17.13
CA ILE C 12 -13.60 -54.87 17.62
C ILE C 12 -13.37 -53.88 16.50
N ARG C 13 -14.43 -53.18 16.12
CA ARG C 13 -14.39 -52.20 15.04
C ARG C 13 -14.55 -50.81 15.62
N VAL C 14 -13.55 -49.97 15.41
CA VAL C 14 -13.53 -48.63 15.97
C VAL C 14 -13.84 -47.63 14.86
N ALA C 15 -15.05 -47.07 14.89
CA ALA C 15 -15.44 -46.01 13.98
C ALA C 15 -14.91 -44.71 14.58
N THR C 16 -14.15 -43.95 13.81
CA THR C 16 -13.54 -42.70 14.25
C THR C 16 -14.14 -41.53 13.48
N GLY C 17 -14.82 -40.64 14.21
CA GLY C 17 -15.35 -39.44 13.58
C GLY C 17 -14.30 -38.48 13.09
N ALA C 18 -13.27 -38.22 13.91
CA ALA C 18 -12.22 -37.30 13.52
C ALA C 18 -10.95 -37.61 14.29
N TRP C 19 -9.82 -37.14 13.76
CA TRP C 19 -8.55 -37.31 14.45
C TRP C 19 -7.56 -36.26 13.96
N LEU C 20 -6.60 -35.96 14.83
CA LEU C 20 -5.48 -35.07 14.53
C LEU C 20 -4.26 -35.75 15.17
N PHE C 21 -3.55 -36.54 14.37
CA PHE C 21 -2.43 -37.35 14.84
C PHE C 21 -1.14 -36.74 14.28
N SER C 22 -0.40 -36.03 15.14
CA SER C 22 0.89 -35.47 14.74
C SER C 22 1.90 -36.58 14.46
N GLY C 23 1.93 -37.61 15.30
CA GLY C 23 2.87 -38.70 15.16
C GLY C 23 2.29 -39.87 14.39
N SER C 24 2.84 -41.06 14.66
CA SER C 24 2.40 -42.28 13.99
C SER C 24 2.02 -43.41 14.94
N TYR C 25 2.42 -43.37 16.20
CA TYR C 25 2.10 -44.41 17.17
C TYR C 25 1.13 -43.83 18.20
N ASN C 26 -0.16 -43.99 17.93
CA ASN C 26 -1.24 -43.54 18.82
C ASN C 26 -1.95 -44.79 19.33
N ARG C 27 -1.49 -45.31 20.46
CA ARG C 27 -2.01 -46.54 21.01
C ARG C 27 -3.17 -46.29 21.97
N VAL C 28 -4.04 -47.28 22.09
CA VAL C 28 -5.21 -47.21 22.95
C VAL C 28 -5.32 -48.51 23.73
N GLN C 29 -5.42 -48.41 25.05
CA GLN C 29 -5.77 -49.56 25.88
C GLN C 29 -7.29 -49.65 25.93
N LEU C 30 -7.83 -50.79 25.51
CA LEU C 30 -9.27 -51.00 25.45
C LEU C 30 -9.65 -52.17 26.36
N TRP C 31 -10.66 -51.96 27.19
CA TRP C 31 -11.18 -53.01 28.07
C TRP C 31 -12.56 -53.41 27.60
N LEU C 32 -12.75 -54.71 27.40
CA LEU C 32 -14.06 -55.31 27.14
C LEU C 32 -14.59 -55.79 28.48
N VAL C 33 -15.50 -55.03 29.08
CA VAL C 33 -16.04 -55.34 30.39
C VAL C 33 -17.38 -56.04 30.18
N GLY C 34 -17.48 -57.27 30.68
CA GLY C 34 -18.68 -58.06 30.59
C GLY C 34 -19.23 -58.41 31.96
N THR C 35 -20.35 -59.14 31.94
CA THR C 35 -21.00 -59.57 33.18
C THR C 35 -20.14 -60.54 33.98
N ARG C 36 -19.28 -61.30 33.32
CA ARG C 36 -18.47 -62.31 33.98
C ARG C 36 -16.98 -61.97 34.04
N GLY C 37 -16.56 -60.87 33.42
CA GLY C 37 -15.17 -60.50 33.47
C GLY C 37 -14.84 -59.44 32.43
N GLU C 38 -13.58 -59.00 32.45
CA GLU C 38 -13.09 -57.98 31.53
C GLU C 38 -11.78 -58.44 30.91
N ALA C 39 -11.53 -57.94 29.71
CA ALA C 39 -10.33 -58.24 28.95
C ALA C 39 -9.64 -56.97 28.51
N GLU C 40 -8.31 -56.94 28.65
CA GLU C 40 -7.51 -55.77 28.29
C GLU C 40 -6.82 -56.01 26.95
N LEU C 41 -6.83 -54.97 26.11
CA LEU C 41 -6.23 -55.00 24.78
C LEU C 41 -5.39 -53.75 24.56
N GLU C 42 -4.43 -53.87 23.64
CA GLU C 42 -3.67 -52.74 23.15
C GLU C 42 -3.90 -52.64 21.65
N LEU C 43 -4.44 -51.51 21.21
CA LEU C 43 -4.80 -51.29 19.81
C LEU C 43 -3.97 -50.16 19.22
N GLN C 44 -3.54 -50.34 17.97
CA GLN C 44 -2.77 -49.33 17.25
C GLN C 44 -3.74 -48.60 16.31
N LEU C 45 -4.12 -47.38 16.69
CA LEU C 45 -5.08 -46.60 15.91
C LEU C 45 -4.43 -46.06 14.65
N ARG C 46 -4.97 -46.44 13.49
CA ARG C 46 -4.62 -45.86 12.20
C ARG C 46 -5.90 -45.52 11.46
N PRO C 47 -6.58 -44.43 11.84
CA PRO C 47 -7.91 -44.14 11.28
C PRO C 47 -7.87 -43.79 9.80
N ALA C 48 -8.97 -44.12 9.12
CA ALA C 48 -9.16 -43.78 7.72
C ALA C 48 -10.49 -43.07 7.57
N ARG C 49 -10.60 -42.24 6.53
CA ARG C 49 -11.84 -41.53 6.27
C ARG C 49 -12.82 -42.48 5.58
N GLY C 50 -14.02 -42.59 6.13
CA GLY C 50 -15.04 -43.42 5.55
C GLY C 50 -14.95 -44.90 5.89
N GLU C 51 -13.92 -45.32 6.61
CA GLU C 51 -13.73 -46.71 6.98
C GLU C 51 -13.35 -46.84 8.44
N GLU C 52 -13.93 -47.84 9.10
CA GLU C 52 -13.64 -48.12 10.50
C GLU C 52 -12.44 -49.05 10.60
N GLU C 53 -11.89 -49.17 11.80
CA GLU C 53 -10.69 -50.00 12.02
C GLU C 53 -11.08 -51.30 12.69
N GLU C 54 -10.77 -52.43 12.04
CA GLU C 54 -11.01 -53.74 12.62
C GLU C 54 -9.84 -54.20 13.48
N PHE C 55 -10.16 -54.97 14.52
CA PHE C 55 -9.16 -55.47 15.46
C PHE C 55 -9.62 -56.85 15.95
N ASP C 56 -9.08 -57.90 15.34
CA ASP C 56 -9.41 -59.27 15.73
C ASP C 56 -8.56 -59.65 16.94
N HIS C 57 -9.21 -60.01 18.05
CA HIS C 57 -8.46 -60.36 19.26
C HIS C 57 -9.05 -61.58 19.94
N ASP C 58 -8.17 -62.47 20.38
CA ASP C 58 -8.58 -63.71 21.05
C ASP C 58 -8.60 -63.49 22.56
N VAL C 59 -9.77 -63.69 23.17
CA VAL C 59 -9.96 -63.55 24.60
C VAL C 59 -10.11 -64.94 25.19
N ALA C 60 -9.20 -65.30 26.11
CA ALA C 60 -9.26 -66.62 26.73
C ALA C 60 -10.39 -66.72 27.74
N GLU C 61 -10.60 -65.69 28.55
CA GLU C 61 -11.62 -65.72 29.58
C GLU C 61 -13.02 -65.54 28.98
N ASP C 62 -14.01 -66.09 29.67
CA ASP C 62 -15.41 -65.95 29.25
C ASP C 62 -15.93 -64.63 29.79
N LEU C 63 -16.13 -63.66 28.90
CA LEU C 63 -16.60 -62.34 29.31
C LEU C 63 -18.10 -62.28 29.51
N GLY C 64 -18.85 -63.27 29.00
CA GLY C 64 -20.29 -63.21 29.04
C GLY C 64 -20.85 -62.12 28.14
N LEU C 65 -21.96 -61.53 28.57
CA LEU C 65 -22.57 -60.44 27.82
C LEU C 65 -21.79 -59.16 28.09
N LEU C 66 -21.36 -58.50 27.02
CA LEU C 66 -20.54 -57.30 27.15
C LEU C 66 -21.38 -56.10 27.54
N GLN C 67 -20.92 -55.36 28.54
CA GLN C 67 -21.62 -54.19 29.05
C GLN C 67 -20.87 -52.89 28.86
N PHE C 68 -19.54 -52.89 28.96
CA PHE C 68 -18.78 -51.65 28.84
C PHE C 68 -17.57 -51.84 27.93
N VAL C 69 -17.14 -50.74 27.35
CA VAL C 69 -15.83 -50.66 26.70
C VAL C 69 -15.10 -49.48 27.33
N ARG C 70 -13.92 -49.73 27.88
CA ARG C 70 -13.13 -48.70 28.53
C ARG C 70 -11.95 -48.32 27.65
N LEU C 71 -11.67 -47.02 27.56
CA LEU C 71 -10.64 -46.49 26.67
C LEU C 71 -9.63 -45.68 27.46
N ARG C 72 -8.34 -45.95 27.26
CA ARG C 72 -7.28 -45.08 27.74
C ARG C 72 -6.32 -44.80 26.60
N LYS C 73 -6.02 -43.53 26.36
CA LYS C 73 -4.99 -43.17 25.39
C LYS C 73 -3.63 -43.49 26.00
N HIS C 74 -2.84 -44.32 25.32
CA HIS C 74 -1.59 -44.85 25.86
C HIS C 74 -0.43 -44.07 25.25
N HIS C 75 0.13 -43.15 26.05
CA HIS C 75 1.32 -42.34 25.71
C HIS C 75 1.13 -41.56 24.41
N TRP C 76 0.17 -40.64 24.44
CA TRP C 76 -0.17 -39.81 23.29
C TRP C 76 0.50 -38.44 23.37
N LEU C 77 0.74 -37.86 22.20
CA LEU C 77 1.20 -36.49 22.11
C LEU C 77 0.11 -35.53 22.60
N VAL C 78 0.56 -34.37 23.10
CA VAL C 78 -0.35 -33.37 23.64
C VAL C 78 -1.26 -32.79 22.55
N ASP C 79 -0.75 -32.63 21.33
CA ASP C 79 -1.53 -32.07 20.23
C ASP C 79 -2.39 -33.10 19.51
N ASP C 80 -2.31 -34.37 19.91
CA ASP C 80 -3.07 -35.42 19.24
C ASP C 80 -4.49 -35.47 19.80
N ALA C 81 -5.47 -35.45 18.91
CA ALA C 81 -6.87 -35.46 19.31
C ALA C 81 -7.61 -36.58 18.59
N TRP C 82 -8.60 -37.15 19.26
CA TRP C 82 -9.35 -38.28 18.71
C TRP C 82 -10.83 -38.15 19.08
N PHE C 83 -11.67 -37.93 18.07
CA PHE C 83 -13.12 -37.96 18.21
C PHE C 83 -13.54 -39.35 17.73
N CYS C 84 -13.83 -40.23 18.68
CA CYS C 84 -14.28 -41.59 18.38
C CYS C 84 -15.78 -41.59 18.14
N ASP C 85 -16.19 -42.09 16.98
CA ASP C 85 -17.63 -42.20 16.72
C ASP C 85 -18.24 -43.29 17.58
N ARG C 86 -17.82 -44.54 17.38
CA ARG C 86 -18.40 -45.64 18.15
C ARG C 86 -17.50 -46.86 18.08
N ILE C 87 -17.72 -47.79 18.99
CA ILE C 87 -17.00 -49.06 18.99
C ILE C 87 -18.02 -50.19 18.92
N THR C 88 -17.87 -51.08 17.95
CA THR C 88 -18.76 -52.23 17.82
C THR C 88 -17.97 -53.50 18.03
N VAL C 89 -18.49 -54.40 18.85
CA VAL C 89 -17.80 -55.65 19.17
C VAL C 89 -18.66 -56.80 18.68
N GLN C 90 -18.09 -57.66 17.85
CA GLN C 90 -18.69 -58.92 17.45
C GLN C 90 -18.12 -60.02 18.33
N GLY C 91 -19.00 -60.76 18.98
CA GLY C 91 -18.66 -61.91 19.79
C GLY C 91 -18.08 -63.09 19.01
N PRO C 92 -17.62 -64.10 19.76
CA PRO C 92 -17.05 -65.32 19.12
C PRO C 92 -17.94 -65.99 18.09
N GLY C 93 -19.22 -66.17 18.40
CA GLY C 93 -20.16 -66.72 17.45
C GLY C 93 -21.51 -66.06 17.55
N ALA C 94 -21.58 -64.97 18.32
CA ALA C 94 -22.83 -64.24 18.51
C ALA C 94 -23.32 -63.61 17.21
N CYS C 95 -22.41 -63.01 16.44
CA CYS C 95 -22.61 -62.35 15.14
C CYS C 95 -23.45 -61.07 15.25
N ALA C 96 -23.73 -60.60 16.47
CA ALA C 96 -24.48 -59.37 16.70
C ALA C 96 -23.51 -58.29 17.15
N GLU C 97 -23.40 -57.22 16.37
CA GLU C 97 -22.44 -56.15 16.64
C GLU C 97 -22.95 -55.33 17.81
N VAL C 98 -22.51 -55.70 19.02
CA VAL C 98 -22.80 -54.95 20.22
C VAL C 98 -22.18 -53.56 20.11
N ALA C 99 -23.02 -52.54 20.10
CA ALA C 99 -22.57 -51.18 19.86
C ALA C 99 -22.29 -50.44 21.18
N PHE C 100 -21.26 -49.62 21.16
CA PHE C 100 -20.84 -48.77 22.28
C PHE C 100 -20.64 -47.39 21.67
N PRO C 101 -21.68 -46.57 21.61
CA PRO C 101 -21.52 -45.24 21.02
C PRO C 101 -20.70 -44.34 21.92
N CYS C 102 -19.76 -43.60 21.32
CA CYS C 102 -18.98 -42.64 22.08
C CYS C 102 -19.31 -41.21 21.66
N TYR C 103 -19.09 -40.89 20.37
CA TYR C 103 -19.33 -39.57 19.76
C TYR C 103 -18.80 -38.45 20.63
N ARG C 104 -17.53 -38.56 21.01
CA ARG C 104 -16.93 -37.63 21.94
C ARG C 104 -15.43 -37.57 21.69
N TRP C 105 -14.82 -36.47 22.12
CA TRP C 105 -13.37 -36.35 22.07
C TRP C 105 -12.80 -37.08 23.28
N VAL C 106 -11.93 -38.05 23.03
CA VAL C 106 -11.23 -38.76 24.09
C VAL C 106 -10.05 -37.90 24.53
N GLN C 107 -10.21 -37.19 25.65
CA GLN C 107 -9.17 -36.34 26.19
C GLN C 107 -8.59 -36.92 27.47
N GLY C 108 -7.37 -36.50 27.76
CA GLY C 108 -6.67 -36.89 28.97
C GLY C 108 -6.25 -38.35 29.02
N GLU C 109 -5.65 -38.70 30.15
CA GLU C 109 -5.19 -40.05 30.43
C GLU C 109 -6.20 -40.87 31.23
N ASP C 110 -7.35 -40.29 31.58
CA ASP C 110 -8.34 -41.01 32.34
C ASP C 110 -9.08 -42.04 31.49
N ILE C 111 -9.64 -43.03 32.16
CA ILE C 111 -10.41 -44.08 31.51
C ILE C 111 -11.77 -43.53 31.13
N LEU C 112 -12.12 -43.66 29.85
CA LEU C 112 -13.43 -43.28 29.34
C LEU C 112 -14.27 -44.54 29.22
N SER C 113 -15.38 -44.60 29.96
CA SER C 113 -16.25 -45.76 29.98
C SER C 113 -17.40 -45.54 29.02
N LEU C 114 -17.52 -46.42 28.03
CA LEU C 114 -18.60 -46.40 27.06
C LEU C 114 -19.58 -47.50 27.42
N PRO C 115 -20.79 -47.19 27.86
CA PRO C 115 -21.77 -48.23 28.16
C PRO C 115 -22.28 -48.91 26.90
N GLU C 116 -22.89 -50.08 27.10
CA GLU C 116 -23.55 -50.79 26.02
C GLU C 116 -24.68 -49.94 25.44
N GLY C 117 -24.87 -50.03 24.13
CA GLY C 117 -25.64 -49.07 23.37
C GLY C 117 -27.14 -49.13 23.57
N THR C 118 -27.66 -50.14 24.28
CA THR C 118 -29.08 -50.18 24.55
C THR C 118 -29.43 -49.07 25.54
N ALA C 119 -30.39 -48.23 25.16
CA ALA C 119 -30.83 -47.15 26.02
C ALA C 119 -31.52 -47.70 27.26
N ARG C 120 -31.21 -47.10 28.41
CA ARG C 120 -31.64 -47.62 29.70
C ARG C 120 -32.14 -46.50 30.58
N LEU C 121 -33.26 -46.73 31.22
CA LEU C 121 -33.80 -45.85 32.25
C LEU C 121 -33.05 -46.08 33.56
N PRO C 122 -32.96 -45.06 34.41
CA PRO C 122 -32.37 -45.28 35.74
C PRO C 122 -33.24 -46.20 36.58
N GLY C 123 -32.56 -47.00 37.41
CA GLY C 123 -33.22 -47.94 38.29
C GLY C 123 -32.97 -47.62 39.75
N ASP C 124 -33.56 -48.46 40.61
CA ASP C 124 -33.39 -48.34 42.05
C ASP C 124 -32.30 -49.25 42.58
N ASN C 125 -31.62 -49.99 41.71
CA ASN C 125 -30.52 -50.87 42.12
C ASN C 125 -29.23 -50.05 42.05
N ALA C 126 -28.73 -49.65 43.22
CA ALA C 126 -27.50 -48.87 43.27
C ALA C 126 -26.28 -49.68 42.86
N LEU C 127 -26.29 -50.99 43.12
CA LEU C 127 -25.16 -51.85 42.79
C LEU C 127 -25.03 -52.12 41.30
N ASP C 128 -26.06 -51.82 40.50
CA ASP C 128 -26.00 -51.99 39.06
C ASP C 128 -24.91 -51.12 38.45
N MET C 129 -24.14 -51.72 37.53
CA MET C 129 -23.01 -51.03 36.92
C MET C 129 -23.45 -49.85 36.06
N PHE C 130 -24.56 -50.00 35.35
CA PHE C 130 -25.07 -48.91 34.52
C PHE C 130 -25.58 -47.75 35.37
N GLN C 131 -26.19 -48.06 36.53
CA GLN C 131 -26.63 -47.02 37.45
C GLN C 131 -25.44 -46.24 38.02
N LYS C 132 -24.37 -46.94 38.39
CA LYS C 132 -23.16 -46.30 38.90
C LYS C 132 -22.52 -45.44 37.81
N HIS C 133 -22.42 -45.99 36.60
CA HIS C 133 -21.85 -45.26 35.48
C HIS C 133 -22.66 -44.01 35.15
N ARG C 134 -23.99 -44.10 35.15
CA ARG C 134 -24.80 -42.94 34.81
C ARG C 134 -24.75 -41.89 35.92
N GLU C 135 -24.64 -42.29 37.20
CA GLU C 135 -24.47 -41.31 38.26
C GLU C 135 -23.12 -40.60 38.16
N LYS C 136 -22.05 -41.36 37.89
CA LYS C 136 -20.71 -40.78 37.72
C LYS C 136 -20.68 -39.84 36.51
N GLU C 137 -21.27 -40.29 35.41
CA GLU C 137 -21.38 -39.48 34.20
C GLU C 137 -22.14 -38.19 34.45
N LEU C 138 -23.27 -38.26 35.15
CA LEU C 138 -24.05 -37.07 35.50
C LEU C 138 -23.24 -36.09 36.36
N LYS C 139 -22.43 -36.60 37.29
CA LYS C 139 -21.56 -35.71 38.07
C LYS C 139 -20.52 -35.03 37.19
N ASP C 140 -19.85 -35.81 36.31
CA ASP C 140 -18.90 -35.25 35.36
C ASP C 140 -19.52 -34.18 34.46
N ARG C 141 -20.73 -34.47 33.94
CA ARG C 141 -21.41 -33.54 33.05
C ARG C 141 -21.84 -32.28 33.80
N GLN C 142 -22.33 -32.43 35.02
CA GLN C 142 -22.73 -31.27 35.81
C GLN C 142 -21.55 -30.45 36.28
N GLN C 143 -20.33 -31.01 36.21
CA GLN C 143 -19.15 -30.18 36.44
C GLN C 143 -18.61 -29.53 35.17
N ILE C 144 -18.76 -30.16 34.00
CA ILE C 144 -18.29 -29.47 32.79
C ILE C 144 -19.37 -28.60 32.14
N TYR C 145 -20.66 -28.95 32.29
CA TYR C 145 -21.77 -28.19 31.69
C TYR C 145 -22.44 -27.40 32.81
N CYS C 146 -22.14 -26.11 32.89
CA CYS C 146 -22.71 -25.25 33.90
C CYS C 146 -23.56 -24.17 33.27
N TRP C 147 -24.58 -23.72 34.01
CA TRP C 147 -25.42 -22.61 33.56
C TRP C 147 -24.72 -21.28 33.82
N ALA C 148 -24.97 -20.31 32.93
CA ALA C 148 -24.53 -18.94 33.13
C ALA C 148 -25.67 -17.98 32.86
N THR C 149 -25.71 -16.90 33.64
CA THR C 149 -26.64 -15.79 33.42
C THR C 149 -25.96 -14.77 32.54
N TRP C 150 -26.24 -14.82 31.23
CA TRP C 150 -25.70 -13.81 30.32
C TRP C 150 -26.30 -12.45 30.59
N LYS C 151 -27.63 -12.36 30.66
CA LYS C 151 -28.34 -11.16 31.06
C LYS C 151 -29.46 -11.57 32.00
N GLU C 152 -29.72 -10.75 33.02
CA GLU C 152 -30.81 -11.02 33.95
C GLU C 152 -32.15 -10.99 33.22
N GLY C 153 -33.07 -11.84 33.66
CA GLY C 153 -34.38 -11.94 33.05
C GLY C 153 -34.44 -12.77 31.80
N LEU C 154 -33.31 -13.19 31.26
CA LEU C 154 -33.17 -13.99 30.07
C LEU C 154 -32.98 -15.45 30.43
N PRO C 155 -33.30 -16.38 29.52
CA PRO C 155 -32.94 -17.79 29.75
C PRO C 155 -31.44 -17.98 29.86
N LEU C 156 -31.04 -18.87 30.75
CA LEU C 156 -29.64 -19.07 31.07
C LEU C 156 -28.90 -19.75 29.92
N THR C 157 -27.60 -19.50 29.86
CA THR C 157 -26.73 -19.99 28.79
C THR C 157 -25.71 -20.96 29.38
N ILE C 158 -24.96 -21.60 28.48
CA ILE C 158 -23.81 -22.41 28.88
C ILE C 158 -22.74 -21.51 29.48
N ALA C 159 -22.08 -22.00 30.54
CA ALA C 159 -21.02 -21.24 31.17
C ALA C 159 -19.76 -21.23 30.31
N ALA C 160 -19.68 -20.26 29.40
CA ALA C 160 -18.53 -20.13 28.51
C ALA C 160 -18.44 -18.66 28.12
N ASP C 161 -17.39 -17.99 28.61
CA ASP C 161 -17.16 -16.59 28.25
C ASP C 161 -16.81 -16.46 26.77
N ARG C 162 -16.02 -17.39 26.24
CA ARG C 162 -15.64 -17.45 24.84
C ARG C 162 -15.91 -18.86 24.33
N LYS C 163 -15.79 -19.03 23.01
CA LYS C 163 -15.97 -20.34 22.39
C LYS C 163 -14.91 -21.34 22.87
N ASP C 164 -13.72 -20.85 23.22
CA ASP C 164 -12.68 -21.74 23.75
C ASP C 164 -12.99 -22.22 25.17
N ASP C 165 -13.91 -21.56 25.88
CA ASP C 165 -14.30 -21.98 27.21
C ASP C 165 -15.38 -23.06 27.20
N LEU C 166 -15.90 -23.39 26.02
CA LEU C 166 -16.92 -24.41 25.88
C LEU C 166 -16.35 -25.80 26.15
N PRO C 167 -17.20 -26.74 26.55
CA PRO C 167 -16.79 -28.15 26.56
C PRO C 167 -16.42 -28.62 25.17
N PRO C 168 -15.37 -29.44 25.05
CA PRO C 168 -14.87 -29.84 23.72
C PRO C 168 -15.86 -30.61 22.87
N ASN C 169 -16.78 -31.36 23.49
CA ASN C 169 -17.74 -32.15 22.73
C ASN C 169 -18.83 -31.28 22.10
N MET C 170 -18.98 -30.04 22.56
CA MET C 170 -19.92 -29.11 21.98
C MET C 170 -19.28 -28.20 20.94
N ARG C 171 -18.01 -28.39 20.64
CA ARG C 171 -17.31 -27.52 19.71
C ARG C 171 -17.66 -27.87 18.26
N PHE C 172 -17.52 -26.87 17.39
CA PHE C 172 -17.59 -27.09 15.96
C PHE C 172 -16.53 -28.10 15.53
N HIS C 173 -16.93 -29.02 14.66
CA HIS C 173 -15.93 -29.85 14.00
C HIS C 173 -15.25 -29.04 12.90
N GLU C 174 -14.11 -29.58 12.44
CA GLU C 174 -13.18 -28.90 11.52
C GLU C 174 -13.87 -28.27 10.32
N GLU C 175 -14.64 -29.06 9.56
CA GLU C 175 -15.32 -28.56 8.37
C GLU C 175 -16.29 -27.41 8.68
N LYS C 176 -17.07 -27.53 9.76
CA LYS C 176 -18.02 -26.49 10.13
C LYS C 176 -17.31 -25.20 10.53
N ARG C 177 -16.27 -25.31 11.38
CA ARG C 177 -15.51 -24.16 11.83
C ARG C 177 -14.82 -23.45 10.68
N LEU C 178 -14.17 -24.21 9.79
CA LEU C 178 -13.52 -23.64 8.61
C LEU C 178 -14.51 -22.96 7.69
N ASP C 179 -15.66 -23.60 7.42
CA ASP C 179 -16.69 -22.98 6.59
C ASP C 179 -17.24 -21.70 7.20
N PHE C 180 -17.49 -21.71 8.52
CA PHE C 180 -18.06 -20.56 9.21
C PHE C 180 -17.09 -19.38 9.18
N GLU C 181 -15.83 -19.62 9.52
CA GLU C 181 -14.84 -18.55 9.51
C GLU C 181 -14.54 -18.05 8.09
N TRP C 182 -14.47 -18.96 7.12
CA TRP C 182 -14.22 -18.56 5.74
C TRP C 182 -15.38 -17.76 5.16
N THR C 183 -16.62 -18.14 5.48
CA THR C 183 -17.75 -17.35 5.03
C THR C 183 -17.86 -16.02 5.76
N LEU C 184 -17.33 -15.92 6.98
CA LEU C 184 -17.24 -14.61 7.62
C LEU C 184 -16.24 -13.72 6.90
N LYS C 185 -15.09 -14.28 6.50
CA LYS C 185 -14.11 -13.51 5.74
C LYS C 185 -14.63 -13.15 4.35
N ALA C 186 -15.38 -14.07 3.72
CA ALA C 186 -15.96 -13.81 2.41
C ALA C 186 -17.02 -12.71 2.46
N GLY C 187 -17.88 -12.75 3.50
CA GLY C 187 -18.85 -11.68 3.67
C GLY C 187 -18.20 -10.33 3.96
N ALA C 188 -17.11 -10.35 4.73
CA ALA C 188 -16.38 -9.11 5.01
C ALA C 188 -15.74 -8.55 3.74
N LEU C 189 -15.17 -9.43 2.91
CA LEU C 189 -14.61 -9.03 1.62
C LEU C 189 -15.67 -8.44 0.71
N GLU C 190 -16.80 -9.14 0.54
CA GLU C 190 -17.87 -8.66 -0.32
C GLU C 190 -18.44 -7.34 0.17
N MET C 191 -18.54 -7.16 1.50
CA MET C 191 -19.04 -5.90 2.03
C MET C 191 -18.06 -4.76 1.78
N ALA C 192 -16.76 -5.03 1.94
CA ALA C 192 -15.74 -4.02 1.64
C ALA C 192 -15.80 -3.62 0.18
N LEU C 193 -15.98 -4.59 -0.73
CA LEU C 193 -16.11 -4.29 -2.15
C LEU C 193 -17.36 -3.47 -2.45
N LYS C 194 -18.48 -3.79 -1.80
CA LYS C 194 -19.72 -3.03 -1.98
C LYS C 194 -19.59 -1.61 -1.47
N ARG C 195 -18.94 -1.42 -0.33
CA ARG C 195 -18.77 -0.09 0.23
C ARG C 195 -17.80 0.75 -0.59
N VAL C 196 -16.75 0.12 -1.16
CA VAL C 196 -15.87 0.80 -2.10
C VAL C 196 -16.63 1.20 -3.36
N TYR C 197 -17.52 0.31 -3.83
CA TYR C 197 -18.30 0.57 -5.04
C TYR C 197 -19.22 1.78 -4.89
N THR C 198 -19.84 1.93 -3.72
CA THR C 198 -20.79 3.02 -3.48
C THR C 198 -20.14 4.33 -3.07
N LEU C 199 -18.80 4.41 -2.99
CA LEU C 199 -18.15 5.67 -2.62
C LEU C 199 -18.34 6.72 -3.70
N LEU C 200 -18.27 6.32 -4.97
CA LEU C 200 -18.41 7.22 -6.10
C LEU C 200 -19.76 7.08 -6.78
N SER C 201 -20.81 6.82 -5.99
CA SER C 201 -22.17 6.76 -6.49
C SER C 201 -23.11 7.46 -5.52
N SER C 202 -24.16 8.06 -6.07
CA SER C 202 -25.16 8.75 -5.27
C SER C 202 -26.05 7.74 -4.56
N TRP C 203 -26.58 8.15 -3.40
CA TRP C 203 -27.53 7.35 -2.62
C TRP C 203 -28.75 8.24 -2.37
N ASN C 204 -29.63 8.33 -3.37
CA ASN C 204 -30.79 9.19 -3.27
C ASN C 204 -32.09 8.58 -3.79
N CYS C 205 -32.07 7.37 -4.34
CA CYS C 205 -33.27 6.73 -4.86
C CYS C 205 -33.25 5.26 -4.47
N LEU C 206 -34.41 4.61 -4.58
CA LEU C 206 -34.52 3.20 -4.25
C LEU C 206 -33.70 2.32 -5.17
N GLU C 207 -33.51 2.75 -6.42
CA GLU C 207 -32.73 2.00 -7.40
C GLU C 207 -31.24 1.98 -7.04
N ASP C 208 -30.80 2.89 -6.18
CA ASP C 208 -29.42 2.87 -5.71
C ASP C 208 -29.14 1.68 -4.82
N PHE C 209 -30.19 1.05 -4.25
CA PHE C 209 -29.99 -0.22 -3.56
C PHE C 209 -29.65 -1.35 -4.52
N ASP C 210 -29.84 -1.15 -5.83
CA ASP C 210 -29.33 -2.08 -6.82
C ASP C 210 -27.81 -2.09 -6.86
N GLN C 211 -27.15 -1.00 -6.42
CA GLN C 211 -25.69 -0.95 -6.43
C GLN C 211 -25.09 -1.98 -5.48
N ILE C 212 -25.80 -2.35 -4.42
CA ILE C 212 -25.32 -3.35 -3.47
C ILE C 212 -26.07 -4.67 -3.58
N PHE C 213 -27.12 -4.76 -4.39
CA PHE C 213 -27.92 -5.98 -4.44
C PHE C 213 -27.28 -6.99 -5.39
N TRP C 214 -26.21 -7.62 -4.92
CA TRP C 214 -25.53 -8.65 -5.70
C TRP C 214 -24.70 -9.53 -4.76
N GLY C 215 -24.29 -10.69 -5.29
CA GLY C 215 -23.47 -11.66 -4.59
C GLY C 215 -24.15 -12.42 -3.47
N GLN C 216 -24.72 -11.68 -2.51
CA GLN C 216 -25.44 -12.25 -1.37
C GLN C 216 -26.93 -12.05 -1.60
N LYS C 217 -27.48 -12.85 -2.51
CA LYS C 217 -28.89 -12.77 -2.85
C LYS C 217 -29.33 -14.13 -3.39
N SER C 218 -30.62 -14.24 -3.69
CA SER C 218 -31.22 -15.44 -4.24
C SER C 218 -32.19 -15.04 -5.35
N ALA C 219 -32.72 -16.04 -6.04
CA ALA C 219 -33.75 -15.79 -7.05
C ALA C 219 -35.02 -15.24 -6.40
N LEU C 220 -35.37 -15.77 -5.23
CA LEU C 220 -36.50 -15.23 -4.48
C LEU C 220 -36.22 -13.80 -4.03
N ALA C 221 -34.97 -13.50 -3.66
CA ALA C 221 -34.59 -12.13 -3.31
C ALA C 221 -34.69 -11.19 -4.50
N GLU C 222 -34.35 -11.67 -5.70
CA GLU C 222 -34.56 -10.87 -6.91
C GLU C 222 -36.03 -10.60 -7.16
N LYS C 223 -36.87 -11.63 -6.96
CA LYS C 223 -38.32 -11.44 -7.07
C LYS C 223 -38.83 -10.44 -6.02
N VAL C 224 -38.21 -10.43 -4.84
CA VAL C 224 -38.54 -9.48 -3.80
C VAL C 224 -38.15 -8.06 -4.23
N ARG C 225 -36.97 -7.90 -4.83
CA ARG C 225 -36.56 -6.60 -5.38
C ARG C 225 -37.52 -6.13 -6.47
N GLN C 226 -38.05 -7.06 -7.25
CA GLN C 226 -39.02 -6.69 -8.27
C GLN C 226 -40.38 -6.33 -7.68
N CYS C 227 -40.77 -6.93 -6.54
CA CYS C 227 -42.16 -6.84 -6.09
C CYS C 227 -42.33 -6.34 -4.66
N TRP C 228 -41.31 -5.74 -4.05
CA TRP C 228 -41.42 -5.32 -2.64
C TRP C 228 -42.43 -4.20 -2.44
N GLN C 229 -42.57 -3.29 -3.42
CA GLN C 229 -43.53 -2.20 -3.30
C GLN C 229 -44.97 -2.67 -3.43
N ASP C 230 -45.19 -3.88 -3.94
CA ASP C 230 -46.53 -4.43 -4.01
C ASP C 230 -47.05 -4.73 -2.61
N ASP C 231 -48.27 -4.27 -2.33
CA ASP C 231 -48.94 -4.58 -1.07
C ASP C 231 -49.17 -6.08 -0.88
N GLU C 232 -49.32 -6.81 -2.00
CA GLU C 232 -49.52 -8.26 -1.94
C GLU C 232 -48.32 -8.98 -1.32
N LEU C 233 -47.11 -8.63 -1.76
CA LEU C 233 -45.90 -9.25 -1.22
C LEU C 233 -45.67 -8.86 0.24
N PHE C 234 -45.93 -7.58 0.56
CA PHE C 234 -45.85 -7.09 1.93
C PHE C 234 -46.77 -7.87 2.87
N SER C 235 -47.99 -8.12 2.41
CA SER C 235 -48.94 -8.90 3.20
C SER C 235 -48.55 -10.38 3.24
N TYR C 236 -47.99 -10.89 2.13
CA TYR C 236 -47.58 -12.28 2.02
C TYR C 236 -46.46 -12.62 3.00
N GLN C 237 -45.59 -11.64 3.28
CA GLN C 237 -44.47 -11.86 4.20
C GLN C 237 -44.92 -12.20 5.62
N PHE C 238 -46.13 -11.75 6.01
CA PHE C 238 -46.64 -12.09 7.32
C PHE C 238 -47.03 -13.57 7.42
N LEU C 239 -47.46 -14.18 6.32
CA LEU C 239 -47.85 -15.58 6.32
C LEU C 239 -46.69 -16.50 5.99
N ASN C 240 -45.93 -16.20 4.94
CA ASN C 240 -44.94 -17.12 4.41
C ASN C 240 -43.61 -16.45 4.14
N GLY C 241 -43.32 -15.35 4.81
CA GLY C 241 -42.04 -14.67 4.69
C GLY C 241 -41.00 -15.20 5.65
N ALA C 242 -40.06 -14.32 5.99
CA ALA C 242 -39.03 -14.67 6.97
C ALA C 242 -39.60 -14.83 8.37
N ASN C 243 -40.65 -14.06 8.70
CA ASN C 243 -41.23 -14.06 10.05
C ASN C 243 -42.71 -14.39 9.96
N PRO C 244 -43.06 -15.67 9.95
CA PRO C 244 -44.48 -16.06 9.98
C PRO C 244 -45.07 -16.23 11.37
N MET C 245 -44.37 -15.76 12.41
CA MET C 245 -44.68 -16.08 13.80
C MET C 245 -45.52 -15.03 14.50
N LEU C 246 -45.77 -13.88 13.86
CA LEU C 246 -46.38 -12.75 14.54
C LEU C 246 -47.82 -12.49 14.18
N LEU C 247 -48.18 -12.66 12.90
CA LEU C 247 -49.52 -12.38 12.42
C LEU C 247 -50.55 -13.29 13.10
N ARG C 248 -51.64 -12.69 13.57
CA ARG C 248 -52.70 -13.41 14.24
C ARG C 248 -54.05 -12.88 13.79
N ARG C 249 -55.04 -13.77 13.79
CA ARG C 249 -56.40 -13.38 13.44
C ARG C 249 -56.98 -12.49 14.54
N SER C 250 -57.67 -11.44 14.13
CA SER C 250 -58.25 -10.49 15.07
C SER C 250 -59.59 -11.01 15.53
N THR C 251 -59.70 -11.34 16.82
CA THR C 251 -61.00 -11.62 17.42
C THR C 251 -61.75 -10.34 17.78
N SER C 252 -61.05 -9.22 17.85
CA SER C 252 -61.65 -7.91 18.11
C SER C 252 -60.71 -6.86 17.57
N LEU C 253 -61.24 -5.65 17.39
CA LEU C 253 -60.40 -4.51 17.02
C LEU C 253 -59.43 -4.20 18.16
N PRO C 254 -58.15 -4.00 17.87
CA PRO C 254 -57.18 -3.68 18.92
C PRO C 254 -57.48 -2.34 19.58
N SER C 255 -57.18 -2.27 20.88
CA SER C 255 -57.39 -1.04 21.65
C SER C 255 -56.50 0.09 21.15
N ARG C 256 -55.26 -0.23 20.78
CA ARG C 256 -54.33 0.76 20.26
C ARG C 256 -54.76 1.33 18.92
N LEU C 257 -55.59 0.62 18.16
CA LEU C 257 -56.08 1.10 16.87
C LEU C 257 -57.13 2.19 17.13
N VAL C 258 -56.64 3.41 17.33
CA VAL C 258 -57.48 4.57 17.55
C VAL C 258 -57.69 5.27 16.22
N LEU C 259 -58.93 5.32 15.77
CA LEU C 259 -59.25 5.96 14.50
C LEU C 259 -59.66 7.41 14.72
N PRO C 260 -59.03 8.37 14.03
CA PRO C 260 -59.51 9.76 14.07
C PRO C 260 -60.82 9.96 13.34
N SER C 261 -61.36 11.17 13.41
CA SER C 261 -62.56 11.52 12.65
C SER C 261 -62.28 11.47 11.16
N GLY C 262 -63.32 11.14 10.38
CA GLY C 262 -63.20 10.99 8.96
C GLY C 262 -62.76 9.61 8.50
N MET C 263 -62.45 8.70 9.43
CA MET C 263 -62.09 7.33 9.13
C MET C 263 -63.26 6.38 9.29
N GLU C 264 -64.49 6.86 9.05
CA GLU C 264 -65.68 6.03 9.18
C GLU C 264 -65.72 4.91 8.15
N GLU C 265 -65.22 5.17 6.94
CA GLU C 265 -65.14 4.12 5.92
C GLU C 265 -64.17 3.03 6.33
N LEU C 266 -63.01 3.41 6.87
CA LEU C 266 -62.04 2.43 7.36
C LEU C 266 -62.59 1.67 8.56
N GLN C 267 -63.34 2.35 9.43
CA GLN C 267 -63.99 1.67 10.56
C GLN C 267 -65.02 0.65 10.08
N ALA C 268 -65.81 1.01 9.06
CA ALA C 268 -66.78 0.08 8.50
C ALA C 268 -66.11 -1.12 7.85
N GLN C 269 -65.01 -0.89 7.13
CA GLN C 269 -64.28 -1.98 6.52
C GLN C 269 -63.65 -2.90 7.56
N LEU C 270 -63.08 -2.33 8.63
CA LEU C 270 -62.51 -3.11 9.72
C LEU C 270 -63.56 -3.94 10.44
N GLU C 271 -64.74 -3.35 10.68
CA GLU C 271 -65.83 -4.09 11.30
C GLU C 271 -66.35 -5.20 10.40
N LYS C 272 -66.43 -4.94 9.09
CA LYS C 272 -66.86 -5.96 8.14
C LYS C 272 -65.88 -7.13 8.07
N GLU C 273 -64.57 -6.83 8.04
CA GLU C 273 -63.56 -7.89 8.07
C GLU C 273 -63.58 -8.64 9.41
N LEU C 274 -63.85 -7.93 10.51
CA LEU C 274 -63.92 -8.56 11.82
C LEU C 274 -65.09 -9.53 11.92
N GLN C 275 -66.29 -9.11 11.51
CA GLN C 275 -67.44 -10.02 11.53
C GLN C 275 -67.31 -11.12 10.49
N ASN C 276 -66.61 -10.86 9.38
CA ASN C 276 -66.39 -11.89 8.38
C ASN C 276 -65.34 -12.92 8.83
N GLY C 277 -64.58 -12.63 9.87
CA GLY C 277 -63.51 -13.50 10.31
C GLY C 277 -62.27 -13.46 9.45
N SER C 278 -62.16 -12.51 8.53
CA SER C 278 -61.03 -12.38 7.65
C SER C 278 -60.10 -11.23 8.06
N LEU C 279 -60.27 -10.73 9.28
CA LEU C 279 -59.44 -9.64 9.78
C LEU C 279 -58.25 -10.22 10.54
N PHE C 280 -57.06 -9.79 10.17
CA PHE C 280 -55.82 -10.27 10.78
C PHE C 280 -55.03 -9.06 11.25
N GLU C 281 -54.14 -9.29 12.20
CA GLU C 281 -53.32 -8.20 12.72
C GLU C 281 -51.90 -8.68 12.94
N ALA C 282 -50.97 -7.75 12.77
CA ALA C 282 -49.59 -7.94 13.21
C ALA C 282 -49.28 -6.75 14.09
N ASP C 283 -49.27 -7.00 15.41
CA ASP C 283 -49.03 -5.98 16.42
C ASP C 283 -47.58 -6.09 16.88
N PHE C 284 -46.82 -5.03 16.65
CA PHE C 284 -45.42 -4.97 17.05
C PHE C 284 -45.26 -4.21 18.35
N ILE C 285 -46.25 -4.32 19.24
CA ILE C 285 -46.32 -3.55 20.49
C ILE C 285 -45.20 -3.92 21.46
N LEU C 286 -44.54 -5.05 21.25
CA LEU C 286 -43.42 -5.45 22.10
C LEU C 286 -42.22 -4.50 21.96
N LEU C 287 -42.15 -3.76 20.85
CA LEU C 287 -41.11 -2.78 20.59
C LEU C 287 -41.39 -1.42 21.21
N ASP C 288 -42.56 -1.21 21.83
CA ASP C 288 -42.89 0.09 22.38
C ASP C 288 -42.04 0.39 23.61
N GLY C 289 -41.41 1.57 23.61
CA GLY C 289 -40.55 1.95 24.69
C GLY C 289 -39.17 1.33 24.67
N ILE C 290 -38.81 0.66 23.58
CA ILE C 290 -37.47 0.08 23.43
C ILE C 290 -36.53 1.17 22.94
N PRO C 291 -35.46 1.48 23.69
CA PRO C 291 -34.49 2.48 23.21
C PRO C 291 -33.79 2.03 21.95
N ALA C 292 -33.66 2.97 21.01
CA ALA C 292 -33.06 2.66 19.72
C ALA C 292 -31.55 2.87 19.77
N ASN C 293 -30.87 2.25 18.82
CA ASN C 293 -29.42 2.29 18.74
C ASN C 293 -28.94 3.68 18.35
N VAL C 294 -27.68 3.96 18.68
CA VAL C 294 -26.95 5.11 18.14
C VAL C 294 -25.73 4.54 17.43
N ILE C 295 -25.73 4.59 16.11
CA ILE C 295 -24.69 3.98 15.29
C ILE C 295 -23.84 5.09 14.71
N ARG C 296 -22.57 5.13 15.13
CA ARG C 296 -21.55 6.08 14.65
C ARG C 296 -22.00 7.52 14.85
N GLY C 297 -22.59 7.81 16.00
CA GLY C 297 -23.13 9.12 16.31
C GLY C 297 -24.47 9.44 15.69
N GLU C 298 -24.99 8.59 14.81
CA GLU C 298 -26.29 8.78 14.19
C GLU C 298 -27.35 8.01 14.96
N LYS C 299 -28.40 8.72 15.37
CA LYS C 299 -29.48 8.09 16.13
C LYS C 299 -30.34 7.24 15.21
N GLN C 300 -30.52 5.97 15.57
CA GLN C 300 -31.52 5.16 14.92
C GLN C 300 -32.87 5.40 15.59
N TYR C 301 -33.93 4.91 14.94
CA TYR C 301 -35.28 5.10 15.46
C TYR C 301 -36.07 3.81 15.38
N LEU C 302 -36.96 3.63 16.33
CA LEU C 302 -37.79 2.44 16.44
C LEU C 302 -39.25 2.83 16.57
N ALA C 303 -40.13 1.93 16.12
CA ALA C 303 -41.56 2.11 16.27
C ALA C 303 -42.18 0.79 16.70
N ALA C 304 -43.40 0.88 17.25
CA ALA C 304 -44.24 -0.28 17.55
C ALA C 304 -45.52 -0.26 16.73
N PRO C 305 -45.46 -0.60 15.44
CA PRO C 305 -46.66 -0.49 14.60
C PRO C 305 -47.70 -1.56 14.87
N LEU C 306 -48.88 -1.30 14.36
CA LEU C 306 -49.93 -2.29 14.18
C LEU C 306 -50.36 -2.23 12.72
N VAL C 307 -50.33 -3.37 12.04
CA VAL C 307 -50.84 -3.43 10.68
C VAL C 307 -52.03 -4.39 10.65
N MET C 308 -53.13 -3.93 10.07
CA MET C 308 -54.34 -4.71 9.94
C MET C 308 -54.47 -5.23 8.51
N LEU C 309 -54.63 -6.53 8.38
CA LEU C 309 -54.71 -7.22 7.11
C LEU C 309 -56.12 -7.74 6.90
N LYS C 310 -56.52 -7.87 5.65
CA LYS C 310 -57.78 -8.53 5.30
C LYS C 310 -57.49 -9.70 4.38
N MET C 311 -58.17 -10.82 4.63
CA MET C 311 -58.05 -12.01 3.78
C MET C 311 -59.16 -11.97 2.75
N GLU C 312 -58.80 -11.71 1.50
CA GLU C 312 -59.74 -11.77 0.40
C GLU C 312 -60.09 -13.22 0.10
N PRO C 313 -61.23 -13.47 -0.58
CA PRO C 313 -61.60 -14.83 -0.99
C PRO C 313 -60.55 -15.58 -1.81
N ASN C 314 -59.71 -14.90 -2.59
CA ASN C 314 -58.66 -15.61 -3.33
C ASN C 314 -57.49 -16.13 -2.43
N GLY C 315 -57.53 -16.01 -1.10
CA GLY C 315 -56.48 -16.51 -0.25
C GLY C 315 -55.29 -15.60 -0.10
N LYS C 316 -55.38 -14.35 -0.56
CA LYS C 316 -54.29 -13.39 -0.47
C LYS C 316 -54.64 -12.34 0.58
N LEU C 317 -53.71 -12.09 1.48
CA LEU C 317 -53.87 -11.00 2.43
C LEU C 317 -53.69 -9.64 1.75
N GLN C 318 -54.43 -8.65 2.23
CA GLN C 318 -54.33 -7.28 1.75
C GLN C 318 -54.28 -6.32 2.93
N PRO C 319 -53.39 -5.32 2.89
CA PRO C 319 -53.25 -4.41 4.04
C PRO C 319 -54.37 -3.38 4.06
N MET C 320 -54.95 -3.19 5.25
CA MET C 320 -56.00 -2.21 5.44
C MET C 320 -55.48 -0.89 6.00
N VAL C 321 -54.70 -0.96 7.08
CA VAL C 321 -54.23 0.25 7.75
C VAL C 321 -52.93 -0.08 8.49
N ILE C 322 -52.02 0.89 8.53
CA ILE C 322 -50.77 0.82 9.28
C ILE C 322 -50.78 1.98 10.27
N GLN C 323 -50.65 1.66 11.56
CA GLN C 323 -50.38 2.65 12.61
C GLN C 323 -48.94 2.45 13.05
N ILE C 324 -48.05 3.38 12.67
CA ILE C 324 -46.62 3.18 12.90
C ILE C 324 -46.30 3.30 14.39
N GLN C 325 -46.94 4.23 15.09
CA GLN C 325 -46.63 4.38 16.51
C GLN C 325 -47.86 4.10 17.34
N PRO C 326 -47.71 3.45 18.49
CA PRO C 326 -48.85 3.27 19.41
C PRO C 326 -49.27 4.59 20.01
N PRO C 327 -50.53 4.71 20.43
CA PRO C 327 -50.98 5.95 21.09
C PRO C 327 -50.22 6.22 22.38
N SER C 328 -49.99 7.50 22.65
CA SER C 328 -49.27 8.00 23.80
C SER C 328 -50.05 9.19 24.35
N PRO C 329 -49.78 9.59 25.59
CA PRO C 329 -50.35 10.88 26.07
C PRO C 329 -49.97 12.07 25.19
N SER C 330 -48.74 12.08 24.66
CA SER C 330 -48.33 13.16 23.77
C SER C 330 -49.06 13.10 22.44
N SER C 331 -49.28 11.90 21.90
CA SER C 331 -49.93 11.71 20.60
C SER C 331 -51.08 10.73 20.78
N PRO C 332 -52.26 11.21 21.22
CA PRO C 332 -53.40 10.31 21.44
C PRO C 332 -53.92 9.63 20.19
N THR C 333 -53.84 10.27 19.03
CA THR C 333 -54.34 9.73 17.77
C THR C 333 -53.22 9.69 16.73
N PRO C 334 -52.51 8.57 16.64
CA PRO C 334 -51.45 8.43 15.64
C PRO C 334 -52.00 8.39 14.22
N THR C 335 -51.17 8.84 13.28
CA THR C 335 -51.54 8.85 11.86
C THR C 335 -51.77 7.43 11.36
N LEU C 336 -52.89 7.23 10.68
CA LEU C 336 -53.27 5.92 10.15
C LEU C 336 -52.98 5.88 8.66
N PHE C 337 -51.93 5.15 8.29
CA PHE C 337 -51.51 5.05 6.90
C PHE C 337 -52.32 3.97 6.19
N LEU C 338 -52.81 4.31 5.00
CA LEU C 338 -53.69 3.47 4.19
C LEU C 338 -53.07 3.26 2.82
N PRO C 339 -53.43 2.17 2.13
CA PRO C 339 -52.91 1.97 0.75
C PRO C 339 -53.39 3.03 -0.24
N SER C 340 -54.44 3.78 0.07
CA SER C 340 -54.95 4.85 -0.79
C SER C 340 -54.25 6.18 -0.56
N ASP C 341 -53.25 6.22 0.32
CA ASP C 341 -52.50 7.43 0.65
C ASP C 341 -51.59 7.83 -0.52
N PRO C 342 -50.91 8.98 -0.41
CA PRO C 342 -49.74 9.23 -1.26
C PRO C 342 -48.73 8.09 -1.17
N PRO C 343 -48.26 7.59 -2.32
CA PRO C 343 -47.50 6.32 -2.36
C PRO C 343 -46.23 6.30 -1.53
N LEU C 344 -45.50 7.43 -1.45
CA LEU C 344 -44.26 7.46 -0.67
C LEU C 344 -44.52 7.28 0.81
N ALA C 345 -45.58 7.90 1.34
CA ALA C 345 -45.93 7.75 2.75
C ALA C 345 -46.35 6.32 3.07
N TRP C 346 -47.16 5.71 2.21
CA TRP C 346 -47.57 4.32 2.40
C TRP C 346 -46.39 3.37 2.29
N LEU C 347 -45.48 3.64 1.34
CA LEU C 347 -44.27 2.83 1.20
C LEU C 347 -43.38 2.94 2.42
N LEU C 348 -43.25 4.14 2.98
CA LEU C 348 -42.48 4.33 4.21
C LEU C 348 -43.13 3.65 5.39
N ALA C 349 -44.47 3.67 5.47
CA ALA C 349 -45.18 2.96 6.53
C ALA C 349 -44.98 1.46 6.42
N LYS C 350 -45.02 0.91 5.20
CA LYS C 350 -44.75 -0.50 4.98
C LYS C 350 -43.31 -0.84 5.33
N SER C 351 -42.36 0.05 5.01
CA SER C 351 -40.97 -0.17 5.36
C SER C 351 -40.75 -0.14 6.87
N TRP C 352 -41.47 0.73 7.57
CA TRP C 352 -41.43 0.76 9.03
C TRP C 352 -41.99 -0.53 9.63
N VAL C 353 -43.11 -1.01 9.10
CA VAL C 353 -43.70 -2.27 9.56
C VAL C 353 -42.76 -3.45 9.32
N ARG C 354 -42.13 -3.48 8.15
CA ARG C 354 -41.19 -4.56 7.85
C ARG C 354 -39.90 -4.45 8.66
N ASN C 355 -39.44 -3.23 8.96
CA ASN C 355 -38.31 -3.04 9.86
C ASN C 355 -38.63 -3.55 11.26
N SER C 356 -39.85 -3.27 11.73
CA SER C 356 -40.30 -3.79 13.02
C SER C 356 -40.41 -5.30 13.01
N ASP C 357 -40.86 -5.85 11.88
CA ASP C 357 -40.88 -7.31 11.69
C ASP C 357 -39.47 -7.89 11.72
N PHE C 358 -38.50 -7.16 11.17
CA PHE C 358 -37.10 -7.56 11.25
C PHE C 358 -36.63 -7.60 12.70
N GLN C 359 -36.96 -6.57 13.49
CA GLN C 359 -36.58 -6.52 14.90
C GLN C 359 -37.18 -7.69 15.68
N LEU C 360 -38.50 -7.86 15.59
CA LEU C 360 -39.18 -8.93 16.32
C LEU C 360 -38.82 -10.31 15.80
N HIS C 361 -38.55 -10.43 14.49
CA HIS C 361 -38.13 -11.70 13.91
C HIS C 361 -36.79 -12.12 14.46
N GLU C 362 -35.79 -11.24 14.37
CA GLU C 362 -34.44 -11.62 14.76
C GLU C 362 -34.29 -11.77 16.27
N ILE C 363 -34.90 -10.87 17.05
CA ILE C 363 -34.67 -10.93 18.49
C ILE C 363 -35.59 -11.94 19.15
N GLN C 364 -36.90 -11.82 18.94
CA GLN C 364 -37.84 -12.68 19.65
C GLN C 364 -37.92 -14.07 19.03
N TYR C 365 -38.16 -14.14 17.72
CA TYR C 365 -38.52 -15.40 17.11
C TYR C 365 -37.32 -16.19 16.59
N HIS C 366 -36.18 -15.53 16.35
CA HIS C 366 -34.97 -16.22 15.94
C HIS C 366 -34.02 -16.45 17.12
N LEU C 367 -33.53 -15.35 17.71
CA LEU C 367 -32.57 -15.47 18.81
C LEU C 367 -33.18 -16.13 20.05
N LEU C 368 -34.36 -15.67 20.46
CA LEU C 368 -34.90 -16.15 21.72
C LEU C 368 -35.66 -17.47 21.57
N ASN C 369 -36.69 -17.47 20.71
CA ASN C 369 -37.61 -18.61 20.62
C ASN C 369 -36.93 -19.86 20.07
N THR C 370 -35.96 -19.71 19.18
CA THR C 370 -35.27 -20.85 18.61
C THR C 370 -33.89 -21.05 19.19
N HIS C 371 -32.99 -20.06 19.11
CA HIS C 371 -31.60 -20.27 19.50
C HIS C 371 -31.43 -20.44 21.01
N LEU C 372 -31.97 -19.51 21.80
CA LEU C 372 -31.80 -19.57 23.25
C LEU C 372 -32.57 -20.73 23.87
N VAL C 373 -33.76 -21.03 23.35
CA VAL C 373 -34.53 -22.16 23.85
C VAL C 373 -33.81 -23.48 23.55
N ALA C 374 -33.26 -23.62 22.34
CA ALA C 374 -32.47 -24.80 22.00
C ALA C 374 -31.19 -24.88 22.83
N GLU C 375 -30.64 -23.73 23.23
CA GLU C 375 -29.43 -23.77 24.06
C GLU C 375 -29.77 -24.18 25.48
N VAL C 376 -30.93 -23.76 25.99
CA VAL C 376 -31.42 -24.22 27.29
C VAL C 376 -31.67 -25.71 27.27
N ILE C 377 -32.31 -26.20 26.20
CA ILE C 377 -32.54 -27.64 26.00
C ILE C 377 -31.22 -28.40 25.93
N ALA C 378 -30.23 -27.84 25.22
CA ALA C 378 -28.93 -28.47 25.06
C ALA C 378 -28.21 -28.59 26.40
N VAL C 379 -28.15 -27.50 27.16
CA VAL C 379 -27.43 -27.51 28.43
C VAL C 379 -28.12 -28.43 29.44
N ALA C 380 -29.46 -28.36 29.53
CA ALA C 380 -30.18 -29.23 30.44
C ALA C 380 -30.07 -30.70 30.05
N THR C 381 -30.09 -30.99 28.74
CA THR C 381 -29.91 -32.35 28.25
C THR C 381 -28.52 -32.89 28.62
N MET C 382 -27.49 -32.06 28.48
CA MET C 382 -26.16 -32.51 28.87
C MET C 382 -26.02 -32.65 30.39
N ARG C 383 -26.68 -31.77 31.16
CA ARG C 383 -26.50 -31.80 32.62
C ARG C 383 -27.25 -32.95 33.28
N CYS C 384 -28.48 -33.23 32.85
CA CYS C 384 -29.32 -34.13 33.62
C CYS C 384 -29.58 -35.47 32.95
N LEU C 385 -29.35 -35.59 31.65
CA LEU C 385 -29.63 -36.83 30.94
C LEU C 385 -28.32 -37.54 30.62
N PRO C 386 -28.05 -38.68 31.24
CA PRO C 386 -26.81 -39.42 30.95
C PRO C 386 -26.82 -40.06 29.58
N GLY C 387 -25.63 -40.46 29.14
CA GLY C 387 -25.48 -41.13 27.85
C GLY C 387 -26.31 -42.39 27.69
N LEU C 388 -26.56 -43.11 28.78
CA LEU C 388 -27.44 -44.28 28.75
C LEU C 388 -28.91 -43.92 28.51
N HIS C 389 -29.32 -42.71 28.85
CA HIS C 389 -30.74 -42.35 28.84
C HIS C 389 -31.29 -42.29 27.42
N PRO C 390 -32.46 -42.88 27.16
CA PRO C 390 -33.05 -42.80 25.81
C PRO C 390 -33.40 -41.39 25.36
N ILE C 391 -33.81 -40.51 26.28
CA ILE C 391 -34.19 -39.16 25.89
C ILE C 391 -32.94 -38.37 25.51
N PHE C 392 -31.81 -38.65 26.16
CA PHE C 392 -30.54 -38.04 25.75
C PHE C 392 -30.14 -38.48 24.36
N LYS C 393 -30.21 -39.78 24.09
CA LYS C 393 -29.84 -40.30 22.78
C LYS C 393 -30.78 -39.78 21.70
N PHE C 394 -32.04 -39.55 22.08
CA PHE C 394 -33.01 -38.94 21.18
C PHE C 394 -32.67 -37.48 20.88
N LEU C 395 -32.24 -36.74 21.89
CA LEU C 395 -32.07 -35.30 21.77
C LEU C 395 -30.70 -34.86 21.29
N ILE C 396 -29.65 -35.66 21.55
CA ILE C 396 -28.28 -35.26 21.20
C ILE C 396 -28.03 -34.89 19.73
N PRO C 397 -28.65 -35.54 18.71
CA PRO C 397 -28.44 -34.99 17.35
C PRO C 397 -29.11 -33.63 17.14
N HIS C 398 -30.13 -33.31 17.93
CA HIS C 398 -30.87 -32.07 17.75
C HIS C 398 -30.34 -30.94 18.59
N ILE C 399 -29.26 -31.16 19.34
CA ILE C 399 -28.60 -30.08 20.08
C ILE C 399 -27.17 -29.89 19.61
N ARG C 400 -26.82 -30.45 18.46
CA ARG C 400 -25.49 -30.32 17.89
C ARG C 400 -25.22 -28.88 17.46
N TYR C 401 -24.08 -28.35 17.91
CA TYR C 401 -23.50 -27.04 17.58
C TYR C 401 -24.28 -25.87 18.16
N THR C 402 -25.33 -26.12 18.95
CA THR C 402 -26.19 -25.05 19.48
C THR C 402 -25.44 -24.18 20.47
N MET C 403 -24.66 -24.79 21.36
CA MET C 403 -23.92 -24.04 22.37
C MET C 403 -22.88 -23.14 21.74
N GLU C 404 -22.15 -23.63 20.73
CA GLU C 404 -21.12 -22.80 20.12
C GLU C 404 -21.73 -21.69 19.27
N ILE C 405 -22.82 -21.96 18.54
CA ILE C 405 -23.42 -20.91 17.73
C ILE C 405 -24.01 -19.81 18.62
N ASN C 406 -24.58 -20.19 19.77
CA ASN C 406 -25.03 -19.17 20.72
C ASN C 406 -23.88 -18.45 21.41
N THR C 407 -22.77 -19.14 21.66
CA THR C 407 -21.60 -18.49 22.25
C THR C 407 -20.97 -17.51 21.28
N ARG C 408 -20.85 -17.89 20.01
CA ARG C 408 -20.33 -17.00 18.97
C ARG C 408 -21.25 -15.81 18.75
N ALA C 409 -22.57 -16.03 18.86
CA ALA C 409 -23.51 -14.91 18.80
C ALA C 409 -23.30 -13.95 19.97
N ARG C 410 -23.15 -14.50 21.18
CA ARG C 410 -22.99 -13.69 22.37
C ARG C 410 -21.65 -12.96 22.41
N THR C 411 -20.60 -13.55 21.85
CA THR C 411 -19.29 -12.89 21.86
C THR C 411 -19.12 -11.92 20.70
N GLN C 412 -19.70 -12.21 19.54
CA GLN C 412 -19.39 -11.45 18.33
C GLN C 412 -20.57 -10.63 17.84
N LEU C 413 -21.75 -11.23 17.78
CA LEU C 413 -22.88 -10.56 17.16
C LEU C 413 -23.63 -9.64 18.12
N ILE C 414 -24.11 -10.18 19.24
CA ILE C 414 -25.05 -9.47 20.09
C ILE C 414 -24.39 -8.99 21.37
N SER C 415 -23.05 -8.95 21.41
CA SER C 415 -22.32 -8.39 22.53
C SER C 415 -22.47 -6.87 22.54
N ASP C 416 -21.97 -6.27 23.62
CA ASP C 416 -21.91 -4.82 23.73
C ASP C 416 -20.82 -4.31 22.79
N GLY C 417 -21.23 -3.65 21.71
CA GLY C 417 -20.31 -3.27 20.65
C GLY C 417 -20.22 -4.28 19.54
N GLY C 418 -21.02 -5.34 19.58
CA GLY C 418 -21.04 -6.37 18.56
C GLY C 418 -21.62 -5.89 17.25
N ILE C 419 -21.76 -6.85 16.33
CA ILE C 419 -22.25 -6.55 14.99
C ILE C 419 -23.72 -6.12 15.00
N PHE C 420 -24.47 -6.52 16.02
CA PHE C 420 -25.87 -6.13 16.15
C PHE C 420 -25.97 -4.67 16.54
N ASP C 421 -24.94 -4.14 17.21
CA ASP C 421 -24.89 -2.72 17.51
C ASP C 421 -24.34 -1.90 16.36
N LYS C 422 -23.96 -2.53 15.26
CA LYS C 422 -23.39 -1.80 14.14
C LYS C 422 -24.39 -1.57 13.01
N ALA C 423 -25.48 -2.34 12.94
CA ALA C 423 -26.42 -2.18 11.84
C ALA C 423 -27.86 -2.08 12.29
N VAL C 424 -28.21 -2.70 13.42
CA VAL C 424 -29.60 -2.93 13.78
C VAL C 424 -30.06 -1.85 14.75
N SER C 425 -31.30 -1.38 14.58
CA SER C 425 -31.86 -0.31 15.41
C SER C 425 -32.10 -0.73 16.85
N THR C 426 -32.42 -2.00 17.10
CA THR C 426 -32.64 -2.45 18.48
C THR C 426 -31.34 -2.63 19.26
N GLY C 427 -30.20 -2.67 18.59
CA GLY C 427 -28.91 -2.81 19.25
C GLY C 427 -28.51 -1.72 20.23
N GLY C 428 -27.37 -1.92 20.90
CA GLY C 428 -26.91 -0.95 21.86
C GLY C 428 -27.51 -1.07 23.24
N GLY C 429 -28.22 -2.17 23.53
CA GLY C 429 -28.85 -2.39 24.83
C GLY C 429 -30.34 -2.58 24.76
N GLY C 430 -31.00 -1.91 23.82
CA GLY C 430 -32.44 -2.08 23.65
C GLY C 430 -32.86 -3.47 23.25
N HIS C 431 -31.99 -4.19 22.52
CA HIS C 431 -32.30 -5.56 22.13
C HIS C 431 -32.31 -6.50 23.33
N VAL C 432 -31.52 -6.20 24.37
CA VAL C 432 -31.54 -7.02 25.58
C VAL C 432 -32.85 -6.83 26.33
N GLN C 433 -33.34 -5.59 26.40
CA GLN C 433 -34.65 -5.32 27.00
C GLN C 433 -35.77 -5.95 26.18
N LEU C 434 -35.65 -5.92 24.85
CA LEU C 434 -36.63 -6.58 23.98
C LEU C 434 -36.59 -8.09 24.17
N LEU C 435 -35.40 -8.65 24.38
CA LEU C 435 -35.26 -10.06 24.70
C LEU C 435 -35.92 -10.41 26.02
N ARG C 436 -35.79 -9.54 27.02
CA ARG C 436 -36.45 -9.75 28.30
C ARG C 436 -37.97 -9.72 28.17
N ARG C 437 -38.48 -8.75 27.40
CA ARG C 437 -39.91 -8.62 27.17
C ARG C 437 -40.45 -9.82 26.41
N ALA C 438 -39.71 -10.29 25.41
CA ALA C 438 -40.13 -11.48 24.65
C ALA C 438 -40.00 -12.73 25.49
N ALA C 439 -39.03 -12.77 26.42
CA ALA C 439 -38.91 -13.89 27.35
C ALA C 439 -40.11 -13.97 28.27
N ALA C 440 -40.63 -12.81 28.69
CA ALA C 440 -41.89 -12.81 29.43
C ALA C 440 -43.06 -13.29 28.57
N GLN C 441 -43.00 -13.04 27.27
CA GLN C 441 -43.98 -13.55 26.31
C GLN C 441 -43.63 -14.93 25.77
N LEU C 442 -42.47 -15.50 26.13
CA LEU C 442 -42.05 -16.81 25.63
C LEU C 442 -42.81 -17.88 26.42
N THR C 443 -43.94 -18.28 25.88
CA THR C 443 -44.76 -19.31 26.51
C THR C 443 -44.53 -20.66 25.85
N TYR C 444 -44.91 -21.71 26.58
CA TYR C 444 -44.89 -23.07 26.02
C TYR C 444 -45.86 -23.19 24.86
N CYS C 445 -47.00 -22.49 24.95
CA CYS C 445 -48.00 -22.47 23.89
C CYS C 445 -47.45 -21.86 22.61
N SER C 446 -46.56 -20.88 22.73
CA SER C 446 -46.04 -20.18 21.55
C SER C 446 -45.05 -21.04 20.77
N LEU C 447 -44.45 -22.04 21.40
CA LEU C 447 -43.41 -22.83 20.76
C LEU C 447 -43.96 -24.10 20.14
N CYS C 448 -45.25 -24.35 20.28
CA CYS C 448 -45.90 -25.55 19.77
C CYS C 448 -46.88 -25.14 18.68
N PRO C 449 -46.55 -25.41 17.40
CA PRO C 449 -47.38 -24.98 16.25
C PRO C 449 -48.88 -25.23 16.39
N PRO C 450 -49.39 -26.43 16.81
CA PRO C 450 -50.87 -26.56 16.90
C PRO C 450 -51.49 -25.54 17.83
N ASP C 451 -50.86 -25.31 18.98
CA ASP C 451 -51.38 -24.38 19.96
C ASP C 451 -51.12 -22.93 19.55
N ASP C 452 -49.93 -22.66 18.99
CA ASP C 452 -49.60 -21.30 18.56
C ASP C 452 -50.49 -20.86 17.40
N LEU C 453 -50.80 -21.76 16.48
CA LEU C 453 -51.60 -21.41 15.31
C LEU C 453 -53.09 -21.41 15.66
N ALA C 454 -53.50 -22.21 16.63
CA ALA C 454 -54.89 -22.13 17.09
C ALA C 454 -55.10 -20.83 17.86
N ASP C 455 -54.12 -20.44 18.68
CA ASP C 455 -54.19 -19.17 19.41
C ASP C 455 -54.16 -17.98 18.47
N ARG C 456 -53.34 -18.05 17.43
CA ARG C 456 -53.28 -16.98 16.44
C ARG C 456 -54.34 -17.10 15.34
N GLY C 457 -55.16 -18.15 15.37
CA GLY C 457 -56.23 -18.28 14.40
C GLY C 457 -55.80 -18.55 12.97
N LEU C 458 -54.59 -19.07 12.77
CA LEU C 458 -54.08 -19.33 11.44
C LEU C 458 -54.36 -20.74 10.94
N LEU C 459 -55.10 -21.53 11.72
CA LEU C 459 -55.46 -22.88 11.31
C LEU C 459 -56.41 -22.85 10.12
N GLY C 460 -56.18 -23.74 9.16
CA GLY C 460 -57.05 -23.88 8.02
C GLY C 460 -56.94 -22.81 6.96
N LEU C 461 -55.94 -21.94 7.05
CA LEU C 461 -55.74 -20.91 6.03
C LEU C 461 -55.07 -21.52 4.80
N PRO C 462 -55.69 -21.45 3.62
CA PRO C 462 -55.07 -22.02 2.42
C PRO C 462 -53.74 -21.39 2.02
N GLY C 463 -53.58 -20.08 2.23
CA GLY C 463 -52.36 -19.42 1.84
C GLY C 463 -51.28 -19.40 2.89
N ALA C 464 -51.55 -19.91 4.09
CA ALA C 464 -50.56 -19.99 5.16
C ALA C 464 -49.74 -21.27 4.96
N LEU C 465 -48.77 -21.17 4.05
CA LEU C 465 -47.95 -22.32 3.69
C LEU C 465 -47.07 -22.76 4.84
N TYR C 466 -46.56 -21.79 5.63
CA TYR C 466 -45.81 -22.10 6.84
C TYR C 466 -46.67 -22.87 7.83
N ALA C 467 -47.93 -22.45 8.00
CA ALA C 467 -48.82 -23.11 8.96
C ALA C 467 -49.08 -24.56 8.59
N HIS C 468 -49.36 -24.82 7.31
CA HIS C 468 -49.59 -26.17 6.83
C HIS C 468 -48.34 -27.03 6.98
N ASP C 469 -47.19 -26.51 6.54
CA ASP C 469 -45.94 -27.25 6.65
C ASP C 469 -45.55 -27.49 8.11
N ALA C 470 -45.81 -26.52 8.98
CA ALA C 470 -45.48 -26.65 10.39
C ALA C 470 -46.37 -27.67 11.10
N LEU C 471 -47.66 -27.71 10.77
CA LEU C 471 -48.52 -28.74 11.35
C LEU C 471 -48.15 -30.13 10.86
N ARG C 472 -47.82 -30.27 9.56
CA ARG C 472 -47.35 -31.55 9.04
C ARG C 472 -46.04 -31.98 9.69
N LEU C 473 -45.10 -31.05 9.86
CA LEU C 473 -43.84 -31.34 10.53
C LEU C 473 -44.06 -31.69 11.99
N TRP C 474 -45.01 -31.02 12.65
CA TRP C 474 -45.31 -31.33 14.04
C TRP C 474 -45.89 -32.72 14.20
N GLU C 475 -46.83 -33.12 13.33
CA GLU C 475 -47.39 -34.47 13.46
C GLU C 475 -46.37 -35.54 13.11
N ILE C 476 -45.49 -35.29 12.12
CA ILE C 476 -44.45 -36.26 11.78
C ILE C 476 -43.42 -36.39 12.91
N ILE C 477 -42.96 -35.24 13.43
CA ILE C 477 -42.02 -35.23 14.55
C ILE C 477 -42.65 -35.83 15.80
N ALA C 478 -43.94 -35.57 16.01
CA ALA C 478 -44.67 -36.15 17.14
C ALA C 478 -44.79 -37.66 17.01
N ARG C 479 -44.97 -38.16 15.78
CA ARG C 479 -44.96 -39.60 15.55
C ARG C 479 -43.60 -40.20 15.90
N TYR C 480 -42.52 -39.52 15.52
CA TYR C 480 -41.17 -39.95 15.88
C TYR C 480 -40.96 -39.96 17.40
N VAL C 481 -41.41 -38.88 18.07
CA VAL C 481 -41.28 -38.74 19.51
C VAL C 481 -42.07 -39.83 20.23
N GLU C 482 -43.33 -40.03 19.84
CA GLU C 482 -44.16 -41.03 20.49
C GLU C 482 -43.64 -42.44 20.23
N GLY C 483 -43.07 -42.70 19.05
CA GLY C 483 -42.43 -43.98 18.81
C GLY C 483 -41.29 -44.26 19.77
N ILE C 484 -40.39 -43.27 19.94
CA ILE C 484 -39.25 -43.44 20.87
C ILE C 484 -39.73 -43.56 22.31
N VAL C 485 -40.64 -42.67 22.73
CA VAL C 485 -41.10 -42.65 24.12
C VAL C 485 -41.87 -43.91 24.46
N HIS C 486 -42.82 -44.32 23.60
CA HIS C 486 -43.56 -45.56 23.83
C HIS C 486 -42.67 -46.79 23.74
N LEU C 487 -41.56 -46.71 22.99
CA LEU C 487 -40.55 -47.76 23.06
C LEU C 487 -39.91 -47.84 24.44
N PHE C 488 -39.65 -46.69 25.07
CA PHE C 488 -38.94 -46.73 26.36
C PHE C 488 -39.77 -46.37 27.58
N TYR C 489 -40.94 -45.77 27.43
CA TYR C 489 -41.81 -45.42 28.56
C TYR C 489 -43.17 -46.08 28.31
N GLN C 490 -43.35 -47.29 28.83
CA GLN C 490 -44.58 -48.04 28.55
C GLN C 490 -45.78 -47.48 29.31
N ARG C 491 -45.56 -46.89 30.49
CA ARG C 491 -46.65 -46.44 31.34
C ARG C 491 -46.36 -45.02 31.83
N ASP C 492 -47.42 -44.40 32.38
CA ASP C 492 -47.31 -43.05 32.95
C ASP C 492 -46.42 -43.04 34.20
N ASP C 493 -46.56 -44.05 35.06
CA ASP C 493 -45.75 -44.13 36.27
C ASP C 493 -44.27 -44.38 35.97
N ILE C 494 -43.97 -44.96 34.81
CA ILE C 494 -42.58 -45.08 34.37
C ILE C 494 -42.01 -43.70 34.04
N VAL C 495 -42.84 -42.84 33.43
CA VAL C 495 -42.44 -41.47 33.15
C VAL C 495 -42.25 -40.70 34.46
N LYS C 496 -43.20 -40.85 35.39
CA LYS C 496 -43.10 -40.19 36.69
C LYS C 496 -41.93 -40.73 37.50
N GLY C 497 -41.67 -42.03 37.44
CA GLY C 497 -40.65 -42.68 38.24
C GLY C 497 -39.22 -42.52 37.76
N ASP C 498 -38.99 -41.79 36.66
CA ASP C 498 -37.68 -41.50 36.10
C ASP C 498 -37.11 -40.24 36.74
N PRO C 499 -36.18 -40.35 37.70
CA PRO C 499 -35.67 -39.13 38.36
C PRO C 499 -34.84 -38.24 37.45
N GLU C 500 -34.10 -38.83 36.51
CA GLU C 500 -33.27 -38.04 35.60
C GLU C 500 -34.12 -37.22 34.63
N LEU C 501 -35.22 -37.81 34.15
CA LEU C 501 -36.14 -37.09 33.27
C LEU C 501 -36.81 -35.93 33.99
N GLN C 502 -37.23 -36.14 35.24
CA GLN C 502 -37.81 -35.06 36.03
C GLN C 502 -36.80 -33.96 36.32
N ALA C 503 -35.54 -34.36 36.59
CA ALA C 503 -34.48 -33.38 36.79
C ALA C 503 -34.21 -32.57 35.52
N TRP C 504 -34.27 -33.23 34.36
CA TRP C 504 -34.13 -32.54 33.08
C TRP C 504 -35.28 -31.57 32.82
N CYS C 505 -36.50 -31.98 33.17
CA CYS C 505 -37.67 -31.11 33.04
C CYS C 505 -37.55 -29.88 33.94
N ARG C 506 -37.13 -30.08 35.19
CA ARG C 506 -36.88 -28.96 36.10
C ARG C 506 -35.74 -28.09 35.60
N GLU C 507 -34.70 -28.70 35.03
CA GLU C 507 -33.55 -27.94 34.53
C GLU C 507 -33.94 -27.03 33.37
N ILE C 508 -34.82 -27.50 32.49
CA ILE C 508 -35.34 -26.60 31.46
C ILE C 508 -36.25 -25.54 32.07
N THR C 509 -37.21 -25.96 32.90
CA THR C 509 -38.27 -25.03 33.32
C THR C 509 -37.84 -24.14 34.47
N GLU C 510 -37.48 -24.74 35.60
CA GLU C 510 -37.11 -23.96 36.78
C GLU C 510 -35.78 -23.24 36.58
N VAL C 511 -34.81 -23.88 35.93
CA VAL C 511 -33.45 -23.38 35.92
C VAL C 511 -33.14 -22.66 34.61
N GLY C 512 -33.20 -23.40 33.50
CA GLY C 512 -32.75 -22.86 32.22
C GLY C 512 -33.61 -21.72 31.70
N LEU C 513 -34.93 -21.88 31.76
CA LEU C 513 -35.85 -20.84 31.28
C LEU C 513 -36.26 -19.87 32.37
N CYS C 514 -35.68 -19.98 33.57
CA CYS C 514 -35.80 -19.01 34.66
C CYS C 514 -37.25 -18.86 35.16
N GLN C 515 -37.73 -19.96 35.74
CA GLN C 515 -39.04 -20.07 36.38
C GLN C 515 -40.17 -19.90 35.35
N ALA C 516 -40.16 -20.78 34.36
CA ALA C 516 -41.13 -20.78 33.27
C ALA C 516 -42.46 -21.47 33.63
N GLN C 517 -42.75 -21.65 34.92
CA GLN C 517 -44.01 -22.28 35.33
C GLN C 517 -45.22 -21.47 34.89
N ASP C 518 -45.21 -20.16 35.20
CA ASP C 518 -46.25 -19.22 34.78
C ASP C 518 -46.43 -19.16 33.27
N ARG C 519 -45.42 -19.51 32.48
CA ARG C 519 -45.50 -19.45 31.03
C ARG C 519 -45.83 -20.81 30.41
N GLY C 520 -46.47 -21.69 31.17
CA GLY C 520 -46.99 -22.94 30.67
C GLY C 520 -45.99 -24.06 30.51
N PHE C 521 -44.73 -23.84 30.83
CA PHE C 521 -43.78 -24.94 30.75
C PHE C 521 -43.94 -25.87 31.96
N PRO C 522 -43.84 -27.18 31.77
CA PRO C 522 -44.10 -28.10 32.87
C PRO C 522 -42.93 -28.22 33.83
N VAL C 523 -43.24 -28.35 35.11
CA VAL C 523 -42.19 -28.65 36.09
C VAL C 523 -41.91 -30.14 36.18
N SER C 524 -42.81 -30.97 35.64
CA SER C 524 -42.67 -32.41 35.74
C SER C 524 -43.48 -33.04 34.62
N PHE C 525 -43.23 -34.31 34.38
CA PHE C 525 -44.00 -35.10 33.42
C PHE C 525 -44.83 -36.12 34.19
N GLN C 526 -46.14 -36.04 34.04
CA GLN C 526 -47.06 -36.92 34.74
C GLN C 526 -47.61 -38.02 33.86
N SER C 527 -47.29 -38.00 32.56
CA SER C 527 -47.83 -38.96 31.61
C SER C 527 -46.88 -39.06 30.42
N GLN C 528 -47.08 -40.12 29.62
CA GLN C 528 -46.32 -40.26 28.38
C GLN C 528 -46.64 -39.15 27.39
N SER C 529 -47.91 -38.76 27.31
CA SER C 529 -48.34 -37.76 26.33
C SER C 529 -47.74 -36.38 26.60
N GLN C 530 -47.64 -35.99 27.87
CA GLN C 530 -47.04 -34.72 28.23
C GLN C 530 -45.56 -34.68 27.85
N LEU C 531 -44.83 -35.76 28.13
CA LEU C 531 -43.43 -35.88 27.73
C LEU C 531 -43.29 -35.88 26.22
N CYS C 532 -44.23 -36.54 25.52
CA CYS C 532 -44.22 -36.58 24.07
C CYS C 532 -44.43 -35.19 23.47
N HIS C 533 -45.36 -34.43 24.03
CA HIS C 533 -45.62 -33.07 23.55
C HIS C 533 -44.43 -32.16 23.81
N PHE C 534 -43.81 -32.29 24.99
CA PHE C 534 -42.65 -31.46 25.32
C PHE C 534 -41.45 -31.79 24.44
N LEU C 535 -41.20 -33.07 24.18
CA LEU C 535 -40.09 -33.45 23.31
C LEU C 535 -40.36 -33.08 21.86
N THR C 536 -41.62 -33.15 21.41
CA THR C 536 -41.98 -32.66 20.09
C THR C 536 -41.73 -31.17 19.98
N MET C 537 -42.04 -30.41 21.04
CA MET C 537 -41.70 -28.98 21.09
C MET C 537 -40.20 -28.77 20.98
N CYS C 538 -39.42 -29.57 21.72
CA CYS C 538 -37.96 -29.45 21.71
C CYS C 538 -37.39 -29.70 20.31
N VAL C 539 -37.82 -30.79 19.67
CA VAL C 539 -37.31 -31.14 18.34
C VAL C 539 -37.75 -30.11 17.30
N PHE C 540 -39.01 -29.65 17.36
CA PHE C 540 -39.48 -28.65 16.41
C PHE C 540 -38.73 -27.33 16.57
N THR C 541 -38.52 -26.88 17.81
CA THR C 541 -37.74 -25.67 18.07
C THR C 541 -36.31 -25.82 17.58
N CYS C 542 -35.69 -26.97 17.82
CA CYS C 542 -34.31 -27.17 17.42
C CYS C 542 -34.16 -27.37 15.92
N THR C 543 -35.17 -27.90 15.24
CA THR C 543 -35.03 -28.18 13.82
C THR C 543 -35.94 -27.33 12.94
N ALA C 544 -37.26 -27.45 13.11
CA ALA C 544 -38.19 -26.92 12.12
C ALA C 544 -38.52 -25.45 12.33
N GLN C 545 -38.73 -25.03 13.58
CA GLN C 545 -38.98 -23.62 13.87
C GLN C 545 -37.78 -22.75 13.49
N HIS C 546 -36.57 -23.23 13.79
CA HIS C 546 -35.36 -22.52 13.41
C HIS C 546 -35.18 -22.45 11.89
N ALA C 547 -35.49 -23.55 11.19
CA ALA C 547 -35.43 -23.55 9.73
C ALA C 547 -36.44 -22.58 9.13
N ALA C 548 -37.65 -22.51 9.69
CA ALA C 548 -38.65 -21.57 9.22
C ALA C 548 -38.24 -20.12 9.49
N ILE C 549 -37.64 -19.87 10.65
CA ILE C 549 -37.34 -18.50 11.06
C ILE C 549 -35.95 -18.06 10.62
N ASN C 550 -35.19 -18.95 9.97
CA ASN C 550 -33.79 -18.70 9.67
C ASN C 550 -33.46 -18.79 8.19
N GLN C 551 -34.07 -19.71 7.44
CA GLN C 551 -33.71 -19.88 6.03
C GLN C 551 -34.19 -18.73 5.15
N GLY C 552 -35.19 -17.99 5.59
CA GLY C 552 -35.75 -16.89 4.82
C GLY C 552 -35.05 -15.57 4.95
N GLN C 553 -33.93 -15.52 5.68
CA GLN C 553 -33.21 -14.27 5.91
C GLN C 553 -32.65 -13.69 4.61
N LEU C 554 -32.00 -14.51 3.78
CA LEU C 554 -31.47 -14.00 2.52
C LEU C 554 -32.58 -13.73 1.51
N ASP C 555 -33.60 -14.59 1.48
CA ASP C 555 -34.69 -14.45 0.51
C ASP C 555 -35.47 -13.15 0.71
N TRP C 556 -35.68 -12.76 1.96
CA TRP C 556 -36.53 -11.61 2.25
C TRP C 556 -35.75 -10.39 2.72
N TYR C 557 -34.46 -10.55 3.09
CA TYR C 557 -33.68 -9.49 3.69
C TYR C 557 -32.50 -9.00 2.85
N ALA C 558 -32.16 -9.69 1.76
CA ALA C 558 -31.11 -9.20 0.87
C ALA C 558 -31.53 -7.89 0.22
N TRP C 559 -32.78 -7.79 -0.20
CA TRP C 559 -33.32 -6.50 -0.59
C TRP C 559 -33.61 -5.73 0.68
N VAL C 560 -32.68 -4.84 1.04
CA VAL C 560 -32.79 -4.10 2.30
C VAL C 560 -34.04 -3.21 2.41
N PRO C 561 -34.50 -2.48 1.37
CA PRO C 561 -35.79 -1.77 1.51
C PRO C 561 -37.00 -2.66 1.81
N ASN C 562 -36.96 -3.93 1.43
CA ASN C 562 -38.04 -4.84 1.78
C ASN C 562 -38.12 -5.08 3.28
N ALA C 563 -37.00 -5.01 3.99
CA ALA C 563 -36.99 -5.20 5.44
C ALA C 563 -35.77 -4.52 6.06
N PRO C 564 -35.88 -3.21 6.35
CA PRO C 564 -34.73 -2.46 6.91
C PRO C 564 -34.28 -2.99 8.27
N CYS C 565 -32.96 -3.14 8.42
CA CYS C 565 -32.40 -3.51 9.71
C CYS C 565 -32.47 -2.37 10.70
N THR C 566 -32.54 -1.13 10.22
CA THR C 566 -32.63 0.04 11.08
C THR C 566 -33.37 1.13 10.33
N MET C 567 -33.78 2.15 11.08
CA MET C 567 -34.36 3.34 10.50
C MET C 567 -33.61 4.55 11.03
N ARG C 568 -33.16 5.42 10.13
CA ARG C 568 -32.31 6.55 10.51
C ARG C 568 -33.08 7.86 10.60
N MET C 569 -34.39 7.82 10.45
CA MET C 569 -35.24 8.99 10.60
C MET C 569 -36.42 8.66 11.51
N PRO C 570 -37.00 9.65 12.18
CA PRO C 570 -38.21 9.39 12.96
C PRO C 570 -39.35 8.96 12.07
N PRO C 571 -40.28 8.15 12.59
CA PRO C 571 -41.45 7.71 11.80
C PRO C 571 -42.31 8.88 11.37
N PRO C 572 -42.86 8.83 10.16
CA PRO C 572 -43.70 9.93 9.67
C PRO C 572 -44.98 10.08 10.48
N THR C 573 -45.37 11.34 10.70
CA THR C 573 -46.63 11.66 11.35
C THR C 573 -47.63 12.30 10.41
N THR C 574 -47.20 12.70 9.21
CA THR C 574 -48.06 13.23 8.16
C THR C 574 -47.76 12.51 6.87
N LYS C 575 -48.76 12.44 5.99
CA LYS C 575 -48.60 11.72 4.74
C LYS C 575 -48.08 12.58 3.61
N GLU C 576 -48.42 13.87 3.59
CA GLU C 576 -48.02 14.76 2.50
C GLU C 576 -46.56 15.17 2.58
N ASP C 577 -45.93 15.06 3.75
CA ASP C 577 -44.55 15.51 3.93
C ASP C 577 -43.53 14.44 3.62
N VAL C 578 -43.96 13.26 3.17
CA VAL C 578 -43.03 12.17 2.88
C VAL C 578 -42.61 12.25 1.43
N THR C 579 -41.31 12.40 1.19
CA THR C 579 -40.72 12.46 -0.13
C THR C 579 -39.78 11.27 -0.32
N MET C 580 -39.16 11.21 -1.51
CA MET C 580 -38.14 10.20 -1.76
C MET C 580 -36.92 10.41 -0.87
N ALA C 581 -36.62 11.68 -0.55
CA ALA C 581 -35.52 11.99 0.37
C ALA C 581 -35.83 11.48 1.77
N THR C 582 -37.09 11.62 2.22
CA THR C 582 -37.50 11.12 3.53
C THR C 582 -37.40 9.60 3.60
N VAL C 583 -37.86 8.90 2.55
CA VAL C 583 -37.74 7.45 2.48
C VAL C 583 -36.28 7.01 2.49
N MET C 584 -35.44 7.66 1.66
CA MET C 584 -34.04 7.26 1.55
C MET C 584 -33.26 7.55 2.83
N GLY C 585 -33.54 8.69 3.48
CA GLY C 585 -32.91 8.94 4.76
C GLY C 585 -33.45 8.08 5.87
N SER C 586 -34.69 7.61 5.73
CA SER C 586 -35.26 6.68 6.70
C SER C 586 -34.68 5.28 6.52
N LEU C 587 -34.41 4.89 5.28
CA LEU C 587 -33.82 3.59 4.99
C LEU C 587 -32.38 3.57 5.49
N PRO C 588 -31.83 2.37 5.77
CA PRO C 588 -30.43 2.29 6.21
C PRO C 588 -29.45 2.80 5.15
N ASP C 589 -28.33 3.33 5.63
CA ASP C 589 -27.24 3.67 4.73
C ASP C 589 -26.56 2.39 4.23
N VAL C 590 -25.65 2.57 3.27
CA VAL C 590 -25.03 1.47 2.55
C VAL C 590 -24.24 0.54 3.49
N ARG C 591 -23.64 1.10 4.55
CA ARG C 591 -22.88 0.28 5.50
C ARG C 591 -23.79 -0.65 6.29
N GLN C 592 -24.88 -0.11 6.85
CA GLN C 592 -25.83 -0.93 7.60
C GLN C 592 -26.56 -1.91 6.69
N ALA C 593 -26.90 -1.47 5.47
CA ALA C 593 -27.57 -2.34 4.51
C ALA C 593 -26.69 -3.50 4.08
N CYS C 594 -25.41 -3.23 3.84
CA CYS C 594 -24.46 -4.28 3.49
C CYS C 594 -24.24 -5.24 4.65
N LEU C 595 -24.21 -4.72 5.87
CA LEU C 595 -24.12 -5.58 7.05
C LEU C 595 -25.34 -6.47 7.19
N GLN C 596 -26.53 -5.92 6.95
CA GLN C 596 -27.77 -6.70 6.94
C GLN C 596 -27.71 -7.82 5.91
N MET C 597 -27.27 -7.49 4.70
CA MET C 597 -27.13 -8.48 3.62
C MET C 597 -26.16 -9.58 3.99
N ALA C 598 -25.00 -9.20 4.54
CA ALA C 598 -23.96 -10.17 4.90
C ALA C 598 -24.42 -11.13 6.00
N ILE C 599 -25.01 -10.60 7.07
CA ILE C 599 -25.51 -11.47 8.14
C ILE C 599 -26.64 -12.36 7.62
N SER C 600 -27.56 -11.81 6.81
CA SER C 600 -28.64 -12.59 6.21
C SER C 600 -28.10 -13.76 5.39
N TRP C 601 -27.09 -13.50 4.56
CA TRP C 601 -26.46 -14.54 3.76
C TRP C 601 -25.79 -15.58 4.64
N HIS C 602 -24.98 -15.12 5.60
CA HIS C 602 -24.21 -16.01 6.47
C HIS C 602 -25.10 -16.91 7.32
N LEU C 603 -26.22 -16.37 7.81
CA LEU C 603 -27.09 -17.16 8.68
C LEU C 603 -28.02 -18.07 7.90
N SER C 604 -28.48 -17.65 6.72
CA SER C 604 -29.49 -18.42 6.01
C SER C 604 -28.93 -19.37 4.95
N ARG C 605 -27.63 -19.31 4.67
CA ARG C 605 -27.05 -20.19 3.65
C ARG C 605 -27.05 -21.63 4.13
N ARG C 606 -27.15 -22.55 3.17
CA ARG C 606 -27.03 -23.97 3.48
C ARG C 606 -25.60 -24.27 3.90
N GLN C 607 -25.44 -24.81 5.10
CA GLN C 607 -24.14 -25.27 5.56
C GLN C 607 -23.71 -26.46 4.72
N PRO C 608 -22.47 -26.49 4.21
CA PRO C 608 -22.01 -27.66 3.44
C PRO C 608 -22.02 -28.96 4.24
N ASP C 609 -21.78 -28.89 5.55
CA ASP C 609 -21.79 -30.06 6.42
C ASP C 609 -23.11 -30.24 7.16
N MET C 610 -24.19 -29.60 6.70
CA MET C 610 -25.45 -29.63 7.42
C MET C 610 -26.04 -31.03 7.42
N VAL C 611 -26.69 -31.38 8.53
CA VAL C 611 -27.40 -32.65 8.66
C VAL C 611 -28.89 -32.36 8.45
N PRO C 612 -29.53 -32.95 7.45
CA PRO C 612 -30.99 -32.81 7.33
C PRO C 612 -31.71 -33.44 8.51
N LEU C 613 -32.89 -32.90 8.80
CA LEU C 613 -33.75 -33.35 9.90
C LEU C 613 -33.99 -34.85 9.85
N GLY C 614 -33.66 -35.52 10.95
CA GLY C 614 -33.84 -36.95 11.09
C GLY C 614 -32.81 -37.79 10.40
N HIS C 615 -31.80 -37.19 9.77
CA HIS C 615 -30.81 -37.93 9.00
C HIS C 615 -29.43 -37.85 9.65
N HIS C 616 -29.39 -37.82 10.98
CA HIS C 616 -28.13 -37.91 11.70
C HIS C 616 -27.50 -39.28 11.51
N LYS C 617 -26.20 -39.29 11.22
CA LYS C 617 -25.49 -40.54 10.99
C LYS C 617 -25.00 -41.17 12.28
N GLU C 618 -24.97 -40.41 13.37
CA GLU C 618 -24.53 -40.93 14.66
C GLU C 618 -25.55 -41.92 15.19
N LYS C 619 -25.09 -43.12 15.55
CA LYS C 619 -25.95 -44.20 16.02
C LYS C 619 -25.78 -44.32 17.53
N TYR C 620 -26.51 -43.50 18.28
CA TYR C 620 -26.54 -43.63 19.73
C TYR C 620 -27.39 -44.82 20.14
N PHE C 621 -28.57 -44.96 19.54
CA PHE C 621 -29.41 -46.12 19.80
C PHE C 621 -28.85 -47.36 19.12
N SER C 622 -28.85 -48.47 19.84
CA SER C 622 -28.33 -49.72 19.30
C SER C 622 -29.41 -50.66 18.80
N GLY C 623 -30.59 -50.66 19.44
CA GLY C 623 -31.65 -51.56 19.10
C GLY C 623 -32.24 -51.35 17.72
N PRO C 624 -32.90 -52.38 17.18
CA PRO C 624 -33.56 -52.23 15.88
C PRO C 624 -34.85 -51.44 15.92
N LYS C 625 -35.53 -51.38 17.07
CA LYS C 625 -36.80 -50.66 17.13
C LYS C 625 -36.66 -49.14 17.10
N PRO C 626 -35.74 -48.49 17.85
CA PRO C 626 -35.53 -47.04 17.60
C PRO C 626 -35.02 -46.72 16.22
N LYS C 627 -34.22 -47.62 15.62
CA LYS C 627 -33.80 -47.46 14.23
C LYS C 627 -35.00 -47.51 13.28
N ALA C 628 -35.95 -48.41 13.54
CA ALA C 628 -37.18 -48.47 12.76
C ALA C 628 -38.03 -47.22 12.91
N VAL C 629 -38.10 -46.69 14.14
CA VAL C 629 -38.84 -45.45 14.39
C VAL C 629 -38.19 -44.28 13.65
N LEU C 630 -36.85 -44.22 13.66
CA LEU C 630 -36.12 -43.20 12.91
C LEU C 630 -36.33 -43.35 11.41
N ASN C 631 -36.37 -44.59 10.91
CA ASN C 631 -36.61 -44.83 9.49
C ASN C 631 -38.01 -44.41 9.08
N GLN C 632 -39.01 -44.66 9.93
CA GLN C 632 -40.37 -44.21 9.67
C GLN C 632 -40.45 -42.70 9.68
N PHE C 633 -39.71 -42.06 10.59
CA PHE C 633 -39.59 -40.60 10.62
C PHE C 633 -39.03 -40.05 9.32
N ARG C 634 -37.95 -40.68 8.82
CA ARG C 634 -37.34 -40.26 7.57
C ARG C 634 -38.27 -40.47 6.38
N THR C 635 -39.01 -41.58 6.37
CA THR C 635 -39.96 -41.87 5.30
C THR C 635 -41.08 -40.84 5.26
N ASP C 636 -41.63 -40.49 6.43
CA ASP C 636 -42.65 -39.44 6.51
C ASP C 636 -42.10 -38.09 6.07
N LEU C 637 -40.84 -37.79 6.42
CA LEU C 637 -40.22 -36.55 5.98
C LEU C 637 -40.04 -36.49 4.47
N GLU C 638 -39.63 -37.60 3.85
CA GLU C 638 -39.53 -37.61 2.37
C GLU C 638 -40.89 -37.49 1.71
N LYS C 639 -41.92 -38.11 2.28
CA LYS C 639 -43.28 -37.95 1.75
C LYS C 639 -43.75 -36.50 1.86
N LEU C 640 -43.47 -35.85 3.00
CA LEU C 640 -43.80 -34.44 3.17
C LEU C 640 -43.01 -33.56 2.21
N GLU C 641 -41.74 -33.89 1.97
CA GLU C 641 -40.93 -33.12 1.03
C GLU C 641 -41.49 -33.24 -0.39
N LYS C 642 -41.94 -34.44 -0.77
CA LYS C 642 -42.61 -34.62 -2.06
C LYS C 642 -43.89 -33.79 -2.16
N GLU C 643 -44.68 -33.77 -1.08
CA GLU C 643 -45.90 -32.96 -1.06
C GLU C 643 -45.60 -31.46 -1.17
N ILE C 644 -44.58 -30.99 -0.43
CA ILE C 644 -44.21 -29.58 -0.45
C ILE C 644 -43.67 -29.18 -1.83
N THR C 645 -42.85 -30.04 -2.44
CA THR C 645 -42.34 -29.77 -3.79
C THR C 645 -43.47 -29.74 -4.82
N ALA C 646 -44.42 -30.66 -4.71
CA ALA C 646 -45.59 -30.67 -5.60
C ALA C 646 -46.44 -29.42 -5.43
N ARG C 647 -46.59 -28.95 -4.19
CA ARG C 647 -47.31 -27.69 -3.97
C ARG C 647 -46.53 -26.50 -4.52
N ASN C 648 -45.21 -26.47 -4.29
CA ASN C 648 -44.40 -25.31 -4.60
C ASN C 648 -44.18 -25.12 -6.09
N GLU C 649 -44.11 -26.21 -6.87
CA GLU C 649 -43.91 -26.09 -8.31
C GLU C 649 -45.07 -25.40 -9.02
N GLN C 650 -46.26 -25.37 -8.41
CA GLN C 650 -47.41 -24.68 -8.97
C GLN C 650 -47.63 -23.29 -8.37
N LEU C 651 -46.66 -22.77 -7.63
CA LEU C 651 -46.78 -21.48 -6.96
C LEU C 651 -45.74 -20.49 -7.48
N ASP C 652 -46.19 -19.26 -7.73
CA ASP C 652 -45.26 -18.19 -8.07
C ASP C 652 -44.36 -17.80 -6.91
N TRP C 653 -44.84 -17.94 -5.67
CA TRP C 653 -44.06 -17.65 -4.47
C TRP C 653 -43.99 -18.91 -3.62
N PRO C 654 -43.06 -19.81 -3.91
CA PRO C 654 -42.96 -21.06 -3.15
C PRO C 654 -42.43 -20.85 -1.74
N TYR C 655 -42.94 -21.66 -0.82
CA TYR C 655 -42.42 -21.73 0.55
C TYR C 655 -41.54 -22.97 0.63
N GLU C 656 -40.23 -22.76 0.75
CA GLU C 656 -39.26 -23.84 0.69
C GLU C 656 -38.51 -24.06 1.98
N TYR C 657 -38.76 -23.25 3.01
CA TYR C 657 -37.94 -23.25 4.22
C TYR C 657 -38.20 -24.47 5.08
N LEU C 658 -39.37 -25.10 4.93
CA LEU C 658 -39.74 -26.25 5.73
C LEU C 658 -39.68 -27.55 4.94
N LYS C 659 -38.95 -27.58 3.84
CA LYS C 659 -38.59 -28.83 3.20
C LYS C 659 -37.62 -29.58 4.11
N PRO C 660 -37.90 -30.85 4.45
CA PRO C 660 -37.05 -31.57 5.42
C PRO C 660 -35.58 -31.73 5.00
N SER C 661 -35.28 -31.81 3.71
CA SER C 661 -33.89 -31.79 3.27
C SER C 661 -33.23 -30.45 3.55
N CYS C 662 -34.01 -29.36 3.56
CA CYS C 662 -33.49 -28.04 3.85
C CYS C 662 -33.65 -27.65 5.31
N ILE C 663 -34.24 -28.52 6.12
CA ILE C 663 -34.32 -28.31 7.57
C ILE C 663 -33.10 -28.95 8.20
N GLU C 664 -32.28 -28.14 8.85
CA GLU C 664 -31.12 -28.68 9.54
C GLU C 664 -31.54 -29.42 10.80
N ASN C 665 -30.81 -30.48 11.13
CA ASN C 665 -31.13 -31.34 12.27
C ASN C 665 -30.93 -30.67 13.62
N SER C 666 -30.30 -29.50 13.67
CA SER C 666 -30.15 -28.78 14.92
C SER C 666 -29.95 -27.30 14.60
N VAL C 667 -29.95 -26.48 15.65
CA VAL C 667 -29.68 -25.06 15.53
C VAL C 667 -28.16 -24.90 15.47
N THR C 668 -27.61 -24.76 14.26
CA THR C 668 -26.18 -24.61 14.09
C THR C 668 -25.76 -23.27 13.52
N ILE C 669 -26.69 -22.46 13.02
CA ILE C 669 -26.32 -21.22 12.35
C ILE C 669 -27.38 -20.14 12.55
N GLY D 8 -32.79 -64.01 2.02
CA GLY D 8 -32.68 -63.18 0.83
C GLY D 8 -32.36 -61.73 1.14
N ARG D 9 -31.85 -61.48 2.34
CA ARG D 9 -31.51 -60.13 2.79
C ARG D 9 -30.02 -59.90 2.53
N TYR D 10 -29.71 -59.17 1.47
CA TYR D 10 -28.35 -58.75 1.16
C TYR D 10 -28.09 -57.41 1.84
N ARG D 11 -27.08 -57.37 2.70
CA ARG D 11 -26.67 -56.13 3.33
C ARG D 11 -25.52 -55.54 2.53
N ILE D 12 -25.71 -54.33 2.01
CA ILE D 12 -24.70 -53.69 1.17
C ILE D 12 -24.14 -52.49 1.91
N ARG D 13 -22.85 -52.50 2.19
CA ARG D 13 -22.17 -51.45 2.92
C ARG D 13 -21.26 -50.70 1.97
N VAL D 14 -21.50 -49.40 1.82
CA VAL D 14 -20.75 -48.58 0.89
C VAL D 14 -19.78 -47.71 1.68
N ALA D 15 -18.50 -48.05 1.61
CA ALA D 15 -17.45 -47.24 2.21
C ALA D 15 -17.13 -46.14 1.19
N THR D 16 -17.18 -44.89 1.62
CA THR D 16 -16.93 -43.73 0.77
C THR D 16 -15.66 -43.01 1.21
N GLY D 17 -14.66 -42.99 0.34
CA GLY D 17 -13.44 -42.25 0.64
C GLY D 17 -13.64 -40.75 0.70
N ALA D 18 -14.36 -40.18 -0.26
CA ALA D 18 -14.58 -38.75 -0.27
C ALA D 18 -15.86 -38.43 -1.05
N TRP D 19 -16.40 -37.24 -0.81
CA TRP D 19 -17.56 -36.79 -1.55
C TRP D 19 -17.65 -35.28 -1.49
N LEU D 20 -18.30 -34.72 -2.50
CA LEU D 20 -18.62 -33.29 -2.60
C LEU D 20 -20.04 -33.24 -3.14
N PHE D 21 -21.00 -33.15 -2.22
CA PHE D 21 -22.43 -33.19 -2.55
C PHE D 21 -23.01 -31.80 -2.33
N SER D 22 -23.24 -31.08 -3.43
CA SER D 22 -23.87 -29.76 -3.36
C SER D 22 -25.31 -29.86 -2.86
N GLY D 23 -26.05 -30.84 -3.36
CA GLY D 23 -27.44 -31.03 -2.99
C GLY D 23 -27.63 -32.02 -1.86
N SER D 24 -28.81 -32.64 -1.83
CA SER D 24 -29.14 -33.60 -0.78
C SER D 24 -29.64 -34.94 -1.30
N TYR D 25 -30.06 -35.03 -2.56
CA TYR D 25 -30.55 -36.28 -3.14
C TYR D 25 -29.53 -36.74 -4.19
N ASN D 26 -28.59 -37.57 -3.76
CA ASN D 26 -27.57 -38.16 -4.61
C ASN D 26 -27.82 -39.67 -4.65
N ARG D 27 -28.62 -40.10 -5.63
CA ARG D 27 -29.04 -41.49 -5.73
C ARG D 27 -28.07 -42.29 -6.59
N VAL D 28 -28.00 -43.60 -6.32
CA VAL D 28 -27.13 -44.51 -7.05
C VAL D 28 -27.93 -45.77 -7.39
N GLN D 29 -27.92 -46.15 -8.67
CA GLN D 29 -28.44 -47.44 -9.07
C GLN D 29 -27.30 -48.45 -8.93
N LEU D 30 -27.54 -49.50 -8.14
CA LEU D 30 -26.53 -50.51 -7.87
C LEU D 30 -27.03 -51.86 -8.34
N TRP D 31 -26.21 -52.58 -9.09
CA TRP D 31 -26.53 -53.92 -9.55
C TRP D 31 -25.65 -54.93 -8.85
N LEU D 32 -26.27 -55.93 -8.25
CA LEU D 32 -25.58 -57.09 -7.69
C LEU D 32 -25.61 -58.17 -8.76
N VAL D 33 -24.49 -58.34 -9.47
CA VAL D 33 -24.39 -59.30 -10.56
C VAL D 33 -23.75 -60.56 -10.02
N GLY D 34 -24.47 -61.67 -10.12
CA GLY D 34 -24.00 -62.96 -9.67
C GLY D 34 -23.93 -63.96 -10.81
N THR D 35 -23.51 -65.18 -10.46
CA THR D 35 -23.39 -66.25 -11.44
C THR D 35 -24.74 -66.67 -12.00
N ARG D 36 -25.82 -66.51 -11.24
CA ARG D 36 -27.14 -66.95 -11.65
C ARG D 36 -28.10 -65.79 -11.96
N GLY D 37 -27.70 -64.55 -11.74
CA GLY D 37 -28.56 -63.44 -12.05
C GLY D 37 -28.06 -62.16 -11.42
N GLU D 38 -28.77 -61.08 -11.70
CA GLU D 38 -28.44 -59.76 -11.18
C GLU D 38 -29.68 -59.11 -10.59
N ALA D 39 -29.44 -58.22 -9.62
CA ALA D 39 -30.50 -57.50 -8.94
C ALA D 39 -30.21 -55.99 -8.97
N GLU D 40 -31.24 -55.20 -9.25
CA GLU D 40 -31.12 -53.75 -9.33
C GLU D 40 -31.67 -53.10 -8.07
N LEU D 41 -30.94 -52.10 -7.57
CA LEU D 41 -31.29 -51.37 -6.37
C LEU D 41 -31.16 -49.88 -6.62
N GLU D 42 -31.88 -49.10 -5.82
CA GLU D 42 -31.75 -47.65 -5.76
C GLU D 42 -31.35 -47.29 -4.34
N LEU D 43 -30.19 -46.66 -4.20
CA LEU D 43 -29.63 -46.31 -2.90
C LEU D 43 -29.52 -44.80 -2.76
N GLN D 44 -29.85 -44.30 -1.57
CA GLN D 44 -29.75 -42.88 -1.24
C GLN D 44 -28.45 -42.65 -0.48
N LEU D 45 -27.44 -42.11 -1.15
CA LEU D 45 -26.14 -41.90 -0.54
C LEU D 45 -26.18 -40.72 0.44
N ARG D 46 -25.87 -41.00 1.71
CA ARG D 46 -25.66 -39.98 2.73
C ARG D 46 -24.36 -40.30 3.46
N PRO D 47 -23.21 -40.03 2.85
CA PRO D 47 -21.93 -40.46 3.43
C PRO D 47 -21.60 -39.75 4.74
N ALA D 48 -20.87 -40.46 5.60
CA ALA D 48 -20.36 -39.91 6.85
C ALA D 48 -18.86 -40.17 6.91
N ARG D 49 -18.17 -39.32 7.66
CA ARG D 49 -16.73 -39.49 7.83
C ARG D 49 -16.47 -40.57 8.87
N GLY D 50 -15.65 -41.56 8.49
CA GLY D 50 -15.29 -42.63 9.40
C GLY D 50 -16.29 -43.75 9.51
N GLU D 51 -17.44 -43.65 8.84
CA GLU D 51 -18.49 -44.66 8.89
C GLU D 51 -19.01 -44.95 7.49
N GLU D 52 -19.24 -46.23 7.21
CA GLU D 52 -19.78 -46.67 5.94
C GLU D 52 -21.30 -46.64 5.99
N GLU D 53 -21.94 -46.74 4.84
CA GLU D 53 -23.40 -46.67 4.76
C GLU D 53 -23.97 -48.07 4.54
N GLU D 54 -24.83 -48.51 5.45
CA GLU D 54 -25.50 -49.79 5.31
C GLU D 54 -26.79 -49.67 4.51
N PHE D 55 -27.13 -50.73 3.78
CA PHE D 55 -28.31 -50.76 2.93
C PHE D 55 -28.85 -52.19 2.92
N ASP D 56 -29.85 -52.46 3.75
CA ASP D 56 -30.47 -53.77 3.81
C ASP D 56 -31.49 -53.90 2.69
N HIS D 57 -31.32 -54.89 1.81
CA HIS D 57 -32.24 -55.03 0.69
C HIS D 57 -32.61 -56.49 0.46
N ASP D 58 -33.89 -56.75 0.22
CA ASP D 58 -34.39 -58.10 -0.01
C ASP D 58 -34.39 -58.39 -1.50
N VAL D 59 -33.66 -59.44 -1.90
CA VAL D 59 -33.58 -59.88 -3.29
C VAL D 59 -34.38 -61.16 -3.42
N ALA D 60 -35.41 -61.14 -4.28
CA ALA D 60 -36.23 -62.32 -4.47
C ALA D 60 -35.51 -63.40 -5.28
N GLU D 61 -34.80 -63.00 -6.33
CA GLU D 61 -34.13 -63.96 -7.20
C GLU D 61 -32.87 -64.49 -6.53
N ASP D 62 -32.50 -65.71 -6.92
CA ASP D 62 -31.27 -66.34 -6.42
C ASP D 62 -30.11 -65.86 -7.27
N LEU D 63 -29.27 -65.00 -6.69
CA LEU D 63 -28.14 -64.44 -7.42
C LEU D 63 -26.94 -65.38 -7.46
N GLY D 64 -26.91 -66.41 -6.61
CA GLY D 64 -25.74 -67.26 -6.51
C GLY D 64 -24.55 -66.52 -5.92
N LEU D 65 -23.36 -66.91 -6.38
CA LEU D 65 -22.14 -66.26 -5.93
C LEU D 65 -21.99 -64.93 -6.65
N LEU D 66 -21.82 -63.86 -5.88
CA LEU D 66 -21.75 -62.51 -6.44
C LEU D 66 -20.38 -62.28 -7.08
N GLN D 67 -20.40 -61.74 -8.29
CA GLN D 67 -19.18 -61.47 -9.04
C GLN D 67 -18.94 -60.00 -9.33
N PHE D 68 -19.99 -59.21 -9.55
CA PHE D 68 -19.82 -57.81 -9.90
C PHE D 68 -20.79 -56.94 -9.11
N VAL D 69 -20.40 -55.69 -8.92
CA VAL D 69 -21.30 -54.63 -8.46
C VAL D 69 -21.23 -53.51 -9.49
N ARG D 70 -22.36 -53.15 -10.06
CA ARG D 70 -22.42 -52.09 -11.06
C ARG D 70 -23.01 -50.83 -10.46
N LEU D 71 -22.43 -49.68 -10.79
CA LEU D 71 -22.81 -48.40 -10.22
C LEU D 71 -23.19 -47.42 -11.31
N ARG D 72 -24.35 -46.77 -11.17
CA ARG D 72 -24.70 -45.63 -12.00
C ARG D 72 -25.16 -44.50 -11.10
N LYS D 73 -24.59 -43.31 -11.27
CA LYS D 73 -25.09 -42.13 -10.58
C LYS D 73 -26.40 -41.71 -11.20
N HIS D 74 -27.46 -41.63 -10.38
CA HIS D 74 -28.82 -41.41 -10.89
C HIS D 74 -29.20 -39.95 -10.66
N HIS D 75 -29.14 -39.16 -11.75
CA HIS D 75 -29.54 -37.75 -11.79
C HIS D 75 -28.78 -36.91 -10.76
N TRP D 76 -27.47 -36.84 -10.96
CA TRP D 76 -26.58 -36.10 -10.08
C TRP D 76 -26.28 -34.71 -10.62
N LEU D 77 -25.99 -33.79 -9.71
CA LEU D 77 -25.50 -32.47 -10.08
C LEU D 77 -24.12 -32.58 -10.71
N VAL D 78 -23.80 -31.60 -11.58
CA VAL D 78 -22.52 -31.60 -12.29
C VAL D 78 -21.34 -31.41 -11.34
N ASP D 79 -21.52 -30.63 -10.28
CA ASP D 79 -20.45 -30.35 -9.32
C ASP D 79 -20.33 -31.43 -8.24
N ASP D 80 -21.22 -32.43 -8.26
CA ASP D 80 -21.20 -33.47 -7.23
C ASP D 80 -20.18 -34.53 -7.60
N ALA D 81 -19.29 -34.86 -6.66
CA ALA D 81 -18.25 -35.85 -6.89
C ALA D 81 -18.29 -36.90 -5.79
N TRP D 82 -17.93 -38.14 -6.16
CA TRP D 82 -17.97 -39.25 -5.22
C TRP D 82 -16.78 -40.17 -5.45
N PHE D 83 -15.87 -40.22 -4.48
CA PHE D 83 -14.77 -41.18 -4.44
C PHE D 83 -15.24 -42.30 -3.52
N CYS D 84 -15.65 -43.41 -4.14
CA CYS D 84 -16.10 -44.58 -3.41
C CYS D 84 -14.90 -45.43 -3.02
N ASP D 85 -14.75 -45.71 -1.72
CA ASP D 85 -13.68 -46.59 -1.28
C ASP D 85 -13.95 -48.03 -1.72
N ARG D 86 -15.03 -48.63 -1.21
CA ARG D 86 -15.33 -50.01 -1.55
C ARG D 86 -16.77 -50.32 -1.21
N ILE D 87 -17.27 -51.42 -1.78
CA ILE D 87 -18.61 -51.91 -1.49
C ILE D 87 -18.49 -53.34 -0.98
N THR D 88 -19.05 -53.61 0.19
CA THR D 88 -19.04 -54.95 0.75
C THR D 88 -20.47 -55.47 0.83
N VAL D 89 -20.70 -56.69 0.37
CA VAL D 89 -22.03 -57.28 0.37
C VAL D 89 -22.01 -58.51 1.27
N GLN D 90 -22.91 -58.54 2.24
CA GLN D 90 -23.16 -59.72 3.07
C GLN D 90 -24.38 -60.42 2.50
N GLY D 91 -24.20 -61.71 2.19
CA GLY D 91 -25.25 -62.59 1.72
C GLY D 91 -26.35 -62.85 2.74
N PRO D 92 -27.42 -63.54 2.29
CA PRO D 92 -28.54 -63.89 3.18
C PRO D 92 -28.15 -64.63 4.46
N GLY D 93 -27.30 -65.64 4.35
CA GLY D 93 -26.79 -66.33 5.52
C GLY D 93 -25.34 -66.71 5.37
N ALA D 94 -24.69 -66.17 4.32
CA ALA D 94 -23.29 -66.47 4.06
C ALA D 94 -22.38 -65.91 5.15
N CYS D 95 -22.66 -64.69 5.61
CA CYS D 95 -21.95 -63.94 6.66
C CYS D 95 -20.54 -63.55 6.27
N ALA D 96 -20.14 -63.74 5.01
CA ALA D 96 -18.83 -63.36 4.51
C ALA D 96 -18.98 -62.11 3.67
N GLU D 97 -18.31 -61.03 4.08
CA GLU D 97 -18.44 -59.73 3.42
C GLU D 97 -17.66 -59.79 2.11
N VAL D 98 -18.37 -60.14 1.03
CA VAL D 98 -17.79 -60.13 -0.30
C VAL D 98 -17.42 -58.69 -0.68
N ALA D 99 -16.12 -58.45 -0.87
CA ALA D 99 -15.61 -57.11 -1.10
C ALA D 99 -15.51 -56.79 -2.59
N PHE D 100 -15.82 -55.54 -2.93
CA PHE D 100 -15.73 -55.00 -4.28
C PHE D 100 -14.99 -53.68 -4.13
N PRO D 101 -13.67 -53.70 -4.22
CA PRO D 101 -12.91 -52.45 -4.07
C PRO D 101 -13.10 -51.55 -5.29
N CYS D 102 -13.33 -50.27 -5.03
CA CYS D 102 -13.42 -49.31 -6.12
C CYS D 102 -12.26 -48.34 -6.11
N TYR D 103 -12.10 -47.58 -5.00
CA TYR D 103 -11.04 -46.59 -4.78
C TYR D 103 -10.85 -45.70 -6.01
N ARG D 104 -11.97 -45.12 -6.46
CA ARG D 104 -11.97 -44.35 -7.69
C ARG D 104 -13.08 -43.31 -7.61
N TRP D 105 -12.93 -42.27 -8.42
CA TRP D 105 -13.98 -41.28 -8.56
C TRP D 105 -15.01 -41.83 -9.55
N VAL D 106 -16.26 -41.94 -9.11
CA VAL D 106 -17.36 -42.35 -9.99
C VAL D 106 -17.79 -41.12 -10.78
N GLN D 107 -17.34 -41.03 -12.03
CA GLN D 107 -17.70 -39.93 -12.91
C GLN D 107 -18.64 -40.37 -14.02
N GLY D 108 -19.38 -39.39 -14.55
CA GLY D 108 -20.29 -39.61 -15.66
C GLY D 108 -21.51 -40.44 -15.31
N GLU D 109 -22.33 -40.66 -16.35
CA GLU D 109 -23.54 -41.46 -16.25
C GLU D 109 -23.33 -42.90 -16.68
N ASP D 110 -22.12 -43.28 -17.05
CA ASP D 110 -21.85 -44.65 -17.47
C ASP D 110 -21.82 -45.60 -16.27
N ILE D 111 -22.06 -46.88 -16.56
CA ILE D 111 -22.04 -47.92 -15.55
C ILE D 111 -20.58 -48.24 -15.20
N LEU D 112 -20.26 -48.16 -13.92
CA LEU D 112 -18.95 -48.55 -13.41
C LEU D 112 -19.05 -49.95 -12.83
N SER D 113 -18.30 -50.88 -13.40
CA SER D 113 -18.32 -52.28 -12.99
C SER D 113 -17.17 -52.53 -12.01
N LEU D 114 -17.53 -52.97 -10.80
CA LEU D 114 -16.56 -53.32 -9.78
C LEU D 114 -16.51 -54.83 -9.68
N PRO D 115 -15.41 -55.47 -10.08
CA PRO D 115 -15.31 -56.92 -9.94
C PRO D 115 -15.20 -57.35 -8.49
N GLU D 116 -15.45 -58.65 -8.27
CA GLU D 116 -15.25 -59.24 -6.97
C GLU D 116 -13.79 -59.14 -6.54
N GLY D 117 -13.57 -58.94 -5.26
CA GLY D 117 -12.28 -58.48 -4.74
C GLY D 117 -11.16 -59.51 -4.75
N THR D 118 -11.45 -60.77 -5.07
CA THR D 118 -10.38 -61.75 -5.17
C THR D 118 -9.54 -61.45 -6.40
N ALA D 119 -8.23 -61.31 -6.19
CA ALA D 119 -7.31 -61.03 -7.29
C ALA D 119 -7.24 -62.23 -8.22
N ARG D 120 -7.23 -61.94 -9.52
CA ARG D 120 -7.35 -62.97 -10.54
C ARG D 120 -6.36 -62.71 -11.66
N LEU D 121 -5.69 -63.77 -12.07
CA LEU D 121 -4.84 -63.75 -13.26
C LEU D 121 -5.71 -63.85 -14.51
N PRO D 122 -5.25 -63.29 -15.63
CA PRO D 122 -5.97 -63.49 -16.89
C PRO D 122 -5.96 -64.94 -17.33
N GLY D 123 -7.06 -65.36 -17.95
CA GLY D 123 -7.21 -66.72 -18.43
C GLY D 123 -7.36 -66.76 -19.94
N ASP D 124 -7.51 -67.99 -20.44
CA ASP D 124 -7.71 -68.22 -21.87
C ASP D 124 -9.18 -68.38 -22.22
N ASN D 125 -10.08 -68.25 -21.24
CA ASN D 125 -11.52 -68.34 -21.48
C ASN D 125 -12.02 -66.93 -21.79
N ALA D 126 -12.30 -66.68 -23.07
CA ALA D 126 -12.78 -65.37 -23.48
C ALA D 126 -14.20 -65.09 -22.98
N LEU D 127 -15.02 -66.14 -22.84
CA LEU D 127 -16.39 -65.97 -22.38
C LEU D 127 -16.51 -65.66 -20.91
N ASP D 128 -15.44 -65.82 -20.13
CA ASP D 128 -15.43 -65.49 -18.71
C ASP D 128 -15.70 -64.00 -18.51
N MET D 129 -16.57 -63.69 -17.53
CA MET D 129 -16.98 -62.31 -17.29
C MET D 129 -15.82 -61.46 -16.77
N PHE D 130 -14.96 -62.04 -15.92
CA PHE D 130 -13.80 -61.31 -15.42
C PHE D 130 -12.78 -61.04 -16.52
N GLN D 131 -12.62 -61.98 -17.45
CA GLN D 131 -11.73 -61.76 -18.59
C GLN D 131 -12.24 -60.64 -19.49
N LYS D 132 -13.55 -60.60 -19.75
CA LYS D 132 -14.14 -59.54 -20.55
C LYS D 132 -14.02 -58.19 -19.84
N HIS D 133 -14.30 -58.17 -18.54
CA HIS D 133 -14.18 -56.95 -17.75
C HIS D 133 -12.75 -56.44 -17.72
N ARG D 134 -11.76 -57.33 -17.54
CA ARG D 134 -10.38 -56.87 -17.49
C ARG D 134 -9.89 -56.41 -18.86
N GLU D 135 -10.35 -57.01 -19.96
CA GLU D 135 -9.99 -56.51 -21.29
C GLU D 135 -10.61 -55.13 -21.54
N LYS D 136 -11.87 -54.95 -21.18
CA LYS D 136 -12.55 -53.66 -21.32
C LYS D 136 -11.88 -52.59 -20.46
N GLU D 137 -11.58 -52.94 -19.22
CA GLU D 137 -10.88 -52.06 -18.30
C GLU D 137 -9.51 -51.66 -18.85
N LEU D 138 -8.75 -52.62 -19.37
CA LEU D 138 -7.44 -52.31 -19.96
C LEU D 138 -7.57 -51.36 -21.16
N LYS D 139 -8.61 -51.52 -21.98
CA LYS D 139 -8.82 -50.57 -23.08
C LYS D 139 -9.14 -49.16 -22.55
N ASP D 140 -10.04 -49.07 -21.56
CA ASP D 140 -10.35 -47.78 -20.92
C ASP D 140 -9.12 -47.13 -20.31
N ARG D 141 -8.28 -47.91 -19.62
CA ARG D 141 -7.09 -47.37 -18.97
C ARG D 141 -6.06 -46.95 -20.00
N GLN D 142 -5.90 -47.72 -21.08
CA GLN D 142 -4.95 -47.35 -22.13
C GLN D 142 -5.45 -46.16 -22.94
N GLN D 143 -6.74 -45.81 -22.83
CA GLN D 143 -7.17 -44.55 -23.42
C GLN D 143 -7.07 -43.37 -22.46
N ILE D 144 -7.21 -43.56 -21.15
CA ILE D 144 -7.03 -42.42 -20.25
C ILE D 144 -5.58 -42.25 -19.79
N TYR D 145 -4.81 -43.34 -19.68
CA TYR D 145 -3.41 -43.28 -19.23
C TYR D 145 -2.52 -43.44 -20.46
N CYS D 146 -1.97 -42.33 -20.95
CA CYS D 146 -1.11 -42.36 -22.12
C CYS D 146 0.29 -41.89 -21.74
N TRP D 147 1.29 -42.40 -22.46
CA TRP D 147 2.66 -41.97 -22.29
C TRP D 147 2.91 -40.64 -23.00
N ALA D 148 3.78 -39.83 -22.42
CA ALA D 148 4.25 -38.61 -23.06
C ALA D 148 5.77 -38.53 -22.97
N THR D 149 6.38 -37.98 -24.03
CA THR D 149 7.82 -37.69 -24.04
C THR D 149 8.00 -36.26 -23.58
N TRP D 150 8.32 -36.08 -22.29
CA TRP D 150 8.60 -34.74 -21.78
C TRP D 150 9.89 -34.18 -22.39
N LYS D 151 10.97 -34.95 -22.33
CA LYS D 151 12.22 -34.62 -23.01
C LYS D 151 12.74 -35.89 -23.66
N GLU D 152 13.34 -35.75 -24.84
CA GLU D 152 13.94 -36.89 -25.53
C GLU D 152 15.08 -37.47 -24.70
N GLY D 153 15.23 -38.79 -24.77
CA GLY D 153 16.28 -39.47 -24.03
C GLY D 153 15.95 -39.75 -22.59
N LEU D 154 14.86 -39.20 -22.06
CA LEU D 154 14.38 -39.35 -20.70
C LEU D 154 13.30 -40.41 -20.64
N PRO D 155 13.08 -41.02 -19.47
CA PRO D 155 11.93 -41.91 -19.31
C PRO D 155 10.62 -41.16 -19.51
N LEU D 156 9.66 -41.84 -20.13
CA LEU D 156 8.40 -41.22 -20.52
C LEU D 156 7.54 -40.92 -19.30
N THR D 157 6.67 -39.92 -19.46
CA THR D 157 5.80 -39.43 -18.39
C THR D 157 4.34 -39.70 -18.76
N ILE D 158 3.46 -39.45 -17.80
CA ILE D 158 2.03 -39.45 -18.06
C ILE D 158 1.67 -38.32 -19.02
N ALA D 159 0.74 -38.59 -19.93
CA ALA D 159 0.31 -37.56 -20.88
C ALA D 159 -0.57 -36.54 -20.18
N ALA D 160 0.05 -35.51 -19.63
CA ALA D 160 -0.68 -34.45 -18.95
C ALA D 160 0.18 -33.20 -19.02
N ASP D 161 -0.28 -32.20 -19.79
CA ASP D 161 0.43 -30.93 -19.88
C ASP D 161 0.39 -30.18 -18.56
N ARG D 162 -0.75 -30.23 -17.87
CA ARG D 162 -0.95 -29.62 -16.55
C ARG D 162 -1.54 -30.66 -15.63
N LYS D 163 -1.59 -30.33 -14.33
CA LYS D 163 -2.20 -31.21 -13.35
C LYS D 163 -3.68 -31.45 -13.61
N ASP D 164 -4.37 -30.47 -14.22
CA ASP D 164 -5.77 -30.64 -14.58
C ASP D 164 -5.97 -31.61 -15.75
N ASP D 165 -4.91 -31.89 -16.51
CA ASP D 165 -4.99 -32.84 -17.62
C ASP D 165 -4.80 -34.28 -17.17
N LEU D 166 -4.48 -34.49 -15.90
CA LEU D 166 -4.28 -35.82 -15.35
C LEU D 166 -5.60 -36.57 -15.26
N PRO D 167 -5.55 -37.91 -15.27
CA PRO D 167 -6.74 -38.70 -14.92
C PRO D 167 -7.17 -38.40 -13.49
N PRO D 168 -8.49 -38.33 -13.25
CA PRO D 168 -9.00 -37.92 -11.93
C PRO D 168 -8.61 -38.84 -10.79
N ASN D 169 -8.41 -40.14 -11.06
CA ASN D 169 -8.05 -41.07 -9.99
C ASN D 169 -6.61 -40.90 -9.53
N MET D 170 -5.78 -40.22 -10.31
CA MET D 170 -4.41 -39.93 -9.94
C MET D 170 -4.25 -38.56 -9.29
N ARG D 171 -5.35 -37.84 -9.09
CA ARG D 171 -5.26 -36.49 -8.54
C ARG D 171 -5.05 -36.54 -7.03
N PHE D 172 -4.46 -35.46 -6.51
CA PHE D 172 -4.39 -35.24 -5.08
C PHE D 172 -5.80 -35.22 -4.48
N HIS D 173 -5.96 -35.87 -3.35
CA HIS D 173 -7.17 -35.68 -2.58
C HIS D 173 -7.09 -34.35 -1.84
N GLU D 174 -8.27 -33.91 -1.36
CA GLU D 174 -8.50 -32.58 -0.77
C GLU D 174 -7.43 -32.18 0.25
N GLU D 175 -7.23 -33.01 1.27
CA GLU D 175 -6.27 -32.71 2.33
C GLU D 175 -4.84 -32.55 1.79
N LYS D 176 -4.41 -33.43 0.89
CA LYS D 176 -3.07 -33.36 0.32
C LYS D 176 -2.88 -32.09 -0.51
N ARG D 177 -3.85 -31.81 -1.39
CA ARG D 177 -3.80 -30.61 -2.24
C ARG D 177 -3.78 -29.32 -1.42
N LEU D 178 -4.67 -29.24 -0.42
CA LEU D 178 -4.70 -28.06 0.45
C LEU D 178 -3.41 -27.90 1.23
N ASP D 179 -2.87 -29.00 1.79
CA ASP D 179 -1.61 -28.94 2.52
C ASP D 179 -0.46 -28.51 1.61
N PHE D 180 -0.39 -29.07 0.39
CA PHE D 180 0.68 -28.77 -0.55
C PHE D 180 0.65 -27.31 -0.96
N GLU D 181 -0.53 -26.81 -1.36
CA GLU D 181 -0.65 -25.41 -1.78
C GLU D 181 -0.43 -24.44 -0.61
N TRP D 182 -0.96 -24.78 0.57
CA TRP D 182 -0.78 -23.93 1.74
C TRP D 182 0.69 -23.87 2.17
N THR D 183 1.39 -25.01 2.13
CA THR D 183 2.81 -24.98 2.46
C THR D 183 3.64 -24.30 1.38
N LEU D 184 3.17 -24.27 0.13
CA LEU D 184 3.84 -23.45 -0.89
C LEU D 184 3.68 -21.97 -0.58
N LYS D 185 2.48 -21.56 -0.15
CA LYS D 185 2.26 -20.17 0.23
C LYS D 185 3.02 -19.81 1.50
N ALA D 186 3.12 -20.74 2.45
CA ALA D 186 3.87 -20.53 3.68
C ALA D 186 5.36 -20.40 3.41
N GLY D 187 5.91 -21.25 2.54
CA GLY D 187 7.30 -21.13 2.16
C GLY D 187 7.59 -19.83 1.42
N ALA D 188 6.65 -19.40 0.57
CA ALA D 188 6.81 -18.12 -0.14
C ALA D 188 6.78 -16.95 0.83
N LEU D 189 5.88 -17.00 1.82
CA LEU D 189 5.82 -15.98 2.86
C LEU D 189 7.10 -15.92 3.67
N GLU D 190 7.58 -17.08 4.15
CA GLU D 190 8.81 -17.13 4.94
C GLU D 190 10.01 -16.65 4.14
N MET D 191 10.06 -16.98 2.84
CA MET D 191 11.17 -16.51 2.02
C MET D 191 11.12 -15.00 1.80
N ALA D 192 9.92 -14.46 1.59
CA ALA D 192 9.76 -13.01 1.47
C ALA D 192 10.21 -12.31 2.74
N LEU D 193 9.84 -12.87 3.91
CA LEU D 193 10.28 -12.31 5.18
C LEU D 193 11.80 -12.38 5.36
N LYS D 194 12.41 -13.50 4.94
CA LYS D 194 13.86 -13.63 5.03
C LYS D 194 14.59 -12.66 4.10
N ARG D 195 14.06 -12.48 2.89
CA ARG D 195 14.68 -11.56 1.95
C ARG D 195 14.52 -10.11 2.38
N VAL D 196 13.38 -9.76 2.98
CA VAL D 196 13.20 -8.44 3.59
C VAL D 196 14.17 -8.24 4.74
N TYR D 197 14.38 -9.29 5.55
CA TYR D 197 15.28 -9.22 6.69
C TYR D 197 16.72 -8.95 6.29
N THR D 198 17.18 -9.57 5.21
CA THR D 198 18.56 -9.43 4.77
C THR D 198 18.82 -8.19 3.92
N LEU D 199 17.82 -7.35 3.68
CA LEU D 199 18.04 -6.13 2.90
C LEU D 199 18.95 -5.16 3.64
N LEU D 200 18.76 -5.04 4.95
CA LEU D 200 19.53 -4.13 5.79
C LEU D 200 20.57 -4.87 6.61
N SER D 201 21.15 -5.93 6.06
CA SER D 201 22.24 -6.66 6.70
C SER D 201 23.31 -7.00 5.68
N SER D 202 24.56 -7.02 6.16
CA SER D 202 25.69 -7.37 5.31
C SER D 202 25.71 -8.86 5.00
N TRP D 203 26.26 -9.22 3.84
CA TRP D 203 26.45 -10.61 3.44
C TRP D 203 27.91 -10.78 3.06
N ASN D 204 28.76 -10.97 4.08
CA ASN D 204 30.20 -11.08 3.86
C ASN D 204 30.90 -12.18 4.65
N CYS D 205 30.19 -12.90 5.52
CA CYS D 205 30.79 -13.95 6.32
C CYS D 205 29.84 -15.13 6.39
N LEU D 206 30.37 -16.29 6.80
CA LEU D 206 29.56 -17.50 6.90
C LEU D 206 28.47 -17.36 7.96
N GLU D 207 28.72 -16.57 9.01
CA GLU D 207 27.75 -16.35 10.07
C GLU D 207 26.54 -15.55 9.60
N ASP D 208 26.65 -14.88 8.45
CA ASP D 208 25.51 -14.17 7.89
C ASP D 208 24.47 -15.14 7.35
N PHE D 209 24.84 -16.41 7.12
CA PHE D 209 23.83 -17.42 6.80
C PHE D 209 22.97 -17.76 8.02
N ASP D 210 23.39 -17.35 9.23
CA ASP D 210 22.52 -17.42 10.40
C ASP D 210 21.33 -16.50 10.28
N GLN D 211 21.43 -15.42 9.47
CA GLN D 211 20.31 -14.49 9.31
C GLN D 211 19.11 -15.14 8.65
N ILE D 212 19.33 -16.16 7.81
CA ILE D 212 18.24 -16.88 7.17
C ILE D 212 18.04 -18.28 7.72
N PHE D 213 18.89 -18.75 8.63
CA PHE D 213 18.77 -20.12 9.12
C PHE D 213 17.74 -20.18 10.26
N TRP D 214 16.46 -20.13 9.87
CA TRP D 214 15.38 -20.25 10.85
C TRP D 214 14.10 -20.65 10.14
N GLY D 215 13.12 -21.09 10.95
CA GLY D 215 11.81 -21.51 10.49
C GLY D 215 11.76 -22.82 9.72
N GLN D 216 12.54 -22.91 8.65
CA GLN D 216 12.65 -24.10 7.82
C GLN D 216 13.96 -24.80 8.13
N LYS D 217 14.00 -25.45 9.28
CA LYS D 217 15.19 -26.15 9.74
C LYS D 217 14.77 -27.25 10.70
N SER D 218 15.74 -28.03 11.15
CA SER D 218 15.53 -29.11 12.11
C SER D 218 16.65 -29.08 13.13
N ALA D 219 16.53 -29.94 14.14
CA ALA D 219 17.60 -30.08 15.13
C ALA D 219 18.86 -30.65 14.50
N LEU D 220 18.70 -31.61 13.58
CA LEU D 220 19.83 -32.12 12.82
C LEU D 220 20.43 -31.04 11.95
N ALA D 221 19.60 -30.16 11.37
CA ALA D 221 20.11 -29.04 10.59
C ALA D 221 20.89 -28.05 11.45
N GLU D 222 20.46 -27.84 12.70
CA GLU D 222 21.23 -27.02 13.62
C GLU D 222 22.58 -27.66 13.93
N LYS D 223 22.59 -28.99 14.16
CA LYS D 223 23.85 -29.70 14.34
C LYS D 223 24.75 -29.59 13.12
N VAL D 224 24.14 -29.56 11.93
CA VAL D 224 24.88 -29.38 10.69
C VAL D 224 25.49 -27.98 10.63
N ARG D 225 24.73 -26.95 11.03
CA ARG D 225 25.26 -25.59 11.12
C ARG D 225 26.42 -25.50 12.11
N GLN D 226 26.34 -26.28 13.19
CA GLN D 226 27.44 -26.29 14.16
C GLN D 226 28.66 -27.04 13.63
N CYS D 227 28.48 -28.05 12.78
CA CYS D 227 29.58 -28.97 12.48
C CYS D 227 29.87 -29.15 10.98
N TRP D 228 29.37 -28.26 10.11
CA TRP D 228 29.57 -28.45 8.67
C TRP D 228 31.03 -28.29 8.25
N GLN D 229 31.79 -27.41 8.92
CA GLN D 229 33.20 -27.24 8.58
C GLN D 229 34.05 -28.42 9.00
N ASP D 230 33.54 -29.29 9.87
CA ASP D 230 34.27 -30.49 10.24
C ASP D 230 34.35 -31.44 9.05
N ASP D 231 35.56 -31.94 8.78
CA ASP D 231 35.76 -32.94 7.74
C ASP D 231 35.01 -34.23 8.03
N GLU D 232 34.79 -34.54 9.31
CA GLU D 232 34.06 -35.75 9.71
C GLU D 232 32.61 -35.72 9.21
N LEU D 233 31.92 -34.59 9.40
CA LEU D 233 30.54 -34.48 8.94
C LEU D 233 30.44 -34.48 7.42
N PHE D 234 31.39 -33.78 6.77
CA PHE D 234 31.48 -33.78 5.31
C PHE D 234 31.64 -35.19 4.75
N SER D 235 32.50 -36.00 5.38
CA SER D 235 32.67 -37.38 4.96
C SER D 235 31.46 -38.23 5.32
N TYR D 236 30.83 -37.94 6.47
CA TYR D 236 29.67 -38.68 6.94
C TYR D 236 28.48 -38.53 5.99
N GLN D 237 28.36 -37.36 5.35
CA GLN D 237 27.25 -37.10 4.42
C GLN D 237 27.26 -38.05 3.23
N PHE D 238 28.43 -38.57 2.85
CA PHE D 238 28.49 -39.53 1.75
C PHE D 238 27.87 -40.87 2.13
N LEU D 239 27.96 -41.26 3.39
CA LEU D 239 27.40 -42.53 3.85
C LEU D 239 25.96 -42.40 4.31
N ASN D 240 25.66 -41.40 5.15
CA ASN D 240 24.38 -41.31 5.83
C ASN D 240 23.77 -39.92 5.74
N GLY D 241 24.15 -39.13 4.74
CA GLY D 241 23.58 -37.82 4.52
C GLY D 241 22.35 -37.84 3.67
N ALA D 242 22.10 -36.72 2.98
CA ALA D 242 20.98 -36.63 2.06
C ALA D 242 21.18 -37.50 0.83
N ASN D 243 22.43 -37.69 0.40
CA ASN D 243 22.75 -38.43 -0.83
C ASN D 243 23.72 -39.55 -0.48
N PRO D 244 23.21 -40.71 -0.06
CA PRO D 244 24.08 -41.87 0.17
C PRO D 244 24.30 -42.76 -1.04
N MET D 245 23.92 -42.31 -2.24
CA MET D 245 23.83 -43.15 -3.42
C MET D 245 25.06 -43.10 -4.31
N LEU D 246 26.02 -42.23 -4.03
CA LEU D 246 27.12 -41.97 -4.95
C LEU D 246 28.45 -42.57 -4.51
N LEU D 247 28.75 -42.53 -3.21
CA LEU D 247 30.03 -43.01 -2.71
C LEU D 247 30.22 -44.50 -2.97
N ARG D 248 31.38 -44.87 -3.48
CA ARG D 248 31.70 -46.24 -3.80
C ARG D 248 33.13 -46.55 -3.37
N ARG D 249 33.36 -47.80 -3.01
CA ARG D 249 34.70 -48.25 -2.67
C ARG D 249 35.58 -48.29 -3.90
N SER D 250 36.82 -47.81 -3.76
CA SER D 250 37.75 -47.74 -4.87
C SER D 250 38.45 -49.08 -5.01
N THR D 251 38.20 -49.78 -6.12
CA THR D 251 38.98 -50.95 -6.47
C THR D 251 40.31 -50.58 -7.10
N SER D 252 40.45 -49.35 -7.58
CA SER D 252 41.69 -48.83 -8.14
C SER D 252 41.65 -47.32 -8.04
N LEU D 253 42.83 -46.71 -8.18
CA LEU D 253 42.91 -45.26 -8.25
C LEU D 253 42.23 -44.78 -9.52
N PRO D 254 41.37 -43.76 -9.44
CA PRO D 254 40.70 -43.24 -10.65
C PRO D 254 41.69 -42.63 -11.63
N SER D 255 41.37 -42.79 -12.92
CA SER D 255 42.20 -42.24 -13.98
C SER D 255 42.24 -40.72 -13.94
N ARG D 256 41.10 -40.08 -13.63
CA ARG D 256 41.04 -38.63 -13.52
C ARG D 256 41.87 -38.08 -12.36
N LEU D 257 42.16 -38.90 -11.35
CA LEU D 257 42.97 -38.45 -10.21
C LEU D 257 44.42 -38.36 -10.67
N VAL D 258 44.76 -37.23 -11.27
CA VAL D 258 46.12 -36.96 -11.73
C VAL D 258 46.85 -36.19 -10.65
N LEU D 259 47.90 -36.78 -10.11
CA LEU D 259 48.67 -36.13 -9.06
C LEU D 259 49.86 -35.38 -9.66
N PRO D 260 50.03 -34.10 -9.34
CA PRO D 260 51.25 -33.38 -9.76
C PRO D 260 52.48 -33.83 -8.98
N SER D 261 53.65 -33.30 -9.36
CA SER D 261 54.87 -33.55 -8.61
C SER D 261 54.78 -32.97 -7.21
N GLY D 262 55.47 -33.62 -6.28
CA GLY D 262 55.43 -33.22 -4.88
C GLY D 262 54.29 -33.83 -4.09
N MET D 263 53.40 -34.58 -4.74
CA MET D 263 52.30 -35.28 -4.08
C MET D 263 52.63 -36.74 -3.83
N GLU D 264 53.92 -37.06 -3.61
CA GLU D 264 54.32 -38.45 -3.37
C GLU D 264 53.78 -38.98 -2.05
N GLU D 265 53.67 -38.13 -1.02
CA GLU D 265 53.07 -38.54 0.25
C GLU D 265 51.59 -38.87 0.07
N LEU D 266 50.86 -38.04 -0.68
CA LEU D 266 49.45 -38.31 -0.95
C LEU D 266 49.29 -39.56 -1.81
N GLN D 267 50.20 -39.78 -2.76
CA GLN D 267 50.19 -41.01 -3.56
C GLN D 267 50.41 -42.24 -2.71
N ALA D 268 51.36 -42.16 -1.76
CA ALA D 268 51.62 -43.27 -0.85
C ALA D 268 50.41 -43.55 0.05
N GLN D 269 49.78 -42.49 0.55
CA GLN D 269 48.57 -42.66 1.38
C GLN D 269 47.42 -43.26 0.58
N LEU D 270 47.22 -42.80 -0.65
CA LEU D 270 46.17 -43.35 -1.51
C LEU D 270 46.43 -44.81 -1.84
N GLU D 271 47.68 -45.18 -2.12
CA GLU D 271 48.02 -46.57 -2.37
C GLU D 271 47.84 -47.44 -1.14
N LYS D 272 48.19 -46.91 0.04
CA LYS D 272 48.00 -47.64 1.30
C LYS D 272 46.52 -47.88 1.59
N GLU D 273 45.68 -46.85 1.40
CA GLU D 273 44.25 -47.02 1.57
C GLU D 273 43.66 -47.97 0.53
N LEU D 274 44.20 -47.94 -0.70
CA LEU D 274 43.73 -48.84 -1.75
C LEU D 274 44.04 -50.30 -1.43
N GLN D 275 45.27 -50.59 -1.03
CA GLN D 275 45.63 -51.97 -0.67
C GLN D 275 44.95 -52.39 0.63
N ASN D 276 44.67 -51.45 1.54
CA ASN D 276 43.98 -51.76 2.77
C ASN D 276 42.48 -52.02 2.54
N GLY D 277 41.96 -51.64 1.37
CA GLY D 277 40.54 -51.76 1.11
C GLY D 277 39.68 -50.73 1.78
N SER D 278 40.28 -49.68 2.35
CA SER D 278 39.55 -48.63 3.04
C SER D 278 39.48 -47.35 2.21
N LEU D 279 39.80 -47.43 0.93
CA LEU D 279 39.75 -46.28 0.03
C LEU D 279 38.39 -46.21 -0.64
N PHE D 280 37.76 -45.05 -0.55
CA PHE D 280 36.44 -44.84 -1.11
C PHE D 280 36.50 -43.60 -2.00
N GLU D 281 35.56 -43.50 -2.93
CA GLU D 281 35.54 -42.36 -3.82
C GLU D 281 34.11 -41.91 -4.05
N ALA D 282 33.95 -40.61 -4.26
CA ALA D 282 32.70 -40.04 -4.77
C ALA D 282 33.11 -39.23 -6.00
N ASP D 283 32.81 -39.79 -7.16
CA ASP D 283 33.14 -39.19 -8.45
C ASP D 283 31.89 -38.53 -9.00
N PHE D 284 31.97 -37.21 -9.18
CA PHE D 284 30.87 -36.43 -9.72
C PHE D 284 31.07 -36.16 -11.20
N ILE D 285 31.69 -37.11 -11.91
CA ILE D 285 32.08 -36.95 -13.31
C ILE D 285 30.88 -36.82 -14.26
N LEU D 286 29.68 -37.18 -13.79
CA LEU D 286 28.48 -37.03 -14.59
C LEU D 286 28.14 -35.56 -14.86
N LEU D 287 28.65 -34.65 -14.04
CA LEU D 287 28.47 -33.21 -14.18
C LEU D 287 29.45 -32.57 -15.15
N ASP D 288 30.42 -33.32 -15.67
CA ASP D 288 31.43 -32.74 -16.55
C ASP D 288 30.82 -32.34 -17.89
N GLY D 289 31.06 -31.10 -18.31
CA GLY D 289 30.50 -30.61 -19.54
C GLY D 289 29.04 -30.21 -19.48
N ILE D 290 28.46 -30.15 -18.29
CA ILE D 290 27.07 -29.73 -18.12
C ILE D 290 27.06 -28.21 -18.07
N PRO D 291 26.32 -27.55 -18.98
CA PRO D 291 26.24 -26.08 -18.93
C PRO D 291 25.54 -25.61 -17.67
N ALA D 292 26.10 -24.57 -17.06
CA ALA D 292 25.58 -24.04 -15.81
C ALA D 292 24.53 -22.97 -16.08
N ASN D 293 23.70 -22.74 -15.07
CA ASN D 293 22.60 -21.79 -15.16
C ASN D 293 23.12 -20.35 -15.24
N VAL D 294 22.28 -19.48 -15.77
CA VAL D 294 22.46 -18.04 -15.68
C VAL D 294 21.23 -17.50 -14.97
N ILE D 295 21.40 -17.06 -13.72
CA ILE D 295 20.29 -16.65 -12.88
C ILE D 295 20.36 -15.13 -12.73
N ARG D 296 19.34 -14.45 -13.27
CA ARG D 296 19.18 -12.99 -13.21
C ARG D 296 20.41 -12.26 -13.76
N GLY D 297 20.92 -12.76 -14.88
CA GLY D 297 22.12 -12.21 -15.50
C GLY D 297 23.43 -12.63 -14.87
N GLU D 298 23.40 -13.31 -13.72
CA GLU D 298 24.60 -13.78 -13.05
C GLU D 298 24.87 -15.22 -13.46
N LYS D 299 26.08 -15.47 -13.94
CA LYS D 299 26.47 -16.82 -14.37
C LYS D 299 26.72 -17.71 -13.16
N GLN D 300 26.04 -18.84 -13.11
CA GLN D 300 26.40 -19.88 -12.16
C GLN D 300 27.54 -20.71 -12.72
N TYR D 301 28.15 -21.53 -11.86
CA TYR D 301 29.26 -22.37 -12.26
C TYR D 301 29.10 -23.78 -11.72
N LEU D 302 29.59 -24.74 -12.49
CA LEU D 302 29.49 -26.15 -12.14
C LEU D 302 30.87 -26.79 -12.23
N ALA D 303 31.04 -27.86 -11.46
CA ALA D 303 32.26 -28.65 -11.49
C ALA D 303 31.90 -30.13 -11.45
N ALA D 304 32.85 -30.97 -11.86
CA ALA D 304 32.76 -32.42 -11.72
C ALA D 304 33.86 -32.96 -10.81
N PRO D 305 33.74 -32.78 -9.49
CA PRO D 305 34.83 -33.17 -8.59
C PRO D 305 34.95 -34.69 -8.42
N LEU D 306 36.10 -35.07 -7.89
CA LEU D 306 36.34 -36.39 -7.32
C LEU D 306 36.86 -36.17 -5.91
N VAL D 307 36.22 -36.78 -4.92
CA VAL D 307 36.71 -36.74 -3.56
C VAL D 307 37.06 -38.16 -3.13
N MET D 308 38.28 -38.31 -2.59
CA MET D 308 38.76 -39.60 -2.11
C MET D 308 38.69 -39.63 -0.59
N LEU D 309 38.03 -40.66 -0.06
CA LEU D 309 37.80 -40.82 1.36
C LEU D 309 38.62 -42.01 1.85
N LYS D 310 38.98 -41.98 3.13
CA LYS D 310 39.61 -43.13 3.78
C LYS D 310 38.77 -43.55 4.98
N MET D 311 38.59 -44.85 5.15
CA MET D 311 37.86 -45.39 6.28
C MET D 311 38.86 -45.74 7.37
N GLU D 312 38.86 -44.95 8.44
CA GLU D 312 39.67 -45.26 9.60
C GLU D 312 39.10 -46.45 10.35
N PRO D 313 39.91 -47.13 11.19
CA PRO D 313 39.40 -48.24 12.02
C PRO D 313 38.21 -47.91 12.91
N ASN D 314 38.04 -46.66 13.36
CA ASN D 314 36.86 -46.32 14.16
C ASN D 314 35.54 -46.25 13.35
N GLY D 315 35.51 -46.58 12.06
CA GLY D 315 34.29 -46.55 11.28
C GLY D 315 33.90 -45.20 10.73
N LYS D 316 34.77 -44.20 10.83
CA LYS D 316 34.50 -42.87 10.33
C LYS D 316 35.31 -42.62 9.06
N LEU D 317 34.63 -42.12 8.04
CA LEU D 317 35.33 -41.70 6.83
C LEU D 317 36.09 -40.40 7.05
N GLN D 318 37.23 -40.27 6.39
CA GLN D 318 38.04 -39.06 6.42
C GLN D 318 38.46 -38.67 5.02
N PRO D 319 38.38 -37.38 4.66
CA PRO D 319 38.71 -36.97 3.30
C PRO D 319 40.21 -36.91 3.08
N MET D 320 40.66 -37.47 1.96
CA MET D 320 42.07 -37.45 1.59
C MET D 320 42.40 -36.33 0.61
N VAL D 321 41.65 -36.23 -0.48
CA VAL D 321 41.93 -35.25 -1.51
C VAL D 321 40.64 -34.92 -2.25
N ILE D 322 40.52 -33.66 -2.67
CA ILE D 322 39.43 -33.17 -3.51
C ILE D 322 40.03 -32.62 -4.78
N GLN D 323 39.60 -33.15 -5.92
CA GLN D 323 39.88 -32.57 -7.24
C GLN D 323 38.58 -31.96 -7.75
N ILE D 324 38.50 -30.63 -7.75
CA ILE D 324 37.24 -29.98 -8.07
C ILE D 324 36.90 -30.13 -9.56
N GLN D 325 37.89 -30.03 -10.43
CA GLN D 325 37.60 -30.16 -11.84
C GLN D 325 38.32 -31.37 -12.43
N PRO D 326 37.68 -32.10 -13.34
CA PRO D 326 38.35 -33.20 -14.03
C PRO D 326 39.45 -32.66 -14.95
N PRO D 327 40.46 -33.48 -15.27
CA PRO D 327 41.50 -33.03 -16.20
C PRO D 327 40.94 -32.76 -17.59
N SER D 328 41.51 -31.75 -18.23
CA SER D 328 41.13 -31.28 -19.55
C SER D 328 42.42 -31.06 -20.34
N PRO D 329 42.33 -30.96 -21.68
CA PRO D 329 43.52 -30.50 -22.44
C PRO D 329 44.03 -29.14 -22.00
N SER D 330 43.13 -28.22 -21.64
CA SER D 330 43.55 -26.91 -21.15
C SER D 330 44.24 -27.00 -19.79
N SER D 331 43.72 -27.86 -18.90
CA SER D 331 44.26 -28.02 -17.55
C SER D 331 44.55 -29.49 -17.31
N PRO D 332 45.72 -29.99 -17.74
CA PRO D 332 46.04 -31.41 -17.57
C PRO D 332 46.15 -31.86 -16.13
N THR D 333 46.61 -30.99 -15.22
CA THR D 333 46.79 -31.32 -13.81
C THR D 333 45.99 -30.37 -12.93
N PRO D 334 44.76 -30.73 -12.58
CA PRO D 334 43.94 -29.88 -11.71
C PRO D 334 44.51 -29.83 -10.30
N THR D 335 44.24 -28.72 -9.62
CA THR D 335 44.67 -28.52 -8.24
C THR D 335 44.03 -29.56 -7.32
N LEU D 336 44.86 -30.18 -6.50
CA LEU D 336 44.42 -31.22 -5.57
C LEU D 336 44.31 -30.62 -4.18
N PHE D 337 43.08 -30.40 -3.72
CA PHE D 337 42.84 -29.81 -2.42
C PHE D 337 42.88 -30.88 -1.33
N LEU D 338 43.60 -30.58 -0.26
CA LEU D 338 43.86 -31.49 0.85
C LEU D 338 43.38 -30.87 2.15
N PRO D 339 43.07 -31.68 3.17
CA PRO D 339 42.70 -31.12 4.49
C PRO D 339 43.81 -30.34 5.17
N SER D 340 45.07 -30.52 4.76
CA SER D 340 46.21 -29.80 5.31
C SER D 340 46.45 -28.45 4.62
N ASP D 341 45.60 -28.08 3.68
CA ASP D 341 45.71 -26.82 2.94
C ASP D 341 45.36 -25.62 3.83
N PRO D 342 45.52 -24.40 3.32
CA PRO D 342 44.84 -23.24 3.94
C PRO D 342 43.35 -23.50 4.08
N PRO D 343 42.79 -23.24 5.27
CA PRO D 343 41.42 -23.70 5.60
C PRO D 343 40.33 -23.18 4.69
N LEU D 344 40.44 -21.95 4.19
CA LEU D 344 39.40 -21.39 3.33
C LEU D 344 39.35 -22.11 1.98
N ALA D 345 40.50 -22.45 1.42
CA ALA D 345 40.54 -23.19 0.17
C ALA D 345 39.97 -24.60 0.32
N TRP D 346 40.32 -25.29 1.40
CA TRP D 346 39.77 -26.61 1.68
C TRP D 346 38.27 -26.56 1.93
N LEU D 347 37.82 -25.53 2.65
CA LEU D 347 36.40 -25.34 2.91
C LEU D 347 35.64 -25.08 1.61
N LEU D 348 36.22 -24.28 0.72
CA LEU D 348 35.61 -24.02 -0.58
C LEU D 348 35.57 -25.28 -1.44
N ALA D 349 36.63 -26.09 -1.39
CA ALA D 349 36.64 -27.36 -2.10
C ALA D 349 35.57 -28.32 -1.59
N LYS D 350 35.40 -28.37 -0.26
CA LYS D 350 34.34 -29.18 0.32
C LYS D 350 32.96 -28.66 -0.05
N SER D 351 32.81 -27.33 -0.10
CA SER D 351 31.54 -26.73 -0.51
C SER D 351 31.23 -27.02 -1.97
N TRP D 352 32.26 -27.04 -2.82
CA TRP D 352 32.08 -27.43 -4.23
C TRP D 352 31.67 -28.88 -4.36
N VAL D 353 32.31 -29.77 -3.59
CA VAL D 353 31.95 -31.19 -3.60
C VAL D 353 30.52 -31.40 -3.13
N ARG D 354 30.12 -30.70 -2.06
CA ARG D 354 28.76 -30.81 -1.57
C ARG D 354 27.73 -30.19 -2.49
N ASN D 355 28.10 -29.10 -3.19
CA ASN D 355 27.23 -28.53 -4.22
C ASN D 355 27.03 -29.51 -5.36
N SER D 356 28.10 -30.19 -5.77
CA SER D 356 27.99 -31.21 -6.80
C SER D 356 27.16 -32.40 -6.32
N ASP D 357 27.28 -32.74 -5.04
CA ASP D 357 26.42 -33.75 -4.42
C ASP D 357 24.98 -33.32 -4.43
N PHE D 358 24.72 -32.03 -4.23
CA PHE D 358 23.37 -31.48 -4.33
C PHE D 358 22.83 -31.67 -5.75
N GLN D 359 23.63 -31.35 -6.76
CA GLN D 359 23.22 -31.50 -8.16
C GLN D 359 22.89 -32.95 -8.50
N LEU D 360 23.82 -33.87 -8.21
CA LEU D 360 23.63 -35.28 -8.53
C LEU D 360 22.55 -35.91 -7.66
N HIS D 361 22.41 -35.45 -6.42
CA HIS D 361 21.37 -35.95 -5.53
C HIS D 361 19.98 -35.59 -6.06
N GLU D 362 19.77 -34.32 -6.34
CA GLU D 362 18.43 -33.88 -6.73
C GLU D 362 18.06 -34.33 -8.14
N ILE D 363 19.01 -34.29 -9.09
CA ILE D 363 18.63 -34.62 -10.46
C ILE D 363 18.67 -36.11 -10.69
N GLN D 364 19.79 -36.77 -10.39
CA GLN D 364 19.93 -38.18 -10.70
C GLN D 364 19.20 -39.06 -9.69
N TYR D 365 19.50 -38.88 -8.41
CA TYR D 365 19.05 -39.84 -7.41
C TYR D 365 17.69 -39.51 -6.81
N HIS D 366 17.23 -38.28 -6.91
CA HIS D 366 15.89 -37.92 -6.43
C HIS D 366 14.89 -37.83 -7.58
N LEU D 367 15.12 -36.93 -8.54
CA LEU D 367 14.19 -36.74 -9.65
C LEU D 367 14.14 -37.96 -10.56
N LEU D 368 15.30 -38.47 -10.96
CA LEU D 368 15.29 -39.53 -11.97
C LEU D 368 15.11 -40.91 -11.34
N ASN D 369 16.00 -41.30 -10.42
CA ASN D 369 16.02 -42.66 -9.91
C ASN D 369 14.79 -43.00 -9.07
N THR D 370 14.21 -42.03 -8.39
CA THR D 370 13.03 -42.28 -7.58
C THR D 370 11.75 -41.75 -8.21
N HIS D 371 11.68 -40.45 -8.53
CA HIS D 371 10.42 -39.86 -8.98
C HIS D 371 10.02 -40.34 -10.38
N LEU D 372 10.94 -40.21 -11.35
CA LEU D 372 10.61 -40.58 -12.73
C LEU D 372 10.45 -42.09 -12.89
N VAL D 373 11.25 -42.88 -12.18
CA VAL D 373 11.11 -44.33 -12.24
C VAL D 373 9.77 -44.77 -11.65
N ALA D 374 9.37 -44.18 -10.52
CA ALA D 374 8.07 -44.47 -9.93
C ALA D 374 6.93 -43.98 -10.82
N GLU D 375 7.16 -42.92 -11.60
CA GLU D 375 6.10 -42.46 -12.50
C GLU D 375 5.97 -43.39 -13.70
N VAL D 376 7.09 -43.93 -14.18
CA VAL D 376 7.06 -44.95 -15.23
C VAL D 376 6.34 -46.20 -14.73
N ILE D 377 6.65 -46.63 -13.51
CA ILE D 377 5.98 -47.77 -12.88
C ILE D 377 4.49 -47.49 -12.72
N ALA D 378 4.13 -46.27 -12.32
CA ALA D 378 2.74 -45.89 -12.12
C ALA D 378 1.95 -45.93 -13.42
N VAL D 379 2.49 -45.32 -14.48
CA VAL D 379 1.78 -45.27 -15.75
C VAL D 379 1.66 -46.66 -16.36
N ALA D 380 2.74 -47.45 -16.32
CA ALA D 380 2.69 -48.81 -16.86
C ALA D 380 1.73 -49.70 -16.07
N THR D 381 1.72 -49.54 -14.73
CA THR D 381 0.79 -50.28 -13.89
C THR D 381 -0.65 -49.94 -14.21
N MET D 382 -0.95 -48.65 -14.44
CA MET D 382 -2.31 -48.30 -14.81
C MET D 382 -2.65 -48.75 -16.23
N ARG D 383 -1.69 -48.76 -17.16
CA ARG D 383 -2.00 -49.09 -18.55
C ARG D 383 -2.18 -50.59 -18.76
N CYS D 384 -1.35 -51.42 -18.13
CA CYS D 384 -1.31 -52.83 -18.51
C CYS D 384 -1.86 -53.77 -17.45
N LEU D 385 -1.97 -53.32 -16.20
CA LEU D 385 -2.44 -54.19 -15.13
C LEU D 385 -3.87 -53.82 -14.75
N PRO D 386 -4.86 -54.67 -15.04
CA PRO D 386 -6.24 -54.36 -14.68
C PRO D 386 -6.48 -54.44 -13.18
N GLY D 387 -7.62 -53.87 -12.76
CA GLY D 387 -8.01 -53.89 -11.37
C GLY D 387 -8.11 -55.27 -10.74
N LEU D 388 -8.47 -56.28 -11.54
CA LEU D 388 -8.50 -57.66 -11.08
C LEU D 388 -7.11 -58.23 -10.82
N HIS D 389 -6.08 -57.70 -11.45
CA HIS D 389 -4.75 -58.30 -11.40
C HIS D 389 -4.13 -58.17 -10.01
N PRO D 390 -3.55 -59.25 -9.46
CA PRO D 390 -2.89 -59.15 -8.15
C PRO D 390 -1.72 -58.20 -8.10
N ILE D 391 -0.94 -58.09 -9.19
CA ILE D 391 0.22 -57.21 -9.18
C ILE D 391 -0.24 -55.76 -9.18
N PHE D 392 -1.37 -55.46 -9.82
CA PHE D 392 -1.93 -54.11 -9.76
C PHE D 392 -2.37 -53.77 -8.35
N LYS D 393 -3.08 -54.69 -7.70
CA LYS D 393 -3.56 -54.46 -6.33
C LYS D 393 -2.39 -54.34 -5.37
N PHE D 394 -1.30 -55.05 -5.67
CA PHE D 394 -0.08 -54.93 -4.88
C PHE D 394 0.58 -53.57 -5.07
N LEU D 395 0.59 -53.05 -6.30
CA LEU D 395 1.36 -51.85 -6.63
C LEU D 395 0.60 -50.55 -6.45
N ILE D 396 -0.74 -50.57 -6.57
CA ILE D 396 -1.54 -49.33 -6.50
C ILE D 396 -1.35 -48.49 -5.23
N PRO D 397 -1.15 -49.03 -4.00
CA PRO D 397 -0.85 -48.10 -2.90
C PRO D 397 0.52 -47.44 -3.04
N HIS D 398 1.45 -48.06 -3.77
CA HIS D 398 2.81 -47.55 -3.88
C HIS D 398 2.99 -46.64 -5.08
N ILE D 399 1.93 -46.36 -5.84
CA ILE D 399 1.99 -45.40 -6.93
C ILE D 399 1.04 -44.24 -6.70
N ARG D 400 0.55 -44.09 -5.47
CA ARG D 400 -0.35 -43.01 -5.10
C ARG D 400 0.36 -41.68 -5.16
N TYR D 401 -0.26 -40.72 -5.86
CA TYR D 401 0.12 -39.30 -5.99
C TYR D 401 1.39 -39.09 -6.82
N THR D 402 1.98 -40.15 -7.38
CA THR D 402 3.24 -40.06 -8.10
C THR D 402 3.10 -39.25 -9.39
N MET D 403 2.02 -39.49 -10.13
CA MET D 403 1.79 -38.78 -11.39
C MET D 403 1.59 -37.29 -11.17
N GLU D 404 0.82 -36.92 -10.14
CA GLU D 404 0.58 -35.49 -9.91
C GLU D 404 1.83 -34.79 -9.37
N ILE D 405 2.59 -35.44 -8.49
CA ILE D 405 3.79 -34.80 -7.96
C ILE D 405 4.83 -34.62 -9.07
N ASN D 406 4.91 -35.58 -10.00
CA ASN D 406 5.80 -35.41 -11.15
C ASN D 406 5.28 -34.37 -12.13
N THR D 407 3.95 -34.27 -12.28
CA THR D 407 3.37 -33.27 -13.16
C THR D 407 3.56 -31.86 -12.60
N ARG D 408 3.39 -31.70 -11.29
CA ARG D 408 3.62 -30.41 -10.64
C ARG D 408 5.10 -30.04 -10.68
N ALA D 409 5.99 -31.03 -10.57
CA ALA D 409 7.41 -30.78 -10.75
C ALA D 409 7.71 -30.30 -12.16
N ARG D 410 7.13 -30.97 -13.17
CA ARG D 410 7.38 -30.63 -14.56
C ARG D 410 6.78 -29.28 -14.95
N THR D 411 5.64 -28.90 -14.36
CA THR D 411 5.03 -27.62 -14.70
C THR D 411 5.59 -26.46 -13.91
N GLN D 412 6.00 -26.68 -12.66
CA GLN D 412 6.35 -25.58 -11.77
C GLN D 412 7.83 -25.57 -11.42
N LEU D 413 8.40 -26.71 -11.06
CA LEU D 413 9.76 -26.73 -10.54
C LEU D 413 10.80 -26.81 -11.66
N ILE D 414 10.73 -27.83 -12.51
CA ILE D 414 11.81 -28.13 -13.43
C ILE D 414 11.46 -27.74 -14.86
N SER D 415 10.42 -26.92 -15.04
CA SER D 415 10.09 -26.38 -16.35
C SER D 415 11.12 -25.35 -16.80
N ASP D 416 10.99 -24.93 -18.05
CA ASP D 416 11.81 -23.86 -18.59
C ASP D 416 11.37 -22.55 -17.95
N GLY D 417 12.21 -21.99 -17.09
CA GLY D 417 11.82 -20.84 -16.29
C GLY D 417 11.26 -21.20 -14.94
N GLY D 418 11.24 -22.48 -14.59
CA GLY D 418 10.72 -22.94 -13.31
C GLY D 418 11.62 -22.56 -12.15
N ILE D 419 11.24 -23.07 -10.97
CA ILE D 419 11.94 -22.76 -9.74
C ILE D 419 13.35 -23.34 -9.71
N PHE D 420 13.59 -24.40 -10.49
CA PHE D 420 14.91 -25.00 -10.58
C PHE D 420 15.85 -24.11 -11.38
N ASP D 421 15.31 -23.30 -12.27
CA ASP D 421 16.11 -22.33 -13.00
C ASP D 421 16.30 -21.04 -12.20
N LYS D 422 15.73 -20.94 -11.00
CA LYS D 422 15.86 -19.73 -10.21
C LYS D 422 16.89 -19.84 -9.11
N ALA D 423 17.28 -21.05 -8.69
CA ALA D 423 18.23 -21.19 -7.60
C ALA D 423 19.38 -22.13 -7.91
N VAL D 424 19.14 -23.12 -8.76
CA VAL D 424 20.06 -24.26 -8.89
C VAL D 424 20.97 -24.03 -10.09
N SER D 425 22.25 -24.40 -9.92
CA SER D 425 23.25 -24.20 -10.96
C SER D 425 23.04 -25.09 -12.19
N THR D 426 22.49 -26.28 -12.02
CA THR D 426 22.24 -27.15 -13.17
C THR D 426 21.04 -26.72 -14.00
N GLY D 427 20.18 -25.84 -13.47
CA GLY D 427 19.02 -25.35 -14.19
C GLY D 427 19.27 -24.59 -15.48
N GLY D 428 18.19 -24.24 -16.17
CA GLY D 428 18.32 -23.53 -17.42
C GLY D 428 18.57 -24.40 -18.63
N GLY D 429 18.43 -25.71 -18.51
CA GLY D 429 18.63 -26.64 -19.61
C GLY D 429 19.70 -27.68 -19.34
N GLY D 430 20.73 -27.32 -18.58
CA GLY D 430 21.78 -28.27 -18.22
C GLY D 430 21.28 -29.43 -17.38
N HIS D 431 20.25 -29.22 -16.58
CA HIS D 431 19.69 -30.30 -15.77
C HIS D 431 18.99 -31.35 -16.63
N VAL D 432 18.45 -30.95 -17.79
CA VAL D 432 17.83 -31.92 -18.69
C VAL D 432 18.91 -32.82 -19.32
N GLN D 433 20.04 -32.22 -19.71
CA GLN D 433 21.17 -33.00 -20.21
C GLN D 433 21.74 -33.91 -19.12
N LEU D 434 21.80 -33.42 -17.89
CA LEU D 434 22.26 -34.24 -16.77
C LEU D 434 21.29 -35.38 -16.48
N LEU D 435 19.99 -35.12 -16.66
CA LEU D 435 18.97 -36.17 -16.54
C LEU D 435 19.15 -37.22 -17.63
N ARG D 436 19.48 -36.79 -18.86
CA ARG D 436 19.73 -37.74 -19.95
C ARG D 436 20.96 -38.60 -19.66
N ARG D 437 22.03 -37.98 -19.17
CA ARG D 437 23.25 -38.69 -18.83
C ARG D 437 23.02 -39.68 -17.69
N ALA D 438 22.25 -39.27 -16.68
CA ALA D 438 21.94 -40.18 -15.58
C ALA D 438 20.98 -41.27 -16.02
N ALA D 439 20.11 -40.98 -16.98
CA ALA D 439 19.23 -41.99 -17.55
C ALA D 439 20.02 -43.06 -18.28
N ALA D 440 21.10 -42.66 -18.95
CA ALA D 440 22.01 -43.65 -19.53
C ALA D 440 22.71 -44.47 -18.45
N GLN D 441 22.97 -43.86 -17.29
CA GLN D 441 23.52 -44.55 -16.13
C GLN D 441 22.45 -45.19 -15.24
N LEU D 442 21.17 -44.99 -15.54
CA LEU D 442 20.09 -45.56 -14.73
C LEU D 442 19.95 -47.03 -15.08
N THR D 443 20.65 -47.87 -14.33
CA THR D 443 20.60 -49.31 -14.53
C THR D 443 19.65 -49.96 -13.52
N TYR D 444 19.23 -51.19 -13.86
CA TYR D 444 18.44 -51.99 -12.94
C TYR D 444 19.26 -52.34 -11.70
N CYS D 445 20.56 -52.56 -11.88
CA CYS D 445 21.46 -52.84 -10.77
C CYS D 445 21.54 -51.67 -9.79
N SER D 446 21.43 -50.44 -10.28
CA SER D 446 21.58 -49.27 -9.43
C SER D 446 20.36 -49.05 -8.53
N LEU D 447 19.20 -49.61 -8.90
CA LEU D 447 17.97 -49.36 -8.17
C LEU D 447 17.68 -50.44 -7.15
N CYS D 448 18.53 -51.46 -7.07
CA CYS D 448 18.36 -52.59 -6.17
C CYS D 448 19.48 -52.56 -5.15
N PRO D 449 19.20 -52.19 -3.89
CA PRO D 449 20.24 -52.03 -2.84
C PRO D 449 21.24 -53.18 -2.73
N PRO D 450 20.86 -54.49 -2.72
CA PRO D 450 21.92 -55.52 -2.61
C PRO D 450 22.95 -55.43 -3.73
N ASP D 451 22.47 -55.21 -4.96
CA ASP D 451 23.35 -55.14 -6.11
C ASP D 451 24.08 -53.81 -6.18
N ASP D 452 23.37 -52.71 -5.85
CA ASP D 452 23.99 -51.39 -5.89
C ASP D 452 25.08 -51.26 -4.83
N LEU D 453 24.86 -51.85 -3.65
CA LEU D 453 25.82 -51.74 -2.56
C LEU D 453 26.96 -52.73 -2.72
N ALA D 454 26.69 -53.88 -3.37
CA ALA D 454 27.77 -54.79 -3.69
C ALA D 454 28.66 -54.21 -4.78
N ASP D 455 28.04 -53.56 -5.78
CA ASP D 455 28.80 -52.90 -6.85
C ASP D 455 29.61 -51.73 -6.30
N ARG D 456 29.04 -50.97 -5.37
CA ARG D 456 29.75 -49.86 -4.75
C ARG D 456 30.61 -50.28 -3.57
N GLY D 457 30.60 -51.55 -3.19
CA GLY D 457 31.46 -52.02 -2.12
C GLY D 457 31.11 -51.54 -0.73
N LEU D 458 29.87 -51.12 -0.52
CA LEU D 458 29.45 -50.59 0.78
C LEU D 458 28.84 -51.66 1.69
N LEU D 459 28.86 -52.92 1.25
CA LEU D 459 28.35 -54.01 2.09
C LEU D 459 29.24 -54.23 3.30
N GLY D 460 28.61 -54.44 4.45
CA GLY D 460 29.34 -54.74 5.66
C GLY D 460 30.02 -53.57 6.34
N LEU D 461 29.76 -52.35 5.90
CA LEU D 461 30.35 -51.17 6.54
C LEU D 461 29.58 -50.85 7.82
N PRO D 462 30.24 -50.82 8.99
CA PRO D 462 29.53 -50.51 10.24
C PRO D 462 28.92 -49.12 10.28
N GLY D 463 29.58 -48.12 9.68
CA GLY D 463 29.06 -46.77 9.73
C GLY D 463 28.12 -46.40 8.61
N ALA D 464 27.89 -47.30 7.65
CA ALA D 464 26.96 -47.06 6.56
C ALA D 464 25.55 -47.43 7.04
N LEU D 465 24.94 -46.51 7.78
CA LEU D 465 23.63 -46.73 8.38
C LEU D 465 22.55 -46.85 7.31
N TYR D 466 22.68 -46.06 6.23
CA TYR D 466 21.77 -46.19 5.09
C TYR D 466 21.86 -47.58 4.47
N ALA D 467 23.08 -48.09 4.31
CA ALA D 467 23.27 -49.39 3.69
C ALA D 467 22.63 -50.51 4.50
N HIS D 468 22.83 -50.49 5.82
CA HIS D 468 22.22 -51.48 6.71
C HIS D 468 20.70 -51.39 6.67
N ASP D 469 20.17 -50.17 6.82
CA ASP D 469 18.72 -49.97 6.81
C ASP D 469 18.12 -50.34 5.45
N ALA D 470 18.84 -50.06 4.36
CA ALA D 470 18.34 -50.37 3.03
C ALA D 470 18.33 -51.86 2.75
N LEU D 471 19.36 -52.59 3.21
CA LEU D 471 19.34 -54.05 3.06
C LEU D 471 18.24 -54.70 3.90
N ARG D 472 18.04 -54.20 5.13
CA ARG D 472 16.94 -54.69 5.95
C ARG D 472 15.58 -54.41 5.32
N LEU D 473 15.40 -53.19 4.79
CA LEU D 473 14.16 -52.84 4.11
C LEU D 473 13.97 -53.67 2.85
N TRP D 474 15.06 -53.95 2.12
CA TRP D 474 14.96 -54.77 0.92
C TRP D 474 14.55 -56.19 1.24
N GLU D 475 15.12 -56.80 2.29
CA GLU D 475 14.73 -58.17 2.62
C GLU D 475 13.30 -58.23 3.17
N ILE D 476 12.88 -57.22 3.94
CA ILE D 476 11.51 -57.18 4.44
C ILE D 476 10.50 -56.98 3.30
N ILE D 477 10.78 -56.02 2.41
CA ILE D 477 9.93 -55.75 1.26
C ILE D 477 9.93 -56.95 0.31
N ALA D 478 11.09 -57.62 0.16
CA ALA D 478 11.18 -58.82 -0.66
C ALA D 478 10.37 -59.97 -0.08
N ARG D 479 10.32 -60.08 1.25
CA ARG D 479 9.46 -61.06 1.89
C ARG D 479 7.99 -60.77 1.60
N TYR D 480 7.60 -59.50 1.64
CA TYR D 480 6.24 -59.09 1.29
C TYR D 480 5.91 -59.42 -0.18
N VAL D 481 6.85 -59.10 -1.07
CA VAL D 481 6.68 -59.34 -2.50
C VAL D 481 6.57 -60.83 -2.78
N GLU D 482 7.47 -61.64 -2.21
CA GLU D 482 7.44 -63.08 -2.46
C GLU D 482 6.21 -63.72 -1.85
N GLY D 483 5.71 -63.20 -0.71
CA GLY D 483 4.45 -63.67 -0.16
C GLY D 483 3.30 -63.47 -1.12
N ILE D 484 3.16 -62.26 -1.66
CA ILE D 484 2.08 -61.95 -2.61
C ILE D 484 2.23 -62.76 -3.90
N VAL D 485 3.44 -62.79 -4.46
CA VAL D 485 3.68 -63.46 -5.75
C VAL D 485 3.47 -64.97 -5.61
N HIS D 486 4.05 -65.59 -4.57
CA HIS D 486 3.85 -67.02 -4.35
C HIS D 486 2.40 -67.35 -3.99
N LEU D 487 1.67 -66.39 -3.42
CA LEU D 487 0.23 -66.56 -3.28
C LEU D 487 -0.47 -66.64 -4.63
N PHE D 488 -0.04 -65.83 -5.61
CA PHE D 488 -0.75 -65.80 -6.88
C PHE D 488 -0.01 -66.41 -8.07
N TYR D 489 1.30 -66.63 -7.99
CA TYR D 489 2.07 -67.26 -9.06
C TYR D 489 2.76 -68.49 -8.50
N GLN D 490 2.10 -69.65 -8.61
CA GLN D 490 2.64 -70.86 -8.00
C GLN D 490 3.84 -71.41 -8.76
N ARG D 491 3.91 -71.19 -10.07
CA ARG D 491 4.96 -71.77 -10.90
C ARG D 491 5.55 -70.71 -11.82
N ASP D 492 6.70 -71.06 -12.41
CA ASP D 492 7.37 -70.16 -13.35
C ASP D 492 6.57 -69.99 -14.62
N ASP D 493 5.97 -71.07 -15.14
CA ASP D 493 5.16 -70.99 -16.35
C ASP D 493 3.89 -70.17 -16.15
N ILE D 494 3.41 -70.07 -14.91
CA ILE D 494 2.30 -69.18 -14.60
C ILE D 494 2.73 -67.73 -14.74
N VAL D 495 3.96 -67.42 -14.33
CA VAL D 495 4.52 -66.08 -14.52
C VAL D 495 4.71 -65.79 -16.01
N LYS D 496 5.25 -66.76 -16.75
CA LYS D 496 5.44 -66.60 -18.19
C LYS D 496 4.11 -66.50 -18.92
N GLY D 497 3.12 -67.28 -18.50
CA GLY D 497 1.85 -67.37 -19.18
C GLY D 497 0.87 -66.24 -18.92
N ASP D 498 1.25 -65.25 -18.11
CA ASP D 498 0.46 -64.06 -17.81
C ASP D 498 0.72 -62.98 -18.85
N PRO D 499 -0.18 -62.76 -19.82
CA PRO D 499 0.10 -61.75 -20.86
C PRO D 499 0.08 -60.33 -20.34
N GLU D 500 -0.76 -60.02 -19.36
CA GLU D 500 -0.83 -58.67 -18.81
C GLU D 500 0.43 -58.31 -18.04
N LEU D 501 0.99 -59.27 -17.29
CA LEU D 501 2.24 -59.04 -16.58
C LEU D 501 3.41 -58.82 -17.54
N GLN D 502 3.47 -59.60 -18.63
CA GLN D 502 4.52 -59.40 -19.62
C GLN D 502 4.35 -58.07 -20.33
N ALA D 503 3.11 -57.67 -20.61
CA ALA D 503 2.86 -56.36 -21.20
C ALA D 503 3.27 -55.23 -20.26
N TRP D 504 3.03 -55.40 -18.96
CA TRP D 504 3.47 -54.42 -17.96
C TRP D 504 5.01 -54.34 -17.89
N CYS D 505 5.68 -55.50 -17.96
CA CYS D 505 7.14 -55.53 -17.99
C CYS D 505 7.70 -54.82 -19.21
N ARG D 506 7.11 -55.09 -20.38
CA ARG D 506 7.51 -54.38 -21.60
C ARG D 506 7.20 -52.90 -21.52
N GLU D 507 6.08 -52.54 -20.90
CA GLU D 507 5.68 -51.13 -20.77
C GLU D 507 6.66 -50.36 -19.90
N ILE D 508 7.17 -50.98 -18.83
CA ILE D 508 8.24 -50.33 -18.07
C ILE D 508 9.52 -50.29 -18.87
N THR D 509 9.94 -51.43 -19.43
CA THR D 509 11.29 -51.52 -19.98
C THR D 509 11.38 -50.95 -21.39
N GLU D 510 10.60 -51.51 -22.33
CA GLU D 510 10.66 -51.05 -23.71
C GLU D 510 10.09 -49.65 -23.87
N VAL D 511 9.00 -49.34 -23.16
CA VAL D 511 8.25 -48.13 -23.45
C VAL D 511 8.58 -47.03 -22.45
N GLY D 512 8.29 -47.28 -21.17
CA GLY D 512 8.40 -46.24 -20.16
C GLY D 512 9.83 -45.78 -19.92
N LEU D 513 10.76 -46.72 -19.78
CA LEU D 513 12.16 -46.38 -19.55
C LEU D 513 12.97 -46.24 -20.82
N CYS D 514 12.32 -46.32 -21.99
CA CYS D 514 12.90 -46.00 -23.30
C CYS D 514 14.07 -46.93 -23.66
N GLN D 515 13.70 -48.20 -23.85
CA GLN D 515 14.60 -49.28 -24.28
C GLN D 515 15.70 -49.55 -23.25
N ALA D 516 15.25 -49.90 -22.04
CA ALA D 516 16.14 -50.16 -20.90
C ALA D 516 16.71 -51.58 -20.90
N GLN D 517 16.71 -52.28 -22.04
CA GLN D 517 17.25 -53.64 -22.11
C GLN D 517 18.74 -53.65 -21.81
N ASP D 518 19.50 -52.78 -22.49
CA ASP D 518 20.94 -52.60 -22.26
C ASP D 518 21.28 -52.22 -20.82
N ARG D 519 20.35 -51.62 -20.07
CA ARG D 519 20.61 -51.20 -18.70
C ARG D 519 20.11 -52.22 -17.69
N GLY D 520 19.98 -53.47 -18.08
CA GLY D 520 19.68 -54.56 -17.17
C GLY D 520 18.23 -54.73 -16.80
N PHE D 521 17.33 -53.88 -17.30
CA PHE D 521 15.93 -54.09 -16.99
C PHE D 521 15.37 -55.21 -17.86
N PRO D 522 14.50 -56.06 -17.30
CA PRO D 522 14.03 -57.22 -18.05
C PRO D 522 12.94 -56.87 -19.03
N VAL D 523 12.97 -57.54 -20.19
CA VAL D 523 11.86 -57.41 -21.14
C VAL D 523 10.72 -58.35 -20.81
N SER D 524 10.96 -59.35 -19.96
CA SER D 524 9.97 -60.36 -19.63
C SER D 524 10.33 -60.97 -18.29
N PHE D 525 9.38 -61.68 -17.71
CA PHE D 525 9.60 -62.44 -16.50
C PHE D 525 9.55 -63.92 -16.83
N GLN D 526 10.64 -64.63 -16.58
CA GLN D 526 10.74 -66.05 -16.89
C GLN D 526 10.58 -66.93 -15.66
N SER D 527 10.48 -66.34 -14.47
CA SER D 527 10.41 -67.09 -13.23
C SER D 527 9.74 -66.22 -12.17
N GLN D 528 9.33 -66.89 -11.08
CA GLN D 528 8.78 -66.16 -9.95
C GLN D 528 9.81 -65.25 -9.30
N SER D 529 11.06 -65.72 -9.20
CA SER D 529 12.12 -64.96 -8.52
C SER D 529 12.46 -63.66 -9.25
N GLN D 530 12.48 -63.70 -10.59
CA GLN D 530 12.76 -62.50 -11.36
C GLN D 530 11.66 -61.45 -11.17
N LEU D 531 10.40 -61.88 -11.20
CA LEU D 531 9.27 -60.99 -10.92
C LEU D 531 9.33 -60.45 -9.50
N CYS D 532 9.72 -61.31 -8.56
CA CYS D 532 9.84 -60.90 -7.16
C CYS D 532 10.91 -59.83 -6.97
N HIS D 533 12.06 -60.01 -7.64
CA HIS D 533 13.14 -59.04 -7.55
C HIS D 533 12.75 -57.71 -8.20
N PHE D 534 12.06 -57.77 -9.34
CA PHE D 534 11.62 -56.56 -10.02
C PHE D 534 10.57 -55.80 -9.22
N LEU D 535 9.62 -56.52 -8.61
CA LEU D 535 8.61 -55.85 -7.80
C LEU D 535 9.20 -55.32 -6.50
N THR D 536 10.18 -56.01 -5.92
CA THR D 536 10.90 -55.48 -4.77
C THR D 536 11.63 -54.19 -5.13
N MET D 537 12.24 -54.14 -6.32
CA MET D 537 12.84 -52.91 -6.83
C MET D 537 11.80 -51.80 -6.95
N CYS D 538 10.62 -52.13 -7.51
CA CYS D 538 9.55 -51.15 -7.68
C CYS D 538 9.10 -50.58 -6.34
N VAL D 539 8.83 -51.44 -5.36
CA VAL D 539 8.36 -50.98 -4.06
C VAL D 539 9.44 -50.19 -3.32
N PHE D 540 10.71 -50.64 -3.39
CA PHE D 540 11.79 -49.91 -2.72
C PHE D 540 11.99 -48.54 -3.35
N THR D 541 11.97 -48.45 -4.68
CA THR D 541 12.07 -47.17 -5.37
C THR D 541 10.91 -46.25 -5.00
N CYS D 542 9.69 -46.79 -4.95
CA CYS D 542 8.53 -45.97 -4.67
C CYS D 542 8.44 -45.57 -3.19
N THR D 543 9.00 -46.38 -2.29
CA THR D 543 8.87 -46.08 -0.87
C THR D 543 10.19 -45.77 -0.20
N ALA D 544 11.13 -46.70 -0.19
CA ALA D 544 12.29 -46.60 0.68
C ALA D 544 13.43 -45.78 0.08
N GLN D 545 13.71 -45.98 -1.20
CA GLN D 545 14.74 -45.18 -1.88
C GLN D 545 14.37 -43.70 -1.89
N HIS D 546 13.10 -43.40 -2.16
CA HIS D 546 12.63 -42.02 -2.14
C HIS D 546 12.69 -41.42 -0.73
N ALA D 547 12.33 -42.20 0.28
CA ALA D 547 12.44 -41.74 1.66
C ALA D 547 13.89 -41.45 2.06
N ALA D 548 14.82 -42.32 1.63
CA ALA D 548 16.23 -42.10 1.91
C ALA D 548 16.76 -40.87 1.18
N ILE D 549 16.33 -40.66 -0.07
CA ILE D 549 16.89 -39.60 -0.89
C ILE D 549 16.11 -38.29 -0.74
N ASN D 550 15.05 -38.29 0.05
CA ASN D 550 14.12 -37.16 0.12
C ASN D 550 13.97 -36.59 1.52
N GLN D 551 13.95 -37.42 2.57
CA GLN D 551 13.71 -36.92 3.92
C GLN D 551 14.89 -36.12 4.46
N GLY D 552 16.09 -36.31 3.93
CA GLY D 552 17.27 -35.63 4.41
C GLY D 552 17.51 -34.26 3.83
N GLN D 553 16.59 -33.76 3.00
CA GLN D 553 16.78 -32.47 2.35
C GLN D 553 16.82 -31.32 3.35
N LEU D 554 15.89 -31.29 4.30
CA LEU D 554 15.91 -30.22 5.30
C LEU D 554 17.05 -30.40 6.30
N ASP D 555 17.33 -31.65 6.68
CA ASP D 555 18.37 -31.93 7.67
C ASP D 555 19.75 -31.51 7.18
N TRP D 556 20.04 -31.72 5.90
CA TRP D 556 21.37 -31.48 5.37
C TRP D 556 21.45 -30.25 4.49
N TYR D 557 20.32 -29.70 4.05
CA TYR D 557 20.30 -28.62 3.07
C TYR D 557 19.74 -27.30 3.59
N ALA D 558 19.16 -27.27 4.80
CA ALA D 558 18.73 -26.00 5.39
C ALA D 558 19.93 -25.10 5.66
N TRP D 559 21.02 -25.66 6.15
CA TRP D 559 22.27 -24.94 6.21
C TRP D 559 22.85 -24.93 4.81
N VAL D 560 22.62 -23.81 4.11
CA VAL D 560 23.04 -23.70 2.70
C VAL D 560 24.54 -23.86 2.47
N PRO D 561 25.46 -23.29 3.30
CA PRO D 561 26.89 -23.60 3.09
C PRO D 561 27.27 -25.07 3.19
N ASN D 562 26.49 -25.88 3.93
CA ASN D 562 26.75 -27.32 3.96
C ASN D 562 26.51 -27.98 2.61
N ALA D 563 25.60 -27.44 1.80
CA ALA D 563 25.32 -28.00 0.48
C ALA D 563 24.74 -26.94 -0.44
N PRO D 564 25.58 -26.13 -1.08
CA PRO D 564 25.09 -25.05 -1.96
C PRO D 564 24.27 -25.55 -3.14
N CYS D 565 23.12 -24.90 -3.37
CA CYS D 565 22.32 -25.20 -4.55
C CYS D 565 22.97 -24.70 -5.83
N THR D 566 23.84 -23.69 -5.72
CA THR D 566 24.53 -23.14 -6.87
C THR D 566 25.87 -22.58 -6.41
N MET D 567 26.73 -22.31 -7.38
CA MET D 567 27.99 -21.63 -7.13
C MET D 567 28.08 -20.44 -8.07
N ARG D 568 28.34 -19.26 -7.51
CA ARG D 568 28.33 -18.02 -8.29
C ARG D 568 29.73 -17.56 -8.69
N MET D 569 30.75 -18.35 -8.40
CA MET D 569 32.13 -18.06 -8.80
C MET D 569 32.73 -19.30 -9.44
N PRO D 570 33.74 -19.13 -10.30
CA PRO D 570 34.44 -20.28 -10.85
C PRO D 570 35.16 -21.04 -9.75
N PRO D 571 35.34 -22.36 -9.91
CA PRO D 571 36.06 -23.17 -8.91
C PRO D 571 37.50 -22.71 -8.75
N PRO D 572 38.02 -22.72 -7.53
CA PRO D 572 39.41 -22.29 -7.30
C PRO D 572 40.41 -23.20 -7.99
N THR D 573 41.47 -22.59 -8.51
CA THR D 573 42.59 -23.30 -9.10
C THR D 573 43.86 -23.17 -8.28
N THR D 574 43.89 -22.26 -7.31
CA THR D 574 45.01 -22.10 -6.39
C THR D 574 44.46 -22.07 -4.97
N LYS D 575 45.30 -22.46 -4.02
CA LYS D 575 44.87 -22.53 -2.63
C LYS D 575 45.11 -21.24 -1.87
N GLU D 576 46.17 -20.51 -2.20
CA GLU D 576 46.51 -19.29 -1.47
C GLU D 576 45.61 -18.11 -1.81
N ASP D 577 44.93 -18.15 -2.96
CA ASP D 577 44.11 -17.03 -3.40
C ASP D 577 42.68 -17.10 -2.89
N VAL D 578 42.34 -18.09 -2.07
CA VAL D 578 40.99 -18.25 -1.57
C VAL D 578 40.85 -17.50 -0.26
N THR D 579 39.95 -16.52 -0.21
CA THR D 579 39.67 -15.73 0.97
C THR D 579 38.22 -15.97 1.39
N MET D 580 37.82 -15.29 2.47
CA MET D 580 36.42 -15.33 2.89
C MET D 580 35.51 -14.67 1.87
N ALA D 581 36.02 -13.66 1.15
CA ALA D 581 35.25 -13.04 0.08
C ALA D 581 35.05 -14.01 -1.07
N THR D 582 36.07 -14.79 -1.41
CA THR D 582 35.96 -15.81 -2.46
C THR D 582 34.93 -16.88 -2.09
N VAL D 583 34.97 -17.36 -0.85
CA VAL D 583 33.99 -18.34 -0.36
C VAL D 583 32.58 -17.76 -0.39
N MET D 584 32.41 -16.54 0.12
CA MET D 584 31.08 -15.93 0.19
C MET D 584 30.52 -15.61 -1.19
N GLY D 585 31.36 -15.15 -2.11
CA GLY D 585 30.90 -14.94 -3.47
C GLY D 585 30.67 -16.23 -4.22
N SER D 586 31.36 -17.30 -3.82
CA SER D 586 31.13 -18.61 -4.41
C SER D 586 29.84 -19.23 -3.89
N LEU D 587 29.52 -18.98 -2.61
CA LEU D 587 28.29 -19.49 -2.03
C LEU D 587 27.09 -18.76 -2.64
N PRO D 588 25.90 -19.37 -2.61
CA PRO D 588 24.71 -18.71 -3.15
C PRO D 588 24.36 -17.43 -2.40
N ASP D 589 23.75 -16.50 -3.13
CA ASP D 589 23.20 -15.32 -2.50
C ASP D 589 21.94 -15.69 -1.71
N VAL D 590 21.45 -14.72 -0.95
CA VAL D 590 20.35 -14.94 -0.01
C VAL D 590 19.07 -15.41 -0.71
N ARG D 591 18.83 -14.95 -1.94
CA ARG D 591 17.63 -15.35 -2.67
C ARG D 591 17.68 -16.83 -3.06
N GLN D 592 18.81 -17.27 -3.64
CA GLN D 592 18.97 -18.67 -4.02
C GLN D 592 19.04 -19.57 -2.78
N ALA D 593 19.70 -19.10 -1.72
CA ALA D 593 19.80 -19.87 -0.48
C ALA D 593 18.44 -20.05 0.18
N CYS D 594 17.63 -18.99 0.20
CA CYS D 594 16.28 -19.08 0.74
C CYS D 594 15.40 -19.98 -0.10
N LEU D 595 15.56 -19.94 -1.42
CA LEU D 595 14.83 -20.87 -2.29
C LEU D 595 15.23 -22.31 -2.03
N GLN D 596 16.54 -22.56 -1.85
CA GLN D 596 17.02 -23.89 -1.47
C GLN D 596 16.40 -24.37 -0.17
N MET D 597 16.37 -23.50 0.84
CA MET D 597 15.79 -23.83 2.13
C MET D 597 14.30 -24.15 2.01
N ALA D 598 13.57 -23.32 1.24
CA ALA D 598 12.13 -23.50 1.09
C ALA D 598 11.79 -24.81 0.37
N ILE D 599 12.46 -25.10 -0.74
CA ILE D 599 12.21 -26.36 -1.45
C ILE D 599 12.61 -27.55 -0.57
N SER D 600 13.75 -27.46 0.14
CA SER D 600 14.18 -28.52 1.05
C SER D 600 13.12 -28.81 2.11
N TRP D 601 12.56 -27.75 2.71
CA TRP D 601 11.51 -27.89 3.71
C TRP D 601 10.26 -28.51 3.09
N HIS D 602 9.83 -27.97 1.94
CA HIS D 602 8.60 -28.41 1.28
C HIS D 602 8.67 -29.87 0.85
N LEU D 603 9.83 -30.32 0.37
CA LEU D 603 9.94 -31.68 -0.12
C LEU D 603 10.19 -32.68 1.00
N SER D 604 10.92 -32.30 2.05
CA SER D 604 11.30 -33.25 3.07
C SER D 604 10.39 -33.29 4.29
N ARG D 605 9.42 -32.37 4.40
CA ARG D 605 8.54 -32.35 5.56
C ARG D 605 7.60 -33.56 5.54
N ARG D 606 7.22 -34.00 6.73
CA ARG D 606 6.23 -35.05 6.85
C ARG D 606 4.88 -34.52 6.39
N GLN D 607 4.30 -35.18 5.40
CA GLN D 607 2.95 -34.85 4.97
C GLN D 607 1.97 -35.22 6.07
N PRO D 608 1.04 -34.32 6.42
CA PRO D 608 0.04 -34.67 7.45
C PRO D 608 -0.83 -35.86 7.08
N ASP D 609 -1.11 -36.05 5.79
CA ASP D 609 -1.92 -37.17 5.31
C ASP D 609 -1.06 -38.34 4.80
N MET D 610 0.22 -38.39 5.16
CA MET D 610 1.12 -39.40 4.62
C MET D 610 0.73 -40.80 5.10
N VAL D 611 0.90 -41.77 4.22
CA VAL D 611 0.67 -43.17 4.53
C VAL D 611 2.03 -43.81 4.81
N PRO D 612 2.28 -44.34 6.00
CA PRO D 612 3.51 -45.09 6.23
C PRO D 612 3.57 -46.34 5.37
N LEU D 613 4.80 -46.76 5.06
CA LEU D 613 5.09 -47.93 4.24
C LEU D 613 4.36 -49.18 4.74
N GLY D 614 3.58 -49.79 3.86
CA GLY D 614 2.83 -50.98 4.18
C GLY D 614 1.58 -50.77 4.98
N HIS D 615 1.22 -49.53 5.29
CA HIS D 615 0.08 -49.24 6.13
C HIS D 615 -1.03 -48.53 5.36
N HIS D 616 -1.18 -48.88 4.08
CA HIS D 616 -2.29 -48.37 3.29
C HIS D 616 -3.61 -48.95 3.81
N LYS D 617 -4.61 -48.09 3.95
CA LYS D 617 -5.90 -48.50 4.46
C LYS D 617 -6.80 -49.05 3.37
N GLU D 618 -6.48 -48.79 2.10
CA GLU D 618 -7.28 -49.28 0.99
C GLU D 618 -7.14 -50.79 0.88
N LYS D 619 -8.27 -51.49 0.85
CA LYS D 619 -8.30 -52.95 0.81
C LYS D 619 -8.68 -53.39 -0.61
N TYR D 620 -7.67 -53.45 -1.47
CA TYR D 620 -7.88 -53.99 -2.81
C TYR D 620 -7.98 -55.52 -2.77
N PHE D 621 -7.08 -56.16 -2.03
CA PHE D 621 -7.15 -57.60 -1.83
C PHE D 621 -8.27 -57.95 -0.88
N SER D 622 -9.04 -58.99 -1.24
CA SER D 622 -10.15 -59.43 -0.40
C SER D 622 -9.83 -60.64 0.46
N GLY D 623 -8.97 -61.54 -0.02
CA GLY D 623 -8.66 -62.76 0.68
C GLY D 623 -7.93 -62.54 1.99
N PRO D 624 -7.97 -63.55 2.87
CA PRO D 624 -7.23 -63.45 4.14
C PRO D 624 -5.74 -63.67 4.00
N LYS D 625 -5.30 -64.39 2.96
CA LYS D 625 -3.86 -64.66 2.82
C LYS D 625 -3.05 -63.44 2.39
N PRO D 626 -3.44 -62.63 1.37
CA PRO D 626 -2.70 -61.36 1.16
C PRO D 626 -2.77 -60.40 2.33
N LYS D 627 -3.88 -60.40 3.08
CA LYS D 627 -3.96 -59.61 4.30
C LYS D 627 -2.95 -60.10 5.34
N ALA D 628 -2.78 -61.42 5.46
CA ALA D 628 -1.78 -61.98 6.36
C ALA D 628 -0.36 -61.62 5.92
N VAL D 629 -0.10 -61.65 4.61
CA VAL D 629 1.20 -61.26 4.09
C VAL D 629 1.48 -59.78 4.38
N LEU D 630 0.47 -58.92 4.20
CA LEU D 630 0.59 -57.50 4.54
C LEU D 630 0.84 -57.30 6.03
N ASN D 631 0.16 -58.09 6.87
CA ASN D 631 0.34 -57.99 8.32
C ASN D 631 1.75 -58.42 8.73
N GLN D 632 2.28 -59.47 8.10
CA GLN D 632 3.64 -59.89 8.36
C GLN D 632 4.65 -58.83 7.91
N PHE D 633 4.35 -58.18 6.78
CA PHE D 633 5.16 -57.05 6.31
C PHE D 633 5.18 -55.92 7.33
N ARG D 634 4.01 -55.57 7.87
CA ARG D 634 3.91 -54.52 8.87
C ARG D 634 4.64 -54.89 10.17
N THR D 635 4.52 -56.17 10.57
CA THR D 635 5.21 -56.64 11.78
C THR D 635 6.73 -56.55 11.63
N ASP D 636 7.25 -56.97 10.47
CA ASP D 636 8.68 -56.85 10.19
C ASP D 636 9.12 -55.39 10.15
N LEU D 637 8.28 -54.51 9.59
CA LEU D 637 8.60 -53.08 9.57
C LEU D 637 8.65 -52.48 10.99
N GLU D 638 7.72 -52.88 11.87
CA GLU D 638 7.79 -52.39 13.25
C GLU D 638 9.00 -52.93 13.99
N LYS D 639 9.37 -54.19 13.74
CA LYS D 639 10.58 -54.74 14.33
C LYS D 639 11.83 -54.00 13.86
N LEU D 640 11.88 -53.69 12.55
CA LEU D 640 12.99 -52.92 12.00
C LEU D 640 13.01 -51.50 12.57
N GLU D 641 11.84 -50.89 12.76
CA GLU D 641 11.78 -49.56 13.35
C GLU D 641 12.29 -49.56 14.80
N LYS D 642 11.95 -50.60 15.55
CA LYS D 642 12.49 -50.77 16.90
C LYS D 642 14.01 -50.92 16.88
N GLU D 643 14.54 -51.70 15.94
CA GLU D 643 15.99 -51.87 15.81
C GLU D 643 16.68 -50.56 15.44
N ILE D 644 16.10 -49.80 14.49
CA ILE D 644 16.67 -48.54 14.05
C ILE D 644 16.63 -47.51 15.18
N THR D 645 15.53 -47.46 15.94
CA THR D 645 15.43 -46.55 17.09
C THR D 645 16.45 -46.90 18.17
N ALA D 646 16.63 -48.20 18.44
CA ALA D 646 17.61 -48.66 19.41
C ALA D 646 19.04 -48.32 18.97
N ARG D 647 19.32 -48.43 17.67
CA ARG D 647 20.62 -48.01 17.16
C ARG D 647 20.80 -46.50 17.25
N ASN D 648 19.76 -45.75 16.88
CA ASN D 648 19.87 -44.29 16.75
C ASN D 648 19.97 -43.59 18.10
N GLU D 649 19.33 -44.12 19.14
CA GLU D 649 19.40 -43.48 20.46
C GLU D 649 20.81 -43.48 21.05
N GLN D 650 21.69 -44.36 20.58
CA GLN D 650 23.08 -44.40 21.03
C GLN D 650 24.04 -43.69 20.07
N LEU D 651 23.51 -42.93 19.11
CA LEU D 651 24.34 -42.27 18.10
C LEU D 651 24.18 -40.75 18.20
N ASP D 652 25.31 -40.05 18.11
CA ASP D 652 25.28 -38.59 18.03
C ASP D 652 24.69 -38.11 16.71
N TRP D 653 24.86 -38.86 15.63
CA TRP D 653 24.30 -38.54 14.31
C TRP D 653 23.39 -39.67 13.87
N PRO D 654 22.13 -39.66 14.32
CA PRO D 654 21.21 -40.75 13.95
C PRO D 654 20.78 -40.67 12.49
N TYR D 655 20.57 -41.86 11.91
CA TYR D 655 19.98 -41.98 10.58
C TYR D 655 18.53 -42.37 10.77
N GLU D 656 17.62 -41.45 10.46
CA GLU D 656 16.21 -41.63 10.75
C GLU D 656 15.35 -41.71 9.50
N TYR D 657 15.93 -41.58 8.30
CA TYR D 657 15.14 -41.43 7.08
C TYR D 657 14.52 -42.74 6.65
N LEU D 658 15.07 -43.87 7.10
CA LEU D 658 14.57 -45.18 6.72
C LEU D 658 13.80 -45.86 7.84
N LYS D 659 13.34 -45.10 8.82
CA LYS D 659 12.36 -45.62 9.77
C LYS D 659 11.04 -45.83 9.02
N PRO D 660 10.44 -47.03 9.09
CA PRO D 660 9.22 -47.32 8.32
C PRO D 660 8.03 -46.41 8.60
N SER D 661 7.89 -45.90 9.83
CA SER D 661 6.86 -44.90 10.09
C SER D 661 7.14 -43.59 9.36
N CYS D 662 8.41 -43.29 9.11
CA CYS D 662 8.80 -42.09 8.38
C CYS D 662 8.99 -42.34 6.89
N ILE D 663 8.83 -43.57 6.44
CA ILE D 663 8.87 -43.89 5.02
C ILE D 663 7.45 -43.80 4.48
N GLU D 664 7.23 -42.89 3.54
CA GLU D 664 5.92 -42.78 2.93
C GLU D 664 5.68 -43.95 1.98
N ASN D 665 4.41 -44.38 1.91
CA ASN D 665 4.02 -45.54 1.13
C ASN D 665 4.14 -45.34 -0.38
N SER D 666 4.35 -44.11 -0.85
CA SER D 666 4.55 -43.85 -2.26
C SER D 666 5.33 -42.55 -2.41
N VAL D 667 5.73 -42.27 -3.65
CA VAL D 667 6.40 -41.02 -4.00
C VAL D 667 5.31 -39.96 -4.14
N THR D 668 5.09 -39.17 -3.09
CA THR D 668 4.08 -38.13 -3.13
C THR D 668 4.64 -36.72 -3.02
N ILE D 669 5.91 -36.55 -2.69
CA ILE D 669 6.44 -35.21 -2.46
C ILE D 669 7.92 -35.13 -2.86
N GLY E 8 60.85 32.29 20.72
CA GLY E 8 59.52 32.84 20.91
C GLY E 8 58.49 32.21 20.00
N ARG E 9 58.78 31.02 19.48
CA ARG E 9 57.89 30.30 18.58
C ARG E 9 57.08 29.29 19.40
N TYR E 10 55.83 29.63 19.69
CA TYR E 10 54.91 28.73 20.36
C TYR E 10 54.16 27.92 19.30
N ARG E 11 54.28 26.60 19.37
CA ARG E 11 53.55 25.72 18.47
C ARG E 11 52.27 25.27 19.18
N ILE E 12 51.12 25.59 18.60
CA ILE E 12 49.83 25.27 19.22
C ILE E 12 49.15 24.21 18.37
N ARG E 13 48.89 23.05 18.97
CA ARG E 13 48.27 21.93 18.29
C ARG E 13 46.87 21.73 18.84
N VAL E 14 45.87 21.85 17.97
CA VAL E 14 44.47 21.75 18.38
C VAL E 14 43.94 20.39 17.95
N ALA E 15 43.74 19.50 18.92
CA ALA E 15 43.11 18.21 18.67
C ALA E 15 41.61 18.46 18.73
N THR E 16 40.90 18.06 17.66
CA THR E 16 39.46 18.24 17.54
C THR E 16 38.74 16.90 17.57
N GLY E 17 37.92 16.69 18.59
CA GLY E 17 37.12 15.46 18.65
C GLY E 17 36.08 15.37 17.56
N ALA E 18 35.34 16.45 17.32
CA ALA E 18 34.31 16.43 16.29
C ALA E 18 34.04 17.85 15.81
N TRP E 19 33.44 17.95 14.62
CA TRP E 19 33.06 19.24 14.09
C TRP E 19 31.95 19.06 13.06
N LEU E 20 31.17 20.14 12.89
CA LEU E 20 30.13 20.24 11.86
C LEU E 20 30.26 21.66 11.33
N PHE E 21 31.01 21.81 10.24
CA PHE E 21 31.32 23.11 9.65
C PHE E 21 30.56 23.23 8.33
N SER E 22 29.47 24.00 8.34
CA SER E 22 28.72 24.26 7.11
C SER E 22 29.54 25.06 6.11
N GLY E 23 30.25 26.07 6.59
CA GLY E 23 31.05 26.93 5.73
C GLY E 23 32.50 26.50 5.64
N SER E 24 33.36 27.46 5.35
CA SER E 24 34.79 27.20 5.20
C SER E 24 35.68 28.09 6.05
N TYR E 25 35.19 29.20 6.56
CA TYR E 25 35.99 30.11 7.39
C TYR E 25 35.43 30.06 8.82
N ASN E 26 36.00 29.18 9.62
CA ASN E 26 35.64 29.02 11.03
C ASN E 26 36.86 29.43 11.85
N ARG E 27 36.91 30.72 12.20
CA ARG E 27 38.05 31.29 12.90
C ARG E 27 37.88 31.20 14.41
N VAL E 28 39.01 31.16 15.11
CA VAL E 28 39.04 31.07 16.56
C VAL E 28 40.07 32.07 17.09
N GLN E 29 39.66 32.92 18.02
CA GLN E 29 40.59 33.74 18.77
C GLN E 29 41.08 32.92 19.95
N LEU E 30 42.39 32.75 20.05
CA LEU E 30 43.00 31.94 21.10
C LEU E 30 43.94 32.81 21.92
N TRP E 31 43.81 32.75 23.24
CA TRP E 31 44.68 33.46 24.15
C TRP E 31 45.56 32.47 24.89
N LEU E 32 46.86 32.71 24.86
CA LEU E 32 47.84 31.98 25.66
C LEU E 32 48.08 32.82 26.91
N VAL E 33 47.46 32.44 28.01
CA VAL E 33 47.55 33.18 29.26
C VAL E 33 48.62 32.52 30.12
N GLY E 34 49.66 33.28 30.47
CA GLY E 34 50.74 32.81 31.30
C GLY E 34 50.85 33.61 32.58
N THR E 35 51.83 33.23 33.40
CA THR E 35 52.07 33.90 34.67
C THR E 35 52.53 35.35 34.48
N ARG E 36 53.18 35.65 33.37
CA ARG E 36 53.71 36.99 33.13
C ARG E 36 52.97 37.76 32.04
N GLY E 37 52.01 37.15 31.37
CA GLY E 37 51.26 37.86 30.35
C GLY E 37 50.47 36.89 29.48
N GLU E 38 49.72 37.48 28.56
CA GLU E 38 48.88 36.71 27.64
C GLU E 38 49.11 37.20 26.21
N ALA E 39 48.89 36.30 25.27
CA ALA E 39 49.06 36.58 23.85
C ALA E 39 47.79 36.18 23.09
N GLU E 40 47.37 37.05 22.17
CA GLU E 40 46.17 36.81 21.37
C GLU E 40 46.55 36.34 19.97
N LEU E 41 45.82 35.33 19.47
CA LEU E 41 46.03 34.74 18.17
C LEU E 41 44.71 34.60 17.45
N GLU E 42 44.80 34.54 16.12
CA GLU E 42 43.67 34.21 15.26
C GLU E 42 44.04 32.95 14.48
N LEU E 43 43.26 31.88 14.66
CA LEU E 43 43.53 30.59 14.05
C LEU E 43 42.41 30.23 13.09
N GLN E 44 42.78 29.66 11.95
CA GLN E 44 41.83 29.20 10.94
C GLN E 44 41.67 27.68 11.11
N LEU E 45 40.55 27.27 11.71
CA LEU E 45 40.31 25.86 11.97
C LEU E 45 39.95 25.12 10.68
N ARG E 46 40.76 24.13 10.33
CA ARG E 46 40.46 23.19 9.25
C ARG E 46 40.70 21.77 9.78
N PRO E 47 39.79 21.24 10.60
CA PRO E 47 40.03 19.96 11.26
C PRO E 47 40.10 18.79 10.29
N ALA E 48 40.88 17.78 10.68
CA ALA E 48 40.99 16.53 9.95
C ALA E 48 40.74 15.38 10.91
N ARG E 49 40.27 14.26 10.37
CA ARG E 49 40.03 13.09 11.19
C ARG E 49 41.35 12.37 11.46
N GLY E 50 41.65 12.12 12.73
CA GLY E 50 42.84 11.42 13.12
C GLY E 50 44.09 12.27 13.20
N GLU E 51 44.02 13.55 12.85
CA GLU E 51 45.16 14.44 12.87
C GLU E 51 44.79 15.77 13.52
N GLU E 52 45.69 16.29 14.35
CA GLU E 52 45.50 17.57 15.00
C GLU E 52 46.01 18.69 14.09
N GLU E 53 45.65 19.93 14.44
CA GLU E 53 46.02 21.07 13.61
C GLU E 53 47.16 21.83 14.29
N GLU E 54 48.28 21.96 13.58
CA GLU E 54 49.41 22.73 14.10
C GLU E 54 49.29 24.21 13.72
N PHE E 55 49.82 25.07 14.59
CA PHE E 55 49.75 26.51 14.42
C PHE E 55 51.03 27.12 15.01
N ASP E 56 52.01 27.39 14.16
CA ASP E 56 53.26 28.00 14.60
C ASP E 56 53.06 29.51 14.72
N HIS E 57 53.27 30.07 15.92
CA HIS E 57 53.07 31.50 16.09
C HIS E 57 54.18 32.11 16.93
N ASP E 58 54.66 33.27 16.51
CA ASP E 58 55.73 33.98 17.20
C ASP E 58 55.13 34.98 18.19
N VAL E 59 55.47 34.80 19.47
CA VAL E 59 55.02 35.68 20.54
C VAL E 59 56.18 36.55 20.98
N ALA E 60 56.02 37.87 20.85
CA ALA E 60 57.09 38.77 21.24
C ALA E 60 57.23 38.87 22.76
N GLU E 61 56.11 38.95 23.48
CA GLU E 61 56.15 39.10 24.92
C GLU E 61 56.52 37.79 25.60
N ASP E 62 57.12 37.92 26.79
CA ASP E 62 57.48 36.75 27.60
C ASP E 62 56.26 36.33 28.41
N LEU E 63 55.65 35.21 28.01
CA LEU E 63 54.46 34.73 28.69
C LEU E 63 54.76 33.98 29.98
N GLY E 64 56.01 33.56 30.18
CA GLY E 64 56.35 32.72 31.31
C GLY E 64 55.72 31.33 31.21
N LEU E 65 55.38 30.77 32.36
CA LEU E 65 54.73 29.48 32.40
C LEU E 65 53.27 29.63 32.03
N LEU E 66 52.81 28.87 31.04
CA LEU E 66 51.45 28.99 30.54
C LEU E 66 50.46 28.32 31.50
N GLN E 67 49.39 29.03 31.82
CA GLN E 67 48.38 28.54 32.73
C GLN E 67 47.01 28.34 32.09
N PHE E 68 46.62 29.18 31.14
CA PHE E 68 45.31 29.08 30.53
C PHE E 68 45.39 29.20 29.01
N VAL E 69 44.40 28.62 28.34
CA VAL E 69 44.14 28.88 26.94
C VAL E 69 42.69 29.31 26.82
N ARG E 70 42.45 30.49 26.27
CA ARG E 70 41.11 31.03 26.12
C ARG E 70 40.66 30.93 24.67
N LEU E 71 39.41 30.55 24.46
CA LEU E 71 38.88 30.31 23.12
C LEU E 71 37.64 31.15 22.90
N ARG E 72 37.59 31.85 21.76
CA ARG E 72 36.37 32.50 21.30
C ARG E 72 36.15 32.14 19.85
N LYS E 73 34.95 31.64 19.52
CA LYS E 73 34.59 31.42 18.13
C LYS E 73 34.35 32.76 17.46
N HIS E 74 35.08 33.05 16.38
CA HIS E 74 35.08 34.36 15.76
C HIS E 74 34.21 34.32 14.51
N HIS E 75 32.99 34.86 14.62
CA HIS E 75 32.01 35.00 13.53
C HIS E 75 31.68 33.65 12.88
N TRP E 76 31.09 32.77 13.68
CA TRP E 76 30.73 31.43 13.24
C TRP E 76 29.26 31.36 12.83
N LEU E 77 28.96 30.43 11.92
CA LEU E 77 27.60 30.12 11.57
C LEU E 77 26.87 29.47 12.75
N VAL E 78 25.54 29.66 12.78
CA VAL E 78 24.74 29.13 13.88
C VAL E 78 24.74 27.60 13.90
N ASP E 79 24.77 26.95 12.74
CA ASP E 79 24.75 25.50 12.65
C ASP E 79 26.14 24.88 12.79
N ASP E 80 27.18 25.69 12.94
CA ASP E 80 28.54 25.16 13.05
C ASP E 80 28.82 24.76 14.48
N ALA E 81 29.31 23.53 14.67
CA ALA E 81 29.60 23.01 15.99
C ALA E 81 31.03 22.49 16.05
N TRP E 82 31.65 22.61 17.21
CA TRP E 82 33.04 22.21 17.39
C TRP E 82 33.22 21.56 18.76
N PHE E 83 33.52 20.27 18.78
CA PHE E 83 33.91 19.54 19.97
C PHE E 83 35.44 19.47 19.92
N CYS E 84 36.09 20.31 20.72
CA CYS E 84 37.53 20.37 20.81
C CYS E 84 38.01 19.31 21.79
N ASP E 85 38.90 18.42 21.35
CA ASP E 85 39.47 17.45 22.27
C ASP E 85 40.42 18.12 23.25
N ARG E 86 41.51 18.70 22.75
CA ARG E 86 42.48 19.32 23.65
C ARG E 86 43.37 20.26 22.85
N ILE E 87 44.06 21.15 23.56
CA ILE E 87 45.03 22.05 22.95
C ILE E 87 46.37 21.83 23.65
N THR E 88 47.41 21.54 22.87
CA THR E 88 48.75 21.38 23.41
C THR E 88 49.65 22.47 22.88
N VAL E 89 50.40 23.11 23.77
CA VAL E 89 51.29 24.20 23.40
C VAL E 89 52.73 23.78 23.69
N GLN E 90 53.57 23.86 22.67
CA GLN E 90 55.01 23.69 22.83
C GLN E 90 55.65 25.08 22.91
N GLY E 91 56.40 25.31 23.98
CA GLY E 91 57.16 26.52 24.18
C GLY E 91 58.29 26.74 23.18
N PRO E 92 58.91 27.94 23.27
CA PRO E 92 60.04 28.27 22.37
C PRO E 92 61.18 27.25 22.35
N GLY E 93 61.62 26.81 23.53
CA GLY E 93 62.63 25.78 23.61
C GLY E 93 62.37 24.81 24.74
N ALA E 94 61.17 24.92 25.34
CA ALA E 94 60.79 24.06 26.45
C ALA E 94 60.68 22.60 26.03
N CYS E 95 60.09 22.35 24.85
CA CYS E 95 59.86 21.05 24.21
C CYS E 95 58.89 20.16 24.97
N ALA E 96 58.21 20.69 25.99
CA ALA E 96 57.22 19.95 26.76
C ALA E 96 55.84 20.44 26.36
N GLU E 97 55.02 19.53 25.83
CA GLU E 97 53.70 19.87 25.31
C GLU E 97 52.77 20.11 26.49
N VAL E 98 52.68 21.38 26.89
CA VAL E 98 51.73 21.79 27.94
C VAL E 98 50.31 21.55 27.44
N ALA E 99 49.60 20.65 28.12
CA ALA E 99 48.28 20.23 27.69
C ALA E 99 47.18 21.05 28.35
N PHE E 100 46.13 21.34 27.57
CA PHE E 100 44.94 22.05 28.01
C PHE E 100 43.77 21.22 27.53
N PRO E 101 43.31 20.26 28.32
CA PRO E 101 42.19 19.42 27.88
C PRO E 101 40.89 20.21 27.87
N CYS E 102 40.12 20.05 26.80
CA CYS E 102 38.81 20.68 26.74
C CYS E 102 37.69 19.65 26.77
N TYR E 103 37.67 18.73 25.79
CA TYR E 103 36.68 17.65 25.64
C TYR E 103 35.27 18.16 25.86
N ARG E 104 34.92 19.21 25.12
CA ARG E 104 33.66 19.90 25.30
C ARG E 104 33.26 20.55 23.99
N TRP E 105 31.96 20.81 23.85
CA TRP E 105 31.46 21.57 22.72
C TRP E 105 31.66 23.04 23.02
N VAL E 106 32.40 23.73 22.15
CA VAL E 106 32.59 25.18 22.26
C VAL E 106 31.34 25.85 21.69
N GLN E 107 30.44 26.29 22.56
CA GLN E 107 29.21 26.96 22.14
C GLN E 107 29.25 28.44 22.50
N GLY E 108 28.45 29.20 21.76
CA GLY E 108 28.29 30.63 21.99
C GLY E 108 29.51 31.46 21.63
N GLU E 109 29.37 32.76 21.87
CA GLU E 109 30.43 33.73 21.64
C GLU E 109 31.24 34.04 22.90
N ASP E 110 30.93 33.41 24.02
CA ASP E 110 31.66 33.65 25.25
C ASP E 110 33.04 33.00 25.22
N ILE E 111 33.94 33.54 26.04
CA ILE E 111 35.30 33.03 26.15
C ILE E 111 35.27 31.74 26.98
N LEU E 112 35.81 30.67 26.42
CA LEU E 112 35.96 29.40 27.11
C LEU E 112 37.39 29.29 27.63
N SER E 113 37.55 29.21 28.95
CA SER E 113 38.86 29.15 29.58
C SER E 113 39.22 27.70 29.85
N LEU E 114 40.34 27.25 29.27
CA LEU E 114 40.86 25.92 29.48
C LEU E 114 42.06 26.03 30.41
N PRO E 115 41.98 25.51 31.63
CA PRO E 115 43.13 25.55 32.53
C PRO E 115 44.23 24.60 32.07
N GLU E 116 45.42 24.83 32.63
CA GLU E 116 46.55 23.93 32.41
C GLU E 116 46.23 22.54 32.93
N GLY E 117 46.72 21.53 32.22
CA GLY E 117 46.23 20.16 32.38
C GLY E 117 46.64 19.45 33.65
N THR E 118 47.53 20.04 34.45
CA THR E 118 47.90 19.41 35.72
C THR E 118 46.70 19.51 36.67
N ALA E 119 46.29 18.36 37.20
CA ALA E 119 45.19 18.32 38.13
C ALA E 119 45.56 19.02 39.43
N ARG E 120 44.62 19.80 39.96
CA ARG E 120 44.88 20.66 41.09
C ARG E 120 43.75 20.59 42.09
N LEU E 121 44.11 20.48 43.35
CA LEU E 121 43.17 20.58 44.46
C LEU E 121 42.84 22.05 44.72
N PRO E 122 41.64 22.34 45.23
CA PRO E 122 41.33 23.71 45.63
C PRO E 122 42.19 24.16 46.79
N GLY E 123 42.52 25.45 46.78
CA GLY E 123 43.35 26.06 47.80
C GLY E 123 42.58 27.13 48.57
N ASP E 124 43.29 27.73 49.52
CA ASP E 124 42.76 28.82 50.33
C ASP E 124 43.16 30.18 49.79
N ASN E 125 43.89 30.24 48.69
CA ASN E 125 44.30 31.50 48.07
C ASN E 125 43.21 31.89 47.08
N ALA E 126 42.39 32.88 47.45
CA ALA E 126 41.32 33.33 46.58
C ALA E 126 41.84 34.06 45.35
N LEU E 127 42.99 34.73 45.46
CA LEU E 127 43.56 35.48 44.35
C LEU E 127 44.17 34.58 43.29
N ASP E 128 44.38 33.29 43.58
CA ASP E 128 44.91 32.35 42.60
C ASP E 128 43.96 32.21 41.41
N MET E 129 44.55 32.22 40.21
CA MET E 129 43.76 32.19 38.97
C MET E 129 43.02 30.86 38.82
N PHE E 130 43.65 29.76 39.21
CA PHE E 130 43.00 28.45 39.12
C PHE E 130 41.85 28.33 40.11
N GLN E 131 41.99 28.93 41.29
CA GLN E 131 40.90 28.94 42.27
C GLN E 131 39.70 29.74 41.75
N LYS E 132 39.96 30.90 41.14
CA LYS E 132 38.89 31.72 40.58
C LYS E 132 38.22 30.99 39.42
N HIS E 133 39.03 30.38 38.54
CA HIS E 133 38.49 29.63 37.42
C HIS E 133 37.65 28.45 37.88
N ARG E 134 38.10 27.71 38.90
CA ARG E 134 37.33 26.56 39.35
C ARG E 134 36.05 26.98 40.07
N GLU E 135 36.07 28.11 40.79
CA GLU E 135 34.82 28.61 41.38
C GLU E 135 33.83 29.06 40.31
N LYS E 136 34.30 29.78 39.29
CA LYS E 136 33.45 30.21 38.18
C LYS E 136 32.88 29.01 37.42
N GLU E 137 33.76 28.03 37.14
CA GLU E 137 33.36 26.79 36.48
C GLU E 137 32.30 26.06 37.28
N LEU E 138 32.50 25.92 38.61
CA LEU E 138 31.52 25.27 39.46
C LEU E 138 30.16 25.98 39.44
N LYS E 139 30.16 27.32 39.40
CA LYS E 139 28.90 28.05 39.28
C LYS E 139 28.21 27.77 37.94
N ASP E 140 28.98 27.82 36.84
CA ASP E 140 28.45 27.47 35.51
C ASP E 140 27.89 26.06 35.47
N ARG E 141 28.60 25.10 36.05
CA ARG E 141 28.17 23.70 36.04
C ARG E 141 26.93 23.52 36.90
N GLN E 142 26.88 24.18 38.05
CA GLN E 142 25.71 24.07 38.92
C GLN E 142 24.50 24.80 38.34
N GLN E 143 24.70 25.66 37.34
CA GLN E 143 23.54 26.20 36.63
C GLN E 143 23.13 25.35 35.43
N ILE E 144 24.06 24.65 34.76
CA ILE E 144 23.62 23.79 33.66
C ILE E 144 23.28 22.38 34.11
N TYR E 145 23.92 21.86 35.17
CA TYR E 145 23.67 20.51 35.68
C TYR E 145 22.83 20.62 36.93
N CYS E 146 21.53 20.36 36.82
CA CYS E 146 20.62 20.44 37.94
C CYS E 146 20.02 19.08 38.23
N TRP E 147 19.68 18.85 39.50
CA TRP E 147 19.01 17.63 39.91
C TRP E 147 17.52 17.71 39.59
N ALA E 148 16.94 16.57 39.25
CA ALA E 148 15.49 16.44 39.11
C ALA E 148 14.98 15.22 39.86
N THR E 149 13.79 15.35 40.43
CA THR E 149 13.09 14.22 41.05
C THR E 149 12.19 13.59 40.00
N TRP E 150 12.65 12.51 39.38
CA TRP E 150 11.83 11.78 38.42
C TRP E 150 10.64 11.11 39.11
N LYS E 151 10.92 10.35 40.18
CA LYS E 151 9.91 9.77 41.04
C LYS E 151 10.34 9.96 42.48
N GLU E 152 9.38 10.22 43.36
CA GLU E 152 9.68 10.35 44.80
C GLU E 152 10.23 9.04 45.34
N GLY E 153 11.16 9.14 46.29
CA GLY E 153 11.75 7.97 46.90
C GLY E 153 12.88 7.35 46.10
N LEU E 154 13.09 7.78 44.88
CA LEU E 154 14.12 7.32 43.96
C LEU E 154 15.32 8.24 43.99
N PRO E 155 16.51 7.75 43.61
CA PRO E 155 17.65 8.66 43.44
C PRO E 155 17.38 9.68 42.34
N LEU E 156 17.86 10.90 42.57
CA LEU E 156 17.58 12.02 41.68
C LEU E 156 18.30 11.88 40.35
N THR E 157 17.72 12.50 39.33
CA THR E 157 18.22 12.42 37.96
C THR E 157 18.68 13.81 37.51
N ILE E 158 19.31 13.84 36.33
CA ILE E 158 19.64 15.10 35.68
C ILE E 158 18.35 15.82 35.28
N ALA E 159 18.34 17.14 35.42
CA ALA E 159 17.18 17.93 35.05
C ALA E 159 17.06 18.03 33.55
N ALA E 160 16.37 17.06 32.94
CA ALA E 160 16.16 17.04 31.50
C ALA E 160 14.89 16.27 31.24
N ASP E 161 13.85 16.97 30.77
CA ASP E 161 12.59 16.32 30.43
C ASP E 161 12.75 15.41 29.22
N ARG E 162 13.55 15.85 28.23
CA ARG E 162 13.87 15.07 27.05
C ARG E 162 15.38 15.07 26.86
N LYS E 163 15.85 14.25 25.91
CA LYS E 163 17.28 14.22 25.60
C LYS E 163 17.79 15.54 25.06
N ASP E 164 16.93 16.32 24.39
CA ASP E 164 17.32 17.64 23.90
C ASP E 164 17.47 18.65 25.03
N ASP E 165 16.92 18.38 26.21
CA ASP E 165 17.07 19.27 27.35
C ASP E 165 18.36 19.03 28.12
N LEU E 166 19.13 18.01 27.75
CA LEU E 166 20.38 17.69 28.40
C LEU E 166 21.44 18.75 28.08
N PRO E 167 22.44 18.90 28.95
CA PRO E 167 23.63 19.67 28.59
C PRO E 167 24.33 19.07 27.39
N PRO E 168 24.84 19.91 26.48
CA PRO E 168 25.43 19.40 25.23
C PRO E 168 26.64 18.50 25.40
N ASN E 169 27.41 18.70 26.47
CA ASN E 169 28.60 17.89 26.68
C ASN E 169 28.27 16.47 27.14
N MET E 170 27.04 16.25 27.60
CA MET E 170 26.59 14.92 27.98
C MET E 170 25.85 14.20 26.87
N ARG E 171 25.76 14.81 25.69
CA ARG E 171 25.00 14.22 24.60
C ARG E 171 25.80 13.11 23.93
N PHE E 172 25.07 12.19 23.31
CA PHE E 172 25.68 11.19 22.42
C PHE E 172 26.43 11.88 21.29
N HIS E 173 27.62 11.38 20.99
CA HIS E 173 28.28 11.79 19.78
C HIS E 173 27.64 11.10 18.59
N GLU E 174 27.95 11.63 17.40
CA GLU E 174 27.32 11.26 16.12
C GLU E 174 27.23 9.76 15.89
N GLU E 175 28.37 9.06 15.98
CA GLU E 175 28.41 7.62 15.74
C GLU E 175 27.53 6.84 16.73
N LYS E 176 27.58 7.21 18.02
CA LYS E 176 26.78 6.53 19.03
C LYS E 176 25.29 6.76 18.81
N ARG E 177 24.88 8.00 18.55
CA ARG E 177 23.48 8.34 18.31
C ARG E 177 22.94 7.64 17.07
N LEU E 178 23.71 7.67 15.97
CA LEU E 178 23.29 6.99 14.74
C LEU E 178 23.18 5.48 14.94
N ASP E 179 24.16 4.87 15.63
CA ASP E 179 24.11 3.44 15.91
C ASP E 179 22.91 3.08 16.77
N PHE E 180 22.64 3.87 17.82
CA PHE E 180 21.55 3.62 18.75
C PHE E 180 20.20 3.70 18.03
N GLU E 181 19.98 4.78 17.27
CA GLU E 181 18.71 4.94 16.56
C GLU E 181 18.55 3.91 15.44
N TRP E 182 19.64 3.60 14.73
CA TRP E 182 19.57 2.60 13.67
C TRP E 182 19.29 1.21 14.21
N THR E 183 19.90 0.85 15.36
CA THR E 183 19.61 -0.44 15.95
C THR E 183 18.21 -0.48 16.56
N LEU E 184 17.66 0.68 16.95
CA LEU E 184 16.25 0.69 17.35
C LEU E 184 15.33 0.42 16.16
N LYS E 185 15.64 1.02 15.00
CA LYS E 185 14.86 0.75 13.81
C LYS E 185 15.04 -0.68 13.32
N ALA E 186 16.25 -1.22 13.44
CA ALA E 186 16.52 -2.60 13.05
C ALA E 186 15.79 -3.59 13.94
N GLY E 187 15.79 -3.35 15.25
CA GLY E 187 15.02 -4.19 16.17
C GLY E 187 13.53 -4.10 15.92
N ALA E 188 13.03 -2.90 15.58
CA ALA E 188 11.61 -2.75 15.26
C ALA E 188 11.26 -3.50 13.99
N LEU E 189 12.13 -3.43 12.97
CA LEU E 189 11.94 -4.17 11.72
C LEU E 189 11.92 -5.68 11.97
N GLU E 190 12.93 -6.18 12.70
CA GLU E 190 13.01 -7.61 12.98
C GLU E 190 11.81 -8.10 13.80
N MET E 191 11.32 -7.27 14.74
CA MET E 191 10.16 -7.66 15.51
C MET E 191 8.90 -7.68 14.66
N ALA E 192 8.75 -6.71 13.76
CA ALA E 192 7.62 -6.71 12.84
C ALA E 192 7.64 -7.95 11.96
N LEU E 193 8.82 -8.33 11.47
CA LEU E 193 8.95 -9.55 10.66
C LEU E 193 8.62 -10.80 11.47
N LYS E 194 9.06 -10.87 12.73
CA LYS E 194 8.75 -12.02 13.57
C LYS E 194 7.26 -12.11 13.88
N ARG E 195 6.60 -10.97 14.12
CA ARG E 195 5.18 -10.98 14.42
C ARG E 195 4.35 -11.32 13.18
N VAL E 196 4.79 -10.86 12.00
CA VAL E 196 4.16 -11.28 10.75
C VAL E 196 4.33 -12.78 10.53
N TYR E 197 5.52 -13.31 10.86
CA TYR E 197 5.82 -14.73 10.68
C TYR E 197 4.92 -15.62 11.54
N THR E 198 4.65 -15.19 12.78
CA THR E 198 3.85 -15.99 13.70
C THR E 198 2.35 -15.82 13.54
N LEU E 199 1.89 -15.01 12.57
CA LEU E 199 0.45 -14.84 12.37
C LEU E 199 -0.18 -16.14 11.86
N LEU E 200 0.51 -16.83 10.97
CA LEU E 200 0.02 -18.08 10.38
C LEU E 200 0.72 -19.29 10.98
N SER E 201 1.03 -19.25 12.26
CA SER E 201 1.61 -20.38 12.97
C SER E 201 0.95 -20.51 14.34
N SER E 202 0.83 -21.75 14.80
CA SER E 202 0.26 -22.03 16.12
C SER E 202 1.24 -21.64 17.22
N TRP E 203 0.69 -21.28 18.38
CA TRP E 203 1.48 -20.98 19.59
C TRP E 203 0.94 -21.85 20.72
N ASN E 204 1.36 -23.11 20.74
CA ASN E 204 0.86 -24.06 21.74
C ASN E 204 1.91 -24.95 22.37
N CYS E 205 3.17 -24.87 21.96
CA CYS E 205 4.22 -25.70 22.52
C CYS E 205 5.47 -24.84 22.69
N LEU E 206 6.42 -25.37 23.48
CA LEU E 206 7.67 -24.65 23.72
C LEU E 206 8.51 -24.51 22.46
N GLU E 207 8.39 -25.46 21.53
CA GLU E 207 9.12 -25.42 20.28
C GLU E 207 8.63 -24.31 19.36
N ASP E 208 7.44 -23.76 19.62
CA ASP E 208 6.96 -22.62 18.86
C ASP E 208 7.75 -21.36 19.18
N PHE E 209 8.47 -21.32 20.31
CA PHE E 209 9.40 -20.23 20.54
C PHE E 209 10.61 -20.30 19.62
N ASP E 210 10.82 -21.42 18.94
CA ASP E 210 11.80 -21.49 17.87
C ASP E 210 11.41 -20.63 16.68
N GLN E 211 10.11 -20.34 16.50
CA GLN E 211 9.66 -19.51 15.38
C GLN E 211 10.18 -18.09 15.47
N ILE E 212 10.44 -17.60 16.68
CA ILE E 212 10.99 -16.26 16.89
C ILE E 212 12.44 -16.27 17.35
N PHE E 213 13.03 -17.43 17.62
CA PHE E 213 14.39 -17.46 18.15
C PHE E 213 15.40 -17.39 17.00
N TRP E 214 15.56 -16.19 16.46
CA TRP E 214 16.54 -15.95 15.41
C TRP E 214 16.88 -14.46 15.33
N GLY E 215 17.98 -14.16 14.64
CA GLY E 215 18.46 -12.82 14.42
C GLY E 215 19.04 -12.11 15.62
N GLN E 216 18.27 -12.03 16.70
CA GLN E 216 18.68 -11.43 17.95
C GLN E 216 18.97 -12.55 18.96
N LYS E 217 20.10 -13.21 18.77
CA LYS E 217 20.51 -14.31 19.62
C LYS E 217 22.03 -14.45 19.54
N SER E 218 22.56 -15.37 20.34
CA SER E 218 23.98 -15.66 20.37
C SER E 218 24.16 -17.16 20.42
N ALA E 219 25.42 -17.60 20.34
CA ALA E 219 25.74 -19.01 20.48
C ALA E 219 25.42 -19.51 21.89
N LEU E 220 25.71 -18.68 22.90
CA LEU E 220 25.31 -18.99 24.26
C LEU E 220 23.81 -19.05 24.40
N ALA E 221 23.09 -18.17 23.70
CA ALA E 221 21.62 -18.21 23.70
C ALA E 221 21.10 -19.48 23.05
N GLU E 222 21.76 -19.97 22.00
CA GLU E 222 21.39 -21.25 21.42
C GLU E 222 21.62 -22.40 22.41
N LYS E 223 22.75 -22.36 23.13
CA LYS E 223 22.99 -23.35 24.17
C LYS E 223 21.93 -23.27 25.28
N VAL E 224 21.45 -22.06 25.55
CA VAL E 224 20.38 -21.87 26.52
C VAL E 224 19.08 -22.48 26.02
N ARG E 225 18.76 -22.29 24.74
CA ARG E 225 17.59 -22.94 24.12
C ARG E 225 17.71 -24.45 24.18
N GLN E 226 18.92 -24.98 24.04
CA GLN E 226 19.12 -26.42 24.15
C GLN E 226 19.01 -26.93 25.58
N CYS E 227 19.37 -26.11 26.58
CA CYS E 227 19.55 -26.64 27.94
C CYS E 227 18.75 -25.89 29.02
N TRP E 228 17.75 -25.08 28.64
CA TRP E 228 17.03 -24.31 29.67
C TRP E 228 16.20 -25.18 30.61
N GLN E 229 15.66 -26.30 30.12
CA GLN E 229 14.88 -27.18 30.98
C GLN E 229 15.75 -27.95 31.97
N ASP E 230 17.06 -27.99 31.76
CA ASP E 230 17.96 -28.61 32.72
C ASP E 230 18.00 -27.79 34.00
N ASP E 231 17.85 -28.48 35.13
CA ASP E 231 17.97 -27.84 36.44
C ASP E 231 19.37 -27.27 36.68
N GLU E 232 20.38 -27.88 36.05
CA GLU E 232 21.76 -27.41 36.18
C GLU E 232 21.93 -25.99 35.63
N LEU E 233 21.40 -25.74 34.44
CA LEU E 233 21.51 -24.40 33.84
C LEU E 233 20.69 -23.38 34.61
N PHE E 234 19.49 -23.76 35.06
CA PHE E 234 18.64 -22.92 35.90
C PHE E 234 19.38 -22.50 37.16
N SER E 235 20.06 -23.45 37.82
CA SER E 235 20.83 -23.13 39.00
C SER E 235 22.08 -22.32 38.66
N TYR E 236 22.70 -22.59 37.51
CA TYR E 236 23.89 -21.90 37.07
C TYR E 236 23.64 -20.42 36.82
N GLN E 237 22.43 -20.09 36.37
CA GLN E 237 22.08 -18.69 36.10
C GLN E 237 22.14 -17.80 37.34
N PHE E 238 21.96 -18.39 38.53
CA PHE E 238 22.07 -17.61 39.76
C PHE E 238 23.51 -17.20 40.05
N LEU E 239 24.48 -18.02 39.65
CA LEU E 239 25.89 -17.71 39.89
C LEU E 239 26.51 -16.92 38.74
N ASN E 240 26.30 -17.36 37.50
CA ASN E 240 27.02 -16.81 36.36
C ASN E 240 26.10 -16.49 35.19
N GLY E 241 24.83 -16.25 35.45
CA GLY E 241 23.88 -15.85 34.43
C GLY E 241 23.83 -14.36 34.23
N ALA E 242 22.66 -13.90 33.76
CA ALA E 242 22.45 -12.47 33.58
C ALA E 242 22.37 -11.72 34.91
N ASN E 243 21.88 -12.38 35.96
CA ASN E 243 21.67 -11.75 37.26
C ASN E 243 22.41 -12.56 38.33
N PRO E 244 23.69 -12.28 38.55
CA PRO E 244 24.43 -12.94 39.63
C PRO E 244 24.38 -12.21 40.97
N MET E 245 23.49 -11.24 41.12
CA MET E 245 23.50 -10.30 42.23
C MET E 245 22.57 -10.68 43.37
N LEU E 246 21.75 -11.71 43.20
CA LEU E 246 20.68 -12.00 44.15
C LEU E 246 20.95 -13.20 45.03
N LEU E 247 21.54 -14.27 44.48
CA LEU E 247 21.78 -15.50 45.22
C LEU E 247 22.71 -15.27 46.40
N ARG E 248 22.33 -15.79 47.56
CA ARG E 248 23.11 -15.66 48.78
C ARG E 248 23.12 -16.96 49.53
N ARG E 249 24.21 -17.21 50.25
CA ARG E 249 24.31 -18.39 51.09
C ARG E 249 23.37 -18.28 52.28
N SER E 250 22.69 -19.38 52.59
CA SER E 250 21.71 -19.39 53.67
C SER E 250 22.44 -19.66 54.98
N THR E 251 22.43 -18.67 55.88
CA THR E 251 22.89 -18.88 57.24
C THR E 251 21.83 -19.55 58.10
N SER E 252 20.57 -19.52 57.67
CA SER E 252 19.47 -20.18 58.34
C SER E 252 18.38 -20.41 57.32
N LEU E 253 17.45 -21.31 57.66
CA LEU E 253 16.27 -21.52 56.83
C LEU E 253 15.42 -20.26 56.83
N PRO E 254 14.96 -19.78 55.67
CA PRO E 254 14.11 -18.58 55.64
C PRO E 254 12.79 -18.79 56.34
N SER E 255 12.29 -17.72 56.96
CA SER E 255 11.01 -17.75 57.67
C SER E 255 9.85 -18.02 56.70
N ARG E 256 9.91 -17.43 55.50
CA ARG E 256 8.88 -17.64 54.50
C ARG E 256 8.82 -19.09 54.00
N LEU E 257 9.91 -19.84 54.12
CA LEU E 257 9.94 -21.24 53.68
C LEU E 257 9.15 -22.06 54.68
N VAL E 258 7.84 -22.10 54.49
CA VAL E 258 6.95 -22.88 55.33
C VAL E 258 6.70 -24.22 54.66
N LEU E 259 7.12 -25.29 55.33
CA LEU E 259 6.95 -26.63 54.78
C LEU E 259 5.67 -27.26 55.31
N PRO E 260 4.79 -27.75 54.42
CA PRO E 260 3.62 -28.52 54.89
C PRO E 260 4.00 -29.90 55.43
N SER E 261 3.00 -30.61 55.94
CA SER E 261 3.21 -31.99 56.39
C SER E 261 3.56 -32.89 55.22
N GLY E 262 4.36 -33.91 55.49
CA GLY E 262 4.84 -34.81 54.47
C GLY E 262 6.12 -34.36 53.78
N MET E 263 6.62 -33.17 54.10
CA MET E 263 7.88 -32.66 53.57
C MET E 263 9.04 -32.88 54.54
N GLU E 264 8.99 -33.95 55.34
CA GLU E 264 10.05 -34.23 56.31
C GLU E 264 11.37 -34.57 55.62
N GLU E 265 11.31 -35.25 54.47
CA GLU E 265 12.52 -35.54 53.70
C GLU E 265 13.17 -34.26 53.18
N LEU E 266 12.35 -33.34 52.65
CA LEU E 266 12.85 -32.05 52.19
C LEU E 266 13.39 -31.22 53.34
N GLN E 267 12.74 -31.29 54.51
CA GLN E 267 13.24 -30.61 55.70
C GLN E 267 14.59 -31.16 56.13
N ALA E 268 14.75 -32.48 56.10
CA ALA E 268 16.02 -33.11 56.46
C ALA E 268 17.12 -32.72 55.46
N GLN E 269 16.80 -32.70 54.16
CA GLN E 269 17.78 -32.29 53.16
C GLN E 269 18.17 -30.81 53.31
N LEU E 270 17.19 -29.95 53.58
CA LEU E 270 17.48 -28.52 53.80
C LEU E 270 18.34 -28.31 55.04
N GLU E 271 18.05 -29.04 56.13
CA GLU E 271 18.87 -28.95 57.33
C GLU E 271 20.29 -29.47 57.10
N LYS E 272 20.42 -30.56 56.33
CA LYS E 272 21.73 -31.11 56.01
C LYS E 272 22.56 -30.14 55.16
N GLU E 273 21.94 -29.52 54.15
CA GLU E 273 22.63 -28.51 53.36
C GLU E 273 22.97 -27.27 54.19
N LEU E 274 22.09 -26.91 55.13
CA LEU E 274 22.34 -25.77 56.01
C LEU E 274 23.55 -26.01 56.92
N GLN E 275 23.59 -27.17 57.59
CA GLN E 275 24.73 -27.47 58.45
C GLN E 275 26.00 -27.72 57.64
N ASN E 276 25.86 -28.21 56.40
CA ASN E 276 27.02 -28.41 55.53
C ASN E 276 27.56 -27.09 54.98
N GLY E 277 26.80 -26.01 55.08
CA GLY E 277 27.20 -24.74 54.50
C GLY E 277 27.05 -24.64 53.01
N SER E 278 26.39 -25.61 52.38
CA SER E 278 26.19 -25.63 50.94
C SER E 278 24.77 -25.24 50.55
N LEU E 279 24.02 -24.65 51.48
CA LEU E 279 22.65 -24.22 51.22
C LEU E 279 22.67 -22.76 50.77
N PHE E 280 22.04 -22.49 49.64
CA PHE E 280 21.98 -21.15 49.06
C PHE E 280 20.53 -20.80 48.82
N GLU E 281 20.23 -19.52 48.72
CA GLU E 281 18.87 -19.09 48.48
C GLU E 281 18.86 -17.92 47.53
N ALA E 282 17.80 -17.84 46.74
CA ALA E 282 17.48 -16.64 45.96
C ALA E 282 16.05 -16.29 46.35
N ASP E 283 15.93 -15.25 47.17
CA ASP E 283 14.66 -14.77 47.68
C ASP E 283 14.24 -13.55 46.86
N PHE E 284 13.10 -13.67 46.17
CA PHE E 284 12.57 -12.59 45.36
C PHE E 284 11.47 -11.85 46.11
N ILE E 285 11.61 -11.75 47.43
CA ILE E 285 10.58 -11.19 48.31
C ILE E 285 10.36 -9.69 48.08
N LEU E 286 11.29 -9.02 47.39
CA LEU E 286 11.11 -7.61 47.06
C LEU E 286 9.95 -7.38 46.10
N LEU E 287 9.54 -8.41 45.36
CA LEU E 287 8.41 -8.37 44.44
C LEU E 287 7.07 -8.60 45.11
N ASP E 288 7.04 -8.92 46.40
CA ASP E 288 5.79 -9.20 47.08
C ASP E 288 4.94 -7.94 47.22
N GLY E 289 3.68 -8.02 46.80
CA GLY E 289 2.80 -6.87 46.85
C GLY E 289 3.01 -5.86 45.75
N ILE E 290 3.81 -6.18 44.75
CA ILE E 290 4.03 -5.29 43.60
C ILE E 290 2.89 -5.50 42.63
N PRO E 291 2.12 -4.46 42.29
CA PRO E 291 1.05 -4.62 41.29
C PRO E 291 1.61 -4.96 39.91
N ALA E 292 0.96 -5.91 39.26
CA ALA E 292 1.42 -6.37 37.96
C ALA E 292 0.79 -5.55 36.85
N ASN E 293 1.44 -5.60 35.69
CA ASN E 293 1.02 -4.82 34.53
C ASN E 293 -0.29 -5.36 33.97
N VAL E 294 -0.99 -4.49 33.23
CA VAL E 294 -2.09 -4.88 32.37
C VAL E 294 -1.72 -4.46 30.96
N ILE E 295 -1.43 -5.44 30.11
CA ILE E 295 -0.93 -5.19 28.76
C ILE E 295 -2.02 -5.53 27.78
N ARG E 296 -2.52 -4.50 27.08
CA ARG E 296 -3.56 -4.60 26.04
C ARG E 296 -4.82 -5.29 26.57
N GLY E 297 -5.23 -4.92 27.78
CA GLY E 297 -6.37 -5.51 28.44
C GLY E 297 -6.12 -6.86 29.08
N GLU E 298 -4.96 -7.47 28.87
CA GLU E 298 -4.62 -8.74 29.47
C GLU E 298 -3.82 -8.51 30.76
N LYS E 299 -4.29 -9.09 31.85
CA LYS E 299 -3.62 -8.92 33.14
C LYS E 299 -2.35 -9.77 33.18
N GLN E 300 -1.24 -9.13 33.48
CA GLN E 300 -0.03 -9.87 33.81
C GLN E 300 -0.06 -10.27 35.29
N TYR E 301 0.84 -11.17 35.67
CA TYR E 301 0.89 -11.65 37.04
C TYR E 301 2.33 -11.68 37.53
N LEU E 302 2.49 -11.44 38.82
CA LEU E 302 3.79 -11.40 39.47
C LEU E 302 3.79 -12.30 40.69
N ALA E 303 4.97 -12.79 41.03
CA ALA E 303 5.17 -13.59 42.23
C ALA E 303 6.44 -13.13 42.93
N ALA E 304 6.55 -13.49 44.22
CA ALA E 304 7.78 -13.31 45.00
C ALA E 304 8.34 -14.66 45.45
N PRO E 305 8.97 -15.43 44.57
CA PRO E 305 9.41 -16.77 44.94
C PRO E 305 10.62 -16.77 45.85
N LEU E 306 10.84 -17.93 46.45
CA LEU E 306 12.09 -18.30 47.10
C LEU E 306 12.54 -19.62 46.50
N VAL E 307 13.76 -19.66 45.98
CA VAL E 307 14.32 -20.91 45.49
C VAL E 307 15.54 -21.27 46.34
N MET E 308 15.57 -22.50 46.82
CA MET E 308 16.67 -23.00 47.64
C MET E 308 17.55 -23.92 46.79
N LEU E 309 18.84 -23.61 46.77
CA LEU E 309 19.83 -24.30 45.98
C LEU E 309 20.75 -25.08 46.91
N LYS E 310 21.32 -26.17 46.41
CA LYS E 310 22.37 -26.89 47.12
C LYS E 310 23.62 -26.95 46.26
N MET E 311 24.76 -26.73 46.89
CA MET E 311 26.05 -26.83 46.21
C MET E 311 26.59 -28.23 46.40
N GLU E 312 26.58 -29.01 45.33
CA GLU E 312 27.19 -30.33 45.34
C GLU E 312 28.72 -30.20 45.35
N PRO E 313 29.44 -31.25 45.78
CA PRO E 313 30.91 -31.24 45.74
C PRO E 313 31.54 -30.93 44.37
N ASN E 314 30.88 -31.27 43.26
CA ASN E 314 31.45 -30.92 41.95
C ASN E 314 31.37 -29.40 41.60
N GLY E 315 30.91 -28.51 42.49
CA GLY E 315 30.86 -27.09 42.22
C GLY E 315 29.64 -26.64 41.44
N LYS E 316 28.65 -27.50 41.27
CA LYS E 316 27.43 -27.18 40.54
C LYS E 316 26.28 -27.03 41.52
N LEU E 317 25.54 -25.93 41.40
CA LEU E 317 24.33 -25.75 42.19
C LEU E 317 23.22 -26.65 41.67
N GLN E 318 22.38 -27.11 42.59
CA GLN E 318 21.21 -27.93 42.26
C GLN E 318 19.98 -27.41 43.02
N PRO E 319 18.83 -27.29 42.36
CA PRO E 319 17.65 -26.75 43.03
C PRO E 319 16.99 -27.76 43.95
N MET E 320 16.66 -27.31 45.16
CA MET E 320 15.99 -28.17 46.13
C MET E 320 14.48 -27.95 46.15
N VAL E 321 14.04 -26.70 46.25
CA VAL E 321 12.62 -26.39 46.37
C VAL E 321 12.39 -24.98 45.83
N ILE E 322 11.22 -24.80 45.20
CA ILE E 322 10.75 -23.50 44.74
C ILE E 322 9.40 -23.22 45.42
N GLN E 323 9.33 -22.11 46.13
CA GLN E 323 8.07 -21.57 46.65
C GLN E 323 7.74 -20.34 45.82
N ILE E 324 6.74 -20.45 44.94
CA ILE E 324 6.47 -19.36 43.99
C ILE E 324 5.87 -18.16 44.71
N GLN E 325 5.00 -18.37 45.68
CA GLN E 325 4.41 -17.24 46.36
C GLN E 325 4.78 -17.26 47.84
N PRO E 326 5.04 -16.09 48.43
CA PRO E 326 5.28 -16.02 49.87
C PRO E 326 4.00 -16.34 50.64
N PRO E 327 4.13 -16.81 51.88
CA PRO E 327 2.94 -17.06 52.70
C PRO E 327 2.13 -15.80 52.97
N SER E 328 0.83 -15.97 53.01
CA SER E 328 -0.14 -14.91 53.21
C SER E 328 -1.16 -15.42 54.22
N PRO E 329 -1.96 -14.51 54.84
CA PRO E 329 -3.11 -14.99 55.63
C PRO E 329 -4.08 -15.84 54.82
N SER E 330 -4.30 -15.52 53.54
CA SER E 330 -5.17 -16.32 52.70
C SER E 330 -4.56 -17.69 52.41
N SER E 331 -3.25 -17.75 52.18
CA SER E 331 -2.55 -18.99 51.83
C SER E 331 -1.38 -19.17 52.78
N PRO E 332 -1.62 -19.71 53.99
CA PRO E 332 -0.53 -19.88 54.97
C PRO E 332 0.58 -20.81 54.52
N THR E 333 0.26 -21.86 53.74
CA THR E 333 1.24 -22.84 53.29
C THR E 333 1.24 -22.92 51.76
N PRO E 334 2.11 -22.15 51.12
CA PRO E 334 2.20 -22.20 49.64
C PRO E 334 2.76 -23.54 49.17
N THR E 335 2.37 -23.91 47.95
CA THR E 335 2.83 -25.14 47.33
C THR E 335 4.34 -25.09 47.12
N LEU E 336 5.03 -26.16 47.52
CA LEU E 336 6.48 -26.26 47.43
C LEU E 336 6.83 -27.15 46.23
N PHE E 337 7.30 -26.52 45.16
CA PHE E 337 7.65 -27.24 43.95
C PHE E 337 9.06 -27.81 44.06
N LEU E 338 9.20 -29.09 43.69
CA LEU E 338 10.43 -29.86 43.80
C LEU E 338 10.83 -30.40 42.44
N PRO E 339 12.11 -30.69 42.22
CA PRO E 339 12.52 -31.31 40.95
C PRO E 339 11.94 -32.71 40.71
N SER E 340 11.45 -33.38 41.76
CA SER E 340 10.84 -34.70 41.63
C SER E 340 9.36 -34.63 41.30
N ASP E 341 8.81 -33.43 41.11
CA ASP E 341 7.41 -33.22 40.79
C ASP E 341 7.09 -33.67 39.36
N PRO E 342 5.81 -33.65 38.96
CA PRO E 342 5.48 -33.67 37.53
C PRO E 342 6.24 -32.57 36.77
N PRO E 343 6.87 -32.94 35.64
CA PRO E 343 7.84 -32.04 34.99
C PRO E 343 7.30 -30.70 34.54
N LEU E 344 6.05 -30.64 34.10
CA LEU E 344 5.48 -29.38 33.64
C LEU E 344 5.30 -28.39 34.79
N ALA E 345 4.88 -28.87 35.97
CA ALA E 345 4.74 -28.00 37.14
C ALA E 345 6.09 -27.47 37.61
N TRP E 346 7.11 -28.33 37.64
CA TRP E 346 8.46 -27.91 38.02
C TRP E 346 9.04 -26.94 37.00
N LEU E 347 8.79 -27.19 35.71
CA LEU E 347 9.25 -26.30 34.66
C LEU E 347 8.58 -24.93 34.77
N LEU E 348 7.28 -24.91 35.07
CA LEU E 348 6.57 -23.65 35.28
C LEU E 348 7.07 -22.91 36.51
N ALA E 349 7.39 -23.65 37.59
CA ALA E 349 7.95 -23.02 38.77
C ALA E 349 9.32 -22.42 38.49
N LYS E 350 10.15 -23.12 37.72
CA LYS E 350 11.45 -22.57 37.31
C LYS E 350 11.28 -21.36 36.42
N SER E 351 10.28 -21.39 35.53
CA SER E 351 10.01 -20.24 34.67
C SER E 351 9.52 -19.04 35.47
N TRP E 352 8.73 -19.27 36.52
CA TRP E 352 8.31 -18.21 37.42
C TRP E 352 9.49 -17.61 38.18
N VAL E 353 10.39 -18.47 38.67
CA VAL E 353 11.59 -18.01 39.37
C VAL E 353 12.48 -17.18 38.44
N ARG E 354 12.66 -17.64 37.21
CA ARG E 354 13.46 -16.90 36.25
C ARG E 354 12.80 -15.62 35.79
N ASN E 355 11.46 -15.60 35.68
CA ASN E 355 10.74 -14.37 35.41
C ASN E 355 10.93 -13.35 36.53
N SER E 356 10.88 -13.83 37.77
CA SER E 356 11.14 -12.96 38.92
C SER E 356 12.58 -12.46 38.92
N ASP E 357 13.51 -13.32 38.52
CA ASP E 357 14.90 -12.92 38.35
C ASP E 357 15.04 -11.86 37.27
N PHE E 358 14.25 -11.97 36.20
CA PHE E 358 14.20 -10.95 35.16
C PHE E 358 13.74 -9.61 35.74
N GLN E 359 12.67 -9.63 36.54
CA GLN E 359 12.14 -8.41 37.16
C GLN E 359 13.18 -7.75 38.07
N LEU E 360 13.72 -8.52 39.01
CA LEU E 360 14.70 -7.99 39.96
C LEU E 360 16.01 -7.63 39.28
N HIS E 361 16.40 -8.38 38.23
CA HIS E 361 17.61 -8.06 37.48
C HIS E 361 17.50 -6.73 36.78
N GLU E 362 16.43 -6.55 36.00
CA GLU E 362 16.31 -5.33 35.20
C GLU E 362 16.00 -4.11 36.05
N ILE E 363 15.14 -4.24 37.06
CA ILE E 363 14.75 -3.04 37.80
C ILE E 363 15.75 -2.72 38.90
N GLN E 364 16.06 -3.69 39.76
CA GLN E 364 16.92 -3.39 40.90
C GLN E 364 18.39 -3.36 40.50
N TYR E 365 18.87 -4.41 39.84
CA TYR E 365 20.30 -4.58 39.67
C TYR E 365 20.84 -3.97 38.38
N HIS E 366 19.98 -3.72 37.39
CA HIS E 366 20.40 -3.04 36.17
C HIS E 366 20.04 -1.57 36.18
N LEU E 367 18.73 -1.26 36.25
CA LEU E 367 18.28 0.13 36.21
C LEU E 367 18.73 0.91 37.44
N LEU E 368 18.53 0.35 38.64
CA LEU E 368 18.78 1.13 39.84
C LEU E 368 20.25 1.07 40.26
N ASN E 369 20.76 -0.15 40.51
CA ASN E 369 22.09 -0.31 41.09
C ASN E 369 23.21 0.15 40.17
N THR E 370 23.03 0.04 38.86
CA THR E 370 24.06 0.46 37.92
C THR E 370 23.71 1.77 37.22
N HIS E 371 22.57 1.84 36.53
CA HIS E 371 22.28 3.02 35.70
C HIS E 371 22.00 4.26 36.54
N LEU E 372 21.07 4.17 37.50
CA LEU E 372 20.70 5.34 38.30
C LEU E 372 21.81 5.77 39.25
N VAL E 373 22.55 4.82 39.81
CA VAL E 373 23.68 5.15 40.67
C VAL E 373 24.78 5.85 39.87
N ALA E 374 25.08 5.36 38.67
CA ALA E 374 26.05 6.03 37.81
C ALA E 374 25.55 7.39 37.35
N GLU E 375 24.24 7.57 37.23
CA GLU E 375 23.72 8.88 36.84
C GLU E 375 23.81 9.87 38.00
N VAL E 376 23.59 9.39 39.22
CA VAL E 376 23.80 10.22 40.41
C VAL E 376 25.28 10.63 40.53
N ILE E 377 26.18 9.67 40.32
CA ILE E 377 27.62 9.94 40.31
C ILE E 377 27.98 10.94 39.22
N ALA E 378 27.38 10.78 38.04
CA ALA E 378 27.65 11.67 36.90
C ALA E 378 27.22 13.09 37.19
N VAL E 379 25.99 13.27 37.68
CA VAL E 379 25.47 14.61 37.94
C VAL E 379 26.23 15.28 39.08
N ALA E 380 26.51 14.54 40.16
CA ALA E 380 27.28 15.11 41.27
C ALA E 380 28.71 15.46 40.87
N THR E 381 29.34 14.60 40.04
CA THR E 381 30.67 14.88 39.52
C THR E 381 30.69 16.13 38.67
N MET E 382 29.67 16.33 37.83
CA MET E 382 29.64 17.55 37.04
C MET E 382 29.31 18.77 37.89
N ARG E 383 28.48 18.62 38.94
CA ARG E 383 28.07 19.79 39.72
C ARG E 383 29.16 20.26 40.68
N CYS E 384 29.88 19.35 41.32
CA CYS E 384 30.73 19.75 42.43
C CYS E 384 32.22 19.62 42.14
N LEU E 385 32.61 18.86 41.12
CA LEU E 385 34.01 18.65 40.82
C LEU E 385 34.40 19.45 39.60
N PRO E 386 35.22 20.50 39.73
CA PRO E 386 35.63 21.29 38.56
C PRO E 386 36.59 20.53 37.67
N GLY E 387 36.76 21.06 36.44
CA GLY E 387 37.68 20.48 35.48
C GLY E 387 39.12 20.36 35.96
N LEU E 388 39.55 21.27 36.83
CA LEU E 388 40.88 21.17 37.42
C LEU E 388 41.02 20.02 38.41
N HIS E 389 39.92 19.56 39.00
CA HIS E 389 39.98 18.60 40.09
C HIS E 389 40.45 17.23 39.60
N PRO E 390 41.39 16.58 40.30
CA PRO E 390 41.83 15.24 39.90
C PRO E 390 40.75 14.18 39.93
N ILE E 391 39.81 14.26 40.88
CA ILE E 391 38.76 13.25 40.98
C ILE E 391 37.79 13.40 39.81
N PHE E 392 37.57 14.64 39.34
CA PHE E 392 36.75 14.84 38.15
C PHE E 392 37.42 14.25 36.91
N LYS E 393 38.72 14.51 36.74
CA LYS E 393 39.44 13.97 35.59
C LYS E 393 39.51 12.46 35.65
N PHE E 394 39.55 11.90 36.85
CA PHE E 394 39.50 10.47 37.05
C PHE E 394 38.14 9.89 36.66
N LEU E 395 37.05 10.59 37.01
CA LEU E 395 35.70 10.05 36.86
C LEU E 395 35.04 10.33 35.53
N ILE E 396 35.44 11.43 34.86
CA ILE E 396 34.77 11.84 33.61
C ILE E 396 34.76 10.77 32.49
N PRO E 397 35.79 9.93 32.28
CA PRO E 397 35.59 8.86 31.27
C PRO E 397 34.57 7.82 31.70
N HIS E 398 34.34 7.67 33.00
CA HIS E 398 33.45 6.63 33.51
C HIS E 398 32.03 7.13 33.69
N ILE E 399 31.74 8.38 33.34
CA ILE E 399 30.38 8.89 33.36
C ILE E 399 29.93 9.31 31.97
N ARG E 400 30.66 8.89 30.94
CA ARG E 400 30.33 9.20 29.56
C ARG E 400 29.04 8.51 29.14
N TYR E 401 28.12 9.30 28.57
CA TYR E 401 26.84 8.90 27.97
C TYR E 401 25.81 8.43 29.00
N THR E 402 26.12 8.48 30.30
CA THR E 402 25.24 7.96 31.34
C THR E 402 23.95 8.77 31.44
N MET E 403 24.07 10.11 31.40
CA MET E 403 22.90 10.98 31.50
C MET E 403 21.95 10.78 30.34
N GLU E 404 22.47 10.66 29.11
CA GLU E 404 21.58 10.51 27.97
C GLU E 404 20.94 9.12 27.94
N ILE E 405 21.69 8.07 28.30
CA ILE E 405 21.10 6.73 28.29
C ILE E 405 20.02 6.62 29.36
N ASN E 406 20.21 7.28 30.51
CA ASN E 406 19.15 7.31 31.51
C ASN E 406 17.98 8.19 31.10
N THR E 407 18.25 9.29 30.39
CA THR E 407 17.17 10.14 29.90
C THR E 407 16.34 9.46 28.83
N ARG E 408 17.00 8.74 27.91
CA ARG E 408 16.29 7.97 26.89
C ARG E 408 15.52 6.82 27.50
N ALA E 409 16.05 6.21 28.55
CA ALA E 409 15.29 5.20 29.29
C ALA E 409 14.05 5.80 29.92
N ARG E 410 14.19 6.96 30.56
CA ARG E 410 13.08 7.59 31.25
C ARG E 410 12.02 8.13 30.28
N THR E 411 12.43 8.57 29.09
CA THR E 411 11.46 9.09 28.12
C THR E 411 10.82 8.00 27.28
N GLN E 412 11.55 6.93 26.97
CA GLN E 412 11.08 5.95 26.00
C GLN E 412 10.78 4.61 26.62
N LEU E 413 11.67 4.10 27.46
CA LEU E 413 11.53 2.73 27.96
C LEU E 413 10.64 2.64 29.19
N ILE E 414 10.97 3.37 30.25
CA ILE E 414 10.34 3.18 31.55
C ILE E 414 9.37 4.31 31.88
N SER E 415 8.98 5.08 30.88
CA SER E 415 7.95 6.11 31.06
C SER E 415 6.58 5.47 31.24
N ASP E 416 5.61 6.31 31.57
CA ASP E 416 4.21 5.88 31.66
C ASP E 416 3.70 5.64 30.24
N GLY E 417 3.48 4.37 29.90
CA GLY E 417 3.16 4.01 28.54
C GLY E 417 4.36 3.63 27.71
N GLY E 418 5.55 3.59 28.31
CA GLY E 418 6.77 3.23 27.62
C GLY E 418 6.83 1.76 27.26
N ILE E 419 8.00 1.37 26.73
CA ILE E 419 8.21 0.01 26.24
C ILE E 419 8.21 -1.00 27.39
N PHE E 420 8.52 -0.54 28.61
CA PHE E 420 8.51 -1.42 29.78
C PHE E 420 7.08 -1.75 30.18
N ASP E 421 6.14 -0.88 29.84
CA ASP E 421 4.74 -1.16 30.07
C ASP E 421 4.13 -1.99 28.94
N LYS E 422 4.90 -2.31 27.90
CA LYS E 422 4.36 -3.08 26.79
C LYS E 422 4.72 -4.55 26.84
N ALA E 423 5.75 -4.94 27.59
CA ALA E 423 6.15 -6.34 27.61
C ALA E 423 6.34 -6.90 29.01
N VAL E 424 6.71 -6.06 29.96
CA VAL E 424 7.21 -6.52 31.26
C VAL E 424 6.08 -6.50 32.28
N SER E 425 6.03 -7.52 33.13
CA SER E 425 4.98 -7.66 34.14
C SER E 425 5.06 -6.61 35.23
N THR E 426 6.25 -6.13 35.58
CA THR E 426 6.36 -5.10 36.62
C THR E 426 5.97 -3.70 36.12
N GLY E 427 5.86 -3.51 34.80
CA GLY E 427 5.46 -2.23 34.24
C GLY E 427 4.09 -1.72 34.60
N GLY E 428 3.78 -0.51 34.15
CA GLY E 428 2.50 0.11 34.45
C GLY E 428 2.40 0.78 35.80
N GLY E 429 3.53 1.00 36.48
CA GLY E 429 3.57 1.66 37.78
C GLY E 429 4.18 0.81 38.88
N GLY E 430 3.99 -0.51 38.81
CA GLY E 430 4.59 -1.40 39.79
C GLY E 430 6.10 -1.39 39.80
N HIS E 431 6.71 -1.14 38.64
CA HIS E 431 8.17 -1.07 38.57
C HIS E 431 8.72 0.14 39.30
N VAL E 432 7.95 1.23 39.37
CA VAL E 432 8.39 2.40 40.14
C VAL E 432 8.38 2.10 41.63
N GLN E 433 7.35 1.40 42.11
CA GLN E 433 7.30 0.96 43.49
C GLN E 433 8.41 -0.04 43.81
N LEU E 434 8.70 -0.93 42.86
CA LEU E 434 9.80 -1.88 43.02
C LEU E 434 11.14 -1.16 43.04
N LEU E 435 11.28 -0.09 42.24
CA LEU E 435 12.47 0.75 42.27
C LEU E 435 12.62 1.45 43.62
N ARG E 436 11.51 1.92 44.19
CA ARG E 436 11.54 2.54 45.53
C ARG E 436 11.97 1.53 46.60
N ARG E 437 11.42 0.32 46.54
CA ARG E 437 11.76 -0.72 47.49
C ARG E 437 13.22 -1.14 47.37
N ALA E 438 13.72 -1.25 46.13
CA ALA E 438 15.11 -1.58 45.92
C ALA E 438 16.03 -0.43 46.30
N ALA E 439 15.56 0.81 46.16
CA ALA E 439 16.30 1.98 46.61
C ALA E 439 16.46 1.97 48.12
N ALA E 440 15.43 1.53 48.84
CA ALA E 440 15.57 1.32 50.28
C ALA E 440 16.57 0.22 50.60
N GLN E 441 16.67 -0.79 49.73
CA GLN E 441 17.66 -1.85 49.85
C GLN E 441 18.98 -1.51 49.17
N LEU E 442 19.09 -0.37 48.49
CA LEU E 442 20.32 0.01 47.79
C LEU E 442 21.30 0.54 48.83
N THR E 443 22.14 -0.35 49.34
CA THR E 443 23.14 0.01 50.32
C THR E 443 24.51 0.18 49.66
N TYR E 444 25.39 0.88 50.37
CA TYR E 444 26.78 1.02 49.94
C TYR E 444 27.47 -0.34 49.94
N CYS E 445 27.12 -1.20 50.91
CA CYS E 445 27.66 -2.55 50.99
C CYS E 445 27.28 -3.39 49.77
N SER E 446 26.10 -3.15 49.20
CA SER E 446 25.63 -3.96 48.08
C SER E 446 26.35 -3.63 46.78
N LEU E 447 26.94 -2.44 46.68
CA LEU E 447 27.56 -1.98 45.45
C LEU E 447 29.06 -2.26 45.41
N CYS E 448 29.60 -2.83 46.48
CA CYS E 448 31.02 -3.12 46.60
C CYS E 448 31.20 -4.63 46.67
N PRO E 449 31.70 -5.25 45.59
CA PRO E 449 31.83 -6.73 45.49
C PRO E 449 32.45 -7.42 46.72
N PRO E 450 33.58 -6.96 47.32
CA PRO E 450 34.08 -7.70 48.51
C PRO E 450 33.06 -7.79 49.63
N ASP E 451 32.37 -6.67 49.89
CA ASP E 451 31.40 -6.63 50.96
C ASP E 451 30.10 -7.32 50.55
N ASP E 452 29.66 -7.13 49.30
CA ASP E 452 28.42 -7.75 48.83
C ASP E 452 28.57 -9.28 48.78
N LEU E 453 29.73 -9.78 48.40
CA LEU E 453 29.93 -11.22 48.26
C LEU E 453 30.25 -11.84 49.62
N ALA E 454 30.85 -11.08 50.54
CA ALA E 454 31.03 -11.58 51.90
C ALA E 454 29.68 -11.65 52.61
N ASP E 455 28.84 -10.64 52.41
CA ASP E 455 27.50 -10.63 52.99
C ASP E 455 26.64 -11.75 52.42
N ARG E 456 26.75 -12.00 51.11
CA ARG E 456 26.00 -13.07 50.47
C ARG E 456 26.69 -14.42 50.58
N GLY E 457 27.89 -14.49 51.17
CA GLY E 457 28.55 -15.76 51.36
C GLY E 457 29.07 -16.43 50.11
N LEU E 458 29.27 -15.67 49.03
CA LEU E 458 29.71 -16.23 47.76
C LEU E 458 31.22 -16.22 47.60
N LEU E 459 31.96 -15.78 48.63
CA LEU E 459 33.41 -15.78 48.58
C LEU E 459 33.96 -17.20 48.55
N GLY E 460 34.96 -17.41 47.71
CA GLY E 460 35.63 -18.70 47.65
C GLY E 460 34.90 -19.80 46.91
N LEU E 461 33.79 -19.49 46.25
CA LEU E 461 33.06 -20.50 45.50
C LEU E 461 33.76 -20.75 44.17
N PRO E 462 34.17 -22.00 43.89
CA PRO E 462 34.86 -22.29 42.61
C PRO E 462 34.01 -22.04 41.38
N GLY E 463 32.71 -22.30 41.44
CA GLY E 463 31.86 -22.10 40.28
C GLY E 463 31.26 -20.73 40.13
N ALA E 464 31.49 -19.83 41.09
CA ALA E 464 31.01 -18.46 41.01
C ALA E 464 32.02 -17.64 40.21
N LEU E 465 31.91 -17.76 38.88
CA LEU E 465 32.85 -17.11 37.97
C LEU E 465 32.70 -15.60 38.02
N TYR E 466 31.45 -15.11 38.18
CA TYR E 466 31.22 -13.69 38.38
C TYR E 466 31.91 -13.18 39.63
N ALA E 467 31.81 -13.94 40.73
CA ALA E 467 32.42 -13.52 41.99
C ALA E 467 33.93 -13.40 41.89
N HIS E 468 34.57 -14.39 41.27
CA HIS E 468 36.03 -14.36 41.08
C HIS E 468 36.44 -13.19 40.19
N ASP E 469 35.75 -13.04 39.05
CA ASP E 469 36.06 -11.94 38.13
C ASP E 469 35.79 -10.58 38.75
N ALA E 470 34.74 -10.48 39.57
CA ALA E 470 34.39 -9.22 40.21
C ALA E 470 35.40 -8.84 41.29
N LEU E 471 35.88 -9.81 42.07
CA LEU E 471 36.91 -9.50 43.06
C LEU E 471 38.23 -9.12 42.39
N ARG E 472 38.60 -9.80 41.31
CA ARG E 472 39.79 -9.42 40.56
C ARG E 472 39.67 -8.03 39.96
N LEU E 473 38.50 -7.72 39.38
CA LEU E 473 38.25 -6.38 38.84
C LEU E 473 38.25 -5.33 39.93
N TRP E 474 37.72 -5.66 41.11
CA TRP E 474 37.72 -4.72 42.22
C TRP E 474 39.12 -4.41 42.70
N GLU E 475 39.97 -5.43 42.84
CA GLU E 475 41.33 -5.16 43.31
C GLU E 475 42.15 -4.41 42.24
N ILE E 476 41.93 -4.70 40.96
CA ILE E 476 42.63 -3.98 39.89
C ILE E 476 42.17 -2.53 39.82
N ILE E 477 40.85 -2.31 39.86
CA ILE E 477 40.28 -0.95 39.84
C ILE E 477 40.67 -0.20 41.11
N ALA E 478 40.74 -0.89 42.25
CA ALA E 478 41.17 -0.29 43.50
C ALA E 478 42.64 0.12 43.45
N ARG E 479 43.47 -0.68 42.78
CA ARG E 479 44.86 -0.28 42.56
C ARG E 479 44.96 0.99 41.72
N TYR E 480 44.13 1.08 40.68
CA TYR E 480 44.05 2.29 39.84
C TYR E 480 43.60 3.51 40.67
N VAL E 481 42.56 3.31 41.48
CA VAL E 481 42.01 4.37 42.31
C VAL E 481 43.04 4.85 43.34
N GLU E 482 43.69 3.91 44.04
CA GLU E 482 44.67 4.28 45.05
C GLU E 482 45.90 4.92 44.43
N GLY E 483 46.28 4.50 43.21
CA GLY E 483 47.35 5.19 42.52
C GLY E 483 47.05 6.65 42.25
N ILE E 484 45.84 6.92 41.71
CA ILE E 484 45.45 8.31 41.43
C ILE E 484 45.30 9.12 42.71
N VAL E 485 44.62 8.56 43.71
CA VAL E 485 44.36 9.27 44.96
C VAL E 485 45.66 9.55 45.72
N HIS E 486 46.51 8.54 45.87
CA HIS E 486 47.80 8.73 46.54
C HIS E 486 48.72 9.66 45.74
N LEU E 487 48.54 9.73 44.42
CA LEU E 487 49.21 10.77 43.65
C LEU E 487 48.75 12.16 44.03
N PHE E 488 47.45 12.34 44.30
CA PHE E 488 46.96 13.68 44.57
C PHE E 488 46.52 13.96 46.01
N TYR E 489 46.33 12.93 46.84
CA TYR E 489 45.95 13.11 48.24
C TYR E 489 47.00 12.39 49.09
N GLN E 490 48.04 13.12 49.52
CA GLN E 490 49.13 12.49 50.25
C GLN E 490 48.74 12.12 51.67
N ARG E 491 47.82 12.87 52.28
CA ARG E 491 47.47 12.67 53.69
C ARG E 491 45.96 12.66 53.84
N ASP E 492 45.52 12.20 55.02
CA ASP E 492 44.10 12.16 55.35
C ASP E 492 43.51 13.56 55.50
N ASP E 493 44.25 14.49 56.11
CA ASP E 493 43.78 15.86 56.26
C ASP E 493 43.68 16.60 54.93
N ILE E 494 44.44 16.16 53.93
CA ILE E 494 44.29 16.70 52.58
C ILE E 494 42.95 16.26 51.98
N VAL E 495 42.55 15.01 52.26
CA VAL E 495 41.23 14.53 51.83
C VAL E 495 40.13 15.29 52.57
N LYS E 496 40.29 15.46 53.89
CA LYS E 496 39.31 16.21 54.68
C LYS E 496 39.25 17.67 54.27
N GLY E 497 40.40 18.27 53.98
CA GLY E 497 40.51 19.69 53.68
C GLY E 497 40.10 20.12 52.29
N ASP E 498 39.66 19.19 51.44
CA ASP E 498 39.17 19.44 50.09
C ASP E 498 37.68 19.76 50.12
N PRO E 499 37.28 21.03 50.02
CA PRO E 499 35.84 21.34 50.10
C PRO E 499 35.02 20.84 48.92
N GLU E 500 35.61 20.81 47.72
CA GLU E 500 34.90 20.36 46.53
C GLU E 500 34.63 18.86 46.60
N LEU E 501 35.60 18.08 47.11
CA LEU E 501 35.41 16.65 47.28
C LEU E 501 34.34 16.34 48.31
N GLN E 502 34.32 17.07 49.42
CA GLN E 502 33.28 16.88 50.43
C GLN E 502 31.90 17.28 49.88
N ALA E 503 31.85 18.34 49.08
CA ALA E 503 30.60 18.74 48.43
C ALA E 503 30.13 17.68 47.45
N TRP E 504 31.05 17.06 46.72
CA TRP E 504 30.72 15.95 45.82
C TRP E 504 30.20 14.74 46.57
N CYS E 505 30.82 14.43 47.72
CA CYS E 505 30.37 13.33 48.57
C CYS E 505 28.96 13.57 49.10
N ARG E 506 28.70 14.80 49.58
CA ARG E 506 27.36 15.17 50.02
C ARG E 506 26.37 15.16 48.87
N GLU E 507 26.80 15.58 47.68
CA GLU E 507 25.92 15.61 46.51
C GLU E 507 25.49 14.20 46.11
N ILE E 508 26.40 13.22 46.19
CA ILE E 508 25.98 11.85 45.97
C ILE E 508 25.08 11.35 47.11
N THR E 509 25.52 11.54 48.35
CA THR E 509 24.85 10.87 49.46
C THR E 509 23.60 11.62 49.92
N GLU E 510 23.76 12.87 50.35
CA GLU E 510 22.63 13.64 50.85
C GLU E 510 21.65 14.00 49.74
N VAL E 511 22.15 14.35 48.56
CA VAL E 511 21.31 14.94 47.53
C VAL E 511 20.90 13.91 46.48
N GLY E 512 21.90 13.35 45.78
CA GLY E 512 21.61 12.49 44.65
C GLY E 512 20.94 11.18 45.02
N LEU E 513 21.43 10.51 46.06
CA LEU E 513 20.86 9.24 46.49
C LEU E 513 19.78 9.41 47.56
N CYS E 514 19.40 10.66 47.87
CA CYS E 514 18.24 11.00 48.70
C CYS E 514 18.38 10.46 50.14
N GLN E 515 19.37 11.02 50.84
CA GLN E 515 19.67 10.75 52.25
C GLN E 515 20.10 9.30 52.46
N ALA E 516 21.17 8.91 51.78
CA ALA E 516 21.72 7.57 51.82
C ALA E 516 22.63 7.31 53.03
N GLN E 517 22.54 8.14 54.09
CA GLN E 517 23.36 7.94 55.28
C GLN E 517 23.05 6.62 55.96
N ASP E 518 21.77 6.35 56.21
CA ASP E 518 21.29 5.08 56.76
C ASP E 518 21.69 3.86 55.95
N ARG E 519 21.94 4.01 54.65
CA ARG E 519 22.29 2.90 53.78
C ARG E 519 23.79 2.77 53.59
N GLY E 520 24.59 3.29 54.52
CA GLY E 520 26.02 3.09 54.54
C GLY E 520 26.82 3.98 53.63
N PHE E 521 26.18 4.87 52.87
CA PHE E 521 26.96 5.78 52.05
C PHE E 521 27.54 6.90 52.91
N PRO E 522 28.78 7.32 52.65
CA PRO E 522 29.41 8.31 53.52
C PRO E 522 28.94 9.73 53.23
N VAL E 523 28.81 10.53 54.29
CA VAL E 523 28.54 11.95 54.11
C VAL E 523 29.82 12.74 53.88
N SER E 524 30.97 12.15 54.18
CA SER E 524 32.24 12.84 54.09
C SER E 524 33.34 11.80 53.95
N PHE E 525 34.51 12.26 53.54
CA PHE E 525 35.71 11.43 53.48
C PHE E 525 36.67 11.89 54.57
N GLN E 526 37.00 10.98 55.48
CA GLN E 526 37.88 11.29 56.60
C GLN E 526 39.29 10.75 56.39
N SER E 527 39.52 10.00 55.32
CA SER E 527 40.82 9.37 55.08
C SER E 527 40.96 9.11 53.59
N GLN E 528 42.21 8.81 53.18
CA GLN E 528 42.46 8.43 51.80
C GLN E 528 41.79 7.09 51.46
N SER E 529 41.79 6.14 52.40
CA SER E 529 41.25 4.81 52.15
C SER E 529 39.74 4.84 51.92
N GLN E 530 39.02 5.66 52.68
CA GLN E 530 37.58 5.79 52.50
C GLN E 530 37.23 6.35 51.13
N LEU E 531 37.96 7.40 50.70
CA LEU E 531 37.79 7.96 49.37
C LEU E 531 38.14 6.95 48.29
N CYS E 532 39.20 6.16 48.53
CA CYS E 532 39.62 5.13 47.58
C CYS E 532 38.55 4.06 47.42
N HIS E 533 37.96 3.62 48.53
CA HIS E 533 36.90 2.61 48.48
C HIS E 533 35.67 3.14 47.79
N PHE E 534 35.30 4.40 48.06
CA PHE E 534 34.12 5.00 47.42
C PHE E 534 34.33 5.19 45.92
N LEU E 535 35.52 5.63 45.51
CA LEU E 535 35.79 5.80 44.08
C LEU E 535 35.90 4.46 43.37
N THR E 536 36.43 3.44 44.05
CA THR E 536 36.44 2.09 43.49
C THR E 536 35.02 1.59 43.29
N MET E 537 34.12 1.87 44.25
CA MET E 537 32.70 1.57 44.09
C MET E 537 32.11 2.29 42.88
N CYS E 538 32.44 3.57 42.73
CA CYS E 538 31.94 4.37 41.61
C CYS E 538 32.38 3.80 40.26
N VAL E 539 33.67 3.50 40.12
CA VAL E 539 34.20 2.97 38.86
C VAL E 539 33.65 1.57 38.58
N PHE E 540 33.55 0.72 39.61
CA PHE E 540 33.00 -0.62 39.39
C PHE E 540 31.54 -0.58 38.98
N THR E 541 30.74 0.28 39.64
CA THR E 541 29.34 0.46 39.27
C THR E 541 29.22 0.99 37.85
N CYS E 542 30.06 1.96 37.48
CA CYS E 542 29.96 2.56 36.15
C CYS E 542 30.50 1.64 35.05
N THR E 543 31.44 0.76 35.38
CA THR E 543 32.04 -0.07 34.34
C THR E 543 31.74 -1.56 34.52
N ALA E 544 32.16 -2.16 35.63
CA ALA E 544 32.19 -3.61 35.73
C ALA E 544 30.86 -4.21 36.17
N GLN E 545 30.19 -3.60 37.16
CA GLN E 545 28.89 -4.07 37.59
C GLN E 545 27.86 -3.96 36.47
N HIS E 546 27.89 -2.86 35.71
CA HIS E 546 26.99 -2.71 34.58
C HIS E 546 27.29 -3.71 33.47
N ALA E 547 28.57 -3.98 33.21
CA ALA E 547 28.95 -4.99 32.23
C ALA E 547 28.48 -6.38 32.65
N ALA E 548 28.60 -6.70 33.94
CA ALA E 548 28.13 -7.99 34.45
C ALA E 548 26.61 -8.10 34.37
N ILE E 549 25.90 -7.01 34.66
CA ILE E 549 24.45 -7.07 34.77
C ILE E 549 23.78 -6.74 33.43
N ASN E 550 24.56 -6.42 32.40
CA ASN E 550 24.03 -5.92 31.13
C ASN E 550 24.41 -6.77 29.93
N GLN E 551 25.63 -7.30 29.88
CA GLN E 551 26.07 -8.05 28.69
C GLN E 551 25.38 -9.39 28.55
N GLY E 552 24.84 -9.94 29.64
CA GLY E 552 24.20 -11.24 29.61
C GLY E 552 22.75 -11.25 29.20
N GLN E 553 22.20 -10.09 28.83
CA GLN E 553 20.80 -9.99 28.48
C GLN E 553 20.45 -10.82 27.24
N LEU E 554 21.25 -10.72 26.18
CA LEU E 554 20.97 -11.52 24.99
C LEU E 554 21.29 -12.99 25.19
N ASP E 555 22.37 -13.29 25.92
CA ASP E 555 22.78 -14.67 26.14
C ASP E 555 21.74 -15.46 26.92
N TRP E 556 21.10 -14.84 27.91
CA TRP E 556 20.20 -15.55 28.79
C TRP E 556 18.73 -15.22 28.55
N TYR E 557 18.44 -14.15 27.79
CA TYR E 557 17.08 -13.66 27.64
C TYR E 557 16.54 -13.75 26.21
N ALA E 558 17.37 -14.08 25.22
CA ALA E 558 16.85 -14.29 23.86
C ALA E 558 15.93 -15.50 23.81
N TRP E 559 16.30 -16.57 24.51
CA TRP E 559 15.35 -17.66 24.72
C TRP E 559 14.38 -17.21 25.80
N VAL E 560 13.21 -16.75 25.35
CA VAL E 560 12.22 -16.19 26.28
C VAL E 560 11.72 -17.18 27.34
N PRO E 561 11.44 -18.47 27.05
CA PRO E 561 11.09 -19.39 28.16
C PRO E 561 12.16 -19.54 29.24
N ASN E 562 13.44 -19.32 28.91
CA ASN E 562 14.48 -19.34 29.93
C ASN E 562 14.31 -18.23 30.95
N ALA E 563 13.76 -17.09 30.54
CA ALA E 563 13.54 -15.97 31.46
C ALA E 563 12.42 -15.07 30.96
N PRO E 564 11.17 -15.42 31.28
CA PRO E 564 10.02 -14.64 30.81
C PRO E 564 10.01 -13.20 31.30
N CYS E 565 9.75 -12.26 30.37
CA CYS E 565 9.60 -10.86 30.76
C CYS E 565 8.29 -10.62 31.50
N THR E 566 7.29 -11.48 31.30
CA THR E 566 6.02 -11.36 31.96
C THR E 566 5.40 -12.74 32.10
N MET E 567 4.38 -12.82 32.94
CA MET E 567 3.58 -14.03 33.08
C MET E 567 2.13 -13.66 32.89
N ARG E 568 1.44 -14.38 32.01
CA ARG E 568 0.07 -14.04 31.64
C ARG E 568 -0.96 -14.91 32.35
N MET E 569 -0.54 -15.77 33.26
CA MET E 569 -1.42 -16.60 34.06
C MET E 569 -1.03 -16.50 35.52
N PRO E 570 -1.97 -16.73 36.44
CA PRO E 570 -1.60 -16.77 37.85
C PRO E 570 -0.66 -17.92 38.14
N PRO E 571 0.20 -17.78 39.15
CA PRO E 571 1.15 -18.86 39.52
C PRO E 571 0.42 -20.12 39.95
N PRO E 572 0.93 -21.29 39.59
CA PRO E 572 0.27 -22.54 39.96
C PRO E 572 0.26 -22.76 41.47
N THR E 573 -0.84 -23.31 41.96
CA THR E 573 -0.98 -23.70 43.36
C THR E 573 -1.03 -25.20 43.54
N THR E 574 -1.20 -25.97 42.46
CA THR E 574 -1.18 -27.42 42.49
C THR E 574 -0.24 -27.90 41.38
N LYS E 575 0.32 -29.09 41.58
CA LYS E 575 1.28 -29.62 40.63
C LYS E 575 0.63 -30.45 39.53
N GLU E 576 -0.45 -31.16 39.84
CA GLU E 576 -1.09 -32.05 38.88
C GLU E 576 -1.90 -31.30 37.82
N ASP E 577 -2.28 -30.05 38.08
CA ASP E 577 -3.12 -29.29 37.17
C ASP E 577 -2.32 -28.51 36.14
N VAL E 578 -0.99 -28.63 36.12
CA VAL E 578 -0.16 -27.89 35.19
C VAL E 578 0.03 -28.73 33.93
N THR E 579 -0.40 -28.18 32.80
CA THR E 579 -0.27 -28.83 31.50
C THR E 579 0.62 -27.97 30.61
N MET E 580 0.82 -28.43 29.37
CA MET E 580 1.54 -27.64 28.38
C MET E 580 0.76 -26.37 28.02
N ALA E 581 -0.57 -26.45 28.06
CA ALA E 581 -1.40 -25.27 27.83
C ALA E 581 -1.22 -24.24 28.95
N THR E 582 -1.14 -24.72 30.19
CA THR E 582 -0.90 -23.82 31.33
C THR E 582 0.46 -23.13 31.23
N VAL E 583 1.50 -23.89 30.88
CA VAL E 583 2.84 -23.32 30.69
C VAL E 583 2.83 -22.29 29.56
N MET E 584 2.24 -22.65 28.42
CA MET E 584 2.24 -21.76 27.25
C MET E 584 1.41 -20.50 27.49
N GLY E 585 0.27 -20.62 28.17
CA GLY E 585 -0.48 -19.44 28.52
C GLY E 585 0.16 -18.62 29.61
N SER E 586 0.98 -19.27 30.45
CA SER E 586 1.73 -18.55 31.46
C SER E 586 2.92 -17.82 30.84
N LEU E 587 3.54 -18.41 29.83
CA LEU E 587 4.65 -17.78 29.14
C LEU E 587 4.15 -16.56 28.35
N PRO E 588 5.03 -15.59 28.05
CA PRO E 588 4.61 -14.43 27.26
C PRO E 588 4.15 -14.81 25.87
N ASP E 589 3.23 -14.01 25.33
CA ASP E 589 2.86 -14.15 23.94
C ASP E 589 3.98 -13.64 23.05
N VAL E 590 3.82 -13.87 21.74
CA VAL E 590 4.87 -13.60 20.76
C VAL E 590 5.26 -12.12 20.71
N ARG E 591 4.31 -11.22 20.96
CA ARG E 591 4.60 -9.78 20.95
C ARG E 591 5.49 -9.39 22.12
N GLN E 592 5.15 -9.82 23.33
CA GLN E 592 5.97 -9.53 24.51
C GLN E 592 7.32 -10.24 24.44
N ALA E 593 7.33 -11.47 23.93
CA ALA E 593 8.57 -12.23 23.79
C ALA E 593 9.52 -11.58 22.79
N CYS E 594 8.97 -11.12 21.67
CA CYS E 594 9.78 -10.41 20.66
C CYS E 594 10.30 -9.09 21.20
N LEU E 595 9.47 -8.39 21.99
CA LEU E 595 9.94 -7.15 22.63
C LEU E 595 11.06 -7.43 23.62
N GLN E 596 10.94 -8.51 24.40
CA GLN E 596 12.01 -8.94 25.32
C GLN E 596 13.30 -9.23 24.56
N MET E 597 13.19 -9.95 23.45
CA MET E 597 14.34 -10.28 22.62
C MET E 597 15.01 -9.02 22.05
N ALA E 598 14.19 -8.10 21.54
CA ALA E 598 14.71 -6.88 20.93
C ALA E 598 15.44 -5.99 21.95
N ILE E 599 14.82 -5.75 23.11
CA ILE E 599 15.47 -4.96 24.15
C ILE E 599 16.75 -5.64 24.65
N SER E 600 16.70 -6.97 24.85
CA SER E 600 17.88 -7.73 25.25
C SER E 600 19.03 -7.57 24.27
N TRP E 601 18.72 -7.67 22.96
CA TRP E 601 19.73 -7.49 21.93
C TRP E 601 20.27 -6.07 21.93
N HIS E 602 19.37 -5.08 21.95
CA HIS E 602 19.76 -3.67 21.88
C HIS E 602 20.60 -3.24 23.07
N LEU E 603 20.30 -3.74 24.26
CA LEU E 603 21.03 -3.33 25.44
C LEU E 603 22.33 -4.08 25.63
N SER E 604 22.38 -5.36 25.24
CA SER E 604 23.55 -6.18 25.51
C SER E 604 24.55 -6.25 24.37
N ARG E 605 24.22 -5.72 23.19
CA ARG E 605 25.14 -5.78 22.06
C ARG E 605 26.36 -4.89 22.30
N ARG E 606 27.48 -5.29 21.72
CA ARG E 606 28.67 -4.46 21.76
C ARG E 606 28.45 -3.21 20.91
N GLN E 607 28.59 -2.06 21.54
CA GLN E 607 28.53 -0.79 20.83
C GLN E 607 29.74 -0.69 19.90
N PRO E 608 29.56 -0.33 18.63
CA PRO E 608 30.72 -0.17 17.73
C PRO E 608 31.71 0.90 18.19
N ASP E 609 31.23 1.95 18.85
CA ASP E 609 32.09 3.01 19.36
C ASP E 609 32.43 2.85 20.85
N MET E 610 32.26 1.64 21.40
CA MET E 610 32.44 1.43 22.83
C MET E 610 33.91 1.62 23.22
N VAL E 611 34.11 2.17 24.41
CA VAL E 611 35.44 2.34 24.99
C VAL E 611 35.64 1.22 26.01
N PRO E 612 36.62 0.34 25.83
CA PRO E 612 36.93 -0.65 26.87
C PRO E 612 37.40 0.02 28.16
N LEU E 613 37.15 -0.66 29.27
CA LEU E 613 37.50 -0.20 30.61
C LEU E 613 38.97 0.19 30.72
N GLY E 614 39.19 1.44 31.14
CA GLY E 614 40.53 1.97 31.30
C GLY E 614 41.22 2.40 30.03
N HIS E 615 40.55 2.30 28.89
CA HIS E 615 41.17 2.60 27.60
C HIS E 615 40.56 3.84 26.96
N HIS E 616 40.16 4.81 27.78
CA HIS E 616 39.70 6.10 27.27
C HIS E 616 40.86 6.84 26.61
N LYS E 617 40.59 7.41 25.44
CA LYS E 617 41.61 8.12 24.71
C LYS E 617 41.72 9.58 25.13
N GLU E 618 40.72 10.09 25.83
CA GLU E 618 40.74 11.47 26.30
C GLU E 618 41.79 11.65 27.38
N LYS E 619 42.68 12.62 27.19
CA LYS E 619 43.78 12.86 28.12
C LYS E 619 43.45 14.10 28.94
N TYR E 620 42.69 13.89 30.01
CA TYR E 620 42.43 14.96 30.96
C TYR E 620 43.66 15.21 31.85
N PHE E 621 44.27 14.14 32.35
CA PHE E 621 45.49 14.26 33.12
C PHE E 621 46.67 14.57 32.19
N SER E 622 47.51 15.52 32.61
CA SER E 622 48.66 15.91 31.81
C SER E 622 49.96 15.27 32.27
N GLY E 623 50.12 15.04 33.57
CA GLY E 623 51.34 14.53 34.14
C GLY E 623 51.67 13.12 33.70
N PRO E 624 52.94 12.73 33.83
CA PRO E 624 53.33 11.35 33.48
C PRO E 624 52.94 10.33 34.54
N LYS E 625 52.77 10.74 35.79
CA LYS E 625 52.44 9.78 36.84
C LYS E 625 51.00 9.26 36.78
N PRO E 626 49.95 10.09 36.59
CA PRO E 626 48.62 9.49 36.33
C PRO E 626 48.55 8.66 35.06
N LYS E 627 49.32 9.04 34.03
CA LYS E 627 49.42 8.22 32.83
C LYS E 627 50.05 6.86 33.13
N ALA E 628 51.06 6.84 33.99
CA ALA E 628 51.67 5.58 34.41
C ALA E 628 50.70 4.73 35.23
N VAL E 629 49.91 5.36 36.09
CA VAL E 629 48.90 4.64 36.87
C VAL E 629 47.83 4.05 35.95
N LEU E 630 47.41 4.81 34.93
CA LEU E 630 46.46 4.31 33.93
C LEU E 630 47.05 3.16 33.14
N ASN E 631 48.34 3.26 32.79
CA ASN E 631 49.01 2.19 32.04
C ASN E 631 49.11 0.91 32.86
N GLN E 632 49.40 1.05 34.16
CA GLN E 632 49.42 -0.11 35.06
C GLN E 632 48.04 -0.72 35.20
N PHE E 633 47.00 0.12 35.24
CA PHE E 633 45.62 -0.34 35.25
C PHE E 633 45.30 -1.16 33.99
N ARG E 634 45.71 -0.64 32.83
CA ARG E 634 45.48 -1.35 31.56
C ARG E 634 46.26 -2.67 31.50
N THR E 635 47.49 -2.68 32.02
CA THR E 635 48.30 -3.90 32.04
C THR E 635 47.66 -4.97 32.92
N ASP E 636 47.17 -4.58 34.11
CA ASP E 636 46.47 -5.52 34.99
C ASP E 636 45.18 -6.02 34.34
N LEU E 637 44.47 -5.15 33.62
CA LEU E 637 43.27 -5.57 32.91
C LEU E 637 43.57 -6.58 31.80
N GLU E 638 44.65 -6.37 31.05
CA GLU E 638 45.01 -7.37 30.03
C GLU E 638 45.45 -8.69 30.64
N LYS E 639 46.15 -8.64 31.77
CA LYS E 639 46.52 -9.88 32.48
C LYS E 639 45.28 -10.62 32.98
N LEU E 640 44.31 -9.88 33.52
CA LEU E 640 43.05 -10.48 33.95
C LEU E 640 42.26 -11.04 32.77
N GLU E 641 42.28 -10.35 31.62
CA GLU E 641 41.61 -10.86 30.42
C GLU E 641 42.24 -12.15 29.94
N LYS E 642 43.58 -12.23 29.99
CA LYS E 642 44.27 -13.48 29.65
C LYS E 642 43.88 -14.61 30.61
N GLU E 643 43.79 -14.31 31.91
CA GLU E 643 43.37 -15.31 32.89
C GLU E 643 41.93 -15.78 32.66
N ILE E 644 41.03 -14.84 32.37
CA ILE E 644 39.62 -15.17 32.14
C ILE E 644 39.46 -15.99 30.86
N THR E 645 40.21 -15.63 29.80
CA THR E 645 40.18 -16.40 28.56
C THR E 645 40.72 -17.81 28.75
N ALA E 646 41.81 -17.94 29.51
CA ALA E 646 42.37 -19.25 29.83
C ALA E 646 41.41 -20.11 30.65
N ARG E 647 40.68 -19.49 31.58
CA ARG E 647 39.66 -20.22 32.33
C ARG E 647 38.48 -20.61 31.43
N ASN E 648 38.04 -19.68 30.58
CA ASN E 648 36.81 -19.87 29.80
C ASN E 648 36.98 -20.89 28.68
N GLU E 649 38.18 -20.99 28.08
CA GLU E 649 38.39 -21.96 27.01
C GLU E 649 38.26 -23.41 27.46
N GLN E 650 38.39 -23.67 28.76
CA GLN E 650 38.22 -25.01 29.32
C GLN E 650 36.84 -25.23 29.93
N LEU E 651 35.89 -24.33 29.69
CA LEU E 651 34.56 -24.40 30.28
C LEU E 651 33.50 -24.54 29.19
N ASP E 652 32.54 -25.45 29.43
CA ASP E 652 31.39 -25.57 28.55
C ASP E 652 30.48 -24.35 28.62
N TRP E 653 30.42 -23.69 29.78
CA TRP E 653 29.62 -22.48 29.97
C TRP E 653 30.54 -21.35 30.41
N PRO E 654 31.19 -20.68 29.46
CA PRO E 654 32.12 -19.60 29.82
C PRO E 654 31.40 -18.36 30.33
N TYR E 655 32.05 -17.68 31.27
CA TYR E 655 31.61 -16.38 31.76
C TYR E 655 32.49 -15.32 31.08
N GLU E 656 31.90 -14.56 30.17
CA GLU E 656 32.66 -13.63 29.33
C GLU E 656 32.31 -12.18 29.59
N TYR E 657 31.35 -11.90 30.48
CA TYR E 657 30.82 -10.54 30.61
C TYR E 657 31.79 -9.61 31.32
N LEU E 658 32.73 -10.16 32.09
CA LEU E 658 33.68 -9.37 32.84
C LEU E 658 35.08 -9.41 32.23
N LYS E 659 35.19 -9.77 30.96
CA LYS E 659 36.42 -9.55 30.23
C LYS E 659 36.60 -8.05 30.03
N PRO E 660 37.76 -7.48 30.40
CA PRO E 660 37.95 -6.02 30.33
C PRO E 660 37.80 -5.40 28.95
N SER E 661 38.13 -6.14 27.88
CA SER E 661 37.85 -5.65 26.53
C SER E 661 36.34 -5.58 26.27
N CYS E 662 35.56 -6.43 26.92
CA CYS E 662 34.11 -6.43 26.78
C CYS E 662 33.41 -5.61 27.86
N ILE E 663 34.16 -5.04 28.79
CA ILE E 663 33.61 -4.12 29.79
C ILE E 663 33.71 -2.71 29.22
N GLU E 664 32.56 -2.07 29.05
CA GLU E 664 32.55 -0.70 28.57
C GLU E 664 33.01 0.24 29.67
N ASN E 665 33.71 1.31 29.27
CA ASN E 665 34.30 2.26 30.21
C ASN E 665 33.27 3.10 30.96
N SER E 666 32.01 3.06 30.57
CA SER E 666 30.95 3.78 31.29
C SER E 666 29.62 3.11 31.00
N VAL E 667 28.60 3.55 31.71
CA VAL E 667 27.23 3.07 31.49
C VAL E 667 26.68 3.86 30.30
N THR E 668 26.73 3.26 29.11
CA THR E 668 26.23 3.91 27.91
C THR E 668 25.03 3.23 27.28
N ILE E 669 24.67 2.02 27.71
CA ILE E 669 23.60 1.30 27.04
C ILE E 669 22.83 0.41 28.02
N GLY F 8 67.81 6.34 23.55
CA GLY F 8 67.32 5.25 22.73
C GLY F 8 65.81 5.11 22.76
N ARG F 9 65.13 6.17 23.15
CA ARG F 9 63.67 6.19 23.23
C ARG F 9 63.11 6.79 21.94
N TYR F 10 62.63 5.93 21.04
CA TYR F 10 61.95 6.34 19.84
C TYR F 10 60.46 6.48 20.12
N ARG F 11 59.93 7.67 19.91
CA ARG F 11 58.49 7.90 20.06
C ARG F 11 57.84 7.77 18.70
N ILE F 12 56.91 6.83 18.55
CA ILE F 12 56.26 6.57 17.27
C ILE F 12 54.80 6.98 17.38
N ARG F 13 54.40 7.94 16.57
CA ARG F 13 53.04 8.46 16.57
C ARG F 13 52.34 8.03 15.29
N VAL F 14 51.25 7.29 15.44
CA VAL F 14 50.52 6.75 14.31
C VAL F 14 49.25 7.55 14.11
N ALA F 15 49.22 8.39 13.07
CA ALA F 15 48.03 9.12 12.70
C ALA F 15 47.19 8.17 11.84
N THR F 16 45.93 7.98 12.21
CA THR F 16 45.01 7.07 11.52
C THR F 16 43.88 7.87 10.87
N GLY F 17 43.82 7.82 9.54
CA GLY F 17 42.74 8.48 8.83
C GLY F 17 41.37 7.85 9.09
N ALA F 18 41.30 6.52 9.06
CA ALA F 18 40.03 5.85 9.27
C ALA F 18 40.28 4.43 9.75
N TRP F 19 39.27 3.84 10.38
CA TRP F 19 39.36 2.46 10.81
C TRP F 19 37.97 1.88 10.98
N LEU F 20 37.89 0.56 10.84
CA LEU F 20 36.68 -0.23 11.09
C LEU F 20 37.16 -1.48 11.83
N PHE F 21 37.11 -1.41 13.16
CA PHE F 21 37.61 -2.47 14.04
C PHE F 21 36.43 -3.17 14.68
N SER F 22 36.12 -4.38 14.17
CA SER F 22 35.05 -5.18 14.76
C SER F 22 35.41 -5.63 16.17
N GLY F 23 36.64 -6.05 16.38
CA GLY F 23 37.10 -6.54 17.66
C GLY F 23 37.77 -5.47 18.49
N SER F 24 38.67 -5.90 19.38
CA SER F 24 39.37 -4.99 20.28
C SER F 24 40.89 -5.15 20.26
N TYR F 25 41.42 -6.27 19.76
CA TYR F 25 42.86 -6.50 19.71
C TYR F 25 43.29 -6.48 18.24
N ASN F 26 43.68 -5.31 17.77
CA ASN F 26 44.18 -5.10 16.42
C ASN F 26 45.66 -4.71 16.51
N ARG F 27 46.52 -5.71 16.47
CA ARG F 27 47.95 -5.51 16.67
C ARG F 27 48.66 -5.26 15.33
N VAL F 28 49.77 -4.54 15.41
CA VAL F 28 50.57 -4.21 14.23
C VAL F 28 52.04 -4.44 14.57
N GLN F 29 52.73 -5.21 13.72
CA GLN F 29 54.17 -5.31 13.79
C GLN F 29 54.76 -4.17 12.98
N LEU F 30 55.59 -3.35 13.62
CA LEU F 30 56.18 -2.18 12.99
C LEU F 30 57.70 -2.32 13.01
N TRP F 31 58.33 -2.09 11.86
CA TRP F 31 59.78 -2.11 11.75
C TRP F 31 60.28 -0.70 11.49
N LEU F 32 61.23 -0.26 12.30
CA LEU F 32 61.96 0.98 12.09
C LEU F 32 63.25 0.60 11.37
N VAL F 33 63.29 0.81 10.06
CA VAL F 33 64.43 0.45 9.23
C VAL F 33 65.29 1.69 9.04
N GLY F 34 66.54 1.62 9.48
CA GLY F 34 67.49 2.70 9.35
C GLY F 34 68.69 2.30 8.52
N THR F 35 69.61 3.25 8.37
CA THR F 35 70.82 3.03 7.59
C THR F 35 71.74 1.99 8.24
N ARG F 36 71.67 1.84 9.57
CA ARG F 36 72.55 0.94 10.29
C ARG F 36 71.83 -0.27 10.88
N GLY F 37 70.52 -0.35 10.76
CA GLY F 37 69.80 -1.49 11.28
C GLY F 37 68.31 -1.22 11.35
N GLU F 38 67.58 -2.26 11.77
CA GLU F 38 66.14 -2.19 11.90
C GLU F 38 65.71 -2.73 13.26
N ALA F 39 64.58 -2.23 13.75
CA ALA F 39 64.02 -2.63 15.03
C ALA F 39 62.56 -3.05 14.85
N GLU F 40 62.19 -4.15 15.49
CA GLU F 40 60.83 -4.69 15.41
C GLU F 40 60.04 -4.35 16.67
N LEU F 41 58.79 -3.94 16.48
CA LEU F 41 57.88 -3.55 17.55
C LEU F 41 56.53 -4.22 17.35
N GLU F 42 55.82 -4.36 18.46
CA GLU F 42 54.42 -4.78 18.45
C GLU F 42 53.59 -3.66 19.07
N LEU F 43 52.65 -3.12 18.30
CA LEU F 43 51.84 -2.00 18.73
C LEU F 43 50.37 -2.41 18.81
N GLN F 44 49.68 -1.93 19.84
CA GLN F 44 48.26 -2.18 20.03
C GLN F 44 47.49 -0.95 19.55
N LEU F 45 46.90 -1.06 18.36
CA LEU F 45 46.18 0.07 17.77
C LEU F 45 44.85 0.30 18.47
N ARG F 46 44.68 1.49 19.04
CA ARG F 46 43.40 1.95 19.58
C ARG F 46 43.16 3.37 19.05
N PRO F 47 42.76 3.50 17.77
CA PRO F 47 42.65 4.83 17.17
C PRO F 47 41.55 5.68 17.78
N ALA F 48 41.79 6.99 17.75
CA ALA F 48 40.82 7.98 18.18
C ALA F 48 40.62 9.01 17.07
N ARG F 49 39.45 9.63 17.05
CA ARG F 49 39.17 10.65 16.05
C ARG F 49 39.83 11.96 16.47
N GLY F 50 40.61 12.54 15.58
CA GLY F 50 41.26 13.80 15.85
C GLY F 50 42.55 13.71 16.64
N GLU F 51 42.93 12.52 17.09
CA GLU F 51 44.14 12.33 17.88
C GLU F 51 44.94 11.14 17.36
N GLU F 52 46.26 11.29 17.32
CA GLU F 52 47.15 10.22 16.89
C GLU F 52 47.53 9.37 18.10
N GLU F 53 48.12 8.21 17.83
CA GLU F 53 48.47 7.27 18.89
C GLU F 53 49.98 7.31 19.14
N GLU F 54 50.38 7.63 20.37
CA GLU F 54 51.79 7.62 20.73
C GLU F 54 52.23 6.25 21.21
N PHE F 55 53.50 5.93 20.94
CA PHE F 55 54.08 4.63 21.30
C PHE F 55 55.55 4.86 21.64
N ASP F 56 55.85 4.97 22.93
CA ASP F 56 57.23 5.14 23.39
C ASP F 56 57.91 3.79 23.43
N HIS F 57 59.01 3.62 22.69
CA HIS F 57 59.69 2.34 22.67
C HIS F 57 61.20 2.51 22.73
N ASP F 58 61.85 1.67 23.55
CA ASP F 58 63.30 1.73 23.73
C ASP F 58 63.97 0.77 22.76
N VAL F 59 64.84 1.29 21.89
CA VAL F 59 65.58 0.52 20.92
C VAL F 59 67.03 0.43 21.38
N ALA F 60 67.52 -0.79 21.62
CA ALA F 60 68.89 -0.96 22.07
C ALA F 60 69.89 -0.72 20.95
N GLU F 61 69.61 -1.21 19.75
CA GLU F 61 70.53 -1.09 18.63
C GLU F 61 70.52 0.33 18.07
N ASP F 62 71.64 0.73 17.48
CA ASP F 62 71.76 2.04 16.85
C ASP F 62 71.22 1.94 15.43
N LEU F 63 70.03 2.52 15.20
CA LEU F 63 69.40 2.45 13.89
C LEU F 63 69.95 3.47 12.90
N GLY F 64 70.67 4.49 13.39
CA GLY F 64 71.12 5.56 12.52
C GLY F 64 69.96 6.41 12.03
N LEU F 65 70.12 6.92 10.80
CA LEU F 65 69.06 7.71 10.19
C LEU F 65 67.97 6.78 9.68
N LEU F 66 66.73 7.04 10.09
CA LEU F 66 65.62 6.17 9.73
C LEU F 66 65.19 6.42 8.29
N GLN F 67 65.01 5.34 7.54
CA GLN F 67 64.62 5.41 6.14
C GLN F 67 63.27 4.79 5.85
N PHE F 68 62.89 3.71 6.53
CA PHE F 68 61.63 3.05 6.24
C PHE F 68 60.88 2.72 7.53
N VAL F 69 59.56 2.61 7.40
CA VAL F 69 58.73 2.01 8.44
C VAL F 69 57.93 0.90 7.77
N ARG F 70 58.05 -0.32 8.28
CA ARG F 70 57.34 -1.47 7.72
C ARG F 70 56.18 -1.86 8.62
N LEU F 71 55.05 -2.18 8.01
CA LEU F 71 53.82 -2.48 8.74
C LEU F 71 53.30 -3.85 8.35
N ARG F 72 52.98 -4.68 9.35
CA ARG F 72 52.23 -5.91 9.13
C ARG F 72 51.08 -5.96 10.12
N LYS F 73 49.87 -6.19 9.62
CA LYS F 73 48.74 -6.42 10.50
C LYS F 73 48.87 -7.81 11.12
N HIS F 74 48.86 -7.87 12.45
CA HIS F 74 49.17 -9.10 13.17
C HIS F 74 47.87 -9.71 13.68
N HIS F 75 47.41 -10.76 12.97
CA HIS F 75 46.22 -11.55 13.31
C HIS F 75 44.96 -10.69 13.43
N TRP F 76 44.58 -10.10 12.30
CA TRP F 76 43.43 -9.21 12.23
C TRP F 76 42.20 -9.95 11.71
N LEU F 77 41.03 -9.48 12.11
CA LEU F 77 39.78 -9.95 11.57
C LEU F 77 39.65 -9.55 10.09
N VAL F 78 38.90 -10.36 9.34
CA VAL F 78 38.72 -10.13 7.91
C VAL F 78 37.98 -8.83 7.62
N ASP F 79 37.03 -8.46 8.47
CA ASP F 79 36.24 -7.25 8.28
C ASP F 79 36.91 -6.00 8.85
N ASP F 80 38.08 -6.14 9.46
CA ASP F 80 38.76 -5.01 10.07
C ASP F 80 39.57 -4.27 9.00
N ALA F 81 39.38 -2.96 8.92
CA ALA F 81 40.06 -2.14 7.93
C ALA F 81 40.76 -0.98 8.62
N TRP F 82 41.90 -0.56 8.06
CA TRP F 82 42.70 0.50 8.65
C TRP F 82 43.28 1.38 7.54
N PHE F 83 42.84 2.62 7.48
CA PHE F 83 43.41 3.65 6.62
C PHE F 83 44.34 4.47 7.51
N CYS F 84 45.64 4.20 7.39
CA CYS F 84 46.66 4.89 8.16
C CYS F 84 47.02 6.20 7.46
N ASP F 85 46.90 7.32 8.17
CA ASP F 85 47.31 8.60 7.60
C ASP F 85 48.82 8.66 7.46
N ARG F 86 49.55 8.62 8.58
CA ARG F 86 50.99 8.72 8.53
C ARG F 86 51.60 8.23 9.84
N ILE F 87 52.89 7.95 9.81
CA ILE F 87 53.63 7.57 11.00
C ILE F 87 54.80 8.53 11.17
N THR F 88 54.89 9.16 12.34
CA THR F 88 55.99 10.07 12.64
C THR F 88 56.83 9.48 13.76
N VAL F 89 58.15 9.48 13.58
CA VAL F 89 59.06 8.93 14.57
C VAL F 89 59.96 10.05 15.08
N GLN F 90 59.97 10.23 16.40
CA GLN F 90 60.92 11.11 17.06
C GLN F 90 62.07 10.26 17.59
N GLY F 91 63.28 10.63 17.20
CA GLY F 91 64.50 10.01 17.68
C GLY F 91 64.78 10.19 19.16
N PRO F 92 65.83 9.50 19.65
CA PRO F 92 66.22 9.63 21.07
C PRO F 92 66.46 11.04 21.56
N GLY F 93 67.20 11.85 20.78
CA GLY F 93 67.40 13.24 21.13
C GLY F 93 67.39 14.13 19.91
N ALA F 94 66.99 13.55 18.77
CA ALA F 94 66.95 14.29 17.51
C ALA F 94 65.91 15.41 17.55
N CYS F 95 64.73 15.12 18.11
CA CYS F 95 63.57 16.00 18.28
C CYS F 95 62.92 16.41 16.96
N ALA F 96 63.31 15.80 15.85
CA ALA F 96 62.74 16.07 14.54
C ALA F 96 61.84 14.91 14.16
N GLU F 97 60.55 15.19 13.96
CA GLU F 97 59.57 14.14 13.68
C GLU F 97 59.75 13.68 12.25
N VAL F 98 60.54 12.63 12.08
CA VAL F 98 60.72 11.99 10.77
C VAL F 98 59.40 11.41 10.31
N ALA F 99 58.87 11.93 9.22
CA ALA F 99 57.55 11.55 8.73
C ALA F 99 57.61 10.42 7.72
N PHE F 100 56.63 9.52 7.80
CA PHE F 100 56.46 8.40 6.88
C PHE F 100 55.00 8.44 6.46
N PRO F 101 54.67 9.16 5.41
CA PRO F 101 53.27 9.24 4.97
C PRO F 101 52.81 7.93 4.38
N CYS F 102 51.61 7.50 4.76
CA CYS F 102 51.03 6.30 4.18
C CYS F 102 49.81 6.64 3.34
N TYR F 103 48.78 7.23 3.96
CA TYR F 103 47.52 7.64 3.34
C TYR F 103 46.96 6.54 2.44
N ARG F 104 46.84 5.35 3.02
CA ARG F 104 46.46 4.17 2.27
C ARG F 104 45.77 3.18 3.19
N TRP F 105 44.97 2.30 2.61
CA TRP F 105 44.38 1.21 3.36
C TRP F 105 45.43 0.10 3.49
N VAL F 106 45.74 -0.28 4.72
CA VAL F 106 46.65 -1.39 4.97
C VAL F 106 45.83 -2.68 4.84
N GLN F 107 45.97 -3.34 3.70
CA GLN F 107 45.26 -4.60 3.45
C GLN F 107 46.23 -5.79 3.44
N GLY F 108 45.66 -6.96 3.70
CA GLY F 108 46.39 -8.21 3.66
C GLY F 108 47.41 -8.37 4.79
N GLU F 109 48.11 -9.51 4.73
CA GLU F 109 49.15 -9.85 5.69
C GLU F 109 50.55 -9.49 5.20
N ASP F 110 50.66 -8.91 4.01
CA ASP F 110 51.97 -8.53 3.47
C ASP F 110 52.52 -7.30 4.17
N ILE F 111 53.84 -7.17 4.12
CA ILE F 111 54.54 -6.03 4.72
C ILE F 111 54.35 -4.81 3.82
N LEU F 112 53.86 -3.72 4.40
CA LEU F 112 53.72 -2.45 3.71
C LEU F 112 54.89 -1.56 4.09
N SER F 113 55.70 -1.19 3.12
CA SER F 113 56.89 -0.38 3.35
C SER F 113 56.56 1.09 3.09
N LEU F 114 56.74 1.92 4.12
CA LEU F 114 56.53 3.35 4.02
C LEU F 114 57.90 4.01 3.98
N PRO F 115 58.29 4.62 2.86
CA PRO F 115 59.58 5.32 2.81
C PRO F 115 59.56 6.59 3.65
N GLU F 116 60.77 7.08 3.92
CA GLU F 116 60.94 8.36 4.59
C GLU F 116 60.34 9.48 3.74
N GLY F 117 59.75 10.46 4.41
CA GLY F 117 58.84 11.40 3.79
C GLY F 117 59.49 12.44 2.88
N THR F 118 60.82 12.51 2.84
CA THR F 118 61.47 13.44 1.91
C THR F 118 61.27 12.94 0.50
N ALA F 119 60.73 13.79 -0.36
CA ALA F 119 60.51 13.45 -1.75
C ALA F 119 61.85 13.27 -2.47
N ARG F 120 61.92 12.23 -3.29
CA ARG F 120 63.17 11.82 -3.91
C ARG F 120 62.95 11.49 -5.38
N LEU F 121 63.85 11.98 -6.21
CA LEU F 121 63.91 11.63 -7.60
C LEU F 121 64.57 10.25 -7.76
N PRO F 122 64.23 9.51 -8.81
CA PRO F 122 64.93 8.25 -9.08
C PRO F 122 66.39 8.50 -9.44
N GLY F 123 67.24 7.56 -9.02
CA GLY F 123 68.65 7.64 -9.27
C GLY F 123 69.14 6.48 -10.14
N ASP F 124 70.45 6.50 -10.40
CA ASP F 124 71.08 5.44 -11.17
C ASP F 124 71.73 4.38 -10.29
N ASN F 125 71.60 4.51 -8.97
CA ASN F 125 72.14 3.54 -8.03
C ASN F 125 71.06 2.49 -7.79
N ALA F 126 71.22 1.32 -8.39
CA ALA F 126 70.24 0.25 -8.23
C ALA F 126 70.24 -0.33 -6.81
N LEU F 127 71.40 -0.32 -6.14
CA LEU F 127 71.51 -0.86 -4.80
C LEU F 127 70.87 0.02 -3.73
N ASP F 128 70.52 1.26 -4.06
CA ASP F 128 69.84 2.16 -3.13
C ASP F 128 68.48 1.60 -2.73
N MET F 129 68.19 1.66 -1.43
CA MET F 129 66.95 1.09 -0.89
C MET F 129 65.72 1.82 -1.41
N PHE F 130 65.81 3.14 -1.54
CA PHE F 130 64.67 3.91 -2.06
C PHE F 130 64.42 3.61 -3.53
N GLN F 131 65.49 3.39 -4.31
CA GLN F 131 65.34 3.00 -5.71
C GLN F 131 64.67 1.64 -5.85
N LYS F 132 65.07 0.67 -5.00
CA LYS F 132 64.45 -0.65 -5.02
C LYS F 132 62.98 -0.57 -4.60
N HIS F 133 62.71 0.19 -3.55
CA HIS F 133 61.34 0.38 -3.08
C HIS F 133 60.47 1.04 -4.13
N ARG F 134 60.98 2.08 -4.82
CA ARG F 134 60.17 2.75 -5.82
C ARG F 134 59.95 1.87 -7.05
N GLU F 135 60.93 1.04 -7.43
CA GLU F 135 60.71 0.10 -8.53
C GLU F 135 59.66 -0.95 -8.17
N LYS F 136 59.75 -1.51 -6.95
CA LYS F 136 58.77 -2.49 -6.48
C LYS F 136 57.38 -1.88 -6.38
N GLU F 137 57.30 -0.67 -5.84
CA GLU F 137 56.06 0.08 -5.74
C GLU F 137 55.45 0.32 -7.11
N LEU F 138 56.27 0.76 -8.08
CA LEU F 138 55.79 0.97 -9.45
C LEU F 138 55.25 -0.31 -10.08
N LYS F 139 55.89 -1.45 -9.82
CA LYS F 139 55.36 -2.72 -10.31
C LYS F 139 54.01 -3.06 -9.68
N ASP F 140 53.90 -2.90 -8.35
CA ASP F 140 52.63 -3.11 -7.64
C ASP F 140 51.53 -2.19 -8.17
N ARG F 141 51.85 -0.91 -8.39
CA ARG F 141 50.87 0.05 -8.86
C ARG F 141 50.45 -0.25 -10.30
N GLN F 142 51.40 -0.64 -11.15
CA GLN F 142 51.08 -0.99 -12.52
C GLN F 142 50.32 -2.29 -12.62
N GLN F 143 50.31 -3.10 -11.56
CA GLN F 143 49.41 -4.26 -11.54
C GLN F 143 48.03 -3.94 -10.95
N ILE F 144 47.92 -3.01 -10.01
CA ILE F 144 46.58 -2.69 -9.52
C ILE F 144 45.91 -1.57 -10.32
N TYR F 145 46.67 -0.63 -10.89
CA TYR F 145 46.12 0.48 -11.67
C TYR F 145 46.35 0.19 -13.14
N CYS F 146 45.30 -0.26 -13.83
CA CYS F 146 45.39 -0.57 -15.24
C CYS F 146 44.47 0.34 -16.05
N TRP F 147 44.86 0.59 -17.30
CA TRP F 147 44.05 1.36 -18.22
C TRP F 147 42.93 0.49 -18.79
N ALA F 148 41.79 1.11 -19.06
CA ALA F 148 40.70 0.47 -19.78
C ALA F 148 40.18 1.39 -20.88
N THR F 149 39.79 0.79 -22.00
CA THR F 149 39.13 1.51 -23.09
C THR F 149 37.63 1.41 -22.87
N TRP F 150 37.03 2.46 -22.28
CA TRP F 150 35.59 2.49 -22.11
C TRP F 150 34.87 2.60 -23.45
N LYS F 151 35.28 3.57 -24.28
CA LYS F 151 34.81 3.70 -25.65
C LYS F 151 36.02 4.01 -26.53
N GLU F 152 36.02 3.46 -27.75
CA GLU F 152 37.09 3.75 -28.69
C GLU F 152 37.11 5.23 -29.05
N GLY F 153 38.31 5.77 -29.27
CA GLY F 153 38.46 7.15 -29.62
C GLY F 153 38.44 8.12 -28.44
N LEU F 154 38.09 7.63 -27.25
CA LEU F 154 38.01 8.38 -26.01
C LEU F 154 39.28 8.20 -25.20
N PRO F 155 39.59 9.14 -24.29
CA PRO F 155 40.68 8.90 -23.35
C PRO F 155 40.40 7.70 -22.45
N LEU F 156 41.46 6.96 -22.15
CA LEU F 156 41.33 5.71 -21.42
C LEU F 156 40.96 5.96 -19.96
N THR F 157 40.31 4.97 -19.35
CA THR F 157 39.84 5.04 -17.98
C THR F 157 40.56 4.02 -17.13
N ILE F 158 40.33 4.10 -15.82
CA ILE F 158 40.79 3.08 -14.88
C ILE F 158 40.08 1.75 -15.18
N ALA F 159 40.83 0.65 -15.08
CA ALA F 159 40.24 -0.66 -15.32
C ALA F 159 39.35 -1.07 -14.15
N ALA F 160 38.09 -0.70 -14.22
CA ALA F 160 37.12 -1.03 -13.18
C ALA F 160 35.75 -1.05 -13.83
N ASP F 161 35.15 -2.25 -13.93
CA ASP F 161 33.80 -2.37 -14.48
C ASP F 161 32.78 -1.73 -13.56
N ARG F 162 32.95 -1.87 -12.25
CA ARG F 162 32.10 -1.27 -11.24
C ARG F 162 32.99 -0.55 -10.23
N LYS F 163 32.35 0.22 -9.34
CA LYS F 163 33.08 0.91 -8.28
C LYS F 163 33.77 -0.07 -7.33
N ASP F 164 33.21 -1.27 -7.15
CA ASP F 164 33.84 -2.28 -6.32
C ASP F 164 35.10 -2.87 -6.96
N ASP F 165 35.27 -2.71 -8.27
CA ASP F 165 36.47 -3.19 -8.95
C ASP F 165 37.64 -2.22 -8.87
N LEU F 166 37.42 -1.03 -8.31
CA LEU F 166 38.44 -0.03 -8.18
C LEU F 166 39.48 -0.45 -7.13
N PRO F 167 40.70 0.07 -7.23
CA PRO F 167 41.66 -0.06 -6.13
C PRO F 167 41.14 0.58 -4.87
N PRO F 168 41.37 -0.04 -3.71
CA PRO F 168 40.79 0.47 -2.44
C PRO F 168 41.23 1.87 -2.06
N ASN F 169 42.44 2.27 -2.44
CA ASN F 169 42.94 3.59 -2.06
C ASN F 169 42.27 4.70 -2.86
N MET F 170 41.62 4.37 -3.97
CA MET F 170 40.88 5.33 -4.77
C MET F 170 39.40 5.38 -4.41
N ARG F 171 38.98 4.62 -3.41
CA ARG F 171 37.57 4.55 -3.07
C ARG F 171 37.16 5.77 -2.25
N PHE F 172 35.86 6.08 -2.33
CA PHE F 172 35.27 7.08 -1.43
C PHE F 172 35.47 6.67 0.02
N HIS F 173 35.81 7.63 0.85
CA HIS F 173 35.77 7.41 2.27
C HIS F 173 34.32 7.48 2.75
N GLU F 174 34.11 6.97 3.98
CA GLU F 174 32.80 6.75 4.58
C GLU F 174 31.85 7.94 4.46
N GLU F 175 32.31 9.12 4.92
CA GLU F 175 31.49 10.32 4.89
C GLU F 175 31.09 10.72 3.47
N LYS F 176 32.03 10.66 2.52
CA LYS F 176 31.74 11.01 1.12
C LYS F 176 30.74 10.04 0.50
N ARG F 177 30.96 8.73 0.68
CA ARG F 177 30.07 7.71 0.13
C ARG F 177 28.65 7.83 0.71
N LEU F 178 28.56 7.99 2.03
CA LEU F 178 27.25 8.15 2.68
C LEU F 178 26.53 9.41 2.20
N ASP F 179 27.26 10.54 2.11
CA ASP F 179 26.66 11.78 1.61
C ASP F 179 26.19 11.65 0.18
N PHE F 180 27.01 11.02 -0.68
CA PHE F 180 26.68 10.87 -2.09
C PHE F 180 25.44 10.00 -2.29
N GLU F 181 25.40 8.84 -1.61
CA GLU F 181 24.25 7.94 -1.73
C GLU F 181 23.00 8.54 -1.11
N TRP F 182 23.13 9.22 0.04
CA TRP F 182 21.99 9.84 0.69
C TRP F 182 21.44 10.99 -0.14
N THR F 183 22.30 11.79 -0.77
CA THR F 183 21.81 12.84 -1.64
C THR F 183 21.22 12.29 -2.94
N LEU F 184 21.66 11.10 -3.38
CA LEU F 184 20.98 10.47 -4.51
C LEU F 184 19.57 10.04 -4.12
N LYS F 185 19.41 9.49 -2.92
CA LYS F 185 18.08 9.12 -2.44
C LYS F 185 17.20 10.34 -2.20
N ALA F 186 17.79 11.43 -1.69
CA ALA F 186 17.05 12.67 -1.45
C ALA F 186 16.59 13.30 -2.76
N GLY F 187 17.47 13.32 -3.77
CA GLY F 187 17.07 13.82 -5.07
C GLY F 187 16.01 12.96 -5.74
N ALA F 188 16.08 11.64 -5.54
CA ALA F 188 15.06 10.75 -6.07
C ALA F 188 13.72 10.97 -5.39
N LEU F 189 13.74 11.17 -4.06
CA LEU F 189 12.54 11.49 -3.31
C LEU F 189 11.91 12.81 -3.77
N GLU F 190 12.73 13.87 -3.86
CA GLU F 190 12.23 15.17 -4.29
C GLU F 190 11.68 15.12 -5.70
N MET F 191 12.31 14.35 -6.60
CA MET F 191 11.79 14.23 -7.96
C MET F 191 10.48 13.48 -8.00
N ALA F 192 10.34 12.41 -7.20
CA ALA F 192 9.09 11.69 -7.11
C ALA F 192 7.97 12.59 -6.60
N LEU F 193 8.28 13.42 -5.59
CA LEU F 193 7.29 14.37 -5.08
C LEU F 193 6.90 15.42 -6.12
N LYS F 194 7.88 15.92 -6.90
CA LYS F 194 7.59 16.89 -7.94
C LYS F 194 6.74 16.29 -9.05
N ARG F 195 7.03 15.04 -9.43
CA ARG F 195 6.26 14.39 -10.49
C ARG F 195 4.85 14.05 -10.02
N VAL F 196 4.68 13.68 -8.75
CA VAL F 196 3.35 13.51 -8.18
C VAL F 196 2.59 14.83 -8.16
N TYR F 197 3.29 15.93 -7.84
CA TYR F 197 2.67 17.25 -7.77
C TYR F 197 2.13 17.71 -9.13
N THR F 198 2.86 17.43 -10.20
CA THR F 198 2.46 17.87 -11.53
C THR F 198 1.47 16.96 -12.21
N LEU F 199 1.03 15.86 -11.56
CA LEU F 199 0.05 14.97 -12.19
C LEU F 199 -1.30 15.67 -12.35
N LEU F 200 -1.69 16.46 -11.35
CA LEU F 200 -2.97 17.17 -11.36
C LEU F 200 -2.79 18.65 -11.64
N SER F 201 -1.82 18.98 -12.50
CA SER F 201 -1.61 20.36 -12.93
C SER F 201 -1.32 20.38 -14.42
N SER F 202 -1.75 21.46 -15.07
CA SER F 202 -1.50 21.63 -16.50
C SER F 202 -0.04 21.99 -16.76
N TRP F 203 0.44 21.61 -17.95
CA TRP F 203 1.79 21.95 -18.40
C TRP F 203 1.64 22.61 -19.78
N ASN F 204 1.31 23.90 -19.77
CA ASN F 204 1.07 24.63 -21.01
C ASN F 204 1.67 26.02 -21.08
N CYS F 205 2.30 26.50 -20.01
CA CYS F 205 2.90 27.84 -20.00
C CYS F 205 4.23 27.76 -19.28
N LEU F 206 5.05 28.81 -19.46
CA LEU F 206 6.37 28.86 -18.83
C LEU F 206 6.26 28.93 -17.31
N GLU F 207 5.18 29.53 -16.79
CA GLU F 207 4.96 29.63 -15.35
C GLU F 207 4.68 28.29 -14.71
N ASP F 208 4.33 27.27 -15.50
CA ASP F 208 4.14 25.94 -14.98
C ASP F 208 5.46 25.30 -14.56
N PHE F 209 6.60 25.83 -15.06
CA PHE F 209 7.88 25.41 -14.54
C PHE F 209 8.12 25.91 -13.11
N ASP F 210 7.31 26.85 -12.63
CA ASP F 210 7.30 27.22 -11.22
C ASP F 210 6.80 26.08 -10.35
N GLN F 211 5.99 25.16 -10.90
CA GLN F 211 5.47 24.03 -10.11
C GLN F 211 6.58 23.10 -9.65
N ILE F 212 7.69 23.02 -10.39
CA ILE F 212 8.83 22.19 -10.02
C ILE F 212 10.02 23.00 -9.56
N PHE F 213 10.00 24.33 -9.64
CA PHE F 213 11.17 25.13 -9.30
C PHE F 213 11.21 25.36 -7.79
N TRP F 214 11.61 24.33 -7.06
CA TRP F 214 11.76 24.42 -5.61
C TRP F 214 12.68 23.32 -5.12
N GLY F 215 13.15 23.49 -3.88
CA GLY F 215 14.02 22.54 -3.19
C GLY F 215 15.44 22.46 -3.70
N GLN F 216 15.59 22.18 -5.00
CA GLN F 216 16.88 22.10 -5.67
C GLN F 216 17.08 23.36 -6.50
N LYS F 217 17.37 24.46 -5.80
CA LYS F 217 17.59 25.74 -6.46
C LYS F 217 18.47 26.59 -5.54
N SER F 218 18.81 27.78 -6.03
CA SER F 218 19.61 28.74 -5.30
C SER F 218 19.01 30.12 -5.49
N ALA F 219 19.57 31.10 -4.77
CA ALA F 219 19.15 32.49 -4.95
C ALA F 219 19.49 32.99 -6.35
N LEU F 220 20.67 32.60 -6.85
CA LEU F 220 21.04 32.91 -8.23
C LEU F 220 20.10 32.23 -9.21
N ALA F 221 19.67 31.01 -8.91
CA ALA F 221 18.69 30.31 -9.75
C ALA F 221 17.34 31.02 -9.74
N GLU F 222 16.93 31.58 -8.60
CA GLU F 222 15.72 32.38 -8.56
C GLU F 222 15.86 33.64 -9.42
N LYS F 223 17.03 34.30 -9.35
CA LYS F 223 17.29 35.44 -10.21
C LYS F 223 17.27 35.04 -11.69
N VAL F 224 17.71 33.81 -11.99
CA VAL F 224 17.66 33.28 -13.34
C VAL F 224 16.21 33.08 -13.78
N ARG F 225 15.37 32.53 -12.90
CA ARG F 225 13.94 32.39 -13.18
C ARG F 225 13.29 33.76 -13.42
N GLN F 226 13.74 34.77 -12.71
CA GLN F 226 13.21 36.12 -12.92
C GLN F 226 13.70 36.74 -14.23
N CYS F 227 14.92 36.40 -14.69
CA CYS F 227 15.53 37.16 -15.77
C CYS F 227 16.00 36.33 -16.96
N TRP F 228 15.54 35.08 -17.10
CA TRP F 228 16.03 34.23 -18.19
C TRP F 228 15.60 34.73 -19.56
N GLN F 229 14.40 35.33 -19.67
CA GLN F 229 13.94 35.84 -20.96
C GLN F 229 14.69 37.09 -21.39
N ASP F 230 15.42 37.74 -20.48
CA ASP F 230 16.24 38.89 -20.84
C ASP F 230 17.39 38.43 -21.72
N ASP F 231 17.60 39.14 -22.83
CA ASP F 231 18.74 38.89 -23.71
C ASP F 231 20.07 39.15 -23.01
N GLU F 232 20.08 40.05 -22.02
CA GLU F 232 21.29 40.36 -21.26
C GLU F 232 21.79 39.15 -20.49
N LEU F 233 20.89 38.45 -19.78
CA LEU F 233 21.29 37.27 -19.01
C LEU F 233 21.71 36.13 -19.92
N PHE F 234 20.98 35.94 -21.04
CA PHE F 234 21.32 34.96 -22.05
C PHE F 234 22.74 35.17 -22.59
N SER F 235 23.08 36.43 -22.88
CA SER F 235 24.42 36.76 -23.34
C SER F 235 25.45 36.62 -22.21
N TYR F 236 25.06 36.97 -20.98
CA TYR F 236 25.93 36.90 -19.83
C TYR F 236 26.37 35.46 -19.53
N GLN F 237 25.49 34.49 -19.80
CA GLN F 237 25.79 33.09 -19.53
C GLN F 237 26.99 32.59 -20.36
N PHE F 238 27.25 33.19 -21.51
CA PHE F 238 28.41 32.81 -22.31
C PHE F 238 29.72 33.23 -21.65
N LEU F 239 29.73 34.33 -20.91
CA LEU F 239 30.93 34.81 -20.25
C LEU F 239 31.08 34.25 -18.84
N ASN F 240 30.01 34.30 -18.04
CA ASN F 240 30.12 34.00 -16.61
C ASN F 240 29.01 33.06 -16.14
N GLY F 241 28.45 32.28 -17.04
CA GLY F 241 27.44 31.29 -16.69
C GLY F 241 28.03 29.95 -16.30
N ALA F 242 27.24 28.90 -16.53
CA ALA F 242 27.70 27.54 -16.26
C ALA F 242 28.78 27.11 -17.25
N ASN F 243 28.73 27.61 -18.49
CA ASN F 243 29.65 27.20 -19.54
C ASN F 243 30.35 28.43 -20.11
N PRO F 244 31.44 28.87 -19.50
CA PRO F 244 32.22 29.98 -20.06
C PRO F 244 33.31 29.57 -21.04
N MET F 245 33.29 28.32 -21.50
CA MET F 245 34.40 27.72 -22.23
C MET F 245 34.24 27.78 -23.75
N LEU F 246 33.11 28.23 -24.26
CA LEU F 246 32.80 28.11 -25.67
C LEU F 246 32.87 29.42 -26.44
N LEU F 247 32.42 30.51 -25.83
CA LEU F 247 32.37 31.82 -26.50
C LEU F 247 33.77 32.29 -26.89
N ARG F 248 33.92 32.74 -28.12
CA ARG F 248 35.20 33.22 -28.63
C ARG F 248 34.97 34.48 -29.45
N ARG F 249 35.98 35.35 -29.45
CA ARG F 249 35.94 36.55 -30.27
C ARG F 249 36.05 36.19 -31.74
N SER F 250 35.22 36.84 -32.56
CA SER F 250 35.20 36.56 -34.00
C SER F 250 36.29 37.38 -34.68
N THR F 251 37.30 36.68 -35.24
CA THR F 251 38.26 37.33 -36.11
C THR F 251 37.71 37.52 -37.51
N SER F 252 36.66 36.79 -37.88
CA SER F 252 36.00 36.92 -39.15
C SER F 252 34.58 36.41 -39.01
N LEU F 253 33.73 36.77 -39.96
CA LEU F 253 32.38 36.22 -40.00
C LEU F 253 32.45 34.72 -40.28
N PRO F 254 31.72 33.89 -39.53
CA PRO F 254 31.75 32.45 -39.78
C PRO F 254 31.17 32.09 -41.14
N SER F 255 31.74 31.04 -41.74
CA SER F 255 31.28 30.55 -43.04
C SER F 255 29.85 30.03 -42.97
N ARG F 256 29.50 29.36 -41.88
CA ARG F 256 28.13 28.84 -41.70
C ARG F 256 27.10 29.96 -41.55
N LEU F 257 27.51 31.16 -41.17
CA LEU F 257 26.58 32.28 -41.03
C LEU F 257 26.21 32.77 -42.43
N VAL F 258 25.23 32.11 -43.03
CA VAL F 258 24.73 32.47 -44.35
C VAL F 258 23.53 33.40 -44.17
N LEU F 259 23.65 34.62 -44.65
CA LEU F 259 22.56 35.58 -44.53
C LEU F 259 21.70 35.56 -45.79
N PRO F 260 20.37 35.40 -45.66
CA PRO F 260 19.50 35.55 -46.82
C PRO F 260 19.37 37.00 -47.29
N SER F 261 18.65 37.21 -48.39
CA SER F 261 18.36 38.55 -48.86
C SER F 261 17.47 39.29 -47.87
N GLY F 262 17.64 40.61 -47.81
CA GLY F 262 16.93 41.44 -46.87
C GLY F 262 17.59 41.56 -45.52
N MET F 263 18.69 40.86 -45.28
CA MET F 263 19.47 40.96 -44.05
C MET F 263 20.67 41.89 -44.20
N GLU F 264 20.55 42.91 -45.05
CA GLU F 264 21.67 43.84 -45.26
C GLU F 264 21.97 44.67 -44.02
N GLU F 265 20.93 45.02 -43.25
CA GLU F 265 21.15 45.73 -41.99
C GLU F 265 21.91 44.87 -40.99
N LEU F 266 21.53 43.59 -40.87
CA LEU F 266 22.24 42.67 -40.00
C LEU F 266 23.66 42.43 -40.47
N GLN F 267 23.86 42.37 -41.79
CA GLN F 267 25.21 42.24 -42.35
C GLN F 267 26.07 43.45 -42.03
N ALA F 268 25.50 44.66 -42.13
CA ALA F 268 26.22 45.88 -41.79
C ALA F 268 26.56 45.93 -40.31
N GLN F 269 25.62 45.52 -39.45
CA GLN F 269 25.90 45.48 -38.01
C GLN F 269 26.98 44.45 -37.66
N LEU F 270 26.93 43.28 -38.29
CA LEU F 270 27.95 42.26 -38.06
C LEU F 270 29.32 42.71 -38.54
N GLU F 271 29.39 43.38 -39.69
CA GLU F 271 30.65 43.91 -40.18
C GLU F 271 31.18 45.02 -39.27
N LYS F 272 30.29 45.88 -38.77
CA LYS F 272 30.69 46.95 -37.84
C LYS F 272 31.23 46.38 -36.53
N GLU F 273 30.56 45.37 -35.98
CA GLU F 273 31.07 44.71 -34.77
C GLU F 273 32.38 43.97 -35.04
N LEU F 274 32.53 43.40 -36.23
CA LEU F 274 33.75 42.71 -36.59
C LEU F 274 34.94 43.65 -36.69
N GLN F 275 34.77 44.78 -37.40
CA GLN F 275 35.86 45.76 -37.49
C GLN F 275 36.10 46.47 -36.15
N ASN F 276 35.06 46.60 -35.32
CA ASN F 276 35.23 47.19 -34.00
C ASN F 276 35.93 46.25 -33.02
N GLY F 277 36.02 44.96 -33.35
CA GLY F 277 36.59 43.99 -32.45
C GLY F 277 35.69 43.58 -31.30
N SER F 278 34.42 43.96 -31.35
CA SER F 278 33.46 43.62 -30.30
C SER F 278 32.52 42.51 -30.73
N LEU F 279 32.84 41.80 -31.80
CA LEU F 279 32.02 40.70 -32.30
C LEU F 279 32.51 39.39 -31.69
N PHE F 280 31.58 38.65 -31.09
CA PHE F 280 31.88 37.39 -30.44
C PHE F 280 30.95 36.34 -31.01
N GLU F 281 31.35 35.07 -30.89
CA GLU F 281 30.53 34.00 -31.40
C GLU F 281 30.57 32.82 -30.43
N ALA F 282 29.46 32.09 -30.40
CA ALA F 282 29.41 30.78 -29.75
C ALA F 282 28.87 29.84 -30.82
N ASP F 283 29.78 29.04 -31.37
CA ASP F 283 29.47 28.08 -32.43
C ASP F 283 29.34 26.71 -31.81
N PHE F 284 28.15 26.13 -31.91
CA PHE F 284 27.88 24.79 -31.39
C PHE F 284 27.95 23.75 -32.48
N ILE F 285 28.84 23.96 -33.46
CA ILE F 285 28.96 23.13 -34.66
C ILE F 285 29.42 21.71 -34.35
N LEU F 286 29.98 21.47 -33.15
CA LEU F 286 30.38 20.13 -32.74
C LEU F 286 29.18 19.19 -32.60
N LEU F 287 27.99 19.73 -32.41
CA LEU F 287 26.74 18.98 -32.30
C LEU F 287 26.11 18.63 -33.64
N ASP F 288 26.69 19.10 -34.76
CA ASP F 288 26.11 18.84 -36.06
C ASP F 288 26.26 17.37 -36.44
N GLY F 289 25.16 16.75 -36.83
CA GLY F 289 25.18 15.34 -37.19
C GLY F 289 25.19 14.39 -36.01
N ILE F 290 24.99 14.89 -34.80
CA ILE F 290 24.93 14.04 -33.61
C ILE F 290 23.51 13.48 -33.51
N PRO F 291 23.34 12.17 -33.49
CA PRO F 291 21.99 11.59 -33.33
C PRO F 291 21.41 11.91 -31.97
N ALA F 292 20.14 12.29 -31.96
CA ALA F 292 19.47 12.68 -30.74
C ALA F 292 18.84 11.48 -30.06
N ASN F 293 18.58 11.63 -28.77
CA ASN F 293 18.03 10.56 -27.95
C ASN F 293 16.58 10.27 -28.32
N VAL F 294 16.14 9.07 -27.99
CA VAL F 294 14.73 8.70 -28.00
C VAL F 294 14.38 8.28 -26.59
N ILE F 295 13.61 9.11 -25.89
CA ILE F 295 13.30 8.91 -24.49
C ILE F 295 11.84 8.49 -24.38
N ARG F 296 11.64 7.25 -23.92
CA ARG F 296 10.31 6.64 -23.69
C ARG F 296 9.45 6.68 -24.95
N GLY F 297 10.06 6.37 -26.10
CA GLY F 297 9.39 6.42 -27.38
C GLY F 297 9.24 7.80 -27.99
N GLU F 298 9.58 8.87 -27.25
CA GLU F 298 9.51 10.22 -27.77
C GLU F 298 10.87 10.64 -28.29
N LYS F 299 10.91 11.10 -29.55
CA LYS F 299 12.16 11.52 -30.16
C LYS F 299 12.59 12.87 -29.62
N GLN F 300 13.81 12.93 -29.11
CA GLN F 300 14.42 14.22 -28.81
C GLN F 300 15.04 14.79 -30.09
N TYR F 301 15.40 16.07 -30.03
CA TYR F 301 15.97 16.74 -31.19
C TYR F 301 17.17 17.57 -30.77
N LEU F 302 18.14 17.67 -31.69
CA LEU F 302 19.38 18.39 -31.45
C LEU F 302 19.62 19.38 -32.59
N ALA F 303 20.36 20.44 -32.27
CA ALA F 303 20.77 21.42 -33.26
C ALA F 303 22.21 21.79 -33.02
N ALA F 304 22.84 22.37 -34.04
CA ALA F 304 24.18 22.96 -33.95
C ALA F 304 24.13 24.46 -34.23
N PRO F 305 23.66 25.27 -33.28
CA PRO F 305 23.49 26.71 -33.54
C PRO F 305 24.80 27.47 -33.60
N LEU F 306 24.70 28.67 -34.15
CA LEU F 306 25.71 29.72 -34.02
C LEU F 306 25.00 30.95 -33.50
N VAL F 307 25.49 31.51 -32.40
CA VAL F 307 24.95 32.76 -31.89
C VAL F 307 26.06 33.81 -31.94
N MET F 308 25.73 34.96 -32.52
CA MET F 308 26.67 36.07 -32.63
C MET F 308 26.31 37.14 -31.61
N LEU F 309 27.30 37.51 -30.81
CA LEU F 309 27.15 38.47 -29.72
C LEU F 309 27.89 39.74 -30.08
N LYS F 310 27.44 40.86 -29.53
CA LYS F 310 28.16 42.12 -29.64
C LYS F 310 28.46 42.65 -28.23
N MET F 311 29.68 43.13 -28.05
CA MET F 311 30.09 43.74 -26.79
C MET F 311 29.85 45.24 -26.86
N GLU F 312 28.84 45.71 -26.13
CA GLU F 312 28.60 47.13 -26.02
C GLU F 312 29.67 47.78 -25.14
N PRO F 313 29.86 49.11 -25.26
CA PRO F 313 30.81 49.83 -24.38
C PRO F 313 30.60 49.64 -22.88
N ASN F 314 29.37 49.41 -22.41
CA ASN F 314 29.17 49.16 -20.97
C ASN F 314 29.68 47.77 -20.49
N GLY F 315 30.32 46.95 -21.32
CA GLY F 315 30.84 45.66 -20.89
C GLY F 315 29.84 44.54 -20.88
N LYS F 316 28.65 44.74 -21.45
CA LYS F 316 27.61 43.74 -21.50
C LYS F 316 27.48 43.21 -22.92
N LEU F 317 27.47 41.89 -23.06
CA LEU F 317 27.21 41.27 -24.36
C LEU F 317 25.74 41.39 -24.72
N GLN F 318 25.48 41.53 -26.03
CA GLN F 318 24.12 41.57 -26.55
C GLN F 318 24.01 40.67 -27.78
N PRO F 319 22.94 39.88 -27.88
CA PRO F 319 22.82 38.94 -29.00
C PRO F 319 22.41 39.64 -30.29
N MET F 320 23.10 39.30 -31.37
CA MET F 320 22.80 39.86 -32.68
C MET F 320 21.93 38.94 -33.52
N VAL F 321 22.31 37.66 -33.64
CA VAL F 321 21.60 36.72 -34.49
C VAL F 321 21.85 35.32 -33.96
N ILE F 322 20.82 34.47 -34.08
CA ILE F 322 20.89 33.05 -33.77
C ILE F 322 20.54 32.27 -35.03
N GLN F 323 21.46 31.40 -35.46
CA GLN F 323 21.19 30.41 -36.50
C GLN F 323 21.12 29.05 -35.81
N ILE F 324 19.91 28.51 -35.69
CA ILE F 324 19.73 27.28 -34.91
C ILE F 324 20.34 26.08 -35.62
N GLN F 325 20.22 26.00 -36.93
CA GLN F 325 20.78 24.86 -37.63
C GLN F 325 21.86 25.31 -38.60
N PRO F 326 22.95 24.55 -38.73
CA PRO F 326 23.96 24.86 -39.75
C PRO F 326 23.41 24.64 -41.14
N PRO F 327 23.96 25.32 -42.15
CA PRO F 327 23.52 25.08 -43.53
C PRO F 327 23.77 23.65 -43.98
N SER F 328 22.86 23.15 -44.79
CA SER F 328 22.87 21.80 -45.34
C SER F 328 22.52 21.90 -46.81
N PRO F 329 22.81 20.85 -47.60
CA PRO F 329 22.26 20.82 -48.98
C PRO F 329 20.74 20.91 -49.03
N SER F 330 20.04 20.31 -48.07
CA SER F 330 18.59 20.42 -48.02
C SER F 330 18.13 21.84 -47.68
N SER F 331 18.83 22.50 -46.75
CA SER F 331 18.48 23.84 -46.29
C SER F 331 19.71 24.73 -46.42
N PRO F 332 19.95 25.28 -47.61
CA PRO F 332 21.15 26.14 -47.80
C PRO F 332 21.15 27.41 -46.97
N THR F 333 19.98 28.00 -46.70
CA THR F 333 19.87 29.25 -45.95
C THR F 333 18.96 29.05 -44.74
N PRO F 334 19.54 28.71 -43.59
CA PRO F 334 18.74 28.55 -42.37
C PRO F 334 18.17 29.89 -41.89
N THR F 335 17.04 29.79 -41.19
CA THR F 335 16.37 30.96 -40.63
C THR F 335 17.27 31.63 -39.60
N LEU F 336 17.41 32.95 -39.72
CA LEU F 336 18.25 33.75 -38.83
C LEU F 336 17.36 34.46 -37.81
N PHE F 337 17.37 33.97 -36.59
CA PHE F 337 16.55 34.56 -35.53
C PHE F 337 17.25 35.76 -34.91
N LEU F 338 16.51 36.85 -34.74
CA LEU F 338 16.99 38.13 -34.27
C LEU F 338 16.21 38.56 -33.03
N PRO F 339 16.78 39.41 -32.18
CA PRO F 339 16.01 39.91 -31.02
C PRO F 339 14.81 40.77 -31.39
N SER F 340 14.74 41.28 -32.62
CA SER F 340 13.61 42.08 -33.10
C SER F 340 12.49 41.23 -33.66
N ASP F 341 12.62 39.90 -33.61
CA ASP F 341 11.61 38.98 -34.13
C ASP F 341 10.37 38.96 -33.24
N PRO F 342 9.32 38.23 -33.64
CA PRO F 342 8.28 37.84 -32.67
C PRO F 342 8.88 37.16 -31.45
N PRO F 343 8.48 37.58 -30.25
CA PRO F 343 9.19 37.19 -29.01
C PRO F 343 9.25 35.69 -28.74
N LEU F 344 8.20 34.94 -29.10
CA LEU F 344 8.20 33.50 -28.84
C LEU F 344 9.23 32.78 -29.69
N ALA F 345 9.39 33.19 -30.96
CA ALA F 345 10.39 32.59 -31.82
C ALA F 345 11.81 32.88 -31.35
N TRP F 346 12.06 34.14 -30.94
CA TRP F 346 13.38 34.51 -30.41
C TRP F 346 13.66 33.78 -29.09
N LEU F 347 12.64 33.65 -28.25
CA LEU F 347 12.78 32.93 -26.99
C LEU F 347 13.10 31.46 -27.23
N LEU F 348 12.43 30.86 -28.21
CA LEU F 348 12.70 29.46 -28.57
C LEU F 348 14.10 29.30 -29.15
N ALA F 349 14.55 30.27 -29.96
CA ALA F 349 15.91 30.24 -30.48
C ALA F 349 16.95 30.34 -29.37
N LYS F 350 16.70 31.22 -28.39
CA LYS F 350 17.59 31.32 -27.24
C LYS F 350 17.58 30.05 -26.41
N SER F 351 16.40 29.42 -26.27
CA SER F 351 16.30 28.16 -25.54
C SER F 351 17.05 27.04 -26.26
N TRP F 352 17.00 27.04 -27.60
CA TRP F 352 17.77 26.08 -28.38
C TRP F 352 19.28 26.28 -28.22
N VAL F 353 19.72 27.55 -28.25
CA VAL F 353 21.13 27.87 -28.05
C VAL F 353 21.59 27.45 -26.65
N ARG F 354 20.77 27.71 -25.64
CA ARG F 354 21.13 27.33 -24.28
C ARG F 354 21.08 25.81 -24.07
N ASN F 355 20.14 25.12 -24.74
CA ASN F 355 20.13 23.67 -24.72
C ASN F 355 21.40 23.09 -25.35
N SER F 356 21.84 23.68 -26.46
CA SER F 356 23.09 23.27 -27.08
C SER F 356 24.29 23.57 -26.19
N ASP F 357 24.24 24.70 -25.47
CA ASP F 357 25.24 25.02 -24.47
C ASP F 357 25.25 23.99 -23.35
N PHE F 358 24.07 23.51 -22.96
CA PHE F 358 23.97 22.44 -21.98
C PHE F 358 24.65 21.17 -22.47
N GLN F 359 24.40 20.80 -23.74
CA GLN F 359 25.03 19.60 -24.33
C GLN F 359 26.54 19.72 -24.35
N LEU F 360 27.05 20.81 -24.93
CA LEU F 360 28.49 21.01 -25.04
C LEU F 360 29.15 21.24 -23.69
N HIS F 361 28.44 21.87 -22.75
CA HIS F 361 28.95 22.08 -21.42
C HIS F 361 29.15 20.77 -20.69
N GLU F 362 28.10 19.95 -20.63
CA GLU F 362 28.16 18.72 -19.86
C GLU F 362 29.05 17.68 -20.51
N ILE F 363 29.01 17.53 -21.83
CA ILE F 363 29.76 16.44 -22.45
C ILE F 363 31.21 16.86 -22.69
N GLN F 364 31.42 17.98 -23.37
CA GLN F 364 32.78 18.36 -23.75
C GLN F 364 33.52 19.00 -22.59
N TYR F 365 32.94 20.02 -21.98
CA TYR F 365 33.69 20.84 -21.04
C TYR F 365 33.62 20.37 -19.60
N HIS F 366 32.62 19.55 -19.25
CA HIS F 366 32.53 18.97 -17.91
C HIS F 366 33.04 17.54 -17.89
N LEU F 367 32.37 16.65 -18.63
CA LEU F 367 32.75 15.23 -18.62
C LEU F 367 34.14 15.01 -19.22
N LEU F 368 34.40 15.59 -20.38
CA LEU F 368 35.64 15.25 -21.08
C LEU F 368 36.81 16.12 -20.59
N ASN F 369 36.68 17.44 -20.70
CA ASN F 369 37.81 18.34 -20.45
C ASN F 369 38.24 18.34 -18.99
N THR F 370 37.32 18.12 -18.06
CA THR F 370 37.67 18.12 -16.65
C THR F 370 37.70 16.71 -16.06
N HIS F 371 36.59 15.95 -16.15
CA HIS F 371 36.51 14.67 -15.44
C HIS F 371 37.43 13.61 -16.07
N LEU F 372 37.32 13.40 -17.38
CA LEU F 372 38.11 12.36 -18.04
C LEU F 372 39.59 12.71 -18.10
N VAL F 373 39.92 13.99 -18.28
CA VAL F 373 41.32 14.41 -18.28
C VAL F 373 41.93 14.22 -16.89
N ALA F 374 41.20 14.58 -15.84
CA ALA F 374 41.68 14.34 -14.47
C ALA F 374 41.77 12.86 -14.15
N GLU F 375 40.93 12.03 -14.78
CA GLU F 375 41.02 10.60 -14.54
C GLU F 375 42.23 10.00 -15.26
N VAL F 376 42.56 10.51 -16.44
CA VAL F 376 43.78 10.12 -17.14
C VAL F 376 45.01 10.53 -16.33
N ILE F 377 45.00 11.75 -15.79
CA ILE F 377 46.07 12.24 -14.93
C ILE F 377 46.18 11.37 -13.67
N ALA F 378 45.05 11.00 -13.08
CA ALA F 378 45.02 10.19 -11.88
C ALA F 378 45.61 8.80 -12.11
N VAL F 379 45.17 8.13 -13.19
CA VAL F 379 45.64 6.78 -13.47
C VAL F 379 47.13 6.79 -13.83
N ALA F 380 47.56 7.75 -14.66
CA ALA F 380 48.97 7.84 -15.02
C ALA F 380 49.86 8.18 -13.83
N THR F 381 49.37 9.07 -12.94
CA THR F 381 50.09 9.41 -11.72
C THR F 381 50.24 8.20 -10.81
N MET F 382 49.19 7.38 -10.69
CA MET F 382 49.33 6.19 -9.87
C MET F 382 50.21 5.13 -10.54
N ARG F 383 50.18 5.04 -11.87
CA ARG F 383 50.95 3.98 -12.54
C ARG F 383 52.44 4.28 -12.61
N CYS F 384 52.82 5.53 -12.87
CA CYS F 384 54.21 5.81 -13.21
C CYS F 384 54.96 6.60 -12.15
N LEU F 385 54.25 7.26 -11.24
CA LEU F 385 54.91 8.08 -10.23
C LEU F 385 54.85 7.38 -8.89
N PRO F 386 55.98 6.92 -8.35
CA PRO F 386 55.98 6.24 -7.04
C PRO F 386 55.72 7.22 -5.90
N GLY F 387 55.39 6.63 -4.74
CA GLY F 387 55.16 7.43 -3.53
C GLY F 387 56.31 8.33 -3.12
N LEU F 388 57.54 7.92 -3.42
CA LEU F 388 58.70 8.76 -3.14
C LEU F 388 58.79 9.98 -4.06
N HIS F 389 58.17 9.92 -5.24
CA HIS F 389 58.36 10.97 -6.25
C HIS F 389 57.71 12.28 -5.82
N PRO F 390 58.40 13.41 -5.95
CA PRO F 390 57.79 14.71 -5.60
C PRO F 390 56.57 15.08 -6.43
N ILE F 391 56.54 14.71 -7.71
CA ILE F 391 55.41 15.07 -8.55
C ILE F 391 54.18 14.25 -8.15
N PHE F 392 54.39 13.02 -7.69
CA PHE F 392 53.27 12.23 -7.16
C PHE F 392 52.71 12.85 -5.90
N LYS F 393 53.60 13.25 -4.97
CA LYS F 393 53.15 13.87 -3.72
C LYS F 393 52.47 15.20 -3.98
N PHE F 394 52.91 15.89 -5.03
CA PHE F 394 52.27 17.12 -5.45
C PHE F 394 50.87 16.87 -6.02
N LEU F 395 50.70 15.81 -6.80
CA LEU F 395 49.47 15.56 -7.55
C LEU F 395 48.42 14.76 -6.79
N ILE F 396 48.85 13.90 -5.85
CA ILE F 396 47.90 13.02 -5.15
C ILE F 396 46.74 13.71 -4.43
N PRO F 397 46.85 14.91 -3.82
CA PRO F 397 45.62 15.53 -3.30
C PRO F 397 44.69 16.00 -4.40
N HIS F 398 45.19 16.23 -5.61
CA HIS F 398 44.39 16.76 -6.70
C HIS F 398 43.81 15.66 -7.57
N ILE F 399 44.04 14.39 -7.24
CA ILE F 399 43.42 13.29 -7.95
C ILE F 399 42.54 12.46 -7.02
N ARG F 400 42.22 13.00 -5.84
CA ARG F 400 41.37 12.33 -4.87
C ARG F 400 39.95 12.20 -5.39
N TYR F 401 39.41 10.99 -5.33
CA TYR F 401 38.04 10.57 -5.65
C TYR F 401 37.71 10.65 -7.13
N THR F 402 38.68 10.98 -7.99
CA THR F 402 38.42 11.18 -9.42
C THR F 402 38.05 9.87 -10.10
N MET F 403 38.77 8.79 -9.78
CA MET F 403 38.50 7.49 -10.38
C MET F 403 37.11 6.97 -10.01
N GLU F 404 36.71 7.12 -8.74
CA GLU F 404 35.40 6.61 -8.36
C GLU F 404 34.27 7.46 -8.93
N ILE F 405 34.43 8.79 -8.96
CA ILE F 405 33.37 9.63 -9.52
C ILE F 405 33.21 9.38 -11.02
N ASN F 406 34.33 9.12 -11.73
CA ASN F 406 34.21 8.74 -13.14
C ASN F 406 33.65 7.34 -13.31
N THR F 407 33.97 6.41 -12.41
CA THR F 407 33.43 5.06 -12.49
C THR F 407 31.92 5.05 -12.21
N ARG F 408 31.47 5.83 -11.22
CA ARG F 408 30.05 5.96 -10.93
C ARG F 408 29.31 6.65 -12.07
N ALA F 409 29.96 7.62 -12.72
CA ALA F 409 29.38 8.23 -13.91
C ALA F 409 29.22 7.21 -15.03
N ARG F 410 30.27 6.41 -15.26
CA ARG F 410 30.24 5.42 -16.34
C ARG F 410 29.27 4.28 -16.07
N THR F 411 29.08 3.90 -14.81
CA THR F 411 28.15 2.81 -14.49
C THR F 411 26.71 3.27 -14.37
N GLN F 412 26.48 4.49 -13.88
CA GLN F 412 25.13 4.92 -13.53
C GLN F 412 24.62 6.03 -14.43
N LEU F 413 25.42 7.05 -14.69
CA LEU F 413 24.94 8.23 -15.39
C LEU F 413 25.01 8.07 -16.91
N ILE F 414 26.19 7.79 -17.45
CA ILE F 414 26.42 7.87 -18.89
C ILE F 414 26.54 6.49 -19.51
N SER F 415 26.11 5.46 -18.80
CA SER F 415 26.04 4.11 -19.36
C SER F 415 24.93 4.00 -20.39
N ASP F 416 24.90 2.86 -21.07
CA ASP F 416 23.82 2.55 -22.01
C ASP F 416 22.56 2.26 -21.20
N GLY F 417 21.60 3.17 -21.26
CA GLY F 417 20.43 3.08 -20.42
C GLY F 417 20.55 3.86 -19.13
N GLY F 418 21.65 4.58 -18.94
CA GLY F 418 21.88 5.38 -17.75
C GLY F 418 20.97 6.60 -17.67
N ILE F 419 21.25 7.40 -16.64
CA ILE F 419 20.44 8.58 -16.37
C ILE F 419 20.59 9.65 -17.47
N PHE F 420 21.72 9.63 -18.18
CA PHE F 420 21.93 10.57 -19.28
C PHE F 420 21.06 10.21 -20.48
N ASP F 421 20.69 8.94 -20.59
CA ASP F 421 19.75 8.53 -21.62
C ASP F 421 18.30 8.73 -21.20
N LYS F 422 18.06 9.21 -19.98
CA LYS F 422 16.69 9.39 -19.52
C LYS F 422 16.21 10.83 -19.62
N ALA F 423 17.12 11.81 -19.68
CA ALA F 423 16.70 13.21 -19.72
C ALA F 423 17.34 14.02 -20.83
N VAL F 424 18.54 13.65 -21.25
CA VAL F 424 19.37 14.52 -22.07
C VAL F 424 19.23 14.11 -23.54
N SER F 425 19.18 15.12 -24.43
CA SER F 425 18.98 14.88 -25.86
C SER F 425 20.18 14.21 -26.52
N THR F 426 21.40 14.46 -26.05
CA THR F 426 22.57 13.82 -26.62
C THR F 426 22.73 12.35 -26.22
N GLY F 427 22.00 11.91 -25.19
CA GLY F 427 22.06 10.52 -24.74
C GLY F 427 21.62 9.46 -25.73
N GLY F 428 21.76 8.20 -25.34
CA GLY F 428 21.41 7.10 -26.21
C GLY F 428 22.46 6.70 -27.22
N GLY F 429 23.68 7.20 -27.09
CA GLY F 429 24.77 6.88 -28.00
C GLY F 429 25.37 8.10 -28.68
N GLY F 430 24.56 9.11 -28.96
CA GLY F 430 25.06 10.34 -29.57
C GLY F 430 26.06 11.09 -28.71
N HIS F 431 25.92 10.97 -27.38
CA HIS F 431 26.88 11.63 -26.49
C HIS F 431 28.25 11.00 -26.56
N VAL F 432 28.33 9.70 -26.87
CA VAL F 432 29.64 9.06 -27.02
C VAL F 432 30.33 9.57 -28.29
N GLN F 433 29.58 9.73 -29.38
CA GLN F 433 30.11 10.33 -30.60
C GLN F 433 30.52 11.78 -30.38
N LEU F 434 29.72 12.53 -29.61
CA LEU F 434 30.07 13.90 -29.27
C LEU F 434 31.32 13.96 -28.40
N LEU F 435 31.49 12.98 -27.50
CA LEU F 435 32.70 12.85 -26.71
C LEU F 435 33.91 12.58 -27.59
N ARG F 436 33.74 11.73 -28.61
CA ARG F 436 34.83 11.45 -29.55
C ARG F 436 35.23 12.70 -30.34
N ARG F 437 34.22 13.44 -30.80
CA ARG F 437 34.46 14.67 -31.55
C ARG F 437 35.14 15.73 -30.68
N ALA F 438 34.71 15.85 -29.42
CA ALA F 438 35.34 16.80 -28.52
C ALA F 438 36.73 16.33 -28.11
N ALA F 439 36.96 15.02 -28.07
CA ALA F 439 38.29 14.48 -27.80
C ALA F 439 39.25 14.83 -28.93
N ALA F 440 38.76 14.82 -30.17
CA ALA F 440 39.57 15.31 -31.28
C ALA F 440 39.84 16.80 -31.15
N GLN F 441 38.92 17.56 -30.56
CA GLN F 441 39.11 18.97 -30.27
C GLN F 441 39.75 19.22 -28.91
N LEU F 442 40.01 18.18 -28.12
CA LEU F 442 40.61 18.35 -26.80
C LEU F 442 42.12 18.57 -26.98
N THR F 443 42.50 19.83 -27.06
CA THR F 443 43.90 20.20 -27.21
C THR F 443 44.50 20.61 -25.87
N TYR F 444 45.83 20.57 -25.83
CA TYR F 444 46.56 21.07 -24.66
C TYR F 444 46.34 22.58 -24.49
N CYS F 445 46.23 23.30 -25.61
CA CYS F 445 45.96 24.73 -25.60
C CYS F 445 44.60 25.04 -24.97
N SER F 446 43.62 24.15 -25.15
CA SER F 446 42.28 24.41 -24.66
C SER F 446 42.17 24.26 -23.14
N LEU F 447 43.09 23.53 -22.52
CA LEU F 447 43.02 23.22 -21.11
C LEU F 447 43.83 24.20 -20.27
N CYS F 448 44.52 25.14 -20.91
CA CYS F 448 45.38 26.12 -20.25
C CYS F 448 44.77 27.50 -20.45
N PRO F 449 44.17 28.08 -19.40
CA PRO F 449 43.48 29.40 -19.51
C PRO F 449 44.23 30.50 -20.25
N PRO F 450 45.55 30.77 -20.01
CA PRO F 450 46.17 31.85 -20.81
C PRO F 450 46.10 31.61 -22.31
N ASP F 451 46.35 30.38 -22.72
CA ASP F 451 46.35 30.04 -24.13
C ASP F 451 44.93 29.91 -24.67
N ASP F 452 44.02 29.31 -23.87
CA ASP F 452 42.64 29.15 -24.31
C ASP F 452 41.94 30.50 -24.45
N LEU F 453 42.24 31.44 -23.55
CA LEU F 453 41.58 32.75 -23.58
C LEU F 453 42.24 33.67 -24.60
N ALA F 454 43.54 33.48 -24.86
CA ALA F 454 44.18 34.23 -25.93
C ALA F 454 43.67 33.74 -27.29
N ASP F 455 43.50 32.43 -27.43
CA ASP F 455 42.96 31.86 -28.66
C ASP F 455 41.52 32.28 -28.88
N ARG F 456 40.73 32.32 -27.81
CA ARG F 456 39.33 32.75 -27.91
C ARG F 456 39.18 34.27 -27.82
N GLY F 457 40.26 35.01 -27.63
CA GLY F 457 40.18 36.46 -27.62
C GLY F 457 39.46 37.07 -26.42
N LEU F 458 39.36 36.34 -25.32
CA LEU F 458 38.65 36.81 -24.14
C LEU F 458 39.55 37.53 -23.15
N LEU F 459 40.83 37.71 -23.49
CA LEU F 459 41.76 38.41 -22.62
C LEU F 459 41.39 39.89 -22.53
N GLY F 460 41.47 40.43 -21.31
CA GLY F 460 41.22 41.84 -21.10
C GLY F 460 39.78 42.28 -21.12
N LEU F 461 38.83 41.35 -21.17
CA LEU F 461 37.42 41.71 -21.15
C LEU F 461 37.00 42.05 -19.73
N PRO F 462 36.48 43.27 -19.48
CA PRO F 462 36.05 43.63 -18.11
C PRO F 462 34.93 42.78 -17.55
N GLY F 463 33.98 42.36 -18.39
CA GLY F 463 32.87 41.58 -17.92
C GLY F 463 33.08 40.08 -17.89
N ALA F 464 34.23 39.61 -18.38
CA ALA F 464 34.55 38.18 -18.36
C ALA F 464 35.16 37.85 -17.00
N LEU F 465 34.27 37.68 -16.01
CA LEU F 465 34.69 37.42 -14.64
C LEU F 465 35.38 36.07 -14.51
N TYR F 466 34.89 35.07 -15.26
CA TYR F 466 35.56 33.77 -15.31
C TYR F 466 36.98 33.91 -15.84
N ALA F 467 37.17 34.70 -16.91
CA ALA F 467 38.49 34.86 -17.51
C ALA F 467 39.48 35.49 -16.55
N HIS F 468 39.06 36.54 -15.85
CA HIS F 468 39.91 37.21 -14.86
C HIS F 468 40.26 36.26 -13.72
N ASP F 469 39.24 35.60 -13.15
CA ASP F 469 39.46 34.66 -12.05
C ASP F 469 40.32 33.48 -12.48
N ALA F 470 40.15 33.00 -13.71
CA ALA F 470 40.91 31.87 -14.21
C ALA F 470 42.37 32.23 -14.45
N LEU F 471 42.65 33.44 -14.97
CA LEU F 471 44.04 33.86 -15.12
C LEU F 471 44.72 34.07 -13.76
N ARG F 472 43.99 34.65 -12.80
CA ARG F 472 44.53 34.79 -11.44
C ARG F 472 44.80 33.44 -10.80
N LEU F 473 43.87 32.49 -10.95
CA LEU F 473 44.06 31.15 -10.43
C LEU F 473 45.20 30.43 -11.14
N TRP F 474 45.37 30.65 -12.44
CA TRP F 474 46.46 30.04 -13.18
C TRP F 474 47.81 30.56 -12.72
N GLU F 475 47.94 31.88 -12.51
CA GLU F 475 49.24 32.40 -12.06
C GLU F 475 49.53 31.99 -10.63
N ILE F 476 48.52 31.91 -9.76
CA ILE F 476 48.73 31.45 -8.38
C ILE F 476 49.12 29.97 -8.35
N ILE F 477 48.38 29.14 -9.09
CA ILE F 477 48.67 27.71 -9.17
C ILE F 477 50.02 27.48 -9.83
N ALA F 478 50.37 28.30 -10.84
CA ALA F 478 51.67 28.21 -11.49
C ALA F 478 52.80 28.58 -10.55
N ARG F 479 52.56 29.57 -9.66
CA ARG F 479 53.55 29.88 -8.62
C ARG F 479 53.77 28.70 -7.69
N TYR F 480 52.67 28.03 -7.30
CA TYR F 480 52.75 26.83 -6.48
C TYR F 480 53.53 25.71 -7.19
N VAL F 481 53.22 25.49 -8.47
CA VAL F 481 53.86 24.46 -9.27
C VAL F 481 55.35 24.75 -9.42
N GLU F 482 55.70 25.99 -9.79
CA GLU F 482 57.10 26.34 -9.98
C GLU F 482 57.88 26.29 -8.67
N GLY F 483 57.23 26.63 -7.55
CA GLY F 483 57.88 26.46 -6.25
C GLY F 483 58.26 25.02 -5.97
N ILE F 484 57.31 24.09 -6.17
CA ILE F 484 57.57 22.67 -5.94
C ILE F 484 58.62 22.12 -6.92
N VAL F 485 58.45 22.44 -8.21
CA VAL F 485 59.35 21.91 -9.25
C VAL F 485 60.76 22.45 -9.07
N HIS F 486 60.90 23.76 -8.87
CA HIS F 486 62.23 24.36 -8.64
C HIS F 486 62.83 23.90 -7.33
N LEU F 487 62.01 23.51 -6.35
CA LEU F 487 62.53 22.84 -5.17
C LEU F 487 63.14 21.49 -5.51
N PHE F 488 62.53 20.73 -6.44
CA PHE F 488 63.02 19.40 -6.71
C PHE F 488 63.70 19.20 -8.07
N TYR F 489 63.52 20.10 -9.02
CA TYR F 489 64.17 20.02 -10.33
C TYR F 489 64.97 21.30 -10.55
N GLN F 490 66.26 21.27 -10.17
CA GLN F 490 67.08 22.48 -10.25
C GLN F 490 67.44 22.84 -11.68
N ARG F 491 67.57 21.85 -12.56
CA ARG F 491 68.04 22.08 -13.92
C ARG F 491 67.14 21.37 -14.92
N ASP F 492 67.30 21.74 -16.20
CA ASP F 492 66.53 21.12 -17.27
C ASP F 492 66.92 19.65 -17.47
N ASP F 493 68.22 19.35 -17.38
CA ASP F 493 68.68 17.96 -17.54
C ASP F 493 68.22 17.07 -16.40
N ILE F 494 67.93 17.64 -15.23
CA ILE F 494 67.33 16.88 -14.15
C ILE F 494 65.91 16.48 -14.50
N VAL F 495 65.18 17.38 -15.17
CA VAL F 495 63.84 17.07 -15.66
C VAL F 495 63.90 16.00 -16.75
N LYS F 496 64.84 16.16 -17.69
CA LYS F 496 65.02 15.17 -18.75
C LYS F 496 65.49 13.82 -18.20
N GLY F 497 66.37 13.84 -17.21
CA GLY F 497 66.97 12.63 -16.67
C GLY F 497 66.13 11.83 -15.72
N ASP F 498 64.89 12.25 -15.45
CA ASP F 498 63.93 11.57 -14.59
C ASP F 498 63.13 10.57 -15.41
N PRO F 499 63.43 9.27 -15.35
CA PRO F 499 62.69 8.30 -16.19
C PRO F 499 61.24 8.13 -15.79
N GLU F 500 60.93 8.23 -14.49
CA GLU F 500 59.56 8.07 -14.02
C GLU F 500 58.68 9.23 -14.48
N LEU F 501 59.22 10.45 -14.47
CA LEU F 501 58.48 11.61 -14.95
C LEU F 501 58.21 11.52 -16.45
N GLN F 502 59.20 11.08 -17.23
CA GLN F 502 58.98 10.89 -18.67
C GLN F 502 57.98 9.78 -18.94
N ALA F 503 58.03 8.70 -18.15
CA ALA F 503 57.04 7.63 -18.27
C ALA F 503 55.63 8.13 -17.94
N TRP F 504 55.51 9.00 -16.93
CA TRP F 504 54.23 9.61 -16.58
C TRP F 504 53.71 10.52 -17.69
N CYS F 505 54.62 11.29 -18.30
CA CYS F 505 54.26 12.15 -19.44
C CYS F 505 53.76 11.33 -20.62
N ARG F 506 54.47 10.25 -20.94
CA ARG F 506 54.04 9.33 -22.00
C ARG F 506 52.72 8.66 -21.64
N GLU F 507 52.54 8.30 -20.37
CA GLU F 507 51.32 7.65 -19.93
C GLU F 507 50.10 8.56 -20.09
N ILE F 508 50.26 9.85 -19.81
CA ILE F 508 49.17 10.78 -20.10
C ILE F 508 48.98 10.95 -21.60
N THR F 509 50.07 11.23 -22.33
CA THR F 509 49.93 11.65 -23.72
C THR F 509 49.74 10.48 -24.67
N GLU F 510 50.72 9.57 -24.71
CA GLU F 510 50.65 8.43 -25.63
C GLU F 510 49.55 7.46 -25.23
N VAL F 511 49.38 7.21 -23.93
CA VAL F 511 48.52 6.11 -23.49
C VAL F 511 47.15 6.61 -23.06
N GLY F 512 47.14 7.45 -22.02
CA GLY F 512 45.87 7.85 -21.41
C GLY F 512 45.00 8.69 -22.32
N LEU F 513 45.58 9.69 -22.98
CA LEU F 513 44.83 10.55 -23.88
C LEU F 513 44.80 10.06 -25.32
N CYS F 514 45.36 8.87 -25.58
CA CYS F 514 45.25 8.14 -26.85
C CYS F 514 45.88 8.92 -28.02
N GLN F 515 47.21 9.05 -27.92
CA GLN F 515 48.07 9.68 -28.93
C GLN F 515 47.75 11.16 -29.10
N ALA F 516 47.87 11.89 -28.00
CA ALA F 516 47.58 13.32 -27.96
C ALA F 516 48.73 14.20 -28.46
N GLN F 517 49.68 13.64 -29.22
CA GLN F 517 50.80 14.42 -29.74
C GLN F 517 50.33 15.52 -30.69
N ASP F 518 49.49 15.14 -31.67
CA ASP F 518 48.87 16.07 -32.60
C ASP F 518 48.05 17.18 -31.92
N ARG F 519 47.56 16.93 -30.70
CA ARG F 519 46.74 17.91 -30.00
C ARG F 519 47.54 18.73 -29.00
N GLY F 520 48.85 18.85 -29.23
CA GLY F 520 49.70 19.73 -28.45
C GLY F 520 50.17 19.21 -27.12
N PHE F 521 49.75 18.02 -26.72
CA PHE F 521 50.25 17.49 -25.45
C PHE F 521 51.68 16.97 -25.63
N PRO F 522 52.55 17.18 -24.65
CA PRO F 522 53.95 16.81 -24.82
C PRO F 522 54.18 15.32 -24.61
N VAL F 523 55.10 14.75 -25.40
CA VAL F 523 55.52 13.38 -25.16
C VAL F 523 56.63 13.31 -24.12
N SER F 524 57.26 14.43 -23.80
CA SER F 524 58.38 14.46 -22.87
C SER F 524 58.50 15.87 -22.32
N PHE F 525 59.27 15.99 -21.25
CA PHE F 525 59.59 17.28 -20.66
C PHE F 525 61.07 17.56 -20.91
N GLN F 526 61.36 18.65 -21.61
CA GLN F 526 62.72 19.03 -21.95
C GLN F 526 63.26 20.15 -21.08
N SER F 527 62.43 20.71 -20.20
CA SER F 527 62.82 21.85 -19.39
C SER F 527 61.94 21.90 -18.15
N GLN F 528 62.37 22.69 -17.16
CA GLN F 528 61.55 22.90 -15.97
C GLN F 528 60.27 23.64 -16.30
N SER F 529 60.33 24.62 -17.22
CA SER F 529 59.16 25.44 -17.54
C SER F 529 58.06 24.63 -18.21
N GLN F 530 58.43 23.70 -19.10
CA GLN F 530 57.45 22.84 -19.76
C GLN F 530 56.72 21.95 -18.76
N LEU F 531 57.48 21.35 -17.84
CA LEU F 531 56.89 20.54 -16.77
C LEU F 531 56.02 21.39 -15.86
N CYS F 532 56.44 22.63 -15.59
CA CYS F 532 55.67 23.55 -14.75
C CYS F 532 54.34 23.90 -15.40
N HIS F 533 54.36 24.17 -16.72
CA HIS F 533 53.14 24.50 -17.44
C HIS F 533 52.20 23.30 -17.50
N PHE F 534 52.74 22.10 -17.72
CA PHE F 534 51.92 20.90 -17.77
C PHE F 534 51.29 20.57 -16.41
N LEU F 535 52.06 20.72 -15.33
CA LEU F 535 51.52 20.46 -14.00
C LEU F 535 50.51 21.53 -13.59
N THR F 536 50.73 22.79 -14.00
CA THR F 536 49.75 23.84 -13.79
C THR F 536 48.45 23.52 -14.52
N MET F 537 48.55 23.00 -15.75
CA MET F 537 47.38 22.52 -16.48
C MET F 537 46.67 21.41 -15.72
N CYS F 538 47.43 20.45 -15.19
CA CYS F 538 46.87 19.33 -14.44
C CYS F 538 46.11 19.81 -13.21
N VAL F 539 46.73 20.68 -12.41
CA VAL F 539 46.09 21.17 -11.19
C VAL F 539 44.87 22.04 -11.50
N PHE F 540 44.96 22.90 -12.54
CA PHE F 540 43.82 23.73 -12.90
C PHE F 540 42.65 22.88 -13.39
N THR F 541 42.92 21.88 -14.23
CA THR F 541 41.88 20.96 -14.70
C THR F 541 41.26 20.20 -13.54
N CYS F 542 42.08 19.73 -12.61
CA CYS F 542 41.57 18.94 -11.49
C CYS F 542 40.84 19.80 -10.45
N THR F 543 41.19 21.08 -10.33
CA THR F 543 40.59 21.90 -9.30
C THR F 543 39.75 23.04 -9.86
N ALA F 544 40.36 23.96 -10.62
CA ALA F 544 39.72 25.23 -10.92
C ALA F 544 38.80 25.15 -12.14
N GLN F 545 39.24 24.47 -13.21
CA GLN F 545 38.39 24.30 -14.39
C GLN F 545 37.12 23.51 -14.05
N HIS F 546 37.27 22.46 -13.24
CA HIS F 546 36.11 21.68 -12.81
C HIS F 546 35.17 22.49 -11.93
N ALA F 547 35.73 23.32 -11.03
CA ALA F 547 34.91 24.20 -10.20
C ALA F 547 34.16 25.22 -11.04
N ALA F 548 34.81 25.77 -12.07
CA ALA F 548 34.14 26.71 -12.95
C ALA F 548 33.04 26.04 -13.77
N ILE F 549 33.30 24.81 -14.23
CA ILE F 549 32.37 24.15 -15.15
C ILE F 549 31.34 23.31 -14.40
N ASN F 550 31.43 23.25 -13.07
CA ASN F 550 30.61 22.34 -12.28
C ASN F 550 29.76 23.04 -11.23
N GLN F 551 30.26 24.09 -10.59
CA GLN F 551 29.51 24.74 -9.51
C GLN F 551 28.29 25.52 -10.02
N GLY F 552 28.28 25.91 -11.28
CA GLY F 552 27.21 26.69 -11.86
C GLY F 552 26.02 25.90 -12.36
N GLN F 553 26.03 24.59 -12.17
CA GLN F 553 24.95 23.73 -12.67
C GLN F 553 23.62 24.05 -12.01
N LEU F 554 23.58 24.18 -10.69
CA LEU F 554 22.33 24.51 -10.02
C LEU F 554 21.92 25.96 -10.25
N ASP F 555 22.90 26.87 -10.27
CA ASP F 555 22.61 28.29 -10.45
C ASP F 555 21.97 28.58 -11.80
N TRP F 556 22.42 27.91 -12.85
CA TRP F 556 21.97 28.22 -14.20
C TRP F 556 21.05 27.16 -14.78
N TYR F 557 20.95 25.98 -14.16
CA TYR F 557 20.22 24.86 -14.74
C TYR F 557 19.01 24.43 -13.92
N ALA F 558 18.82 24.94 -12.70
CA ALA F 558 17.61 24.63 -11.93
C ALA F 558 16.38 25.19 -12.62
N TRP F 559 16.48 26.40 -13.16
CA TRP F 559 15.44 26.90 -14.05
C TRP F 559 15.65 26.22 -15.40
N VAL F 560 14.86 25.17 -15.63
CA VAL F 560 15.01 24.36 -16.85
C VAL F 560 14.79 25.14 -18.15
N PRO F 561 13.81 26.05 -18.29
CA PRO F 561 13.74 26.86 -19.53
C PRO F 561 14.97 27.71 -19.81
N ASN F 562 15.74 28.09 -18.79
CA ASN F 562 16.99 28.81 -19.03
C ASN F 562 18.02 27.95 -19.75
N ALA F 563 18.00 26.63 -19.55
CA ALA F 563 18.94 25.74 -20.22
C ALA F 563 18.36 24.33 -20.31
N PRO F 564 17.54 24.06 -21.34
CA PRO F 564 16.91 22.73 -21.48
C PRO F 564 17.91 21.59 -21.64
N CYS F 565 17.68 20.52 -20.88
CA CYS F 565 18.49 19.31 -21.05
C CYS F 565 18.17 18.59 -22.34
N THR F 566 16.98 18.80 -22.90
CA THR F 566 16.58 18.16 -24.15
C THR F 566 15.58 19.05 -24.83
N MET F 567 15.35 18.77 -26.11
CA MET F 567 14.30 19.43 -26.86
C MET F 567 13.42 18.35 -27.48
N ARG F 568 12.11 18.46 -27.29
CA ARG F 568 11.18 17.43 -27.72
C ARG F 568 10.46 17.78 -29.03
N MET F 569 10.83 18.88 -29.66
CA MET F 569 10.29 19.29 -30.95
C MET F 569 11.43 19.65 -31.88
N PRO F 570 11.22 19.55 -33.20
CA PRO F 570 12.25 20.01 -34.14
C PRO F 570 12.45 21.50 -34.02
N PRO F 571 13.66 21.99 -34.31
CA PRO F 571 13.94 23.43 -34.25
C PRO F 571 13.09 24.21 -35.23
N PRO F 572 12.63 25.41 -34.84
CA PRO F 572 11.80 26.21 -35.73
C PRO F 572 12.54 26.65 -36.99
N THR F 573 11.82 26.66 -38.10
CA THR F 573 12.33 27.17 -39.37
C THR F 573 11.65 28.45 -39.81
N THR F 574 10.55 28.82 -39.15
CA THR F 574 9.86 30.08 -39.41
C THR F 574 9.60 30.76 -38.08
N LYS F 575 9.49 32.08 -38.12
CA LYS F 575 9.32 32.85 -36.89
C LYS F 575 7.86 33.05 -36.52
N GLU F 576 6.98 33.16 -37.51
CA GLU F 576 5.57 33.44 -37.23
C GLU F 576 4.81 32.21 -36.73
N ASP F 577 5.33 31.01 -36.95
CA ASP F 577 4.64 29.79 -36.56
C ASP F 577 4.96 29.35 -35.14
N VAL F 578 5.75 30.10 -34.40
CA VAL F 578 6.15 29.71 -33.05
C VAL F 578 5.14 30.30 -32.07
N THR F 579 4.47 29.44 -31.31
CA THR F 579 3.51 29.82 -30.29
C THR F 579 4.01 29.36 -28.93
N MET F 580 3.20 29.65 -27.90
CA MET F 580 3.51 29.15 -26.56
C MET F 580 3.43 27.63 -26.50
N ALA F 581 2.53 27.04 -27.30
CA ALA F 581 2.45 25.58 -27.39
C ALA F 581 3.71 25.00 -28.02
N THR F 582 4.25 25.66 -29.05
CA THR F 582 5.49 25.21 -29.68
C THR F 582 6.67 25.29 -28.72
N VAL F 583 6.78 26.38 -27.96
CA VAL F 583 7.82 26.53 -26.95
C VAL F 583 7.69 25.46 -25.86
N MET F 584 6.47 25.27 -25.35
CA MET F 584 6.26 24.31 -24.26
C MET F 584 6.47 22.87 -24.71
N GLY F 585 6.06 22.52 -25.92
CA GLY F 585 6.35 21.20 -26.43
C GLY F 585 7.81 21.03 -26.81
N SER F 586 8.49 22.12 -27.12
CA SER F 586 9.92 22.06 -27.39
C SER F 586 10.71 21.92 -26.09
N LEU F 587 10.24 22.55 -25.02
CA LEU F 587 10.90 22.45 -23.72
C LEU F 587 10.72 21.03 -23.17
N PRO F 588 11.61 20.60 -22.27
CA PRO F 588 11.46 19.26 -21.68
C PRO F 588 10.17 19.11 -20.88
N ASP F 589 9.67 17.88 -20.84
CA ASP F 589 8.57 17.57 -19.95
C ASP F 589 9.05 17.54 -18.51
N VAL F 590 8.10 17.43 -17.60
CA VAL F 590 8.36 17.55 -16.16
C VAL F 590 9.33 16.48 -15.66
N ARG F 591 9.29 15.28 -16.25
CA ARG F 591 10.18 14.20 -15.84
C ARG F 591 11.64 14.51 -16.19
N GLN F 592 11.89 14.92 -17.44
CA GLN F 592 13.24 15.28 -17.86
C GLN F 592 13.73 16.55 -17.17
N ALA F 593 12.83 17.52 -16.96
CA ALA F 593 13.19 18.75 -16.26
C ALA F 593 13.56 18.50 -14.82
N CYS F 594 12.80 17.63 -14.14
CA CYS F 594 13.10 17.26 -12.76
C CYS F 594 14.41 16.49 -12.67
N LEU F 595 14.67 15.62 -13.66
CA LEU F 595 15.95 14.91 -13.70
C LEU F 595 17.11 15.88 -13.90
N GLN F 596 16.94 16.87 -14.78
CA GLN F 596 17.93 17.93 -14.98
C GLN F 596 18.21 18.67 -13.68
N MET F 597 17.14 19.05 -12.97
CA MET F 597 17.27 19.76 -11.69
C MET F 597 18.00 18.92 -10.66
N ALA F 598 17.64 17.64 -10.55
CA ALA F 598 18.25 16.75 -9.57
C ALA F 598 19.73 16.53 -9.82
N ILE F 599 20.11 16.23 -11.08
CA ILE F 599 21.53 16.06 -11.39
C ILE F 599 22.30 17.36 -11.18
N SER F 600 21.71 18.50 -11.60
CA SER F 600 22.33 19.81 -11.38
C SER F 600 22.61 20.06 -9.89
N TRP F 601 21.63 19.76 -9.04
CA TRP F 601 21.80 19.92 -7.60
C TRP F 601 22.87 18.97 -7.07
N HIS F 602 22.79 17.69 -7.46
CA HIS F 602 23.71 16.66 -6.97
C HIS F 602 25.16 16.94 -7.37
N LEU F 603 25.37 17.45 -8.58
CA LEU F 603 26.73 17.68 -9.04
C LEU F 603 27.31 19.00 -8.55
N SER F 604 26.48 20.03 -8.41
CA SER F 604 26.99 21.35 -8.07
C SER F 604 26.94 21.70 -6.58
N ARG F 605 26.32 20.86 -5.75
CA ARG F 605 26.25 21.18 -4.33
C ARG F 605 27.62 21.07 -3.67
N ARG F 606 27.83 21.86 -2.63
CA ARG F 606 29.04 21.76 -1.84
C ARG F 606 29.05 20.45 -1.08
N GLN F 607 30.07 19.64 -1.31
CA GLN F 607 30.25 18.42 -0.55
C GLN F 607 30.57 18.77 0.89
N PRO F 608 29.91 18.16 1.87
CA PRO F 608 30.25 18.44 3.28
C PRO F 608 31.68 18.11 3.65
N ASP F 609 32.27 17.09 3.03
CA ASP F 609 33.65 16.70 3.28
C ASP F 609 34.63 17.26 2.25
N MET F 610 34.23 18.30 1.50
CA MET F 610 35.07 18.81 0.42
C MET F 610 36.33 19.46 0.97
N VAL F 611 37.42 19.30 0.23
CA VAL F 611 38.70 19.92 0.55
C VAL F 611 38.85 21.14 -0.35
N PRO F 612 38.95 22.35 0.22
CA PRO F 612 39.25 23.52 -0.61
C PRO F 612 40.62 23.40 -1.26
N LEU F 613 40.76 24.06 -2.42
CA LEU F 613 41.98 24.07 -3.22
C LEU F 613 43.19 24.49 -2.39
N GLY F 614 44.20 23.62 -2.39
CA GLY F 614 45.43 23.85 -1.67
C GLY F 614 45.38 23.60 -0.18
N HIS F 615 44.23 23.16 0.33
CA HIS F 615 44.06 22.98 1.77
C HIS F 615 43.92 21.52 2.14
N HIS F 616 44.61 20.64 1.43
CA HIS F 616 44.66 19.24 1.79
C HIS F 616 45.42 19.05 3.10
N LYS F 617 44.85 18.24 3.99
CA LYS F 617 45.46 17.99 5.28
C LYS F 617 46.50 16.89 5.24
N GLU F 618 46.49 16.08 4.19
CA GLU F 618 47.45 15.00 4.06
C GLU F 618 48.85 15.57 3.81
N LYS F 619 49.81 15.15 4.63
CA LYS F 619 51.18 15.65 4.57
C LYS F 619 52.06 14.58 3.92
N TYR F 620 52.06 14.57 2.59
CA TYR F 620 52.97 13.69 1.87
C TYR F 620 54.40 14.23 1.90
N PHE F 621 54.55 15.53 1.66
CA PHE F 621 55.85 16.16 1.77
C PHE F 621 56.25 16.33 3.24
N SER F 622 57.50 16.01 3.54
CA SER F 622 58.00 16.12 4.91
C SER F 622 58.79 17.39 5.17
N GLY F 623 59.52 17.89 4.17
CA GLY F 623 60.39 19.04 4.33
C GLY F 623 59.64 20.32 4.63
N PRO F 624 60.36 21.30 5.19
CA PRO F 624 59.73 22.61 5.45
C PRO F 624 59.56 23.47 4.21
N LYS F 625 60.37 23.24 3.17
CA LYS F 625 60.27 24.10 1.97
C LYS F 625 59.03 23.81 1.12
N PRO F 626 58.65 22.54 0.80
CA PRO F 626 57.34 22.35 0.15
C PRO F 626 56.16 22.80 1.00
N LYS F 627 56.27 22.69 2.33
CA LYS F 627 55.24 23.22 3.22
C LYS F 627 55.14 24.73 3.10
N ALA F 628 56.29 25.42 2.99
CA ALA F 628 56.30 26.86 2.78
C ALA F 628 55.69 27.25 1.43
N VAL F 629 56.00 26.46 0.39
CA VAL F 629 55.41 26.71 -0.94
C VAL F 629 53.89 26.53 -0.90
N LEU F 630 53.42 25.49 -0.20
CA LEU F 630 51.99 25.26 -0.02
C LEU F 630 51.33 26.40 0.78
N ASN F 631 52.03 26.91 1.80
CA ASN F 631 51.52 28.01 2.60
C ASN F 631 51.42 29.29 1.78
N GLN F 632 52.41 29.55 0.92
CA GLN F 632 52.35 30.70 0.02
C GLN F 632 51.22 30.56 -0.99
N PHE F 633 50.99 29.33 -1.46
CA PHE F 633 49.85 29.04 -2.33
C PHE F 633 48.53 29.35 -1.65
N ARG F 634 48.39 28.92 -0.39
CA ARG F 634 47.17 29.19 0.38
C ARG F 634 46.99 30.68 0.65
N THR F 635 48.08 31.39 0.94
CA THR F 635 48.01 32.84 1.18
C THR F 635 47.56 33.58 -0.07
N ASP F 636 48.12 33.22 -1.24
CA ASP F 636 47.69 33.81 -2.49
C ASP F 636 46.23 33.50 -2.80
N LEU F 637 45.78 32.27 -2.48
CA LEU F 637 44.38 31.91 -2.67
C LEU F 637 43.44 32.72 -1.78
N GLU F 638 43.82 32.95 -0.52
CA GLU F 638 42.99 33.79 0.35
C GLU F 638 42.96 35.24 -0.12
N LYS F 639 44.09 35.76 -0.62
CA LYS F 639 44.11 37.10 -1.19
C LYS F 639 43.22 37.21 -2.42
N LEU F 640 43.26 36.20 -3.28
CA LEU F 640 42.38 36.15 -4.45
C LEU F 640 40.92 36.04 -4.04
N GLU F 641 40.63 35.27 -3.00
CA GLU F 641 39.25 35.15 -2.51
C GLU F 641 38.74 36.48 -1.98
N LYS F 642 39.60 37.22 -1.27
CA LYS F 642 39.23 38.56 -0.81
C LYS F 642 38.97 39.50 -2.00
N GLU F 643 39.80 39.43 -3.03
CA GLU F 643 39.59 40.24 -4.23
C GLU F 643 38.28 39.89 -4.95
N ILE F 644 38.00 38.59 -5.08
CA ILE F 644 36.78 38.14 -5.75
C ILE F 644 35.54 38.52 -4.95
N THR F 645 35.59 38.40 -3.62
CA THR F 645 34.49 38.82 -2.76
C THR F 645 34.25 40.32 -2.85
N ALA F 646 35.33 41.11 -2.86
CA ALA F 646 35.22 42.56 -3.01
C ALA F 646 34.63 42.95 -4.36
N ARG F 647 35.00 42.23 -5.43
CA ARG F 647 34.39 42.47 -6.73
C ARG F 647 32.92 42.06 -6.75
N ASN F 648 32.60 40.91 -6.16
CA ASN F 648 31.27 40.32 -6.26
C ASN F 648 30.23 41.07 -5.44
N GLU F 649 30.62 41.64 -4.30
CA GLU F 649 29.66 42.39 -3.48
C GLU F 649 29.12 43.64 -4.16
N GLN F 650 29.81 44.16 -5.18
CA GLN F 650 29.35 45.30 -5.94
C GLN F 650 28.69 44.91 -7.26
N LEU F 651 28.37 43.63 -7.45
CA LEU F 651 27.80 43.14 -8.70
C LEU F 651 26.43 42.54 -8.46
N ASP F 652 25.49 42.88 -9.34
CA ASP F 652 24.17 42.26 -9.31
C ASP F 652 24.22 40.78 -9.70
N TRP F 653 25.17 40.38 -10.55
CA TRP F 653 25.35 38.99 -10.95
C TRP F 653 26.77 38.56 -10.59
N PRO F 654 26.99 38.16 -9.34
CA PRO F 654 28.34 37.76 -8.92
C PRO F 654 28.79 36.45 -9.53
N TYR F 655 30.09 36.36 -9.80
CA TYR F 655 30.71 35.10 -10.21
C TYR F 655 31.43 34.53 -9.00
N GLU F 656 30.91 33.43 -8.47
CA GLU F 656 31.39 32.88 -7.22
C GLU F 656 32.03 31.50 -7.37
N TYR F 657 32.05 30.95 -8.58
CA TYR F 657 32.46 29.56 -8.77
C TYR F 657 33.96 29.38 -8.62
N LEU F 658 34.74 30.44 -8.81
CA LEU F 658 36.18 30.38 -8.73
C LEU F 658 36.73 30.99 -7.45
N LYS F 659 35.89 31.14 -6.43
CA LYS F 659 36.40 31.43 -5.09
C LYS F 659 37.15 30.21 -4.58
N PRO F 660 38.40 30.36 -4.13
CA PRO F 660 39.21 29.19 -3.72
C PRO F 660 38.64 28.36 -2.58
N SER F 661 37.87 28.97 -1.66
CA SER F 661 37.17 28.18 -0.66
C SER F 661 36.07 27.32 -1.30
N CYS F 662 35.51 27.78 -2.41
CA CYS F 662 34.47 27.02 -3.12
C CYS F 662 35.04 26.17 -4.24
N ILE F 663 36.35 26.21 -4.47
CA ILE F 663 37.01 25.34 -5.43
C ILE F 663 37.46 24.10 -4.69
N GLU F 664 36.93 22.95 -5.10
CA GLU F 664 37.34 21.70 -4.48
C GLU F 664 38.73 21.32 -4.95
N ASN F 665 39.50 20.68 -4.05
CA ASN F 665 40.89 20.32 -4.30
C ASN F 665 41.06 19.23 -5.35
N SER F 666 39.99 18.57 -5.77
CA SER F 666 40.06 17.56 -6.82
C SER F 666 38.69 17.42 -7.46
N VAL F 667 38.64 16.66 -8.55
CA VAL F 667 37.39 16.34 -9.22
C VAL F 667 36.75 15.20 -8.44
N THR F 668 35.79 15.54 -7.56
CA THR F 668 35.12 14.52 -6.77
C THR F 668 33.63 14.39 -7.06
N ILE F 669 33.04 15.31 -7.82
CA ILE F 669 31.60 15.29 -8.02
C ILE F 669 31.21 15.84 -9.40
FE FE2 G . -13.12 35.45 2.70
N1 ZR5 H . -4.64 16.68 9.84
C7 ZR5 H . -8.00 19.98 4.24
C8 ZR5 H . -7.33 19.46 6.59
N2 ZR5 H . -4.92 14.37 9.60
C9 ZR5 H . -7.68 19.29 7.92
O1 ZR5 H . -7.30 20.88 1.67
C1 ZR5 H . -6.75 23.07 2.41
C5 ZR5 H . -7.58 21.41 3.97
C6 ZR5 H . -7.21 21.77 2.68
C4 ZR5 H . -7.52 22.37 4.98
C3 ZR5 H . -7.08 23.66 4.71
O3 ZR5 H . -2.90 18.30 8.96
C2 ZR5 H . -6.70 24.02 3.42
N ZR5 H . -8.31 19.68 5.63
C ZR5 H . -7.14 24.07 0.28
O ZR5 H . -6.33 23.28 1.14
C10 ZR5 H . -6.69 18.99 8.86
C11 ZR5 H . -5.38 18.86 8.46
C12 ZR5 H . -5.01 19.08 7.14
C13 ZR5 H . -5.99 19.38 6.20
C14 ZR5 H . -4.23 15.44 9.30
C15 ZR5 H . -4.43 13.28 8.88
C16 ZR5 H . -3.35 13.56 8.03
C17 ZR5 H . -2.77 12.57 7.24
C18 ZR5 H . -3.29 11.29 7.31
C19 ZR5 H . -4.36 11.00 8.14
C20 ZR5 H . -4.94 11.99 8.92
O2 ZR5 H . -4.39 18.91 10.84
S ZR5 H . -4.18 18.24 9.58
S1 ZR5 H . -2.94 15.25 8.13
C1 ACD I . -11.07 26.29 4.58
C2 ACD I . -12.28 25.34 4.73
C3 ACD I . -13.60 25.74 4.09
C4 ACD I . -14.37 26.91 4.70
C5 ACD I . -14.46 28.06 3.74
C6 ACD I . -14.08 29.33 3.84
C7 ACD I . -13.64 30.15 5.02
C8 ACD I . -14.53 31.36 5.13
C9 ACD I . -14.54 32.32 6.05
C10 ACD I . -13.77 32.42 7.32
C11 ACD I . -13.08 33.74 7.57
C12 ACD I . -11.77 33.83 7.78
C13 ACD I . -10.93 32.59 7.70
C14 ACD I . -10.34 32.17 9.00
C15 ACD I . -9.09 31.93 9.34
C16 ACD I . -7.84 32.01 8.54
C17 ACD I . -7.06 30.71 8.39
C18 ACD I . -5.66 30.86 7.77
C19 ACD I . -5.34 32.04 6.85
C20 ACD I . -6.00 32.15 5.49
O1 ACD I . -10.01 25.95 5.13
O2 ACD I . -11.25 27.33 3.91
FE FE2 J . -21.56 3.69 -31.10
N1 ZR5 K . -5.82 -4.87 -18.59
C7 ZR5 K . -10.39 0.77 -19.40
C8 ZR5 K . -8.91 -1.13 -20.01
N2 ZR5 K . -4.10 -4.17 -17.17
C9 ZR5 K . -7.92 -1.67 -20.83
O1 ZR5 K . -12.72 1.71 -18.14
C1 ZR5 K . -14.18 0.56 -19.64
C5 ZR5 K . -11.77 0.45 -19.91
C6 ZR5 K . -12.89 0.91 -19.22
C4 ZR5 K . -11.97 -0.35 -21.04
C3 ZR5 K . -13.25 -0.66 -21.46
O3 ZR5 K . -8.10 -5.88 -18.17
C2 ZR5 K . -14.36 -0.21 -20.76
N ZR5 K . -9.28 0.19 -20.15
C ZR5 K . -15.98 2.07 -19.29
O ZR5 K . -15.18 1.00 -18.82
C10 ZR5 K . -7.49 -2.98 -20.64
C11 ZR5 K . -8.03 -3.73 -19.60
C12 ZR5 K . -9.05 -3.22 -18.82
C13 ZR5 K . -9.48 -1.92 -19.02
C14 ZR5 K . -5.30 -4.67 -17.30
C15 ZR5 K . -3.83 -3.96 -15.81
C16 ZR5 K . -4.86 -4.31 -14.93
C17 ZR5 K . -4.73 -4.13 -13.56
C18 ZR5 K . -3.55 -3.59 -13.07
C19 ZR5 K . -2.52 -3.23 -13.94
C20 ZR5 K . -2.66 -3.41 -15.30
O2 ZR5 K . -7.05 -5.98 -20.40
S ZR5 K . -7.30 -5.27 -19.19
S1 ZR5 K . -6.22 -4.94 -15.83
C1 ACD L . -14.07 2.16 -25.27
C2 ACD L . -12.87 3.12 -25.43
C3 ACD L . -13.12 4.48 -26.06
C4 ACD L . -13.45 4.53 -27.56
C5 ACD L . -14.83 5.05 -27.79
C6 ACD L . -15.88 4.52 -28.42
C7 ACD L . -16.00 3.33 -29.33
C8 ACD L . -16.61 3.78 -30.63
C9 ACD L . -16.84 3.09 -31.75
C10 ACD L . -16.46 1.68 -32.08
C11 ACD L . -17.57 0.82 -32.65
C12 ACD L . -17.93 -0.33 -32.09
C13 ACD L . -17.29 -0.76 -30.80
C14 ACD L . -16.43 -1.97 -30.94
C15 ACD L . -16.45 -3.12 -30.27
C16 ACD L . -17.35 -3.59 -29.19
C17 ACD L . -16.68 -3.91 -27.86
C18 ACD L . -17.59 -4.63 -26.84
C19 ACD L . -19.11 -4.44 -26.89
C20 ACD L . -19.74 -3.10 -26.58
O1 ACD L . -13.85 1.05 -24.75
O2 ACD L . -15.19 2.59 -25.63
FE FE2 M . -30.08 -19.15 13.27
N1 ZR5 N . -16.87 -1.91 10.92
C7 ZR5 N . -17.52 -9.12 9.90
C8 ZR5 N . -17.86 -6.88 10.91
N2 ZR5 N . -14.60 -1.42 10.90
C9 ZR5 N . -17.96 -6.06 12.03
O1 ZR5 N . -17.84 -10.86 7.71
C1 ZR5 N . -20.22 -10.85 7.87
C5 ZR5 N . -18.88 -9.61 9.45
C6 ZR5 N . -18.97 -10.44 8.33
C4 ZR5 N . -20.05 -9.24 10.10
C3 ZR5 N . -21.28 -9.66 9.64
O3 ZR5 N . -18.61 -2.12 9.08
C2 ZR5 N . -21.38 -10.47 8.53
N ZR5 N . -17.53 -8.21 11.04
C ZR5 N . -20.46 -12.97 6.79
O ZR5 N . -20.19 -11.57 6.70
C10 ZR5 N . -18.21 -4.71 11.91
C11 ZR5 N . -18.33 -4.16 10.65
C12 ZR5 N . -18.28 -4.96 9.51
C13 ZR5 N . -18.04 -6.32 9.66
C14 ZR5 N . -15.69 -1.61 10.22
C15 ZR5 N . -13.52 -1.24 10.02
C16 ZR5 N . -13.85 -1.29 8.66
C17 ZR5 N . -12.88 -1.14 7.68
C18 ZR5 N . -11.56 -0.93 8.07
C19 ZR5 N . -11.23 -0.88 9.42
C20 ZR5 N . -12.20 -1.04 10.40
O2 ZR5 N . -19.28 -1.89 11.45
S ZR5 N . -18.38 -2.41 10.46
S1 ZR5 N . -15.56 -1.58 8.47
C1 ACD O . -22.62 -13.17 12.68
C2 ACD O . -21.45 -13.42 13.66
C3 ACD O . -21.31 -14.81 14.27
C4 ACD O . -22.36 -15.27 15.28
C5 ACD O . -23.14 -16.43 14.75
C6 ACD O . -24.44 -16.61 14.57
C7 ACD O . -25.64 -15.82 15.03
C8 ACD O . -26.56 -16.72 15.80
C9 ACD O . -27.69 -16.44 16.44
C10 ACD O . -28.33 -15.11 16.68
C11 ACD O . -29.80 -15.02 16.35
C12 ACD O . -30.28 -14.11 15.50
C13 ACD O . -29.34 -13.22 14.77
C14 ACD O . -29.46 -11.78 15.17
C15 ACD O . -29.66 -10.70 14.43
C16 ACD O . -29.84 -10.56 12.97
C17 ACD O . -28.81 -9.71 12.23
C18 ACD O . -29.17 -9.37 10.78
C19 ACD O . -30.09 -10.29 9.96
C20 ACD O . -29.65 -11.70 9.58
O1 ACD O . -22.72 -12.02 12.21
O2 ACD O . -23.35 -14.14 12.40
FE FE2 P . 10.55 -36.27 -3.57
N1 ZR5 Q . 10.99 -14.88 -7.78
C7 ZR5 Q . 7.18 -20.28 -4.64
C8 ZR5 Q . 8.70 -19.12 -6.22
N2 ZR5 Q . 9.53 -13.10 -8.15
C9 ZR5 Q . 9.17 -18.93 -7.51
O1 ZR5 Q . 6.59 -21.12 -2.01
C1 ZR5 Q . 8.46 -22.61 -1.91
C5 ZR5 Q . 7.99 -21.33 -3.93
C6 ZR5 Q . 7.67 -21.68 -2.61
C4 ZR5 Q . 9.09 -21.96 -4.52
C3 ZR5 Q . 9.83 -22.90 -3.83
O3 ZR5 Q . 12.41 -15.56 -5.79
C2 ZR5 Q . 9.53 -23.22 -2.52
N ZR5 Q . 7.63 -19.95 -5.98
C ZR5 Q . 7.46 -24.00 -0.25
O ZR5 Q . 8.09 -22.78 -0.60
C10 ZR5 Q . 10.21 -18.05 -7.77
C11 ZR5 Q . 10.77 -17.34 -6.71
C12 ZR5 Q . 10.36 -17.57 -5.41
C13 ZR5 Q . 9.33 -18.46 -5.16
C14 ZR5 Q . 10.32 -13.72 -7.33
C15 ZR5 Q . 8.90 -12.05 -7.49
C16 ZR5 Q . 9.26 -11.89 -6.15
C17 ZR5 Q . 8.70 -10.88 -5.36
C18 ZR5 Q . 7.76 -10.03 -5.93
C19 ZR5 Q . 7.40 -10.18 -7.26
C20 ZR5 Q . 7.95 -11.18 -8.05
O2 ZR5 Q . 12.82 -16.50 -8.04
S ZR5 Q . 11.91 -16.03 -7.05
S1 ZR5 Q . 10.42 -13.10 -5.71
C1 ACD R . 8.48 -27.15 -5.54
C2 ACD R . 7.30 -26.90 -6.53
C3 ACD R . 6.27 -28.00 -6.69
C4 ACD R . 6.69 -29.29 -7.42
C5 ACD R . 6.64 -30.46 -6.49
C6 ACD R . 7.57 -31.34 -6.14
C7 ACD R . 8.94 -31.63 -6.68
C8 ACD R . 9.02 -33.09 -7.05
C9 ACD R . 10.01 -33.76 -7.63
C10 ACD R . 11.30 -33.25 -8.19
C11 ACD R . 12.54 -33.99 -7.76
C12 ACD R . 13.56 -33.38 -7.16
C13 ACD R . 13.45 -31.93 -6.83
C14 ACD R . 14.39 -31.07 -7.62
C15 ACD R . 15.29 -30.18 -7.21
C16 ACD R . 15.67 -29.77 -5.84
C17 ACD R . 15.45 -28.29 -5.50
C18 ACD R . 16.09 -27.83 -4.18
C19 ACD R . 16.34 -28.83 -3.04
C20 ACD R . 15.17 -29.48 -2.31
O1 ACD R . 9.32 -26.24 -5.43
O2 ACD R . 8.48 -28.23 -4.92
FE FE2 S . 22.46 -1.00 30.60
N1 ZR5 T . 3.55 -1.55 19.73
C7 ZR5 T . 10.64 0.08 19.26
C8 ZR5 T . 8.39 -0.24 20.26
N2 ZR5 T . 2.46 -0.43 17.98
C9 ZR5 T . 7.37 0.20 21.10
O1 ZR5 T . 12.93 -1.02 18.03
C1 ZR5 T . 13.53 -2.31 19.95
C5 ZR5 T . 11.59 -0.84 20.00
C6 ZR5 T . 12.68 -1.38 19.31
C4 ZR5 T . 11.39 -1.21 21.33
C3 ZR5 T . 12.25 -2.09 21.96
O3 ZR5 T . 4.70 -3.81 19.87
C2 ZR5 T . 13.33 -2.64 21.27
N ZR5 T . 9.51 0.55 20.04
C ZR5 T . 15.84 -2.41 19.35
O ZR5 T . 14.49 -2.84 19.14
C10 ZR5 T . 6.22 -0.56 21.27
C11 ZR5 T . 6.09 -1.74 20.57
C12 ZR5 T . 7.12 -2.22 19.78
C13 ZR5 T . 8.26 -1.47 19.63
C14 ZR5 T . 3.12 -1.48 18.38
C15 ZR5 T . 2.24 -0.52 16.62
C16 ZR5 T . 2.74 -1.66 15.98
C17 ZR5 T . 2.60 -1.86 14.63
C18 ZR5 T . 1.96 -0.89 13.87
C19 ZR5 T . 1.46 0.25 14.48
C20 ZR5 T . 1.60 0.45 15.84
O2 ZR5 T . 4.03 -2.58 21.91
S ZR5 T . 4.54 -2.57 20.56
S1 ZR5 T . 3.53 -2.67 17.16
C1 ACD U . 15.03 0.64 24.76
C2 ACD U . 14.68 2.12 24.49
C3 ACD U . 15.77 3.16 24.69
C4 ACD U . 16.22 3.46 26.13
C5 ACD U . 17.65 3.07 26.33
C6 ACD U . 18.22 2.25 27.21
C7 ACD U . 17.70 1.59 28.45
C8 ACD U . 18.60 1.96 29.60
C9 ACD U . 18.49 1.67 30.89
C10 ACD U . 17.38 0.96 31.61
C11 ACD U . 17.79 -0.16 32.53
C12 ACD U . 17.31 -1.40 32.39
C13 ACD U . 16.41 -1.72 31.25
C14 ACD U . 15.00 -2.05 31.66
C15 ACD U . 14.25 -3.10 31.40
C16 ACD U . 14.56 -4.32 30.61
C17 ACD U . 13.68 -4.56 29.39
C18 ACD U . 13.84 -5.94 28.74
C19 ACD U . 15.15 -6.73 28.88
C20 ACD U . 16.43 -6.23 28.24
O1 ACD U . 14.12 -0.20 24.60
O2 ACD U . 16.21 0.38 25.10
FE FE2 V . 31.71 17.26 -11.91
N1 ZR5 W . 12.88 6.46 -14.04
C7 ZR5 W . 18.10 8.53 -9.36
C8 ZR5 W . 17.02 7.86 -11.50
N2 ZR5 W . 11.74 4.67 -13.07
C9 ZR5 W . 17.05 7.12 -12.68
O1 ZR5 W . 18.37 10.39 -7.25
C1 ZR5 W . 19.21 12.11 -8.67
C5 ZR5 W . 18.68 9.91 -9.56
C6 ZR5 W . 18.74 10.80 -8.49
C4 ZR5 W . 19.11 10.36 -10.81
C3 ZR5 W . 19.60 11.64 -10.99
O3 ZR5 W . 12.59 8.97 -13.89
C2 ZR5 W . 19.65 12.53 -9.92
N ZR5 W . 18.02 7.71 -10.55
C ZR5 W . 20.33 13.24 -6.90
O ZR5 W . 19.11 12.90 -7.57
C10 ZR5 W . 16.02 7.22 -13.59
C11 ZR5 W . 14.94 8.04 -13.31
C12 ZR5 W . 14.91 8.82 -12.17
C13 ZR5 W . 15.96 8.72 -11.26
C14 ZR5 W . 11.88 5.96 -13.20
C15 ZR5 W . 10.77 4.39 -12.10
C16 ZR5 W . 10.18 5.51 -11.51
C17 ZR5 W . 9.21 5.37 -10.53
C18 ZR5 W . 8.84 4.10 -10.12
C19 ZR5 W . 9.43 2.98 -10.70
C20 ZR5 W . 10.40 3.11 -11.69
O2 ZR5 W . 13.93 7.95 -15.69
S ZR5 W . 13.50 7.96 -14.33
S1 ZR5 W . 10.86 6.97 -12.19
C1 ACD X . 24.37 11.19 -11.18
C2 ACD X . 24.72 9.72 -10.92
C3 ACD X . 26.07 9.40 -10.29
C4 ACD X . 27.33 9.62 -11.14
C5 ACD X . 28.19 10.70 -10.55
C6 ACD X . 28.65 11.84 -11.05
C7 ACD X . 28.69 12.35 -12.46
C8 ACD X . 30.11 12.68 -12.82
C9 ACD X . 30.62 13.10 -13.98
C10 ACD X . 29.95 13.27 -15.31
C11 ACD X . 30.18 14.59 -15.99
C12 ACD X . 29.18 15.38 -16.37
C13 ACD X . 27.77 15.01 -16.03
C14 ACD X . 26.93 14.66 -17.20
C15 ACD X . 25.76 15.14 -17.60
C16 ACD X . 24.91 16.20 -16.99
C17 ACD X . 23.52 15.76 -16.55
C18 ACD X . 22.57 16.90 -16.17
C19 ACD X . 23.13 18.24 -15.67
C20 ACD X . 23.85 18.33 -14.34
O1 ACD X . 23.26 11.42 -11.71
O2 ACD X . 25.20 12.05 -10.82
#